data_1P7M
#
_entry.id   1P7M
#
loop_
_entity.id
_entity.type
_entity.pdbx_description
1 polymer 'DNA-3-methyladenine glycosylase I'
2 non-polymer 'ZINC ION'
3 non-polymer 3-METHYL-3H-PURIN-6-YLAMINE
#
_entity_poly.entity_id   1
_entity_poly.type   'polypeptide(L)'
_entity_poly.pdbx_seq_one_letter_code
;MERCGWVSQDPLYIAYHDNEWGVPETDSKKLFEMICLEGQQAGLSWITVLKKRENYRACFHQFDPVKVAAMQEEDVERLV
QDAGIIRHRGKIQAIIGNARAYLQMEQNGEPFADFVWSFVNHQPQMTQATTLSEIPTSTPASDALSKALKKRGFKFVGTT
ICYSFMQACGLVNDHVVGCCCYPGNKP
;
_entity_poly.pdbx_strand_id   A
#
# COMPACT_ATOMS: atom_id res chain seq x y z
N MET A 1 -19.37 -2.05 21.28
CA MET A 1 -18.92 -2.17 19.86
C MET A 1 -17.40 -2.34 19.81
N GLU A 2 -16.93 -3.31 19.08
CA GLU A 2 -15.46 -3.53 18.98
C GLU A 2 -14.91 -2.72 17.82
N ARG A 3 -13.66 -2.37 17.88
CA ARG A 3 -13.08 -1.57 16.76
C ARG A 3 -12.56 -2.51 15.68
N CYS A 4 -11.32 -2.89 15.74
CA CYS A 4 -10.75 -3.80 14.70
C CYS A 4 -10.03 -4.99 15.36
N GLY A 5 -10.04 -6.12 14.68
CA GLY A 5 -9.40 -7.36 15.25
C GLY A 5 -7.89 -7.18 15.43
N TRP A 6 -7.18 -6.72 14.42
CA TRP A 6 -5.70 -6.56 14.59
C TRP A 6 -5.42 -5.27 15.35
N VAL A 7 -6.45 -4.56 15.74
CA VAL A 7 -6.23 -3.31 16.51
C VAL A 7 -6.01 -3.65 17.97
N SER A 8 -6.83 -4.52 18.51
CA SER A 8 -6.64 -4.90 19.94
C SER A 8 -5.39 -5.77 20.05
N GLN A 9 -4.75 -6.04 18.94
CA GLN A 9 -3.53 -6.89 18.97
C GLN A 9 -2.37 -6.16 19.65
N ASP A 10 -2.14 -4.92 19.33
CA ASP A 10 -1.01 -4.19 19.97
C ASP A 10 -1.09 -2.69 19.62
N PRO A 11 -0.47 -1.86 20.43
CA PRO A 11 -0.46 -0.38 20.19
C PRO A 11 0.03 0.01 18.80
N LEU A 12 0.98 -0.70 18.26
CA LEU A 12 1.51 -0.34 16.91
C LEU A 12 0.38 -0.35 15.88
N TYR A 13 -0.49 -1.33 15.92
CA TYR A 13 -1.60 -1.34 14.94
C TYR A 13 -2.57 -0.21 15.28
N ILE A 14 -2.78 0.03 16.54
CA ILE A 14 -3.69 1.14 16.95
C ILE A 14 -3.21 2.44 16.31
N ALA A 15 -1.92 2.67 16.30
CA ALA A 15 -1.41 3.94 15.67
C ALA A 15 -1.76 3.92 14.17
N TYR A 16 -1.44 2.86 13.50
CA TYR A 16 -1.75 2.76 12.04
C TYR A 16 -3.27 2.84 11.85
N HIS A 17 -4.00 2.18 12.68
CA HIS A 17 -5.49 2.23 12.56
C HIS A 17 -5.96 3.67 12.70
N ASP A 18 -5.39 4.40 13.61
CA ASP A 18 -5.80 5.82 13.82
C ASP A 18 -5.08 6.76 12.85
N ASN A 19 -3.93 6.38 12.35
CA ASN A 19 -3.19 7.31 11.43
C ASN A 19 -3.97 7.49 10.11
N GLU A 20 -4.51 6.43 9.55
CA GLU A 20 -5.29 6.60 8.29
C GLU A 20 -5.69 5.24 7.70
N TRP A 21 -6.64 4.57 8.28
CA TRP A 21 -7.07 3.27 7.69
C TRP A 21 -7.99 3.56 6.51
N GLY A 22 -7.47 4.17 5.50
CA GLY A 22 -8.32 4.47 4.30
C GLY A 22 -9.45 5.44 4.65
N VAL A 23 -9.15 6.52 5.31
CA VAL A 23 -10.23 7.50 5.62
C VAL A 23 -10.01 8.80 4.80
N PRO A 24 -8.77 9.17 4.52
CA PRO A 24 -8.45 10.39 3.73
C PRO A 24 -8.20 10.07 2.24
N GLU A 25 -8.44 11.01 1.38
CA GLU A 25 -8.19 10.78 -0.06
C GLU A 25 -6.69 10.65 -0.23
N THR A 26 -6.24 9.83 -1.13
CA THR A 26 -4.77 9.64 -1.26
C THR A 26 -4.18 10.50 -2.38
N ASP A 27 -2.91 10.79 -2.26
CA ASP A 27 -2.20 11.59 -3.30
C ASP A 27 -1.40 10.63 -4.17
N SER A 28 -1.02 11.04 -5.35
CA SER A 28 -0.22 10.12 -6.21
C SER A 28 1.09 9.79 -5.51
N LYS A 29 1.63 10.73 -4.79
CA LYS A 29 2.92 10.50 -4.07
C LYS A 29 2.73 9.42 -3.01
N LYS A 30 1.74 9.54 -2.17
CA LYS A 30 1.54 8.52 -1.11
C LYS A 30 1.15 7.19 -1.77
N LEU A 31 0.50 7.25 -2.89
CA LEU A 31 0.11 5.98 -3.58
C LEU A 31 1.37 5.19 -3.91
N PHE A 32 2.41 5.86 -4.30
CA PHE A 32 3.68 5.14 -4.63
C PHE A 32 4.28 4.55 -3.36
N GLU A 33 4.27 5.29 -2.28
CA GLU A 33 4.87 4.76 -1.03
C GLU A 33 4.04 3.57 -0.53
N MET A 34 2.74 3.69 -0.57
CA MET A 34 1.87 2.60 -0.08
C MET A 34 2.09 1.31 -0.89
N ILE A 35 2.09 1.40 -2.19
CA ILE A 35 2.29 0.17 -3.00
C ILE A 35 3.68 -0.40 -2.71
N CYS A 36 4.60 0.44 -2.31
CA CYS A 36 5.97 -0.06 -2.03
C CYS A 36 5.98 -0.92 -0.76
N LEU A 37 5.48 -0.40 0.33
CA LEU A 37 5.46 -1.23 1.58
C LEU A 37 4.42 -2.32 1.42
N GLU A 38 3.31 -2.01 0.81
CA GLU A 38 2.25 -3.01 0.64
C GLU A 38 2.77 -4.22 -0.17
N GLY A 39 3.64 -3.99 -1.11
CA GLY A 39 4.17 -5.13 -1.91
C GLY A 39 4.98 -6.09 -1.02
N GLN A 40 5.65 -5.56 -0.04
CA GLN A 40 6.48 -6.41 0.85
C GLN A 40 5.63 -7.37 1.70
N GLN A 41 4.37 -7.11 1.90
CA GLN A 41 3.56 -8.03 2.74
C GLN A 41 3.36 -9.37 2.03
N ALA A 42 3.92 -9.54 0.87
CA ALA A 42 3.75 -10.84 0.17
C ALA A 42 4.40 -11.94 0.99
N GLY A 43 3.62 -12.87 1.47
CA GLY A 43 4.20 -13.97 2.30
C GLY A 43 4.66 -13.41 3.65
N LEU A 44 4.83 -12.12 3.74
CA LEU A 44 5.27 -11.51 5.03
C LEU A 44 4.06 -10.90 5.73
N SER A 45 4.20 -10.55 6.99
CA SER A 45 3.07 -9.95 7.73
C SER A 45 3.10 -8.42 7.61
N TRP A 46 1.96 -7.80 7.65
CA TRP A 46 1.90 -6.31 7.55
C TRP A 46 2.69 -5.65 8.68
N ILE A 47 2.65 -6.23 9.86
CA ILE A 47 3.40 -5.62 11.00
C ILE A 47 4.91 -5.82 10.80
N THR A 48 5.31 -6.93 10.27
CA THR A 48 6.77 -7.17 10.06
C THR A 48 7.31 -6.04 9.21
N VAL A 49 6.61 -5.70 8.17
CA VAL A 49 7.06 -4.60 7.28
C VAL A 49 6.84 -3.26 7.97
N LEU A 50 5.81 -3.15 8.79
CA LEU A 50 5.54 -1.86 9.47
C LEU A 50 6.79 -1.41 10.23
N LYS A 51 7.39 -2.27 10.98
CA LYS A 51 8.62 -1.87 11.72
C LYS A 51 9.69 -1.49 10.71
N LYS A 52 9.79 -2.24 9.66
CA LYS A 52 10.80 -1.95 8.61
C LYS A 52 10.42 -0.62 7.94
N ARG A 53 9.16 -0.30 7.91
CA ARG A 53 8.75 0.99 7.28
C ARG A 53 9.45 2.13 8.00
N GLU A 54 9.54 2.05 9.30
CA GLU A 54 10.21 3.15 10.05
C GLU A 54 11.69 3.20 9.65
N ASN A 55 12.35 2.08 9.62
CA ASN A 55 13.79 2.07 9.24
C ASN A 55 13.93 2.32 7.73
N TYR A 56 13.08 1.72 6.95
CA TYR A 56 13.16 1.89 5.47
C TYR A 56 13.01 3.36 5.08
N ARG A 57 12.01 4.02 5.59
CA ARG A 57 11.84 5.45 5.24
C ARG A 57 13.06 6.24 5.70
N ALA A 58 13.66 5.82 6.78
CA ALA A 58 14.86 6.55 7.27
C ALA A 58 15.93 6.56 6.18
N CYS A 59 16.21 5.42 5.58
CA CYS A 59 17.22 5.39 4.50
C CYS A 59 16.62 5.93 3.20
N PHE A 60 15.41 5.53 2.88
CA PHE A 60 14.75 6.02 1.64
C PHE A 60 14.05 7.34 1.91
N HIS A 61 14.41 8.01 2.98
CA HIS A 61 13.78 9.32 3.32
C HIS A 61 13.90 10.33 2.17
N GLN A 62 14.21 9.87 0.98
CA GLN A 62 14.35 10.81 -0.17
C GLN A 62 12.97 11.21 -0.72
N PHE A 63 11.96 10.45 -0.41
CA PHE A 63 10.58 10.75 -0.91
C PHE A 63 10.65 11.26 -2.35
N ASP A 64 11.63 10.83 -3.09
CA ASP A 64 11.76 11.29 -4.51
C ASP A 64 11.89 10.06 -5.42
N PRO A 65 10.79 9.56 -5.94
CA PRO A 65 10.80 8.37 -6.83
C PRO A 65 11.83 8.50 -7.97
N VAL A 66 12.09 9.70 -8.42
CA VAL A 66 13.09 9.86 -9.52
C VAL A 66 14.46 9.38 -9.03
N LYS A 67 14.87 9.78 -7.87
CA LYS A 67 16.20 9.32 -7.35
C LYS A 67 16.12 7.82 -7.09
N VAL A 68 14.97 7.33 -6.71
CA VAL A 68 14.85 5.87 -6.44
C VAL A 68 15.22 5.13 -7.72
N ALA A 69 14.81 5.63 -8.84
CA ALA A 69 15.18 4.98 -10.12
C ALA A 69 16.68 5.15 -10.30
N ALA A 70 17.27 6.04 -9.54
CA ALA A 70 18.73 6.26 -9.63
C ALA A 70 19.44 5.41 -8.57
N MET A 71 18.68 4.85 -7.67
CA MET A 71 19.31 3.99 -6.63
C MET A 71 19.63 2.64 -7.27
N GLN A 72 20.88 2.35 -7.46
CA GLN A 72 21.26 1.06 -8.09
C GLN A 72 21.63 0.02 -7.03
N GLU A 73 22.06 -1.14 -7.46
CA GLU A 73 22.42 -2.20 -6.48
C GLU A 73 23.50 -1.72 -5.52
N GLU A 74 24.35 -0.83 -5.93
CA GLU A 74 25.39 -0.34 -4.99
C GLU A 74 24.68 0.24 -3.77
N ASP A 75 23.60 0.92 -4.02
CA ASP A 75 22.81 1.53 -2.90
C ASP A 75 22.12 0.45 -2.08
N VAL A 76 21.58 -0.56 -2.71
CA VAL A 76 20.89 -1.62 -1.91
C VAL A 76 21.95 -2.42 -1.15
N GLU A 77 23.13 -2.54 -1.69
CA GLU A 77 24.20 -3.30 -0.98
C GLU A 77 24.49 -2.65 0.36
N ARG A 78 24.61 -1.34 0.39
CA ARG A 78 24.92 -0.66 1.69
C ARG A 78 23.65 -0.55 2.56
N LEU A 79 22.51 -0.37 1.96
CA LEU A 79 21.25 -0.22 2.75
C LEU A 79 20.94 -1.46 3.60
N VAL A 80 21.17 -2.64 3.10
CA VAL A 80 20.86 -3.84 3.93
C VAL A 80 21.61 -3.71 5.25
N GLN A 81 22.62 -2.88 5.29
CA GLN A 81 23.38 -2.70 6.56
C GLN A 81 22.94 -1.39 7.20
N ASP A 82 22.23 -0.58 6.47
CA ASP A 82 21.77 0.71 7.05
C ASP A 82 20.60 0.44 7.99
N ALA A 83 20.84 0.55 9.28
CA ALA A 83 19.76 0.31 10.26
C ALA A 83 19.41 -1.18 10.28
N GLY A 84 19.91 -1.92 9.33
CA GLY A 84 19.61 -3.38 9.30
C GLY A 84 18.18 -3.61 8.80
N ILE A 85 17.75 -2.81 7.86
CA ILE A 85 16.36 -2.98 7.33
C ILE A 85 16.15 -4.43 6.90
N ILE A 86 15.05 -4.73 6.28
CA ILE A 86 14.81 -6.14 5.84
C ILE A 86 15.90 -6.54 4.85
N ARG A 87 16.96 -7.12 5.34
CA ARG A 87 18.07 -7.53 4.44
C ARG A 87 17.52 -8.41 3.31
N HIS A 88 17.56 -7.92 2.10
CA HIS A 88 17.06 -8.72 0.95
C HIS A 88 17.29 -7.89 -0.31
N ARG A 89 18.52 -7.80 -0.74
CA ARG A 89 18.84 -7.00 -1.95
C ARG A 89 17.91 -7.40 -3.10
N GLY A 90 17.62 -8.67 -3.22
CA GLY A 90 16.73 -9.12 -4.33
C GLY A 90 15.42 -8.34 -4.32
N LYS A 91 14.66 -8.44 -3.27
CA LYS A 91 13.36 -7.70 -3.22
C LYS A 91 13.63 -6.20 -3.35
N ILE A 92 14.68 -5.71 -2.76
CA ILE A 92 14.98 -4.25 -2.87
C ILE A 92 15.20 -3.89 -4.34
N GLN A 93 15.90 -4.70 -5.09
CA GLN A 93 16.10 -4.37 -6.52
C GLN A 93 14.73 -4.18 -7.17
N ALA A 94 13.75 -4.95 -6.75
CA ALA A 94 12.39 -4.80 -7.34
C ALA A 94 11.88 -3.38 -7.04
N ILE A 95 12.20 -2.87 -5.89
CA ILE A 95 11.75 -1.50 -5.53
C ILE A 95 12.32 -0.48 -6.51
N ILE A 96 13.57 -0.63 -6.86
CA ILE A 96 14.19 0.34 -7.82
C ILE A 96 13.45 0.24 -9.16
N GLY A 97 13.16 -0.96 -9.58
CA GLY A 97 12.43 -1.16 -10.86
C GLY A 97 11.07 -0.48 -10.76
N ASN A 98 10.46 -0.53 -9.61
CA ASN A 98 9.13 0.12 -9.44
C ASN A 98 9.25 1.62 -9.74
N ALA A 99 10.37 2.21 -9.38
CA ALA A 99 10.53 3.67 -9.64
C ALA A 99 10.56 3.91 -11.16
N ARG A 100 11.28 3.12 -11.89
CA ARG A 100 11.31 3.33 -13.38
C ARG A 100 9.88 3.29 -13.91
N ALA A 101 9.06 2.45 -13.35
CA ALA A 101 7.64 2.38 -13.81
C ALA A 101 6.94 3.68 -13.41
N TYR A 102 7.37 4.27 -12.33
CA TYR A 102 6.76 5.55 -11.87
C TYR A 102 7.02 6.59 -12.95
N LEU A 103 8.22 6.65 -13.42
CA LEU A 103 8.57 7.60 -14.50
C LEU A 103 7.80 7.23 -15.76
N GLN A 104 7.54 5.96 -15.96
CA GLN A 104 6.80 5.54 -17.19
C GLN A 104 5.40 6.17 -17.18
N MET A 105 4.74 6.20 -16.05
CA MET A 105 3.39 6.80 -16.00
C MET A 105 3.51 8.31 -16.20
N GLU A 106 4.54 8.89 -15.66
CA GLU A 106 4.73 10.36 -15.82
C GLU A 106 5.02 10.68 -17.27
N GLN A 107 5.81 9.87 -17.92
CA GLN A 107 6.09 10.12 -19.35
C GLN A 107 4.76 10.06 -20.07
N ASN A 108 3.82 9.36 -19.48
CA ASN A 108 2.48 9.26 -20.09
C ASN A 108 1.62 10.38 -19.50
N GLY A 109 2.12 11.03 -18.48
CA GLY A 109 1.35 12.15 -17.86
C GLY A 109 0.12 11.60 -17.14
N GLU A 110 0.18 10.37 -16.69
CA GLU A 110 -0.99 9.78 -15.99
C GLU A 110 -0.66 9.50 -14.52
N PRO A 111 -1.13 10.34 -13.61
CA PRO A 111 -0.87 10.14 -12.15
C PRO A 111 -1.40 8.79 -11.65
N PHE A 112 -0.76 8.21 -10.68
CA PHE A 112 -1.23 6.88 -10.16
C PHE A 112 -2.64 7.02 -9.58
N ALA A 113 -2.91 8.08 -8.87
CA ALA A 113 -4.25 8.24 -8.26
C ALA A 113 -5.30 8.46 -9.35
N ASP A 114 -4.92 9.03 -10.47
CA ASP A 114 -5.90 9.29 -11.54
C ASP A 114 -6.52 7.98 -12.06
N PHE A 115 -5.73 7.02 -12.43
CA PHE A 115 -6.30 5.75 -12.96
C PHE A 115 -6.89 4.92 -11.82
N VAL A 116 -6.32 4.96 -10.65
CA VAL A 116 -6.88 4.16 -9.52
C VAL A 116 -8.26 4.67 -9.13
N TRP A 117 -8.36 5.93 -8.80
CA TRP A 117 -9.68 6.48 -8.43
C TRP A 117 -10.62 6.26 -9.60
N SER A 118 -10.09 6.12 -10.79
CA SER A 118 -10.96 5.89 -11.97
C SER A 118 -11.52 4.46 -11.93
N PHE A 119 -10.76 3.54 -11.40
CA PHE A 119 -11.24 2.13 -11.34
C PHE A 119 -12.46 2.05 -10.43
N VAL A 120 -12.49 2.83 -9.39
CA VAL A 120 -13.67 2.79 -8.49
C VAL A 120 -14.66 3.87 -8.94
N ASN A 121 -14.55 4.32 -10.16
CA ASN A 121 -15.47 5.38 -10.67
C ASN A 121 -15.34 6.64 -9.82
N HIS A 122 -14.13 6.95 -9.41
CA HIS A 122 -13.91 8.18 -8.59
C HIS A 122 -14.93 8.24 -7.43
N GLN A 123 -15.42 7.11 -7.00
CA GLN A 123 -16.41 7.11 -5.88
C GLN A 123 -16.02 6.07 -4.82
N PRO A 124 -16.36 6.30 -3.58
CA PRO A 124 -16.03 5.36 -2.46
C PRO A 124 -16.84 4.07 -2.53
N GLN A 125 -16.28 2.98 -2.06
CA GLN A 125 -17.01 1.68 -2.09
C GLN A 125 -17.44 1.29 -0.67
N MET A 126 -18.67 0.92 -0.49
CA MET A 126 -19.14 0.50 0.86
C MET A 126 -19.17 -1.03 0.91
N THR A 127 -18.42 -1.61 1.82
CA THR A 127 -18.40 -3.09 1.91
C THR A 127 -19.47 -3.57 2.91
N GLN A 128 -20.28 -4.52 2.52
CA GLN A 128 -21.35 -5.02 3.42
C GLN A 128 -20.85 -6.23 4.22
N ALA A 129 -19.57 -6.39 4.30
CA ALA A 129 -19.01 -7.55 5.07
C ALA A 129 -19.20 -7.31 6.57
N THR A 130 -18.97 -8.30 7.39
CA THR A 130 -19.13 -8.11 8.87
C THR A 130 -17.87 -8.54 9.61
N THR A 131 -17.17 -9.51 9.09
CA THR A 131 -15.92 -9.99 9.77
C THR A 131 -14.75 -9.95 8.78
N LEU A 132 -13.55 -10.07 9.26
CA LEU A 132 -12.38 -10.07 8.35
C LEU A 132 -12.54 -11.22 7.36
N SER A 133 -13.11 -12.31 7.80
CA SER A 133 -13.32 -13.46 6.89
C SER A 133 -14.31 -13.07 5.80
N GLU A 134 -15.22 -12.19 6.12
CA GLU A 134 -16.23 -11.76 5.11
C GLU A 134 -15.64 -10.66 4.23
N ILE A 135 -14.45 -10.24 4.52
CA ILE A 135 -13.82 -9.16 3.71
C ILE A 135 -13.23 -9.80 2.43
N PRO A 136 -13.49 -9.23 1.27
CA PRO A 136 -12.96 -9.79 -0.01
C PRO A 136 -11.51 -9.40 -0.26
N THR A 137 -10.72 -10.32 -0.76
CA THR A 137 -9.29 -10.00 -1.04
C THR A 137 -9.12 -9.89 -2.56
N SER A 138 -10.20 -10.01 -3.29
CA SER A 138 -10.10 -9.91 -4.77
C SER A 138 -11.35 -9.21 -5.31
N THR A 139 -11.31 -7.90 -5.41
CA THR A 139 -12.49 -7.17 -5.94
C THR A 139 -12.20 -6.75 -7.39
N PRO A 140 -13.20 -6.47 -8.18
CA PRO A 140 -12.97 -6.06 -9.60
C PRO A 140 -11.99 -4.89 -9.70
N ALA A 141 -12.10 -3.93 -8.83
CA ALA A 141 -11.16 -2.78 -8.89
C ALA A 141 -9.79 -3.24 -8.41
N SER A 142 -9.74 -4.05 -7.39
CA SER A 142 -8.42 -4.52 -6.90
C SER A 142 -7.78 -5.44 -7.95
N ASP A 143 -8.57 -6.29 -8.55
CA ASP A 143 -8.01 -7.20 -9.60
C ASP A 143 -7.56 -6.39 -10.80
N ALA A 144 -8.33 -5.41 -11.19
CA ALA A 144 -7.95 -4.57 -12.35
C ALA A 144 -6.69 -3.79 -12.01
N LEU A 145 -6.49 -3.49 -10.76
CA LEU A 145 -5.29 -2.70 -10.35
C LEU A 145 -4.02 -3.54 -10.50
N SER A 146 -4.03 -4.76 -10.03
CA SER A 146 -2.81 -5.61 -10.11
C SER A 146 -2.40 -5.84 -11.57
N LYS A 147 -3.33 -6.19 -12.41
CA LYS A 147 -2.97 -6.44 -13.83
C LYS A 147 -2.49 -5.14 -14.46
N ALA A 148 -3.05 -4.02 -14.08
CA ALA A 148 -2.62 -2.73 -14.68
C ALA A 148 -1.21 -2.38 -14.18
N LEU A 149 -0.99 -2.43 -12.89
CA LEU A 149 0.36 -2.11 -12.37
C LEU A 149 1.36 -3.15 -12.86
N LYS A 150 0.94 -4.39 -12.96
CA LYS A 150 1.87 -5.45 -13.43
C LYS A 150 2.35 -5.08 -14.84
N LYS A 151 1.49 -4.55 -15.64
CA LYS A 151 1.87 -4.17 -17.01
C LYS A 151 2.92 -3.06 -16.99
N ARG A 152 2.80 -2.14 -16.08
CA ARG A 152 3.80 -1.03 -16.01
C ARG A 152 5.12 -1.55 -15.46
N GLY A 153 5.21 -2.83 -15.25
CA GLY A 153 6.48 -3.40 -14.71
C GLY A 153 6.48 -3.24 -13.21
N PHE A 154 5.34 -3.19 -12.60
CA PHE A 154 5.31 -3.06 -11.13
C PHE A 154 5.25 -4.46 -10.51
N LYS A 155 6.26 -4.81 -9.79
CA LYS A 155 6.29 -6.16 -9.16
C LYS A 155 5.66 -6.13 -7.77
N PHE A 156 5.44 -7.29 -7.21
CA PHE A 156 4.82 -7.38 -5.85
C PHE A 156 3.46 -6.66 -5.85
N VAL A 157 2.57 -7.09 -6.70
CA VAL A 157 1.21 -6.49 -6.76
C VAL A 157 0.17 -7.61 -6.76
N GLY A 158 0.41 -8.64 -5.98
CA GLY A 158 -0.52 -9.79 -5.92
C GLY A 158 -1.96 -9.30 -5.75
N THR A 159 -2.91 -10.15 -5.97
CA THR A 159 -4.33 -9.76 -5.83
C THR A 159 -4.57 -9.21 -4.42
N THR A 160 -3.85 -9.69 -3.45
CA THR A 160 -4.04 -9.16 -2.07
C THR A 160 -3.36 -7.79 -1.98
N ILE A 161 -2.34 -7.58 -2.75
CA ILE A 161 -1.63 -6.27 -2.73
C ILE A 161 -2.55 -5.16 -3.23
N CYS A 162 -3.25 -5.38 -4.31
CA CYS A 162 -4.16 -4.33 -4.84
C CYS A 162 -5.30 -4.11 -3.85
N TYR A 163 -5.87 -5.16 -3.34
CA TYR A 163 -6.99 -5.02 -2.39
C TYR A 163 -6.50 -4.41 -1.07
N SER A 164 -5.38 -4.87 -0.58
CA SER A 164 -4.88 -4.30 0.71
C SER A 164 -4.55 -2.82 0.51
N PHE A 165 -4.00 -2.46 -0.62
CA PHE A 165 -3.65 -1.04 -0.87
C PHE A 165 -4.91 -0.16 -0.84
N MET A 166 -5.94 -0.52 -1.57
CA MET A 166 -7.17 0.31 -1.57
C MET A 166 -7.77 0.36 -0.17
N GLN A 167 -7.62 -0.70 0.56
CA GLN A 167 -8.20 -0.76 1.94
C GLN A 167 -7.68 0.37 2.82
N ALA A 168 -6.40 0.62 2.79
CA ALA A 168 -5.82 1.70 3.66
C ALA A 168 -5.72 3.02 2.91
N CYS A 169 -5.71 3.02 1.61
CA CYS A 169 -5.57 4.30 0.87
C CYS A 169 -6.80 5.18 1.11
N GLY A 170 -7.98 4.64 1.02
CA GLY A 170 -9.21 5.46 1.26
C GLY A 170 -10.22 5.25 0.13
N LEU A 171 -9.88 4.43 -0.82
CA LEU A 171 -10.83 4.16 -1.95
C LEU A 171 -12.05 3.38 -1.46
N VAL A 172 -11.86 2.51 -0.50
CA VAL A 172 -13.02 1.71 0.00
C VAL A 172 -13.04 1.67 1.52
N ASN A 173 -14.22 1.55 2.07
CA ASN A 173 -14.35 1.45 3.55
C ASN A 173 -14.78 0.03 3.87
N ASP A 174 -13.97 -0.73 4.55
CA ASP A 174 -14.38 -2.14 4.84
C ASP A 174 -13.57 -2.75 5.98
N HIS A 175 -13.34 -2.03 7.05
CA HIS A 175 -12.57 -2.67 8.15
C HIS A 175 -13.25 -3.98 8.50
N VAL A 176 -14.55 -3.91 8.68
CA VAL A 176 -15.35 -5.12 9.03
C VAL A 176 -16.79 -4.66 9.27
N VAL A 177 -17.09 -3.44 8.92
CA VAL A 177 -18.47 -2.91 9.13
C VAL A 177 -18.81 -2.99 10.63
N GLY A 178 -19.04 -1.89 11.25
CA GLY A 178 -19.36 -1.90 12.70
C GLY A 178 -18.06 -1.66 13.48
N CYS A 179 -17.02 -1.25 12.81
CA CYS A 179 -15.73 -1.01 13.50
C CYS A 179 -15.87 0.20 14.43
N CYS A 180 -16.46 0.01 15.57
CA CYS A 180 -16.64 1.13 16.53
C CYS A 180 -17.67 2.13 15.96
N CYS A 181 -17.52 2.51 14.72
CA CYS A 181 -18.48 3.47 14.12
C CYS A 181 -18.22 3.56 12.61
N TYR A 182 -18.57 2.54 11.89
CA TYR A 182 -18.35 2.55 10.42
C TYR A 182 -19.34 3.53 9.75
N PRO A 183 -18.87 4.53 9.03
CA PRO A 183 -19.75 5.50 8.33
C PRO A 183 -20.41 4.91 7.09
N GLY A 184 -21.28 5.65 6.45
CA GLY A 184 -21.97 5.13 5.23
C GLY A 184 -23.43 4.83 5.57
N ASN A 185 -23.84 5.12 6.77
CA ASN A 185 -25.26 4.87 7.16
C ASN A 185 -26.09 6.10 6.79
N LYS A 186 -25.94 7.16 7.52
CA LYS A 186 -26.70 8.40 7.23
C LYS A 186 -25.77 9.52 6.73
N PRO A 187 -24.49 9.50 7.08
CA PRO A 187 -23.54 10.56 6.61
C PRO A 187 -23.51 10.68 5.09
N MET A 1 -19.85 1.07 19.75
CA MET A 1 -19.58 0.20 18.57
C MET A 1 -18.34 -0.67 18.82
N GLU A 2 -17.95 -1.43 17.84
CA GLU A 2 -16.75 -2.30 17.99
C GLU A 2 -15.59 -1.65 17.25
N ARG A 3 -14.40 -1.75 17.79
CA ARG A 3 -13.22 -1.12 17.13
C ARG A 3 -12.52 -2.14 16.24
N CYS A 4 -11.72 -1.67 15.32
CA CYS A 4 -11.01 -2.60 14.40
C CYS A 4 -10.24 -3.65 15.23
N GLY A 5 -10.16 -4.85 14.72
CA GLY A 5 -9.47 -5.95 15.46
C GLY A 5 -7.99 -5.62 15.74
N TRP A 6 -7.28 -5.06 14.80
CA TRP A 6 -5.85 -4.76 15.06
C TRP A 6 -5.73 -3.41 15.79
N VAL A 7 -6.84 -2.77 16.05
CA VAL A 7 -6.78 -1.48 16.78
C VAL A 7 -6.76 -1.76 18.29
N SER A 8 -7.56 -2.69 18.73
CA SER A 8 -7.56 -3.02 20.19
C SER A 8 -6.34 -3.91 20.48
N GLN A 9 -5.52 -4.11 19.49
CA GLN A 9 -4.30 -4.96 19.68
C GLN A 9 -3.10 -4.06 19.99
N ASP A 10 -2.19 -3.94 19.06
CA ASP A 10 -0.97 -3.10 19.29
C ASP A 10 -1.37 -1.63 19.35
N PRO A 11 -0.74 -0.85 20.19
CA PRO A 11 -1.04 0.61 20.31
C PRO A 11 -0.69 1.37 19.02
N LEU A 12 0.27 0.88 18.28
CA LEU A 12 0.69 1.56 17.02
C LEU A 12 -0.47 1.57 16.00
N TYR A 13 -1.26 0.53 15.95
CA TYR A 13 -2.36 0.48 14.96
C TYR A 13 -3.26 1.71 15.11
N ILE A 14 -3.57 2.09 16.31
CA ILE A 14 -4.46 3.28 16.51
C ILE A 14 -3.91 4.48 15.74
N ALA A 15 -2.62 4.68 15.77
CA ALA A 15 -2.04 5.84 15.04
C ALA A 15 -2.24 5.66 13.54
N TYR A 16 -1.88 4.53 13.02
CA TYR A 16 -2.05 4.30 11.55
C TYR A 16 -3.53 4.25 11.20
N HIS A 17 -4.32 3.64 12.04
CA HIS A 17 -5.77 3.51 11.75
C HIS A 17 -6.51 4.85 11.84
N ASP A 18 -6.34 5.58 12.89
CA ASP A 18 -7.07 6.87 13.03
C ASP A 18 -6.44 7.93 12.13
N ASN A 19 -5.34 7.64 11.49
CA ASN A 19 -4.69 8.68 10.64
C ASN A 19 -5.11 8.57 9.18
N GLU A 20 -5.32 7.40 8.64
CA GLU A 20 -5.73 7.33 7.21
C GLU A 20 -6.07 5.91 6.78
N TRP A 21 -6.87 5.21 7.52
CA TRP A 21 -7.23 3.84 7.07
C TRP A 21 -8.15 3.99 5.86
N GLY A 22 -7.63 4.50 4.80
CA GLY A 22 -8.46 4.69 3.58
C GLY A 22 -9.63 5.64 3.86
N VAL A 23 -9.34 6.81 4.40
CA VAL A 23 -10.42 7.79 4.69
C VAL A 23 -10.33 8.95 3.68
N PRO A 24 -9.13 9.42 3.41
CA PRO A 24 -8.89 10.54 2.47
C PRO A 24 -8.52 10.06 1.06
N GLU A 25 -8.84 10.82 0.05
CA GLU A 25 -8.46 10.42 -1.32
C GLU A 25 -6.96 10.52 -1.38
N THR A 26 -6.31 9.61 -2.05
CA THR A 26 -4.83 9.66 -2.08
C THR A 26 -4.30 10.28 -3.37
N ASP A 27 -3.18 10.95 -3.26
CA ASP A 27 -2.54 11.57 -4.46
C ASP A 27 -1.78 10.48 -5.21
N SER A 28 -1.35 10.76 -6.40
CA SER A 28 -0.61 9.72 -7.19
C SER A 28 0.66 9.28 -6.46
N LYS A 29 1.29 10.19 -5.78
CA LYS A 29 2.56 9.87 -5.08
C LYS A 29 2.37 8.90 -3.90
N LYS A 30 1.31 9.05 -3.15
CA LYS A 30 1.11 8.15 -1.97
C LYS A 30 1.04 6.70 -2.42
N LEU A 31 0.41 6.44 -3.54
CA LEU A 31 0.31 5.02 -4.00
C LEU A 31 1.70 4.44 -4.18
N PHE A 32 2.63 5.23 -4.64
CA PHE A 32 4.00 4.69 -4.84
C PHE A 32 4.59 4.26 -3.50
N GLU A 33 4.50 5.10 -2.50
CA GLU A 33 5.07 4.71 -1.18
C GLU A 33 4.23 3.58 -0.56
N MET A 34 2.95 3.57 -0.85
CA MET A 34 2.08 2.51 -0.27
C MET A 34 2.38 1.16 -0.90
N ILE A 35 2.45 1.08 -2.20
CA ILE A 35 2.73 -0.23 -2.85
C ILE A 35 4.09 -0.74 -2.40
N CYS A 36 5.00 0.13 -2.07
CA CYS A 36 6.33 -0.34 -1.62
C CYS A 36 6.21 -0.99 -0.24
N LEU A 37 5.61 -0.31 0.70
CA LEU A 37 5.45 -0.91 2.06
C LEU A 37 4.42 -2.04 1.98
N GLU A 38 3.39 -1.86 1.19
CA GLU A 38 2.36 -2.91 1.08
C GLU A 38 3.00 -4.20 0.53
N GLY A 39 3.94 -4.08 -0.38
CA GLY A 39 4.61 -5.29 -0.95
C GLY A 39 5.32 -6.05 0.17
N GLN A 40 5.87 -5.35 1.13
CA GLN A 40 6.61 -6.00 2.26
C GLN A 40 5.66 -6.90 3.06
N GLN A 41 4.41 -6.57 3.16
CA GLN A 41 3.48 -7.42 3.96
C GLN A 41 3.42 -8.83 3.40
N ALA A 42 4.23 -9.15 2.43
CA ALA A 42 4.19 -10.52 1.86
C ALA A 42 4.67 -11.52 2.92
N GLY A 43 3.85 -12.49 3.25
CA GLY A 43 4.27 -13.49 4.27
C GLY A 43 4.39 -12.82 5.65
N LEU A 44 4.80 -11.59 5.68
CA LEU A 44 4.95 -10.89 7.00
C LEU A 44 3.69 -10.08 7.33
N SER A 45 3.46 -9.84 8.59
CA SER A 45 2.26 -9.06 8.99
C SER A 45 2.43 -7.58 8.62
N TRP A 46 1.35 -6.88 8.47
CA TRP A 46 1.43 -5.43 8.12
C TRP A 46 2.19 -4.68 9.21
N ILE A 47 2.08 -5.12 10.43
CA ILE A 47 2.81 -4.42 11.53
C ILE A 47 4.32 -4.62 11.39
N THR A 48 4.74 -5.77 10.94
CA THR A 48 6.19 -6.00 10.76
C THR A 48 6.70 -4.93 9.81
N VAL A 49 5.91 -4.60 8.84
CA VAL A 49 6.31 -3.55 7.86
C VAL A 49 6.38 -2.19 8.55
N LEU A 50 5.52 -1.93 9.49
CA LEU A 50 5.55 -0.60 10.17
C LEU A 50 6.91 -0.42 10.87
N LYS A 51 7.36 -1.40 11.59
CA LYS A 51 8.67 -1.26 12.29
C LYS A 51 9.75 -1.09 11.22
N LYS A 52 9.73 -1.95 10.26
CA LYS A 52 10.73 -1.86 9.17
C LYS A 52 10.50 -0.59 8.36
N ARG A 53 9.29 -0.10 8.36
CA ARG A 53 9.01 1.15 7.61
C ARG A 53 9.96 2.23 8.11
N GLU A 54 10.17 2.29 9.40
CA GLU A 54 11.10 3.29 9.96
C GLU A 54 12.53 2.91 9.56
N ASN A 55 12.86 1.66 9.62
CA ASN A 55 14.23 1.21 9.24
C ASN A 55 14.42 1.52 7.76
N TYR A 56 13.36 1.39 7.02
CA TYR A 56 13.43 1.67 5.56
C TYR A 56 13.82 3.13 5.37
N ARG A 57 13.29 4.00 6.20
CA ARG A 57 13.65 5.44 6.09
C ARG A 57 15.16 5.60 6.26
N ALA A 58 15.74 4.82 7.14
CA ALA A 58 17.21 4.93 7.36
C ALA A 58 17.97 4.62 6.07
N CYS A 59 17.50 3.66 5.32
CA CYS A 59 18.21 3.31 4.05
C CYS A 59 17.92 4.35 2.97
N PHE A 60 16.70 4.75 2.82
CA PHE A 60 16.35 5.76 1.77
C PHE A 60 15.93 7.08 2.43
N HIS A 61 15.16 7.01 3.48
CA HIS A 61 14.69 8.25 4.17
C HIS A 61 13.79 9.05 3.22
N GLN A 62 14.31 9.39 2.07
CA GLN A 62 13.49 10.16 1.09
C GLN A 62 12.41 9.26 0.49
N PHE A 63 12.70 7.99 0.36
CA PHE A 63 11.72 7.04 -0.25
C PHE A 63 10.98 7.71 -1.41
N ASP A 64 11.60 8.65 -2.06
CA ASP A 64 10.93 9.32 -3.21
C ASP A 64 11.11 8.47 -4.48
N PRO A 65 10.08 8.33 -5.29
CA PRO A 65 10.16 7.51 -6.53
C PRO A 65 11.37 7.87 -7.40
N VAL A 66 11.58 9.13 -7.66
CA VAL A 66 12.74 9.53 -8.52
C VAL A 66 14.05 9.20 -7.81
N LYS A 67 14.10 9.37 -6.52
CA LYS A 67 15.37 9.12 -5.77
C LYS A 67 15.78 7.64 -5.87
N VAL A 68 14.87 6.71 -5.65
CA VAL A 68 15.29 5.28 -5.75
C VAL A 68 15.63 4.95 -7.19
N ALA A 69 14.95 5.57 -8.12
CA ALA A 69 15.24 5.30 -9.55
C ALA A 69 16.67 5.76 -9.83
N ALA A 70 17.19 6.63 -8.99
CA ALA A 70 18.58 7.09 -9.19
C ALA A 70 19.52 6.21 -8.37
N MET A 71 18.97 5.37 -7.55
CA MET A 71 19.81 4.46 -6.76
C MET A 71 20.13 3.27 -7.67
N GLN A 72 21.38 3.03 -7.93
CA GLN A 72 21.74 1.90 -8.84
C GLN A 72 22.06 0.65 -8.02
N GLU A 73 22.28 -0.44 -8.69
CA GLU A 73 22.59 -1.70 -7.96
C GLU A 73 23.76 -1.46 -7.02
N GLU A 74 24.65 -0.57 -7.35
CA GLU A 74 25.80 -0.31 -6.45
C GLU A 74 25.26 0.18 -5.11
N ASP A 75 24.37 1.13 -5.15
CA ASP A 75 23.76 1.66 -3.90
C ASP A 75 23.02 0.53 -3.20
N VAL A 76 22.31 -0.27 -3.96
CA VAL A 76 21.56 -1.40 -3.38
C VAL A 76 22.51 -2.32 -2.60
N GLU A 77 23.67 -2.59 -3.13
CA GLU A 77 24.62 -3.48 -2.39
C GLU A 77 24.91 -2.85 -1.03
N ARG A 78 25.05 -1.56 -0.97
CA ARG A 78 25.30 -0.90 0.33
C ARG A 78 24.13 -1.17 1.28
N LEU A 79 22.93 -1.12 0.76
CA LEU A 79 21.73 -1.34 1.63
C LEU A 79 21.71 -2.77 2.15
N VAL A 80 22.20 -3.71 1.39
CA VAL A 80 22.19 -5.11 1.87
C VAL A 80 22.85 -5.13 3.25
N GLN A 81 23.86 -4.33 3.45
CA GLN A 81 24.53 -4.32 4.77
C GLN A 81 24.17 -3.06 5.56
N ASP A 82 23.41 -2.14 5.00
CA ASP A 82 23.09 -0.92 5.80
C ASP A 82 21.98 -1.25 6.82
N ALA A 83 22.35 -1.35 8.07
CA ALA A 83 21.34 -1.67 9.12
C ALA A 83 20.84 -3.10 8.93
N GLY A 84 21.00 -3.65 7.76
CA GLY A 84 20.53 -5.05 7.53
C GLY A 84 18.99 -5.04 7.49
N ILE A 85 18.42 -3.99 6.94
CA ILE A 85 16.93 -3.88 6.86
C ILE A 85 16.29 -5.28 6.77
N ILE A 86 16.03 -5.76 5.59
CA ILE A 86 15.41 -7.11 5.45
C ILE A 86 15.43 -7.52 3.98
N ARG A 87 15.21 -6.58 3.11
CA ARG A 87 15.19 -6.90 1.65
C ARG A 87 16.61 -7.18 1.14
N HIS A 88 16.70 -7.92 0.07
CA HIS A 88 18.02 -8.24 -0.52
C HIS A 88 18.15 -7.52 -1.85
N ARG A 89 19.27 -7.66 -2.51
CA ARG A 89 19.45 -6.96 -3.81
C ARG A 89 18.33 -7.33 -4.79
N GLY A 90 17.99 -8.58 -4.87
CA GLY A 90 16.92 -8.99 -5.83
C GLY A 90 15.63 -8.20 -5.55
N LYS A 91 15.12 -8.31 -4.35
CA LYS A 91 13.85 -7.57 -4.03
C LYS A 91 14.07 -6.07 -4.13
N ILE A 92 15.18 -5.58 -3.62
CA ILE A 92 15.43 -4.12 -3.69
C ILE A 92 15.41 -3.66 -5.15
N GLN A 93 16.16 -4.30 -6.02
CA GLN A 93 16.14 -3.90 -7.45
C GLN A 93 14.70 -3.82 -7.93
N ALA A 94 13.84 -4.66 -7.41
CA ALA A 94 12.42 -4.62 -7.83
C ALA A 94 11.83 -3.27 -7.40
N ILE A 95 12.15 -2.83 -6.21
CA ILE A 95 11.63 -1.52 -5.73
C ILE A 95 12.21 -0.40 -6.60
N ILE A 96 13.47 -0.48 -6.91
CA ILE A 96 14.09 0.58 -7.76
C ILE A 96 13.35 0.60 -9.09
N GLY A 97 13.11 -0.56 -9.62
CA GLY A 97 12.39 -0.66 -10.93
C GLY A 97 10.99 -0.08 -10.78
N ASN A 98 10.38 -0.28 -9.64
CA ASN A 98 9.02 0.27 -9.44
C ASN A 98 9.05 1.79 -9.66
N ALA A 99 10.10 2.45 -9.24
CA ALA A 99 10.16 3.92 -9.44
C ALA A 99 10.24 4.21 -10.94
N ARG A 100 11.09 3.53 -11.65
CA ARG A 100 11.18 3.78 -13.11
C ARG A 100 9.79 3.55 -13.69
N ALA A 101 9.09 2.57 -13.20
CA ALA A 101 7.71 2.31 -13.71
C ALA A 101 6.82 3.49 -13.30
N TYR A 102 7.12 4.11 -12.20
CA TYR A 102 6.30 5.28 -11.77
C TYR A 102 6.52 6.37 -12.81
N LEU A 103 7.76 6.55 -13.20
CA LEU A 103 8.07 7.55 -14.24
C LEU A 103 7.40 7.14 -15.54
N GLN A 104 7.23 5.86 -15.77
CA GLN A 104 6.56 5.42 -17.03
C GLN A 104 5.13 5.96 -17.07
N MET A 105 4.47 6.00 -15.94
CA MET A 105 3.08 6.53 -15.89
C MET A 105 3.11 8.02 -16.21
N GLU A 106 4.12 8.69 -15.72
CA GLU A 106 4.25 10.14 -15.96
C GLU A 106 4.61 10.36 -17.42
N GLN A 107 5.45 9.55 -17.96
CA GLN A 107 5.83 9.70 -19.39
C GLN A 107 4.57 9.52 -20.20
N ASN A 108 3.59 8.84 -19.64
CA ASN A 108 2.32 8.65 -20.38
C ASN A 108 1.37 9.78 -19.99
N GLY A 109 1.78 10.59 -19.05
CA GLY A 109 0.92 11.73 -18.62
C GLY A 109 -0.34 11.20 -17.90
N GLU A 110 -0.25 10.04 -17.32
CA GLU A 110 -1.42 9.47 -16.60
C GLU A 110 -1.09 9.30 -15.11
N PRO A 111 -1.67 10.12 -14.24
CA PRO A 111 -1.39 10.02 -12.78
C PRO A 111 -1.62 8.61 -12.23
N PHE A 112 -0.82 8.21 -11.26
CA PHE A 112 -0.97 6.85 -10.68
C PHE A 112 -2.38 6.69 -10.11
N ALA A 113 -2.81 7.67 -9.37
CA ALA A 113 -4.17 7.61 -8.76
C ALA A 113 -5.24 7.63 -9.85
N ASP A 114 -4.93 8.20 -10.98
CA ASP A 114 -5.95 8.27 -12.08
C ASP A 114 -6.36 6.88 -12.56
N PHE A 115 -5.44 5.99 -12.82
CA PHE A 115 -5.83 4.64 -13.32
C PHE A 115 -6.48 3.80 -12.21
N VAL A 116 -5.94 3.81 -11.03
CA VAL A 116 -6.58 2.97 -9.96
C VAL A 116 -7.97 3.50 -9.65
N TRP A 117 -8.08 4.75 -9.32
CA TRP A 117 -9.42 5.31 -9.02
C TRP A 117 -10.34 5.03 -10.23
N SER A 118 -9.76 4.84 -11.39
CA SER A 118 -10.60 4.57 -12.59
C SER A 118 -11.32 3.23 -12.45
N PHE A 119 -10.64 2.21 -11.99
CA PHE A 119 -11.31 0.89 -11.84
C PHE A 119 -12.38 1.00 -10.77
N VAL A 120 -12.20 1.86 -9.81
CA VAL A 120 -13.22 2.02 -8.74
C VAL A 120 -14.27 3.02 -9.19
N ASN A 121 -14.23 3.41 -10.44
CA ASN A 121 -15.22 4.39 -10.97
C ASN A 121 -15.02 5.74 -10.27
N HIS A 122 -13.80 6.08 -9.97
CA HIS A 122 -13.53 7.38 -9.32
C HIS A 122 -14.53 7.64 -8.19
N GLN A 123 -14.94 6.61 -7.50
CA GLN A 123 -15.91 6.81 -6.39
C GLN A 123 -15.65 5.79 -5.27
N PRO A 124 -15.89 6.16 -4.04
CA PRO A 124 -15.67 5.26 -2.87
C PRO A 124 -16.65 4.07 -2.87
N GLN A 125 -16.19 2.91 -2.49
CA GLN A 125 -17.09 1.72 -2.46
C GLN A 125 -17.31 1.29 -1.01
N MET A 126 -18.52 1.06 -0.61
CA MET A 126 -18.76 0.65 0.80
C MET A 126 -18.70 -0.87 0.90
N THR A 127 -17.89 -1.37 1.80
CA THR A 127 -17.78 -2.85 1.95
C THR A 127 -18.71 -3.30 3.09
N GLN A 128 -19.52 -4.30 2.86
CA GLN A 128 -20.46 -4.78 3.92
C GLN A 128 -19.82 -5.91 4.74
N ALA A 129 -18.52 -5.92 4.84
CA ALA A 129 -17.85 -6.99 5.63
C ALA A 129 -18.22 -6.86 7.10
N THR A 130 -18.40 -7.97 7.78
CA THR A 130 -18.77 -7.92 9.22
C THR A 130 -17.58 -8.37 10.07
N THR A 131 -16.82 -9.32 9.59
CA THR A 131 -15.65 -9.82 10.37
C THR A 131 -14.38 -9.71 9.52
N LEU A 132 -13.23 -9.77 10.13
CA LEU A 132 -11.97 -9.67 9.35
C LEU A 132 -11.94 -10.80 8.31
N SER A 133 -12.45 -11.94 8.66
CA SER A 133 -12.46 -13.08 7.69
C SER A 133 -13.61 -12.89 6.71
N GLU A 134 -14.35 -11.82 6.86
CA GLU A 134 -15.48 -11.55 5.93
C GLU A 134 -15.03 -10.46 4.97
N ILE A 135 -13.77 -10.14 5.01
CA ILE A 135 -13.23 -9.09 4.11
C ILE A 135 -12.68 -9.77 2.85
N PRO A 136 -13.10 -9.37 1.68
CA PRO A 136 -12.59 -9.99 0.42
C PRO A 136 -11.14 -9.61 0.13
N THR A 137 -10.37 -10.55 -0.33
CA THR A 137 -8.94 -10.25 -0.65
C THR A 137 -8.75 -10.33 -2.16
N SER A 138 -9.82 -10.53 -2.87
CA SER A 138 -9.73 -10.62 -4.35
C SER A 138 -10.98 -10.01 -4.99
N THR A 139 -10.98 -8.71 -5.21
CA THR A 139 -12.16 -8.06 -5.82
C THR A 139 -11.81 -7.68 -7.26
N PRO A 140 -12.79 -7.40 -8.10
CA PRO A 140 -12.51 -7.03 -9.51
C PRO A 140 -11.54 -5.86 -9.61
N ALA A 141 -11.68 -4.87 -8.77
CA ALA A 141 -10.74 -3.72 -8.81
C ALA A 141 -9.37 -4.20 -8.34
N SER A 142 -9.34 -4.98 -7.30
CA SER A 142 -8.04 -5.50 -6.77
C SER A 142 -7.40 -6.40 -7.81
N ASP A 143 -8.16 -7.27 -8.41
CA ASP A 143 -7.59 -8.20 -9.42
C ASP A 143 -7.13 -7.40 -10.65
N ALA A 144 -7.86 -6.38 -11.02
CA ALA A 144 -7.45 -5.57 -12.19
C ALA A 144 -6.26 -4.72 -11.77
N LEU A 145 -6.21 -4.33 -10.53
CA LEU A 145 -5.08 -3.50 -10.05
C LEU A 145 -3.79 -4.31 -10.12
N SER A 146 -3.80 -5.51 -9.62
CA SER A 146 -2.55 -6.33 -9.70
C SER A 146 -2.15 -6.45 -11.17
N LYS A 147 -3.11 -6.68 -12.03
CA LYS A 147 -2.80 -6.80 -13.47
C LYS A 147 -2.28 -5.47 -14.01
N ALA A 148 -2.87 -4.38 -13.61
CA ALA A 148 -2.40 -3.06 -14.12
C ALA A 148 -1.01 -2.77 -13.56
N LEU A 149 -0.83 -2.95 -12.28
CA LEU A 149 0.52 -2.69 -11.70
C LEU A 149 1.53 -3.66 -12.30
N LYS A 150 1.14 -4.89 -12.48
CA LYS A 150 2.10 -5.88 -13.04
C LYS A 150 2.56 -5.44 -14.43
N LYS A 151 1.68 -4.90 -15.23
CA LYS A 151 2.10 -4.46 -16.59
C LYS A 151 3.00 -3.21 -16.54
N ARG A 152 2.75 -2.32 -15.62
CA ARG A 152 3.59 -1.10 -15.55
C ARG A 152 4.99 -1.47 -15.06
N GLY A 153 5.21 -2.71 -14.77
CA GLY A 153 6.55 -3.13 -14.29
C GLY A 153 6.59 -3.08 -12.78
N PHE A 154 5.44 -3.06 -12.15
CA PHE A 154 5.44 -3.03 -10.66
C PHE A 154 5.33 -4.48 -10.18
N LYS A 155 6.38 -4.97 -9.59
CA LYS A 155 6.35 -6.39 -9.11
C LYS A 155 6.01 -6.43 -7.61
N PHE A 156 5.83 -7.61 -7.06
CA PHE A 156 5.48 -7.74 -5.62
C PHE A 156 4.13 -7.06 -5.37
N VAL A 157 3.12 -7.55 -6.02
CA VAL A 157 1.75 -6.98 -5.89
C VAL A 157 0.75 -8.14 -5.78
N GLY A 158 1.08 -9.17 -5.03
CA GLY A 158 0.18 -10.34 -4.88
C GLY A 158 -1.28 -9.90 -4.84
N THR A 159 -2.18 -10.81 -5.11
CA THR A 159 -3.63 -10.47 -5.09
C THR A 159 -4.01 -9.93 -3.71
N THR A 160 -3.34 -10.37 -2.69
CA THR A 160 -3.67 -9.87 -1.33
C THR A 160 -3.08 -8.48 -1.17
N ILE A 161 -1.94 -8.26 -1.75
CA ILE A 161 -1.27 -6.95 -1.64
C ILE A 161 -2.06 -5.88 -2.42
N CYS A 162 -2.61 -6.25 -3.54
CA CYS A 162 -3.42 -5.26 -4.33
C CYS A 162 -4.69 -4.91 -3.55
N TYR A 163 -5.38 -5.90 -3.04
CA TYR A 163 -6.62 -5.61 -2.26
C TYR A 163 -6.26 -4.89 -0.96
N SER A 164 -5.23 -5.31 -0.30
CA SER A 164 -4.83 -4.67 0.98
C SER A 164 -4.55 -3.19 0.73
N PHE A 165 -3.88 -2.88 -0.33
CA PHE A 165 -3.57 -1.46 -0.65
C PHE A 165 -4.87 -0.66 -0.79
N MET A 166 -5.89 -1.23 -1.39
CA MET A 166 -7.16 -0.48 -1.58
C MET A 166 -7.78 -0.12 -0.23
N GLN A 167 -7.67 -0.98 0.74
CA GLN A 167 -8.31 -0.67 2.06
C GLN A 167 -7.77 0.64 2.63
N ALA A 168 -6.49 0.86 2.57
CA ALA A 168 -5.94 2.14 3.11
C ALA A 168 -5.91 3.21 2.03
N CYS A 169 -6.00 2.82 0.78
CA CYS A 169 -5.96 3.82 -0.33
C CYS A 169 -7.16 4.77 -0.23
N GLY A 170 -8.24 4.33 0.35
CA GLY A 170 -9.44 5.20 0.44
C GLY A 170 -10.44 4.72 -0.62
N LEU A 171 -10.05 3.76 -1.40
CA LEU A 171 -10.96 3.23 -2.46
C LEU A 171 -12.20 2.61 -1.82
N VAL A 172 -12.07 1.95 -0.71
CA VAL A 172 -13.26 1.33 -0.05
C VAL A 172 -13.30 1.73 1.43
N ASN A 173 -14.46 2.05 1.93
CA ASN A 173 -14.56 2.45 3.37
C ASN A 173 -15.54 1.52 4.11
N ASP A 174 -15.17 1.09 5.30
CA ASP A 174 -16.07 0.20 6.10
C ASP A 174 -15.26 -0.63 7.11
N HIS A 175 -14.07 -1.03 6.75
CA HIS A 175 -13.26 -1.88 7.67
C HIS A 175 -14.07 -3.12 8.03
N VAL A 176 -14.94 -3.02 9.00
CA VAL A 176 -15.77 -4.20 9.40
C VAL A 176 -17.23 -3.77 9.61
N VAL A 177 -17.74 -2.91 8.76
CA VAL A 177 -19.15 -2.44 8.91
C VAL A 177 -19.53 -2.34 10.39
N GLY A 178 -18.55 -2.11 11.23
CA GLY A 178 -18.82 -2.00 12.69
C GLY A 178 -17.63 -1.31 13.36
N CYS A 179 -17.02 -0.38 12.68
CA CYS A 179 -15.84 0.32 13.26
C CYS A 179 -16.31 1.62 13.93
N CYS A 180 -15.91 1.84 15.15
CA CYS A 180 -16.33 3.07 15.86
C CYS A 180 -16.06 4.28 14.98
N CYS A 181 -14.96 4.28 14.28
CA CYS A 181 -14.63 5.44 13.40
C CYS A 181 -15.58 5.45 12.20
N TYR A 182 -16.00 4.29 11.73
CA TYR A 182 -16.92 4.25 10.57
C TYR A 182 -18.34 4.59 11.04
N PRO A 183 -19.05 5.42 10.32
CA PRO A 183 -20.45 5.79 10.70
C PRO A 183 -21.42 4.62 10.57
N GLY A 184 -22.19 4.36 11.59
CA GLY A 184 -23.16 3.23 11.52
C GLY A 184 -24.29 3.62 10.58
N ASN A 185 -24.15 4.75 9.93
CA ASN A 185 -25.21 5.23 9.00
C ASN A 185 -26.52 5.38 9.76
N LYS A 186 -26.43 5.59 11.05
CA LYS A 186 -27.67 5.75 11.86
C LYS A 186 -28.70 4.70 11.46
N PRO A 187 -28.48 3.46 11.85
CA PRO A 187 -29.40 2.35 11.52
C PRO A 187 -30.75 2.48 12.22
N MET A 1 -19.22 -2.56 21.35
CA MET A 1 -18.42 -3.40 20.41
C MET A 1 -16.96 -2.92 20.43
N GLU A 2 -16.07 -3.71 19.91
CA GLU A 2 -14.63 -3.29 19.89
C GLU A 2 -14.29 -2.63 18.57
N ARG A 3 -13.28 -1.80 18.59
CA ARG A 3 -12.88 -1.10 17.34
C ARG A 3 -12.56 -2.12 16.25
N CYS A 4 -11.30 -2.35 15.99
CA CYS A 4 -10.91 -3.33 14.93
C CYS A 4 -10.13 -4.50 15.56
N GLY A 5 -10.07 -5.61 14.90
CA GLY A 5 -9.35 -6.80 15.44
C GLY A 5 -7.86 -6.49 15.66
N TRP A 6 -7.21 -5.86 14.72
CA TRP A 6 -5.77 -5.55 14.90
C TRP A 6 -5.62 -4.27 15.72
N VAL A 7 -6.70 -3.67 16.10
CA VAL A 7 -6.61 -2.43 16.93
C VAL A 7 -6.39 -2.85 18.39
N SER A 8 -7.19 -3.76 18.86
CA SER A 8 -7.03 -4.22 20.26
C SER A 8 -5.84 -5.18 20.34
N GLN A 9 -5.19 -5.43 19.23
CA GLN A 9 -4.02 -6.35 19.23
C GLN A 9 -2.78 -5.60 19.70
N ASP A 10 -2.53 -4.44 19.14
CA ASP A 10 -1.34 -3.64 19.53
C ASP A 10 -1.67 -2.15 19.40
N PRO A 11 -0.95 -1.31 20.09
CA PRO A 11 -1.18 0.17 20.06
C PRO A 11 -0.75 0.80 18.73
N LEU A 12 0.17 0.19 18.02
CA LEU A 12 0.61 0.79 16.73
C LEU A 12 -0.59 0.84 15.78
N TYR A 13 -1.41 -0.17 15.80
CA TYR A 13 -2.61 -0.18 14.91
C TYR A 13 -3.56 0.94 15.34
N ILE A 14 -3.65 1.19 16.61
CA ILE A 14 -4.57 2.25 17.12
C ILE A 14 -4.20 3.61 16.49
N ALA A 15 -2.93 3.93 16.43
CA ALA A 15 -2.55 5.24 15.84
C ALA A 15 -2.83 5.21 14.34
N TYR A 16 -2.36 4.22 13.65
CA TYR A 16 -2.61 4.14 12.19
C TYR A 16 -4.13 4.04 11.94
N HIS A 17 -4.80 3.31 12.77
CA HIS A 17 -6.27 3.12 12.61
C HIS A 17 -7.05 4.39 12.98
N ASP A 18 -6.71 5.01 14.07
CA ASP A 18 -7.46 6.22 14.49
C ASP A 18 -7.12 7.41 13.58
N ASN A 19 -6.16 7.28 12.71
CA ASN A 19 -5.79 8.42 11.83
C ASN A 19 -6.58 8.39 10.52
N GLU A 20 -6.27 7.48 9.63
CA GLU A 20 -7.00 7.45 8.34
C GLU A 20 -6.98 6.04 7.73
N TRP A 21 -7.85 5.17 8.18
CA TRP A 21 -7.90 3.81 7.59
C TRP A 21 -8.69 3.93 6.30
N GLY A 22 -8.11 4.53 5.32
CA GLY A 22 -8.83 4.72 4.02
C GLY A 22 -10.04 5.61 4.24
N VAL A 23 -9.82 6.78 4.79
CA VAL A 23 -10.96 7.70 5.04
C VAL A 23 -10.92 8.86 4.02
N PRO A 24 -9.76 9.37 3.71
CA PRO A 24 -9.58 10.47 2.74
C PRO A 24 -9.20 9.97 1.34
N GLU A 25 -9.54 10.72 0.33
CA GLU A 25 -9.18 10.34 -1.06
C GLU A 25 -7.67 10.39 -1.18
N THR A 26 -7.10 9.55 -1.99
CA THR A 26 -5.62 9.54 -2.07
C THR A 26 -5.12 10.41 -3.23
N ASP A 27 -3.88 10.80 -3.15
CA ASP A 27 -3.26 11.60 -4.23
C ASP A 27 -2.51 10.64 -5.14
N SER A 28 -2.09 11.08 -6.29
CA SER A 28 -1.37 10.17 -7.22
C SER A 28 -0.06 9.66 -6.59
N LYS A 29 0.60 10.50 -5.85
CA LYS A 29 1.90 10.10 -5.22
C LYS A 29 1.72 9.09 -4.06
N LYS A 30 0.71 9.26 -3.25
CA LYS A 30 0.54 8.33 -2.10
C LYS A 30 0.46 6.90 -2.61
N LEU A 31 -0.16 6.72 -3.75
CA LEU A 31 -0.30 5.35 -4.31
C LEU A 31 1.08 4.73 -4.50
N PHE A 32 2.04 5.51 -4.88
CA PHE A 32 3.40 4.95 -5.07
C PHE A 32 3.93 4.44 -3.73
N GLU A 33 3.81 5.22 -2.70
CA GLU A 33 4.31 4.76 -1.37
C GLU A 33 3.42 3.63 -0.86
N MET A 34 2.16 3.74 -1.09
CA MET A 34 1.21 2.70 -0.59
C MET A 34 1.49 1.34 -1.23
N ILE A 35 1.71 1.30 -2.52
CA ILE A 35 1.97 -0.02 -3.17
C ILE A 35 3.33 -0.56 -2.75
N CYS A 36 4.27 0.30 -2.40
CA CYS A 36 5.60 -0.22 -1.99
C CYS A 36 5.49 -0.90 -0.63
N LEU A 37 4.76 -0.33 0.29
CA LEU A 37 4.62 -0.97 1.62
C LEU A 37 3.71 -2.19 1.51
N GLU A 38 2.67 -2.10 0.74
CA GLU A 38 1.74 -3.25 0.60
C GLU A 38 2.47 -4.44 -0.04
N GLY A 39 3.41 -4.20 -0.92
CA GLY A 39 4.12 -5.35 -1.55
C GLY A 39 4.69 -6.29 -0.48
N GLN A 40 5.19 -5.75 0.60
CA GLN A 40 5.77 -6.62 1.68
C GLN A 40 4.68 -7.52 2.26
N GLN A 41 3.43 -7.14 2.17
CA GLN A 41 2.34 -7.99 2.74
C GLN A 41 2.50 -9.45 2.30
N ALA A 42 3.42 -9.72 1.43
CA ALA A 42 3.60 -11.13 0.97
C ALA A 42 4.12 -12.00 2.12
N GLY A 43 3.31 -12.90 2.59
CA GLY A 43 3.75 -13.80 3.70
C GLY A 43 3.92 -13.00 5.00
N LEU A 44 4.22 -11.73 4.90
CA LEU A 44 4.41 -10.91 6.15
C LEU A 44 3.14 -10.14 6.48
N SER A 45 2.93 -9.88 7.74
CA SER A 45 1.73 -9.11 8.17
C SER A 45 1.92 -7.62 7.84
N TRP A 46 0.85 -6.87 7.82
CA TRP A 46 0.97 -5.41 7.50
C TRP A 46 1.83 -4.69 8.54
N ILE A 47 1.70 -5.05 9.79
CA ILE A 47 2.51 -4.35 10.84
C ILE A 47 4.00 -4.56 10.53
N THR A 48 4.33 -5.60 9.84
CA THR A 48 5.75 -5.85 9.50
C THR A 48 6.25 -4.71 8.60
N VAL A 49 5.42 -4.27 7.68
CA VAL A 49 5.83 -3.17 6.77
C VAL A 49 5.83 -1.85 7.53
N LEU A 50 4.94 -1.67 8.47
CA LEU A 50 4.94 -0.39 9.23
C LEU A 50 6.32 -0.20 9.82
N LYS A 51 6.87 -1.22 10.39
CA LYS A 51 8.23 -1.12 10.96
C LYS A 51 9.17 -0.70 9.83
N LYS A 52 8.99 -1.31 8.71
CA LYS A 52 9.83 -0.99 7.53
C LYS A 52 9.60 0.47 7.13
N ARG A 53 8.41 0.96 7.30
CA ARG A 53 8.11 2.37 6.94
C ARG A 53 9.05 3.32 7.70
N GLU A 54 9.31 3.04 8.95
CA GLU A 54 10.20 3.94 9.73
C GLU A 54 11.67 3.77 9.31
N ASN A 55 12.15 2.56 9.19
CA ASN A 55 13.58 2.38 8.79
C ASN A 55 13.75 2.64 7.30
N TYR A 56 12.81 2.26 6.49
CA TYR A 56 12.95 2.50 5.02
C TYR A 56 13.10 3.99 4.79
N ARG A 57 12.28 4.78 5.40
CA ARG A 57 12.39 6.24 5.21
C ARG A 57 13.76 6.71 5.72
N ALA A 58 14.30 6.05 6.70
CA ALA A 58 15.63 6.47 7.23
C ALA A 58 16.76 6.10 6.27
N CYS A 59 16.77 4.88 5.78
CA CYS A 59 17.88 4.46 4.87
C CYS A 59 17.69 5.04 3.46
N PHE A 60 16.49 4.99 2.93
CA PHE A 60 16.26 5.53 1.56
C PHE A 60 16.08 7.05 1.61
N HIS A 61 16.09 7.64 2.76
CA HIS A 61 15.92 9.12 2.83
C HIS A 61 16.96 9.79 1.94
N GLN A 62 18.10 9.18 1.77
CA GLN A 62 19.16 9.77 0.90
C GLN A 62 18.62 9.87 -0.52
N PHE A 63 17.83 8.92 -0.91
CA PHE A 63 17.27 8.94 -2.29
C PHE A 63 15.75 9.23 -2.21
N ASP A 64 14.96 8.19 -2.08
CA ASP A 64 13.46 8.25 -1.95
C ASP A 64 12.71 8.25 -3.31
N PRO A 65 12.68 9.30 -4.11
CA PRO A 65 11.91 9.28 -5.38
C PRO A 65 12.74 8.95 -6.63
N VAL A 66 13.00 9.93 -7.46
CA VAL A 66 13.77 9.69 -8.71
C VAL A 66 15.15 9.19 -8.34
N LYS A 67 15.64 9.61 -7.21
CA LYS A 67 16.97 9.18 -6.76
C LYS A 67 16.95 7.66 -6.61
N VAL A 68 15.84 7.14 -6.15
CA VAL A 68 15.73 5.65 -6.02
C VAL A 68 15.83 5.05 -7.41
N ALA A 69 15.27 5.71 -8.38
CA ALA A 69 15.36 5.17 -9.76
C ALA A 69 16.83 5.15 -10.13
N ALA A 70 17.63 5.92 -9.43
CA ALA A 70 19.08 5.94 -9.71
C ALA A 70 19.78 4.95 -8.78
N MET A 71 19.07 4.46 -7.80
CA MET A 71 19.67 3.49 -6.86
C MET A 71 19.81 2.15 -7.59
N GLN A 72 21.02 1.77 -7.89
CA GLN A 72 21.25 0.50 -8.63
C GLN A 72 21.60 -0.61 -7.64
N GLU A 73 21.91 -1.78 -8.14
CA GLU A 73 22.25 -2.91 -7.24
C GLU A 73 23.46 -2.57 -6.36
N GLU A 74 24.38 -1.80 -6.86
CA GLU A 74 25.57 -1.47 -6.01
C GLU A 74 25.08 -0.76 -4.74
N ASP A 75 24.21 0.20 -4.88
CA ASP A 75 23.69 0.91 -3.68
C ASP A 75 23.00 -0.11 -2.77
N VAL A 76 22.35 -1.08 -3.34
CA VAL A 76 21.67 -2.11 -2.51
C VAL A 76 22.69 -2.78 -1.59
N GLU A 77 23.84 -3.11 -2.10
CA GLU A 77 24.86 -3.77 -1.24
C GLU A 77 25.13 -2.87 -0.05
N ARG A 78 25.11 -1.58 -0.26
CA ARG A 78 25.35 -0.64 0.87
C ARG A 78 24.29 -0.88 1.96
N LEU A 79 23.08 -1.15 1.54
CA LEU A 79 21.96 -1.36 2.52
C LEU A 79 22.13 -2.64 3.35
N VAL A 80 22.71 -3.66 2.80
CA VAL A 80 22.84 -4.93 3.57
C VAL A 80 23.50 -4.65 4.93
N GLN A 81 24.14 -3.52 5.08
CA GLN A 81 24.79 -3.20 6.38
C GLN A 81 24.27 -1.86 6.93
N ASP A 82 23.20 -1.35 6.38
CA ASP A 82 22.68 -0.05 6.89
C ASP A 82 21.56 -0.26 7.90
N ALA A 83 21.85 -0.08 9.16
CA ALA A 83 20.81 -0.26 10.22
C ALA A 83 20.33 -1.71 10.22
N GLY A 84 20.59 -2.44 9.18
CA GLY A 84 20.13 -3.86 9.14
C GLY A 84 18.62 -3.88 8.89
N ILE A 85 18.14 -3.00 8.07
CA ILE A 85 16.68 -2.95 7.77
C ILE A 85 16.16 -4.35 7.45
N ILE A 86 14.90 -4.48 7.13
CA ILE A 86 14.33 -5.82 6.79
C ILE A 86 15.16 -6.42 5.64
N ARG A 87 14.65 -6.43 4.44
CA ARG A 87 15.45 -6.99 3.32
C ARG A 87 16.35 -5.88 2.78
N HIS A 88 17.46 -6.23 2.20
CA HIS A 88 18.39 -5.20 1.68
C HIS A 88 18.61 -5.35 0.17
N ARG A 89 18.60 -6.56 -0.33
CA ARG A 89 18.85 -6.76 -1.80
C ARG A 89 17.72 -7.55 -2.45
N GLY A 90 16.99 -8.32 -1.70
CA GLY A 90 15.89 -9.11 -2.33
C GLY A 90 14.79 -8.16 -2.82
N LYS A 91 13.83 -7.91 -1.99
CA LYS A 91 12.73 -7.00 -2.40
C LYS A 91 13.29 -5.62 -2.74
N ILE A 92 14.37 -5.22 -2.14
CA ILE A 92 14.91 -3.88 -2.46
C ILE A 92 15.17 -3.78 -3.96
N GLN A 93 15.96 -4.65 -4.54
CA GLN A 93 16.18 -4.54 -5.99
C GLN A 93 14.82 -4.44 -6.67
N ALA A 94 13.84 -5.13 -6.16
CA ALA A 94 12.49 -5.04 -6.78
C ALA A 94 11.95 -3.62 -6.55
N ILE A 95 12.25 -3.04 -5.41
CA ILE A 95 11.75 -1.66 -5.11
C ILE A 95 12.44 -0.62 -6.02
N ILE A 96 13.68 -0.84 -6.36
CA ILE A 96 14.39 0.14 -7.23
C ILE A 96 13.61 0.29 -8.54
N GLY A 97 13.26 -0.80 -9.15
CA GLY A 97 12.51 -0.74 -10.43
C GLY A 97 11.15 -0.06 -10.17
N ASN A 98 10.57 -0.28 -9.03
CA ASN A 98 9.26 0.35 -8.73
C ASN A 98 9.36 1.87 -8.91
N ALA A 99 10.47 2.46 -8.52
CA ALA A 99 10.60 3.93 -8.68
C ALA A 99 10.67 4.27 -10.17
N ARG A 100 11.44 3.53 -10.93
CA ARG A 100 11.54 3.82 -12.39
C ARG A 100 10.18 3.62 -13.06
N ALA A 101 9.43 2.64 -12.63
CA ALA A 101 8.09 2.42 -13.24
C ALA A 101 7.21 3.63 -12.95
N TYR A 102 7.42 4.28 -11.83
CA TYR A 102 6.62 5.47 -11.50
C TYR A 102 6.88 6.51 -12.58
N LEU A 103 8.12 6.66 -12.93
CA LEU A 103 8.48 7.62 -14.01
C LEU A 103 7.82 7.17 -15.32
N GLN A 104 7.68 5.89 -15.51
CA GLN A 104 7.05 5.39 -16.78
C GLN A 104 5.59 5.84 -16.88
N MET A 105 4.85 5.84 -15.80
CA MET A 105 3.43 6.27 -15.89
C MET A 105 3.39 7.75 -16.28
N GLU A 106 4.25 8.51 -15.69
CA GLU A 106 4.29 9.95 -15.98
C GLU A 106 4.60 10.16 -17.46
N GLN A 107 5.46 9.36 -18.01
CA GLN A 107 5.77 9.49 -19.45
C GLN A 107 4.48 9.23 -20.20
N ASN A 108 3.58 8.50 -19.58
CA ASN A 108 2.29 8.24 -20.26
C ASN A 108 1.32 9.37 -19.92
N GLY A 109 1.70 10.19 -18.97
CA GLY A 109 0.81 11.34 -18.60
C GLY A 109 -0.47 10.83 -17.95
N GLU A 110 -0.43 9.69 -17.32
CA GLU A 110 -1.68 9.14 -16.69
C GLU A 110 -1.51 9.04 -15.17
N PRO A 111 -2.09 9.95 -14.41
CA PRO A 111 -1.97 9.91 -12.92
C PRO A 111 -2.34 8.53 -12.36
N PHE A 112 -1.58 8.08 -11.39
CA PHE A 112 -1.88 6.74 -10.78
C PHE A 112 -3.29 6.74 -10.21
N ALA A 113 -3.67 7.81 -9.58
CA ALA A 113 -5.04 7.89 -8.98
C ALA A 113 -6.11 7.88 -10.07
N ASP A 114 -5.80 8.39 -11.23
CA ASP A 114 -6.81 8.45 -12.33
C ASP A 114 -7.25 7.05 -12.78
N PHE A 115 -6.35 6.15 -13.02
CA PHE A 115 -6.77 4.80 -13.50
C PHE A 115 -7.44 4.02 -12.37
N VAL A 116 -6.89 4.06 -11.19
CA VAL A 116 -7.53 3.29 -10.08
C VAL A 116 -8.91 3.86 -9.75
N TRP A 117 -8.98 5.12 -9.46
CA TRP A 117 -10.31 5.71 -9.13
C TRP A 117 -11.25 5.42 -10.29
N SER A 118 -10.71 5.18 -11.47
CA SER A 118 -11.60 4.88 -12.65
C SER A 118 -12.13 3.45 -12.55
N PHE A 119 -11.36 2.54 -12.01
CA PHE A 119 -11.85 1.13 -11.91
C PHE A 119 -13.02 1.08 -10.95
N VAL A 120 -13.02 1.92 -9.96
CA VAL A 120 -14.14 1.92 -8.98
C VAL A 120 -15.15 2.99 -9.38
N ASN A 121 -15.09 3.45 -10.61
CA ASN A 121 -16.04 4.49 -11.07
C ASN A 121 -15.89 5.75 -10.21
N HIS A 122 -14.67 6.16 -9.93
CA HIS A 122 -14.46 7.38 -9.11
C HIS A 122 -15.45 7.38 -7.94
N GLN A 123 -15.93 6.23 -7.57
CA GLN A 123 -16.89 6.14 -6.43
C GLN A 123 -16.37 5.14 -5.39
N PRO A 124 -16.72 5.33 -4.15
CA PRO A 124 -16.28 4.42 -3.05
C PRO A 124 -16.94 3.04 -3.13
N GLN A 125 -16.29 2.03 -2.61
CA GLN A 125 -16.90 0.67 -2.65
C GLN A 125 -17.30 0.27 -1.23
N MET A 126 -18.45 -0.33 -1.07
CA MET A 126 -18.88 -0.72 0.30
C MET A 126 -18.51 -2.19 0.54
N THR A 127 -17.69 -2.45 1.52
CA THR A 127 -17.28 -3.86 1.80
C THR A 127 -18.29 -4.46 2.78
N GLN A 128 -18.91 -5.54 2.41
CA GLN A 128 -19.91 -6.18 3.30
C GLN A 128 -19.25 -7.26 4.16
N ALA A 129 -17.97 -7.17 4.35
CA ALA A 129 -17.26 -8.19 5.18
C ALA A 129 -17.63 -8.00 6.65
N THR A 130 -17.85 -9.07 7.35
CA THR A 130 -18.19 -8.95 8.79
C THR A 130 -16.92 -9.23 9.62
N THR A 131 -15.98 -9.92 9.03
CA THR A 131 -14.72 -10.22 9.77
C THR A 131 -13.53 -10.10 8.81
N LEU A 132 -12.33 -10.02 9.33
CA LEU A 132 -11.15 -9.90 8.43
C LEU A 132 -11.12 -11.11 7.49
N SER A 133 -11.45 -12.28 7.98
CA SER A 133 -11.44 -13.49 7.11
C SER A 133 -12.49 -13.33 6.01
N GLU A 134 -13.55 -12.61 6.30
CA GLU A 134 -14.60 -12.41 5.26
C GLU A 134 -14.16 -11.31 4.31
N ILE A 135 -12.95 -10.83 4.45
CA ILE A 135 -12.47 -9.75 3.56
C ILE A 135 -11.95 -10.38 2.25
N PRO A 136 -12.40 -9.90 1.11
CA PRO A 136 -11.98 -10.46 -0.21
C PRO A 136 -10.53 -10.12 -0.54
N THR A 137 -9.78 -11.07 -1.04
CA THR A 137 -8.36 -10.81 -1.38
C THR A 137 -8.22 -10.71 -2.89
N SER A 138 -9.30 -10.85 -3.61
CA SER A 138 -9.23 -10.75 -5.09
C SER A 138 -10.53 -10.14 -5.60
N THR A 139 -10.57 -8.86 -5.76
CA THR A 139 -11.80 -8.19 -6.26
C THR A 139 -11.56 -7.77 -7.71
N PRO A 140 -12.61 -7.59 -8.47
CA PRO A 140 -12.49 -7.18 -9.89
C PRO A 140 -11.63 -5.93 -10.04
N ALA A 141 -11.79 -4.99 -9.16
CA ALA A 141 -10.98 -3.75 -9.23
C ALA A 141 -9.56 -4.09 -8.78
N SER A 142 -9.43 -4.89 -7.75
CA SER A 142 -8.07 -5.25 -7.27
C SER A 142 -7.38 -6.12 -8.32
N ASP A 143 -8.11 -6.99 -8.96
CA ASP A 143 -7.49 -7.85 -10.01
C ASP A 143 -7.05 -6.95 -11.17
N ALA A 144 -7.86 -5.99 -11.52
CA ALA A 144 -7.48 -5.08 -12.62
C ALA A 144 -6.38 -4.15 -12.11
N LEU A 145 -6.39 -3.87 -10.84
CA LEU A 145 -5.35 -2.97 -10.27
C LEU A 145 -3.98 -3.64 -10.41
N SER A 146 -3.88 -4.89 -10.08
CA SER A 146 -2.56 -5.60 -10.22
C SER A 146 -2.13 -5.61 -11.68
N LYS A 147 -3.07 -5.84 -12.57
CA LYS A 147 -2.74 -5.91 -14.01
C LYS A 147 -2.15 -4.58 -14.51
N ALA A 148 -2.68 -3.47 -14.08
CA ALA A 148 -2.11 -2.17 -14.55
C ALA A 148 -0.74 -1.95 -13.92
N LEU A 149 -0.61 -2.20 -12.66
CA LEU A 149 0.71 -2.01 -12.00
C LEU A 149 1.68 -3.07 -12.53
N LYS A 150 1.20 -4.25 -12.79
CA LYS A 150 2.11 -5.31 -13.30
C LYS A 150 2.71 -4.88 -14.63
N LYS A 151 1.93 -4.29 -15.49
CA LYS A 151 2.47 -3.87 -16.82
C LYS A 151 3.24 -2.56 -16.70
N ARG A 152 3.06 -1.84 -15.63
CA ARG A 152 3.79 -0.55 -15.47
C ARG A 152 5.18 -0.84 -14.90
N GLY A 153 5.51 -2.09 -14.69
CA GLY A 153 6.84 -2.42 -14.13
C GLY A 153 6.79 -2.45 -12.62
N PHE A 154 5.61 -2.58 -12.07
CA PHE A 154 5.52 -2.63 -10.57
C PHE A 154 5.40 -4.08 -10.13
N LYS A 155 6.41 -4.56 -9.45
CA LYS A 155 6.39 -5.97 -8.99
C LYS A 155 5.75 -6.06 -7.61
N PHE A 156 5.57 -7.25 -7.11
CA PHE A 156 4.93 -7.41 -5.77
C PHE A 156 3.58 -6.71 -5.77
N VAL A 157 2.70 -7.13 -6.65
CA VAL A 157 1.35 -6.50 -6.74
C VAL A 157 0.30 -7.61 -6.88
N GLY A 158 0.49 -8.72 -6.23
CA GLY A 158 -0.50 -9.82 -6.34
C GLY A 158 -1.90 -9.30 -6.03
N THR A 159 -2.91 -10.06 -6.36
CA THR A 159 -4.31 -9.60 -6.09
C THR A 159 -4.47 -9.32 -4.59
N THR A 160 -3.75 -10.03 -3.77
CA THR A 160 -3.86 -9.79 -2.32
C THR A 160 -3.27 -8.41 -2.04
N ILE A 161 -2.20 -8.10 -2.72
CA ILE A 161 -1.56 -6.78 -2.53
C ILE A 161 -2.50 -5.69 -3.06
N CYS A 162 -3.07 -5.92 -4.20
CA CYS A 162 -4.00 -4.92 -4.80
C CYS A 162 -5.21 -4.73 -3.90
N TYR A 163 -5.74 -5.79 -3.36
CA TYR A 163 -6.93 -5.65 -2.46
C TYR A 163 -6.52 -4.88 -1.21
N SER A 164 -5.39 -5.21 -0.65
CA SER A 164 -4.93 -4.50 0.58
C SER A 164 -4.72 -3.02 0.27
N PHE A 165 -4.18 -2.71 -0.87
CA PHE A 165 -3.95 -1.27 -1.21
C PHE A 165 -5.29 -0.53 -1.26
N MET A 166 -6.33 -1.15 -1.76
CA MET A 166 -7.65 -0.46 -1.85
C MET A 166 -8.22 -0.16 -0.46
N GLN A 167 -7.99 -1.01 0.51
CA GLN A 167 -8.59 -0.76 1.86
C GLN A 167 -8.03 0.53 2.50
N ALA A 168 -6.75 0.77 2.38
CA ALA A 168 -6.15 1.97 3.01
C ALA A 168 -6.25 3.20 2.10
N CYS A 169 -6.35 3.01 0.82
CA CYS A 169 -6.43 4.18 -0.10
C CYS A 169 -7.74 4.95 0.14
N GLY A 170 -8.74 4.33 0.69
CA GLY A 170 -10.03 5.04 0.90
C GLY A 170 -10.96 4.67 -0.25
N LEU A 171 -10.50 3.81 -1.11
CA LEU A 171 -11.33 3.38 -2.28
C LEU A 171 -12.55 2.59 -1.78
N VAL A 172 -12.43 1.87 -0.70
CA VAL A 172 -13.60 1.09 -0.19
C VAL A 172 -13.83 1.41 1.29
N ASN A 173 -15.06 1.36 1.73
CA ASN A 173 -15.38 1.65 3.16
C ASN A 173 -15.90 0.40 3.86
N ASP A 174 -15.93 0.41 5.17
CA ASP A 174 -16.43 -0.76 5.97
C ASP A 174 -15.28 -1.71 6.29
N HIS A 175 -14.50 -1.42 7.30
CA HIS A 175 -13.38 -2.34 7.66
C HIS A 175 -13.94 -3.75 7.81
N VAL A 176 -15.03 -3.89 8.52
CA VAL A 176 -15.62 -5.25 8.73
C VAL A 176 -17.10 -5.12 9.09
N VAL A 177 -17.77 -4.10 8.62
CA VAL A 177 -19.22 -3.92 8.93
C VAL A 177 -19.44 -3.99 10.45
N GLY A 178 -18.39 -4.12 11.21
CA GLY A 178 -18.56 -4.20 12.69
C GLY A 178 -17.44 -3.43 13.39
N CYS A 179 -16.96 -2.38 12.78
CA CYS A 179 -15.86 -1.59 13.42
C CYS A 179 -16.49 -0.49 14.29
N CYS A 180 -16.35 -0.59 15.57
CA CYS A 180 -16.92 0.43 16.48
C CYS A 180 -16.68 1.82 15.90
N CYS A 181 -15.53 2.03 15.34
CA CYS A 181 -15.19 3.36 14.76
C CYS A 181 -15.96 3.56 13.45
N TYR A 182 -17.07 2.87 13.30
CA TYR A 182 -17.86 3.01 12.06
C TYR A 182 -19.12 3.85 12.33
N PRO A 183 -19.14 5.10 11.93
CA PRO A 183 -20.34 5.98 12.16
C PRO A 183 -21.61 5.37 11.57
N GLY A 184 -22.69 5.42 12.31
CA GLY A 184 -23.98 4.86 11.80
C GLY A 184 -25.13 5.79 12.21
N ASN A 185 -24.88 6.69 13.12
CA ASN A 185 -25.95 7.62 13.56
C ASN A 185 -26.01 8.80 12.59
N LYS A 186 -25.28 8.73 11.51
CA LYS A 186 -25.29 9.86 10.54
C LYS A 186 -26.65 9.92 9.85
N PRO A 187 -27.07 11.10 9.46
CA PRO A 187 -28.39 11.30 8.78
C PRO A 187 -28.72 10.17 7.81
N MET A 1 -20.05 1.00 19.75
CA MET A 1 -19.61 0.05 18.69
C MET A 1 -18.32 -0.64 19.13
N GLU A 2 -17.94 -1.67 18.43
CA GLU A 2 -16.69 -2.39 18.79
C GLU A 2 -15.54 -1.84 17.93
N ARG A 3 -14.32 -2.20 18.25
CA ARG A 3 -13.17 -1.69 17.46
C ARG A 3 -12.59 -2.79 16.57
N CYS A 4 -11.73 -2.41 15.66
CA CYS A 4 -11.13 -3.40 14.73
C CYS A 4 -10.28 -4.42 15.50
N GLY A 5 -10.14 -5.60 14.95
CA GLY A 5 -9.35 -6.67 15.63
C GLY A 5 -7.89 -6.24 15.84
N TRP A 6 -7.27 -5.64 14.85
CA TRP A 6 -5.84 -5.23 15.05
C TRP A 6 -5.80 -3.87 15.73
N VAL A 7 -6.93 -3.28 15.98
CA VAL A 7 -6.93 -1.96 16.68
C VAL A 7 -6.80 -2.23 18.18
N SER A 8 -7.37 -3.29 18.65
CA SER A 8 -7.25 -3.62 20.10
C SER A 8 -5.87 -4.21 20.34
N GLN A 9 -5.05 -4.22 19.32
CA GLN A 9 -3.67 -4.75 19.46
C GLN A 9 -2.73 -3.62 19.86
N ASP A 10 -1.45 -3.77 19.64
CA ASP A 10 -0.50 -2.70 20.02
C ASP A 10 -1.07 -1.35 19.58
N PRO A 11 -0.67 -0.29 20.22
CA PRO A 11 -1.16 1.08 19.89
C PRO A 11 -0.77 1.51 18.48
N LEU A 12 0.17 0.84 17.88
CA LEU A 12 0.60 1.22 16.50
C LEU A 12 -0.60 1.15 15.56
N TYR A 13 -1.44 0.16 15.71
CA TYR A 13 -2.63 0.07 14.82
C TYR A 13 -3.59 1.23 15.12
N ILE A 14 -3.69 1.61 16.36
CA ILE A 14 -4.61 2.71 16.72
C ILE A 14 -4.25 4.00 15.96
N ALA A 15 -2.99 4.35 15.90
CA ALA A 15 -2.62 5.60 15.17
C ALA A 15 -2.91 5.42 13.67
N TYR A 16 -2.43 4.36 13.10
CA TYR A 16 -2.66 4.11 11.65
C TYR A 16 -4.15 3.86 11.38
N HIS A 17 -4.83 3.22 12.29
CA HIS A 17 -6.28 2.92 12.08
C HIS A 17 -7.10 4.20 11.96
N ASP A 18 -6.83 5.20 12.76
CA ASP A 18 -7.64 6.45 12.70
C ASP A 18 -7.01 7.53 11.82
N ASN A 19 -5.85 7.30 11.26
CA ASN A 19 -5.21 8.39 10.44
C ASN A 19 -5.35 8.13 8.93
N GLU A 20 -5.41 6.90 8.48
CA GLU A 20 -5.51 6.69 7.00
C GLU A 20 -6.14 5.33 6.68
N TRP A 21 -6.92 4.76 7.57
CA TRP A 21 -7.53 3.44 7.25
C TRP A 21 -8.97 3.66 6.78
N GLY A 22 -9.14 4.29 5.66
CA GLY A 22 -10.52 4.50 5.12
C GLY A 22 -11.04 5.89 5.48
N VAL A 23 -10.38 6.91 5.00
CA VAL A 23 -10.86 8.29 5.30
C VAL A 23 -10.35 9.30 4.25
N PRO A 24 -9.15 9.14 3.73
CA PRO A 24 -8.58 10.06 2.73
C PRO A 24 -8.74 9.52 1.30
N GLU A 25 -8.86 10.39 0.34
CA GLU A 25 -8.96 9.94 -1.06
C GLU A 25 -7.58 9.47 -1.44
N THR A 26 -7.43 8.78 -2.52
CA THR A 26 -6.07 8.30 -2.88
C THR A 26 -5.45 9.20 -3.93
N ASP A 27 -4.24 9.63 -3.69
CA ASP A 27 -3.52 10.50 -4.68
C ASP A 27 -2.55 9.62 -5.45
N SER A 28 -2.15 10.00 -6.63
CA SER A 28 -1.22 9.14 -7.40
C SER A 28 0.04 8.90 -6.56
N LYS A 29 0.43 9.88 -5.80
CA LYS A 29 1.65 9.74 -4.97
C LYS A 29 1.45 8.71 -3.86
N LYS A 30 0.31 8.69 -3.22
CA LYS A 30 0.09 7.72 -2.11
C LYS A 30 0.14 6.30 -2.64
N LEU A 31 -0.41 6.05 -3.81
CA LEU A 31 -0.39 4.66 -4.34
C LEU A 31 1.06 4.20 -4.52
N PHE A 32 1.95 5.07 -4.91
CA PHE A 32 3.36 4.65 -5.11
C PHE A 32 4.00 4.26 -3.78
N GLU A 33 3.91 5.08 -2.78
CA GLU A 33 4.54 4.75 -1.47
C GLU A 33 3.83 3.55 -0.84
N MET A 34 2.54 3.52 -0.96
CA MET A 34 1.75 2.40 -0.36
C MET A 34 2.14 1.07 -1.02
N ILE A 35 2.13 1.01 -2.32
CA ILE A 35 2.46 -0.27 -3.00
C ILE A 35 3.89 -0.69 -2.66
N CYS A 36 4.74 0.25 -2.38
CA CYS A 36 6.15 -0.12 -2.05
C CYS A 36 6.18 -0.86 -0.71
N LEU A 37 5.49 -0.37 0.27
CA LEU A 37 5.50 -1.05 1.59
C LEU A 37 4.72 -2.37 1.48
N GLU A 38 3.59 -2.35 0.84
CA GLU A 38 2.79 -3.61 0.70
C GLU A 38 3.61 -4.63 -0.09
N GLY A 39 4.41 -4.20 -1.02
CA GLY A 39 5.22 -5.16 -1.81
C GLY A 39 6.07 -6.02 -0.86
N GLN A 40 6.57 -5.42 0.18
CA GLN A 40 7.41 -6.19 1.16
C GLN A 40 6.52 -6.85 2.21
N GLN A 41 5.23 -6.63 2.16
CA GLN A 41 4.33 -7.25 3.17
C GLN A 41 4.01 -8.69 2.76
N ALA A 42 4.53 -9.12 1.65
CA ALA A 42 4.25 -10.52 1.21
C ALA A 42 4.99 -11.50 2.13
N GLY A 43 4.27 -12.26 2.90
CA GLY A 43 4.93 -13.23 3.81
C GLY A 43 5.06 -12.64 5.22
N LEU A 44 5.26 -11.36 5.33
CA LEU A 44 5.41 -10.73 6.68
C LEU A 44 4.12 -10.03 7.08
N SER A 45 3.85 -9.91 8.36
CA SER A 45 2.63 -9.22 8.82
C SER A 45 2.71 -7.75 8.42
N TRP A 46 1.59 -7.10 8.30
CA TRP A 46 1.60 -5.66 7.91
C TRP A 46 2.38 -4.82 8.93
N ILE A 47 2.32 -5.15 10.19
CA ILE A 47 3.06 -4.35 11.21
C ILE A 47 4.57 -4.52 11.03
N THR A 48 5.02 -5.66 10.55
CA THR A 48 6.48 -5.84 10.36
C THR A 48 6.99 -4.77 9.41
N VAL A 49 6.26 -4.49 8.37
CA VAL A 49 6.70 -3.46 7.40
C VAL A 49 6.57 -2.07 8.04
N LEU A 50 5.60 -1.89 8.91
CA LEU A 50 5.44 -0.57 9.57
C LEU A 50 6.75 -0.17 10.24
N LYS A 51 7.32 -1.06 11.01
CA LYS A 51 8.60 -0.71 11.66
C LYS A 51 9.60 -0.37 10.55
N LYS A 52 9.57 -1.15 9.52
CA LYS A 52 10.47 -0.90 8.36
C LYS A 52 10.08 0.43 7.70
N ARG A 53 8.82 0.78 7.75
CA ARG A 53 8.38 2.06 7.12
C ARG A 53 9.22 3.21 7.65
N GLU A 54 9.42 3.26 8.94
CA GLU A 54 10.23 4.37 9.52
C GLU A 54 11.71 4.20 9.11
N ASN A 55 12.17 2.98 9.09
CA ASN A 55 13.59 2.73 8.72
C ASN A 55 13.82 2.91 7.21
N TYR A 56 12.92 2.41 6.40
CA TYR A 56 13.09 2.54 4.92
C TYR A 56 13.13 4.01 4.51
N ARG A 57 12.18 4.79 4.95
CA ARG A 57 12.20 6.23 4.57
C ARG A 57 13.50 6.87 5.05
N ALA A 58 14.03 6.39 6.15
CA ALA A 58 15.30 6.97 6.66
C ALA A 58 16.41 6.85 5.60
N CYS A 59 16.51 5.71 4.96
CA CYS A 59 17.57 5.54 3.92
C CYS A 59 17.19 6.29 2.64
N PHE A 60 15.95 6.19 2.22
CA PHE A 60 15.51 6.89 0.98
C PHE A 60 14.84 8.22 1.37
N HIS A 61 15.10 8.68 2.57
CA HIS A 61 14.47 9.96 3.05
C HIS A 61 14.47 11.04 1.96
N GLN A 62 15.36 10.96 1.01
CA GLN A 62 15.37 12.00 -0.06
C GLN A 62 13.96 12.14 -0.63
N PHE A 63 13.19 11.08 -0.62
CA PHE A 63 11.79 11.15 -1.13
C PHE A 63 11.73 11.63 -2.59
N ASP A 64 12.49 11.03 -3.46
CA ASP A 64 12.44 11.44 -4.89
C ASP A 64 12.55 10.18 -5.76
N PRO A 65 11.47 9.47 -5.95
CA PRO A 65 11.46 8.21 -6.74
C PRO A 65 12.33 8.30 -8.00
N VAL A 66 12.58 9.48 -8.49
CA VAL A 66 13.43 9.61 -9.71
C VAL A 66 14.86 9.15 -9.40
N LYS A 67 15.40 9.55 -8.29
CA LYS A 67 16.79 9.13 -7.94
C LYS A 67 16.80 7.61 -7.71
N VAL A 68 15.72 7.08 -7.19
CA VAL A 68 15.66 5.61 -6.93
C VAL A 68 15.85 4.87 -8.23
N ALA A 69 15.28 5.37 -9.29
CA ALA A 69 15.46 4.72 -10.60
C ALA A 69 16.95 4.80 -10.93
N ALA A 70 17.63 5.71 -10.28
CA ALA A 70 19.09 5.87 -10.51
C ALA A 70 19.85 5.15 -9.40
N MET A 71 19.19 4.82 -8.32
CA MET A 71 19.89 4.09 -7.24
C MET A 71 20.21 2.69 -7.76
N GLN A 72 21.46 2.40 -7.92
CA GLN A 72 21.86 1.07 -8.46
C GLN A 72 22.20 0.14 -7.30
N GLU A 73 22.46 -1.11 -7.58
CA GLU A 73 22.78 -2.07 -6.49
C GLU A 73 23.90 -1.51 -5.62
N GLU A 74 24.79 -0.76 -6.20
CA GLU A 74 25.89 -0.17 -5.38
C GLU A 74 25.29 0.64 -4.24
N ASP A 75 24.32 1.45 -4.54
CA ASP A 75 23.67 2.26 -3.46
C ASP A 75 22.95 1.31 -2.50
N VAL A 76 22.33 0.28 -3.03
CA VAL A 76 21.60 -0.67 -2.14
C VAL A 76 22.57 -1.33 -1.16
N GLU A 77 23.70 -1.79 -1.63
CA GLU A 77 24.66 -2.44 -0.69
C GLU A 77 25.07 -1.42 0.36
N ARG A 78 25.17 -0.18 -0.03
CA ARG A 78 25.54 0.88 0.94
C ARG A 78 24.44 0.98 2.00
N LEU A 79 23.21 1.03 1.57
CA LEU A 79 22.06 1.13 2.51
C LEU A 79 21.87 -0.18 3.28
N VAL A 80 22.11 -1.30 2.66
CA VAL A 80 21.93 -2.58 3.37
C VAL A 80 22.63 -2.47 4.72
N GLN A 81 23.49 -1.51 4.87
CA GLN A 81 24.20 -1.31 6.16
C GLN A 81 23.72 -0.03 6.81
N ASP A 82 23.00 0.80 6.08
CA ASP A 82 22.50 2.05 6.70
C ASP A 82 21.22 1.78 7.49
N ALA A 83 21.29 1.84 8.78
CA ALA A 83 20.09 1.59 9.61
C ALA A 83 19.81 0.08 9.65
N GLY A 84 20.38 -0.64 8.75
CA GLY A 84 20.16 -2.12 8.73
C GLY A 84 18.80 -2.43 8.10
N ILE A 85 18.41 -1.70 7.09
CA ILE A 85 17.09 -1.99 6.44
C ILE A 85 17.02 -3.49 6.18
N ILE A 86 15.90 -3.98 5.69
CA ILE A 86 15.83 -5.44 5.44
C ILE A 86 16.94 -5.80 4.45
N ARG A 87 18.04 -6.24 4.97
CA ARG A 87 19.18 -6.60 4.10
C ARG A 87 18.73 -7.62 3.06
N HIS A 88 18.92 -7.33 1.81
CA HIS A 88 18.50 -8.26 0.74
C HIS A 88 18.57 -7.54 -0.60
N ARG A 89 19.73 -7.40 -1.14
CA ARG A 89 19.87 -6.70 -2.44
C ARG A 89 18.86 -7.27 -3.43
N GLY A 90 18.56 -8.52 -3.30
CA GLY A 90 17.58 -9.15 -4.24
C GLY A 90 16.20 -8.48 -4.11
N LYS A 91 15.56 -8.62 -2.98
CA LYS A 91 14.23 -7.99 -2.81
C LYS A 91 14.35 -6.47 -2.98
N ILE A 92 15.39 -5.90 -2.46
CA ILE A 92 15.56 -4.43 -2.59
C ILE A 92 15.64 -4.07 -4.08
N GLN A 93 16.32 -4.86 -4.87
CA GLN A 93 16.38 -4.56 -6.33
C GLN A 93 14.96 -4.45 -6.87
N ALA A 94 14.05 -5.25 -6.37
CA ALA A 94 12.65 -5.16 -6.86
C ALA A 94 12.12 -3.76 -6.56
N ILE A 95 12.48 -3.22 -5.42
CA ILE A 95 12.00 -1.86 -5.06
C ILE A 95 12.51 -0.84 -6.09
N ILE A 96 13.76 -0.96 -6.48
CA ILE A 96 14.33 -0.01 -7.46
C ILE A 96 13.53 -0.06 -8.76
N GLY A 97 13.21 -1.24 -9.20
CA GLY A 97 12.42 -1.37 -10.46
C GLY A 97 11.08 -0.66 -10.28
N ASN A 98 10.50 -0.73 -9.11
CA ASN A 98 9.20 -0.06 -8.88
C ASN A 98 9.33 1.44 -9.14
N ALA A 99 10.44 2.02 -8.80
CA ALA A 99 10.61 3.48 -9.05
C ALA A 99 10.62 3.75 -10.55
N ARG A 100 11.34 2.96 -11.30
CA ARG A 100 11.38 3.15 -12.77
C ARG A 100 9.98 2.95 -13.36
N ALA A 101 9.23 2.04 -12.80
CA ALA A 101 7.86 1.81 -13.32
C ALA A 101 7.01 3.07 -13.09
N TYR A 102 7.24 3.74 -12.00
CA TYR A 102 6.48 4.99 -11.72
C TYR A 102 6.75 5.96 -12.85
N LEU A 103 7.99 6.05 -13.23
CA LEU A 103 8.34 6.95 -14.34
C LEU A 103 7.60 6.49 -15.60
N GLN A 104 7.25 5.22 -15.66
CA GLN A 104 6.53 4.72 -16.87
C GLN A 104 5.14 5.35 -16.94
N MET A 105 4.46 5.45 -15.83
CA MET A 105 3.10 6.06 -15.85
C MET A 105 3.22 7.52 -16.22
N GLU A 106 4.21 8.18 -15.71
CA GLU A 106 4.41 9.61 -16.02
C GLU A 106 4.87 9.75 -17.47
N GLN A 107 5.73 8.87 -17.90
CA GLN A 107 6.18 8.93 -19.32
C GLN A 107 4.93 8.76 -20.17
N ASN A 108 3.94 8.15 -19.60
CA ASN A 108 2.67 7.96 -20.36
C ASN A 108 1.73 9.12 -20.02
N GLY A 109 2.10 9.90 -19.03
CA GLY A 109 1.24 11.07 -18.65
C GLY A 109 -0.06 10.55 -18.03
N GLU A 110 -0.06 9.37 -17.48
CA GLU A 110 -1.30 8.81 -16.87
C GLU A 110 -1.06 8.58 -15.37
N PRO A 111 -1.56 9.46 -14.52
CA PRO A 111 -1.39 9.33 -13.05
C PRO A 111 -1.94 7.99 -12.51
N PHE A 112 -1.33 7.47 -11.49
CA PHE A 112 -1.80 6.17 -10.92
C PHE A 112 -3.25 6.30 -10.41
N ALA A 113 -3.57 7.41 -9.82
CA ALA A 113 -4.93 7.60 -9.26
C ALA A 113 -6.01 7.60 -10.36
N ASP A 114 -5.70 8.06 -11.53
CA ASP A 114 -6.73 8.11 -12.61
C ASP A 114 -7.21 6.71 -13.03
N PHE A 115 -6.31 5.80 -13.25
CA PHE A 115 -6.74 4.43 -13.69
C PHE A 115 -7.39 3.66 -12.53
N VAL A 116 -6.81 3.70 -11.36
CA VAL A 116 -7.42 2.95 -10.24
C VAL A 116 -8.81 3.49 -9.91
N TRP A 117 -8.92 4.76 -9.68
CA TRP A 117 -10.26 5.33 -9.39
C TRP A 117 -11.18 4.92 -10.53
N SER A 118 -10.64 4.70 -11.69
CA SER A 118 -11.48 4.28 -12.85
C SER A 118 -11.86 2.81 -12.72
N PHE A 119 -10.98 2.00 -12.20
CA PHE A 119 -11.28 0.55 -12.04
C PHE A 119 -12.48 0.36 -11.12
N VAL A 120 -12.64 1.24 -10.17
CA VAL A 120 -13.80 1.11 -9.25
C VAL A 120 -14.92 2.04 -9.74
N ASN A 121 -14.84 2.45 -10.97
CA ASN A 121 -15.89 3.34 -11.55
C ASN A 121 -15.92 4.68 -10.81
N HIS A 122 -14.78 5.15 -10.35
CA HIS A 122 -14.73 6.46 -9.64
C HIS A 122 -15.77 6.51 -8.52
N GLN A 123 -16.11 5.39 -7.92
CA GLN A 123 -17.12 5.40 -6.82
C GLN A 123 -16.63 4.52 -5.66
N PRO A 124 -16.88 4.92 -4.44
CA PRO A 124 -16.46 4.13 -3.24
C PRO A 124 -17.33 2.88 -3.05
N GLN A 125 -16.78 1.82 -2.53
CA GLN A 125 -17.59 0.58 -2.34
C GLN A 125 -17.63 0.20 -0.86
N MET A 126 -18.80 0.03 -0.31
CA MET A 126 -18.91 -0.35 1.12
C MET A 126 -19.23 -1.86 1.21
N THR A 127 -18.34 -2.64 1.76
CA THR A 127 -18.60 -4.11 1.86
C THR A 127 -19.33 -4.40 3.18
N GLN A 128 -20.22 -5.36 3.17
CA GLN A 128 -20.99 -5.67 4.41
C GLN A 128 -20.36 -6.82 5.19
N ALA A 129 -19.07 -7.01 5.10
CA ALA A 129 -18.43 -8.11 5.86
C ALA A 129 -18.52 -7.78 7.35
N THR A 130 -18.89 -8.72 8.18
CA THR A 130 -18.99 -8.42 9.64
C THR A 130 -17.71 -8.86 10.36
N THR A 131 -16.96 -9.76 9.79
CA THR A 131 -15.70 -10.22 10.45
C THR A 131 -14.54 -10.14 9.47
N LEU A 132 -13.34 -10.16 9.96
CA LEU A 132 -12.16 -10.08 9.07
C LEU A 132 -12.18 -11.28 8.11
N SER A 133 -12.61 -12.42 8.58
CA SER A 133 -12.65 -13.62 7.69
C SER A 133 -13.72 -13.43 6.61
N GLU A 134 -14.75 -12.69 6.90
CA GLU A 134 -15.82 -12.48 5.88
C GLU A 134 -15.42 -11.35 4.93
N ILE A 135 -14.22 -10.85 5.06
CA ILE A 135 -13.78 -9.74 4.17
C ILE A 135 -13.20 -10.33 2.87
N PRO A 136 -13.44 -9.68 1.75
CA PRO A 136 -12.94 -10.16 0.42
C PRO A 136 -11.43 -9.91 0.24
N THR A 137 -10.76 -10.80 -0.45
CA THR A 137 -9.31 -10.63 -0.69
C THR A 137 -9.06 -10.64 -2.19
N SER A 138 -10.10 -10.76 -2.96
CA SER A 138 -9.95 -10.77 -4.43
C SER A 138 -11.16 -10.11 -5.07
N THR A 139 -11.08 -8.83 -5.35
CA THR A 139 -12.23 -8.13 -5.96
C THR A 139 -11.91 -7.87 -7.44
N PRO A 140 -12.92 -7.76 -8.25
CA PRO A 140 -12.72 -7.52 -9.71
C PRO A 140 -11.85 -6.29 -9.94
N ALA A 141 -12.02 -5.27 -9.14
CA ALA A 141 -11.18 -4.06 -9.30
C ALA A 141 -9.78 -4.36 -8.77
N SER A 142 -9.69 -5.04 -7.65
CA SER A 142 -8.36 -5.36 -7.08
C SER A 142 -7.59 -6.28 -8.04
N ASP A 143 -8.25 -7.25 -8.60
CA ASP A 143 -7.54 -8.17 -9.54
C ASP A 143 -7.00 -7.36 -10.71
N ALA A 144 -7.76 -6.42 -11.19
CA ALA A 144 -7.29 -5.60 -12.33
C ALA A 144 -6.10 -4.73 -11.89
N LEU A 145 -6.11 -4.27 -10.66
CA LEU A 145 -4.97 -3.43 -10.18
C LEU A 145 -3.67 -4.22 -10.29
N SER A 146 -3.67 -5.43 -9.83
CA SER A 146 -2.42 -6.24 -9.91
C SER A 146 -2.06 -6.47 -11.37
N LYS A 147 -3.03 -6.79 -12.18
CA LYS A 147 -2.76 -7.03 -13.61
C LYS A 147 -2.26 -5.75 -14.27
N ALA A 148 -2.88 -4.64 -13.98
CA ALA A 148 -2.42 -3.36 -14.59
C ALA A 148 -1.10 -2.94 -13.96
N LEU A 149 -0.99 -3.04 -12.66
CA LEU A 149 0.26 -2.65 -11.98
C LEU A 149 1.39 -3.59 -12.40
N LYS A 150 1.11 -4.86 -12.54
CA LYS A 150 2.18 -5.81 -12.93
C LYS A 150 2.72 -5.42 -14.31
N LYS A 151 1.86 -5.03 -15.20
CA LYS A 151 2.34 -4.65 -16.57
C LYS A 151 3.23 -3.41 -16.48
N ARG A 152 2.99 -2.55 -15.54
CA ARG A 152 3.83 -1.32 -15.43
C ARG A 152 5.21 -1.73 -14.89
N GLY A 153 5.41 -3.00 -14.65
CA GLY A 153 6.72 -3.46 -14.13
C GLY A 153 6.74 -3.43 -12.61
N PHE A 154 5.60 -3.56 -11.99
CA PHE A 154 5.60 -3.54 -10.50
C PHE A 154 5.59 -4.98 -9.97
N LYS A 155 6.65 -5.39 -9.35
CA LYS A 155 6.71 -6.77 -8.79
C LYS A 155 6.22 -6.73 -7.34
N PHE A 156 5.99 -7.87 -6.74
CA PHE A 156 5.49 -7.87 -5.33
C PHE A 156 4.21 -7.05 -5.26
N VAL A 157 3.20 -7.50 -5.94
CA VAL A 157 1.91 -6.77 -5.96
C VAL A 157 0.78 -7.77 -6.23
N GLY A 158 0.86 -8.92 -5.61
CA GLY A 158 -0.19 -9.97 -5.82
C GLY A 158 -1.58 -9.40 -5.55
N THR A 159 -2.59 -10.23 -5.60
CA THR A 159 -3.98 -9.75 -5.35
C THR A 159 -4.14 -9.31 -3.91
N THR A 160 -3.37 -9.85 -3.00
CA THR A 160 -3.50 -9.42 -1.58
C THR A 160 -2.96 -8.01 -1.47
N ILE A 161 -1.95 -7.71 -2.23
CA ILE A 161 -1.36 -6.35 -2.19
C ILE A 161 -2.35 -5.36 -2.81
N CYS A 162 -2.93 -5.71 -3.92
CA CYS A 162 -3.91 -4.81 -4.58
C CYS A 162 -5.14 -4.64 -3.69
N TYR A 163 -5.52 -5.67 -3.00
CA TYR A 163 -6.73 -5.59 -2.12
C TYR A 163 -6.45 -4.69 -0.91
N SER A 164 -5.33 -4.85 -0.26
CA SER A 164 -5.03 -4.00 0.93
C SER A 164 -4.93 -2.54 0.47
N PHE A 165 -4.48 -2.32 -0.72
CA PHE A 165 -4.35 -0.94 -1.25
C PHE A 165 -5.72 -0.26 -1.32
N MET A 166 -6.69 -0.92 -1.90
CA MET A 166 -8.04 -0.30 -2.02
C MET A 166 -8.65 -0.02 -0.64
N GLN A 167 -8.49 -0.92 0.29
CA GLN A 167 -9.10 -0.69 1.65
C GLN A 167 -8.31 0.36 2.45
N ALA A 168 -7.02 0.33 2.40
CA ALA A 168 -6.20 1.29 3.22
C ALA A 168 -6.26 2.72 2.67
N CYS A 169 -6.13 2.90 1.38
CA CYS A 169 -6.13 4.30 0.83
C CYS A 169 -7.49 4.98 1.02
N GLY A 170 -8.58 4.35 0.67
CA GLY A 170 -9.89 5.03 0.86
C GLY A 170 -10.85 4.66 -0.29
N LEU A 171 -10.40 3.90 -1.25
CA LEU A 171 -11.29 3.53 -2.39
C LEU A 171 -12.52 2.77 -1.86
N VAL A 172 -12.35 1.97 -0.85
CA VAL A 172 -13.53 1.22 -0.30
C VAL A 172 -13.48 1.18 1.21
N ASN A 173 -14.61 1.33 1.85
CA ASN A 173 -14.65 1.29 3.35
C ASN A 173 -15.35 0.01 3.80
N ASP A 174 -14.70 -0.79 4.61
CA ASP A 174 -15.33 -2.05 5.06
C ASP A 174 -14.42 -2.84 6.00
N HIS A 175 -13.94 -2.25 7.05
CA HIS A 175 -13.04 -3.04 7.95
C HIS A 175 -13.80 -4.27 8.44
N VAL A 176 -15.02 -4.08 8.86
CA VAL A 176 -15.84 -5.23 9.37
C VAL A 176 -17.26 -4.73 9.67
N VAL A 177 -17.62 -3.59 9.13
CA VAL A 177 -18.99 -3.02 9.37
C VAL A 177 -19.19 -2.71 10.86
N GLY A 178 -18.74 -3.57 11.73
CA GLY A 178 -18.92 -3.32 13.19
C GLY A 178 -17.83 -2.37 13.69
N CYS A 179 -17.02 -1.86 12.80
CA CYS A 179 -15.94 -0.94 13.24
C CYS A 179 -16.54 0.40 13.68
N CYS A 180 -16.10 0.91 14.80
CA CYS A 180 -16.65 2.21 15.30
C CYS A 180 -16.56 3.27 14.20
N CYS A 181 -15.50 3.26 13.45
CA CYS A 181 -15.34 4.27 12.36
C CYS A 181 -16.46 4.11 11.33
N TYR A 182 -17.11 2.98 11.29
CA TYR A 182 -18.20 2.76 10.31
C TYR A 182 -19.32 3.79 10.54
N PRO A 183 -19.84 4.40 9.48
CA PRO A 183 -20.93 5.40 9.58
C PRO A 183 -22.28 4.76 9.91
N GLY A 184 -23.29 5.55 10.17
CA GLY A 184 -24.63 4.98 10.49
C GLY A 184 -24.84 5.02 12.01
N ASN A 185 -23.88 5.53 12.73
CA ASN A 185 -24.03 5.61 14.22
C ASN A 185 -24.72 6.92 14.58
N LYS A 186 -24.03 8.02 14.40
CA LYS A 186 -24.62 9.35 14.73
C LYS A 186 -24.72 10.19 13.46
N PRO A 187 -25.72 9.97 12.66
CA PRO A 187 -25.91 10.73 11.38
C PRO A 187 -26.57 12.09 11.61
N MET A 1 -17.42 3.84 18.03
CA MET A 1 -18.02 2.55 18.47
C MET A 1 -16.90 1.58 18.83
N GLU A 2 -16.95 0.38 18.31
CA GLU A 2 -15.87 -0.61 18.61
C GLU A 2 -14.89 -0.63 17.45
N ARG A 3 -13.63 -0.73 17.75
CA ARG A 3 -12.61 -0.78 16.66
C ARG A 3 -12.77 -2.05 15.86
N CYS A 4 -12.34 -2.04 14.63
CA CYS A 4 -12.49 -3.25 13.79
C CYS A 4 -11.69 -4.40 14.41
N GLY A 5 -12.19 -5.61 14.27
CA GLY A 5 -11.49 -6.79 14.86
C GLY A 5 -10.03 -6.81 14.42
N TRP A 6 -9.72 -6.21 13.31
CA TRP A 6 -8.30 -6.22 12.83
C TRP A 6 -7.50 -5.15 13.56
N VAL A 7 -8.06 -4.54 14.57
CA VAL A 7 -7.33 -3.47 15.30
C VAL A 7 -7.31 -3.76 16.81
N SER A 8 -8.27 -4.49 17.30
CA SER A 8 -8.30 -4.78 18.76
C SER A 8 -7.34 -5.93 19.10
N GLN A 9 -6.57 -6.38 18.13
CA GLN A 9 -5.64 -7.51 18.40
C GLN A 9 -4.31 -6.99 18.96
N ASP A 10 -3.62 -6.16 18.22
CA ASP A 10 -2.31 -5.65 18.72
C ASP A 10 -2.40 -4.15 19.04
N PRO A 11 -1.54 -3.67 19.90
CA PRO A 11 -1.52 -2.23 20.31
C PRO A 11 -1.02 -1.29 19.21
N LEU A 12 -0.05 -1.71 18.43
CA LEU A 12 0.47 -0.84 17.36
C LEU A 12 -0.62 -0.52 16.33
N TYR A 13 -1.49 -1.45 16.07
CA TYR A 13 -2.57 -1.19 15.08
C TYR A 13 -3.37 0.05 15.50
N ILE A 14 -3.57 0.24 16.78
CA ILE A 14 -4.33 1.43 17.23
C ILE A 14 -3.73 2.69 16.61
N ALA A 15 -2.43 2.81 16.61
CA ALA A 15 -1.80 4.02 16.01
C ALA A 15 -2.03 4.04 14.49
N TYR A 16 -1.77 2.94 13.84
CA TYR A 16 -1.98 2.88 12.36
C TYR A 16 -3.45 3.10 12.04
N HIS A 17 -4.32 2.47 12.78
CA HIS A 17 -5.77 2.61 12.49
C HIS A 17 -6.26 4.05 12.72
N ASP A 18 -5.84 4.65 13.79
CA ASP A 18 -6.30 6.03 14.10
C ASP A 18 -5.68 7.07 13.17
N ASN A 19 -4.64 6.72 12.44
CA ASN A 19 -4.01 7.72 11.53
C ASN A 19 -4.92 7.95 10.31
N GLU A 20 -5.02 6.98 9.46
CA GLU A 20 -5.86 7.14 8.25
C GLU A 20 -5.88 5.81 7.49
N TRP A 21 -6.32 4.76 8.13
CA TRP A 21 -6.36 3.45 7.46
C TRP A 21 -7.76 3.21 6.89
N GLY A 22 -8.12 3.94 5.89
CA GLY A 22 -9.45 3.76 5.26
C GLY A 22 -10.17 5.10 5.16
N VAL A 23 -9.57 6.13 5.67
CA VAL A 23 -10.21 7.47 5.63
C VAL A 23 -9.53 8.39 4.59
N PRO A 24 -8.33 8.09 4.12
CA PRO A 24 -7.65 8.95 3.12
C PRO A 24 -8.04 8.60 1.67
N GLU A 25 -7.99 9.56 0.80
CA GLU A 25 -8.30 9.32 -0.62
C GLU A 25 -7.00 8.91 -1.29
N THR A 26 -7.04 8.45 -2.50
CA THR A 26 -5.78 8.02 -3.14
C THR A 26 -5.11 9.17 -3.90
N ASP A 27 -3.91 9.51 -3.51
CA ASP A 27 -3.17 10.61 -4.20
C ASP A 27 -2.08 9.99 -5.07
N SER A 28 -1.67 10.65 -6.10
CA SER A 28 -0.61 10.07 -6.99
C SER A 28 0.67 9.86 -6.19
N LYS A 29 0.95 10.76 -5.28
CA LYS A 29 2.21 10.66 -4.49
C LYS A 29 2.10 9.53 -3.45
N LYS A 30 1.05 9.52 -2.67
CA LYS A 30 0.92 8.45 -1.64
C LYS A 30 0.80 7.10 -2.36
N LEU A 31 0.33 7.12 -3.58
CA LEU A 31 0.20 5.86 -4.34
C LEU A 31 1.57 5.20 -4.47
N PHE A 32 2.57 5.97 -4.78
CA PHE A 32 3.94 5.39 -4.93
C PHE A 32 4.49 4.92 -3.59
N GLU A 33 4.39 5.71 -2.55
CA GLU A 33 4.94 5.25 -1.25
C GLU A 33 4.12 4.09 -0.71
N MET A 34 2.84 4.10 -0.93
CA MET A 34 1.99 2.99 -0.41
C MET A 34 2.29 1.67 -1.15
N ILE A 35 2.42 1.72 -2.44
CA ILE A 35 2.68 0.47 -3.19
C ILE A 35 4.03 -0.11 -2.77
N CYS A 36 4.96 0.71 -2.37
CA CYS A 36 6.29 0.19 -1.94
C CYS A 36 6.18 -0.54 -0.60
N LEU A 37 5.57 0.06 0.37
CA LEU A 37 5.44 -0.61 1.70
C LEU A 37 4.55 -1.85 1.56
N GLU A 38 3.47 -1.73 0.83
CA GLU A 38 2.56 -2.89 0.67
C GLU A 38 3.27 -3.99 -0.13
N GLY A 39 4.05 -3.64 -1.11
CA GLY A 39 4.76 -4.69 -1.91
C GLY A 39 5.61 -5.56 -0.98
N GLN A 40 6.21 -4.95 0.02
CA GLN A 40 7.07 -5.74 0.96
C GLN A 40 6.21 -6.43 2.02
N GLN A 41 4.95 -6.13 2.07
CA GLN A 41 4.07 -6.76 3.10
C GLN A 41 3.48 -8.08 2.57
N ALA A 42 3.86 -8.49 1.40
CA ALA A 42 3.30 -9.76 0.85
C ALA A 42 3.73 -10.95 1.72
N GLY A 43 2.77 -11.64 2.29
CA GLY A 43 3.10 -12.82 3.14
C GLY A 43 3.46 -12.37 4.56
N LEU A 44 3.45 -11.08 4.81
CA LEU A 44 3.79 -10.59 6.18
C LEU A 44 2.53 -10.09 6.89
N SER A 45 2.60 -9.95 8.19
CA SER A 45 1.41 -9.48 8.96
C SER A 45 1.31 -7.95 8.86
N TRP A 46 1.90 -7.38 7.84
CA TRP A 46 1.86 -5.89 7.66
C TRP A 46 2.56 -5.21 8.84
N ILE A 47 2.38 -5.71 10.03
CA ILE A 47 3.07 -5.08 11.19
C ILE A 47 4.58 -5.21 10.96
N THR A 48 5.02 -6.30 10.38
CA THR A 48 6.47 -6.46 10.12
C THR A 48 6.94 -5.30 9.24
N VAL A 49 6.19 -4.99 8.22
CA VAL A 49 6.57 -3.87 7.32
C VAL A 49 6.44 -2.55 8.07
N LEU A 50 5.44 -2.43 8.92
CA LEU A 50 5.27 -1.16 9.68
C LEU A 50 6.58 -0.85 10.43
N LYS A 51 7.11 -1.80 11.12
CA LYS A 51 8.39 -1.56 11.84
C LYS A 51 9.41 -1.17 10.79
N LYS A 52 9.40 -1.87 9.70
CA LYS A 52 10.34 -1.57 8.58
C LYS A 52 10.06 -0.15 8.07
N ARG A 53 8.83 0.27 8.12
CA ARG A 53 8.51 1.63 7.61
C ARG A 53 9.40 2.65 8.29
N GLU A 54 9.56 2.57 9.58
CA GLU A 54 10.46 3.54 10.26
C GLU A 54 11.90 3.31 9.79
N ASN A 55 12.29 2.07 9.72
CA ASN A 55 13.67 1.75 9.25
C ASN A 55 13.84 2.20 7.79
N TYR A 56 12.82 2.03 6.99
CA TYR A 56 12.91 2.44 5.57
C TYR A 56 13.29 3.92 5.49
N ARG A 57 12.69 4.74 6.32
CA ARG A 57 13.04 6.19 6.31
C ARG A 57 14.53 6.33 6.62
N ALA A 58 15.05 5.49 7.47
CA ALA A 58 16.50 5.60 7.81
C ALA A 58 17.37 5.36 6.57
N CYS A 59 17.05 4.37 5.79
CA CYS A 59 17.88 4.08 4.58
C CYS A 59 17.55 5.05 3.43
N PHE A 60 16.29 5.28 3.16
CA PHE A 60 15.93 6.20 2.05
C PHE A 60 15.68 7.61 2.61
N HIS A 61 14.92 7.70 3.66
CA HIS A 61 14.60 9.01 4.28
C HIS A 61 13.83 9.89 3.28
N GLN A 62 14.35 10.04 2.09
CA GLN A 62 13.65 10.89 1.08
C GLN A 62 12.54 10.06 0.42
N PHE A 63 12.77 8.79 0.22
CA PHE A 63 11.75 7.92 -0.41
C PHE A 63 11.05 8.64 -1.57
N ASP A 64 11.68 9.60 -2.19
CA ASP A 64 11.01 10.28 -3.32
C ASP A 64 11.13 9.40 -4.56
N PRO A 65 10.21 9.50 -5.48
CA PRO A 65 10.20 8.68 -6.73
C PRO A 65 11.41 8.90 -7.64
N VAL A 66 11.83 10.13 -7.83
CA VAL A 66 12.99 10.36 -8.72
C VAL A 66 14.28 9.99 -8.00
N LYS A 67 14.37 10.28 -6.73
CA LYS A 67 15.62 9.94 -5.97
C LYS A 67 15.76 8.42 -5.96
N VAL A 68 14.68 7.73 -5.73
CA VAL A 68 14.73 6.24 -5.69
C VAL A 68 15.10 5.72 -7.08
N ALA A 69 14.60 6.34 -8.10
CA ALA A 69 14.94 5.88 -9.48
C ALA A 69 16.42 6.18 -9.71
N ALA A 70 16.99 7.01 -8.88
CA ALA A 70 18.44 7.34 -9.04
C ALA A 70 19.26 6.38 -8.20
N MET A 71 18.60 5.60 -7.38
CA MET A 71 19.35 4.62 -6.55
C MET A 71 19.60 3.38 -7.42
N GLN A 72 20.84 3.10 -7.70
CA GLN A 72 21.16 1.92 -8.56
C GLN A 72 21.46 0.69 -7.68
N GLU A 73 21.50 -0.48 -8.26
CA GLU A 73 21.77 -1.69 -7.45
C GLU A 73 23.04 -1.50 -6.62
N GLU A 74 24.00 -0.76 -7.11
CA GLU A 74 25.23 -0.56 -6.30
C GLU A 74 24.80 -0.01 -4.94
N ASP A 75 23.86 0.89 -4.95
CA ASP A 75 23.36 1.48 -3.68
C ASP A 75 22.74 0.36 -2.84
N VAL A 76 22.06 -0.55 -3.47
CA VAL A 76 21.44 -1.66 -2.71
C VAL A 76 22.54 -2.49 -2.04
N GLU A 77 23.63 -2.70 -2.70
CA GLU A 77 24.73 -3.51 -2.10
C GLU A 77 25.24 -2.85 -0.82
N ARG A 78 25.37 -1.55 -0.82
CA ARG A 78 25.86 -0.87 0.41
C ARG A 78 24.73 -0.81 1.45
N LEU A 79 23.51 -0.69 0.99
CA LEU A 79 22.36 -0.62 1.94
C LEU A 79 22.19 -1.93 2.71
N VAL A 80 22.48 -3.05 2.11
CA VAL A 80 22.31 -4.34 2.85
C VAL A 80 23.06 -4.26 4.17
N GLN A 81 23.99 -3.32 4.29
CA GLN A 81 24.75 -3.18 5.55
C GLN A 81 24.54 -1.80 6.15
N ASP A 82 23.80 -0.94 5.49
CA ASP A 82 23.60 0.41 6.08
C ASP A 82 22.50 0.35 7.13
N ALA A 83 22.86 0.46 8.37
CA ALA A 83 21.84 0.41 9.46
C ALA A 83 21.34 -1.03 9.63
N GLY A 84 21.68 -1.90 8.71
CA GLY A 84 21.22 -3.31 8.82
C GLY A 84 19.72 -3.38 8.50
N ILE A 85 19.28 -2.56 7.59
CA ILE A 85 17.83 -2.55 7.23
C ILE A 85 17.37 -3.96 6.87
N ILE A 86 16.12 -4.09 6.48
CA ILE A 86 15.62 -5.44 6.10
C ILE A 86 16.49 -5.99 4.99
N ARG A 87 17.54 -6.68 5.34
CA ARG A 87 18.46 -7.24 4.31
C ARG A 87 17.65 -8.04 3.29
N HIS A 88 17.94 -7.82 2.03
CA HIS A 88 17.22 -8.54 0.94
C HIS A 88 17.50 -7.80 -0.37
N ARG A 89 18.75 -7.63 -0.72
CA ARG A 89 19.07 -6.90 -1.97
C ARG A 89 18.15 -7.32 -3.10
N GLY A 90 17.71 -8.54 -3.11
CA GLY A 90 16.79 -8.98 -4.18
C GLY A 90 15.51 -8.14 -4.17
N LYS A 91 14.76 -8.19 -3.11
CA LYS A 91 13.51 -7.38 -3.04
C LYS A 91 13.83 -5.89 -3.10
N ILE A 92 14.89 -5.48 -2.46
CA ILE A 92 15.23 -4.02 -2.49
C ILE A 92 15.44 -3.58 -3.95
N GLN A 93 16.18 -4.33 -4.71
CA GLN A 93 16.39 -3.93 -6.13
C GLN A 93 15.02 -3.76 -6.79
N ALA A 94 14.06 -4.55 -6.38
CA ALA A 94 12.70 -4.42 -6.97
C ALA A 94 12.15 -3.04 -6.64
N ILE A 95 12.41 -2.56 -5.45
CA ILE A 95 11.91 -1.20 -5.07
C ILE A 95 12.41 -0.17 -6.08
N ILE A 96 13.68 -0.22 -6.38
CA ILE A 96 14.25 0.75 -7.34
C ILE A 96 13.55 0.62 -8.69
N GLY A 97 13.35 -0.58 -9.16
CA GLY A 97 12.67 -0.78 -10.47
C GLY A 97 11.30 -0.10 -10.41
N ASN A 98 10.63 -0.21 -9.30
CA ASN A 98 9.29 0.42 -9.17
C ASN A 98 9.41 1.93 -9.39
N ALA A 99 10.49 2.52 -8.95
CA ALA A 99 10.65 3.99 -9.14
C ALA A 99 10.75 4.33 -10.62
N ARG A 100 11.54 3.61 -11.37
CA ARG A 100 11.64 3.90 -12.83
C ARG A 100 10.25 3.85 -13.44
N ALA A 101 9.46 2.88 -13.05
CA ALA A 101 8.08 2.78 -13.61
C ALA A 101 7.28 4.03 -13.22
N TYR A 102 7.58 4.61 -12.10
CA TYR A 102 6.85 5.84 -11.70
C TYR A 102 7.15 6.90 -12.74
N LEU A 103 8.39 6.99 -13.12
CA LEU A 103 8.79 7.96 -14.16
C LEU A 103 8.12 7.57 -15.47
N GLN A 104 7.91 6.30 -15.69
CA GLN A 104 7.25 5.85 -16.96
C GLN A 104 5.82 6.38 -17.03
N MET A 105 5.10 6.36 -15.94
CA MET A 105 3.71 6.87 -15.96
C MET A 105 3.73 8.38 -16.20
N GLU A 106 4.69 9.05 -15.63
CA GLU A 106 4.78 10.52 -15.82
C GLU A 106 5.05 10.81 -17.29
N GLN A 107 5.91 10.05 -17.89
CA GLN A 107 6.20 10.25 -19.33
C GLN A 107 4.91 9.98 -20.08
N ASN A 108 4.04 9.22 -19.46
CA ASN A 108 2.74 8.92 -20.12
C ASN A 108 1.73 9.96 -19.65
N GLY A 109 2.07 10.70 -18.64
CA GLY A 109 1.14 11.74 -18.13
C GLY A 109 -0.06 11.09 -17.44
N GLU A 110 0.10 9.90 -16.91
CA GLU A 110 -1.04 9.22 -16.24
C GLU A 110 -0.71 9.00 -14.75
N PRO A 111 -1.23 9.84 -13.88
CA PRO A 111 -1.00 9.70 -12.41
C PRO A 111 -1.51 8.36 -11.87
N PHE A 112 -0.89 7.85 -10.83
CA PHE A 112 -1.32 6.54 -10.26
C PHE A 112 -2.75 6.63 -9.70
N ALA A 113 -3.07 7.72 -9.06
CA ALA A 113 -4.44 7.84 -8.46
C ALA A 113 -5.51 7.89 -9.55
N ASP A 114 -5.21 8.47 -10.68
CA ASP A 114 -6.23 8.58 -11.78
C ASP A 114 -6.68 7.22 -12.30
N PHE A 115 -5.77 6.32 -12.59
CA PHE A 115 -6.21 5.01 -13.15
C PHE A 115 -6.88 4.16 -12.07
N VAL A 116 -6.33 4.10 -10.89
CA VAL A 116 -6.98 3.27 -9.84
C VAL A 116 -8.37 3.81 -9.56
N TRP A 117 -8.49 5.07 -9.30
CA TRP A 117 -9.83 5.66 -9.06
C TRP A 117 -10.70 5.34 -10.26
N SER A 118 -10.10 5.11 -11.41
CA SER A 118 -10.92 4.80 -12.63
C SER A 118 -11.64 3.47 -12.45
N PHE A 119 -10.99 2.48 -11.92
CA PHE A 119 -11.68 1.17 -11.72
C PHE A 119 -12.84 1.35 -10.74
N VAL A 120 -12.66 2.17 -9.75
CA VAL A 120 -13.74 2.39 -8.75
C VAL A 120 -14.69 3.48 -9.25
N ASN A 121 -14.60 3.82 -10.50
CA ASN A 121 -15.49 4.87 -11.06
C ASN A 121 -15.34 6.17 -10.27
N HIS A 122 -14.15 6.42 -9.76
CA HIS A 122 -13.91 7.67 -9.00
C HIS A 122 -14.89 7.83 -7.83
N GLN A 123 -15.31 6.75 -7.21
CA GLN A 123 -16.27 6.89 -6.06
C GLN A 123 -15.99 5.80 -5.02
N PRO A 124 -16.25 6.09 -3.76
CA PRO A 124 -16.03 5.11 -2.64
C PRO A 124 -16.98 3.92 -2.70
N GLN A 125 -16.51 2.76 -2.31
CA GLN A 125 -17.38 1.55 -2.33
C GLN A 125 -17.51 0.97 -0.91
N MET A 126 -18.72 0.67 -0.48
CA MET A 126 -18.90 0.10 0.89
C MET A 126 -19.09 -1.41 0.78
N THR A 127 -18.27 -2.20 1.43
CA THR A 127 -18.44 -3.67 1.32
C THR A 127 -19.33 -4.19 2.46
N GLN A 128 -19.46 -3.44 3.52
CA GLN A 128 -20.31 -3.87 4.66
C GLN A 128 -19.82 -5.23 5.17
N ALA A 129 -18.53 -5.37 5.32
CA ALA A 129 -17.99 -6.67 5.82
C ALA A 129 -18.46 -6.90 7.26
N THR A 130 -18.65 -8.14 7.64
CA THR A 130 -19.11 -8.43 9.03
C THR A 130 -17.98 -9.09 9.84
N THR A 131 -17.10 -9.79 9.19
CA THR A 131 -15.98 -10.45 9.92
C THR A 131 -14.65 -10.16 9.23
N LEU A 132 -13.55 -10.39 9.90
CA LEU A 132 -12.23 -10.13 9.26
C LEU A 132 -12.13 -10.97 7.99
N SER A 133 -12.56 -12.20 8.05
CA SER A 133 -12.48 -13.07 6.84
C SER A 133 -13.54 -12.62 5.83
N GLU A 134 -14.51 -11.89 6.27
CA GLU A 134 -15.58 -11.42 5.35
C GLU A 134 -15.00 -10.34 4.43
N ILE A 135 -13.83 -9.86 4.72
CA ILE A 135 -13.23 -8.81 3.85
C ILE A 135 -12.76 -9.48 2.55
N PRO A 136 -13.17 -8.98 1.40
CA PRO A 136 -12.78 -9.58 0.09
C PRO A 136 -11.35 -9.27 -0.31
N THR A 137 -10.63 -10.25 -0.78
CA THR A 137 -9.22 -10.02 -1.21
C THR A 137 -9.14 -10.19 -2.73
N SER A 138 -10.26 -10.39 -3.37
CA SER A 138 -10.26 -10.57 -4.84
C SER A 138 -11.45 -9.80 -5.44
N THR A 139 -11.24 -8.58 -5.83
CA THR A 139 -12.35 -7.77 -6.42
C THR A 139 -11.96 -7.36 -7.83
N PRO A 140 -12.90 -7.03 -8.66
CA PRO A 140 -12.62 -6.61 -10.05
C PRO A 140 -11.64 -5.45 -10.10
N ALA A 141 -11.76 -4.53 -9.19
CA ALA A 141 -10.81 -3.38 -9.17
C ALA A 141 -9.44 -3.90 -8.72
N SER A 142 -9.41 -4.72 -7.69
CA SER A 142 -8.11 -5.25 -7.21
C SER A 142 -7.47 -6.09 -8.32
N ASP A 143 -8.25 -6.86 -9.00
CA ASP A 143 -7.67 -7.69 -10.11
C ASP A 143 -7.10 -6.76 -11.18
N ALA A 144 -7.78 -5.68 -11.43
CA ALA A 144 -7.30 -4.73 -12.46
C ALA A 144 -5.99 -4.08 -12.00
N LEU A 145 -5.86 -3.79 -10.74
CA LEU A 145 -4.61 -3.16 -10.24
C LEU A 145 -3.42 -4.09 -10.48
N SER A 146 -3.60 -5.37 -10.26
CA SER A 146 -2.46 -6.30 -10.47
C SER A 146 -2.03 -6.34 -11.94
N LYS A 147 -2.95 -6.54 -12.85
CA LYS A 147 -2.55 -6.58 -14.28
C LYS A 147 -2.10 -5.20 -14.72
N ALA A 148 -2.77 -4.17 -14.27
CA ALA A 148 -2.40 -2.79 -14.67
C ALA A 148 -1.03 -2.44 -14.08
N LEU A 149 -0.79 -2.76 -12.84
CA LEU A 149 0.53 -2.44 -12.24
C LEU A 149 1.61 -3.29 -12.89
N LYS A 150 1.29 -4.50 -13.23
CA LYS A 150 2.30 -5.37 -13.89
C LYS A 150 2.76 -4.74 -15.21
N LYS A 151 1.85 -4.15 -15.93
CA LYS A 151 2.24 -3.53 -17.21
C LYS A 151 3.12 -2.28 -16.97
N ARG A 152 2.89 -1.59 -15.89
CA ARG A 152 3.71 -0.38 -15.61
C ARG A 152 5.11 -0.82 -15.21
N GLY A 153 5.35 -2.10 -15.15
CA GLY A 153 6.69 -2.59 -14.73
C GLY A 153 6.75 -2.60 -13.22
N PHE A 154 5.62 -2.74 -12.58
CA PHE A 154 5.62 -2.77 -11.09
C PHE A 154 5.58 -4.20 -10.60
N LYS A 155 6.64 -4.64 -9.99
CA LYS A 155 6.68 -6.03 -9.45
C LYS A 155 6.16 -6.04 -8.01
N PHE A 156 5.96 -7.20 -7.46
CA PHE A 156 5.45 -7.29 -6.06
C PHE A 156 4.09 -6.60 -5.95
N VAL A 157 3.12 -7.15 -6.62
CA VAL A 157 1.75 -6.58 -6.60
C VAL A 157 0.75 -7.74 -6.55
N GLY A 158 1.06 -8.76 -5.81
CA GLY A 158 0.17 -9.96 -5.72
C GLY A 158 -1.28 -9.51 -5.55
N THR A 159 -2.19 -10.43 -5.70
CA THR A 159 -3.64 -10.09 -5.55
C THR A 159 -3.86 -9.50 -4.16
N THR A 160 -3.10 -9.92 -3.19
CA THR A 160 -3.27 -9.36 -1.82
C THR A 160 -2.76 -7.93 -1.82
N ILE A 161 -1.74 -7.68 -2.58
CA ILE A 161 -1.19 -6.30 -2.65
C ILE A 161 -2.24 -5.38 -3.28
N CYS A 162 -2.84 -5.83 -4.33
CA CYS A 162 -3.89 -5.01 -5.02
C CYS A 162 -5.07 -4.80 -4.09
N TYR A 163 -5.51 -5.84 -3.43
CA TYR A 163 -6.66 -5.72 -2.51
C TYR A 163 -6.30 -4.79 -1.35
N SER A 164 -5.06 -4.77 -0.94
CA SER A 164 -4.69 -3.88 0.20
C SER A 164 -5.00 -2.43 -0.15
N PHE A 165 -4.59 -1.94 -1.30
CA PHE A 165 -4.91 -0.52 -1.64
C PHE A 165 -6.42 -0.34 -1.65
N MET A 166 -7.12 -1.22 -2.30
CA MET A 166 -8.60 -1.06 -2.34
C MET A 166 -9.11 -0.92 -0.91
N GLN A 167 -8.58 -1.70 -0.01
CA GLN A 167 -9.01 -1.61 1.41
C GLN A 167 -8.29 -0.47 2.14
N ALA A 168 -7.01 -0.32 1.92
CA ALA A 168 -6.22 0.73 2.64
C ALA A 168 -6.27 2.10 1.95
N CYS A 169 -6.13 2.14 0.66
CA CYS A 169 -6.12 3.46 -0.04
C CYS A 169 -7.37 4.28 0.31
N GLY A 170 -8.40 3.64 0.81
CA GLY A 170 -9.63 4.41 1.15
C GLY A 170 -10.63 4.29 0.02
N LEU A 171 -10.28 3.59 -1.03
CA LEU A 171 -11.21 3.43 -2.17
C LEU A 171 -12.50 2.78 -1.69
N VAL A 172 -12.42 1.89 -0.74
CA VAL A 172 -13.66 1.24 -0.23
C VAL A 172 -13.66 1.29 1.30
N ASN A 173 -14.82 1.47 1.89
CA ASN A 173 -14.90 1.52 3.37
C ASN A 173 -15.60 0.27 3.89
N ASP A 174 -14.91 -0.53 4.67
CA ASP A 174 -15.54 -1.77 5.20
C ASP A 174 -14.58 -2.54 6.11
N HIS A 175 -13.92 -1.90 7.04
CA HIS A 175 -13.01 -2.69 7.92
C HIS A 175 -13.80 -3.90 8.40
N VAL A 176 -15.05 -3.69 8.71
CA VAL A 176 -15.94 -4.80 9.16
C VAL A 176 -17.31 -4.22 9.54
N VAL A 177 -17.89 -3.43 8.66
CA VAL A 177 -19.23 -2.81 8.92
C VAL A 177 -19.46 -2.53 10.42
N GLY A 178 -19.52 -1.29 10.80
CA GLY A 178 -19.77 -0.95 12.22
C GLY A 178 -18.48 -0.51 12.91
N CYS A 179 -17.38 -0.47 12.19
CA CYS A 179 -16.11 -0.04 12.84
C CYS A 179 -16.24 1.43 13.23
N CYS A 180 -15.57 1.85 14.28
CA CYS A 180 -15.66 3.27 14.70
C CYS A 180 -15.50 4.17 13.48
N CYS A 181 -14.64 3.80 12.57
CA CYS A 181 -14.45 4.62 11.35
C CYS A 181 -15.63 4.40 10.41
N TYR A 182 -16.67 3.79 10.91
CA TYR A 182 -17.87 3.52 10.05
C TYR A 182 -19.08 4.26 10.63
N PRO A 183 -19.19 5.53 10.38
CA PRO A 183 -20.33 6.35 10.88
C PRO A 183 -21.60 6.15 10.06
N GLY A 184 -22.74 6.32 10.67
CA GLY A 184 -24.02 6.13 9.93
C GLY A 184 -25.12 5.72 10.92
N ASN A 185 -24.75 5.09 11.99
CA ASN A 185 -25.77 4.68 13.00
C ASN A 185 -25.76 5.66 14.16
N LYS A 186 -24.64 6.28 14.42
CA LYS A 186 -24.56 7.26 15.55
C LYS A 186 -25.32 6.71 16.75
N PRO A 187 -24.83 5.64 17.32
CA PRO A 187 -25.47 5.00 18.50
C PRO A 187 -25.24 5.79 19.79
N MET A 1 -18.64 1.50 19.89
CA MET A 1 -18.96 0.06 19.93
C MET A 1 -17.65 -0.74 19.90
N GLU A 2 -17.56 -1.73 19.05
CA GLU A 2 -16.33 -2.54 18.98
C GLU A 2 -15.52 -2.15 17.74
N ARG A 3 -14.22 -2.11 17.85
CA ARG A 3 -13.37 -1.75 16.69
C ARG A 3 -13.14 -2.98 15.82
N CYS A 4 -12.58 -2.81 14.66
CA CYS A 4 -12.35 -3.99 13.77
C CYS A 4 -11.37 -4.97 14.42
N GLY A 5 -11.62 -6.24 14.24
CA GLY A 5 -10.72 -7.27 14.83
C GLY A 5 -9.29 -7.03 14.37
N TRP A 6 -9.09 -6.33 13.29
CA TRP A 6 -7.70 -6.09 12.82
C TRP A 6 -7.07 -5.00 13.68
N VAL A 7 -7.84 -4.43 14.57
CA VAL A 7 -7.29 -3.35 15.45
C VAL A 7 -7.00 -3.93 16.83
N SER A 8 -7.76 -4.90 17.25
CA SER A 8 -7.54 -5.50 18.60
C SER A 8 -6.24 -6.31 18.60
N GLN A 9 -5.48 -6.27 17.55
CA GLN A 9 -4.21 -7.04 17.51
C GLN A 9 -3.10 -6.30 18.25
N ASP A 10 -2.17 -5.72 17.52
CA ASP A 10 -1.04 -5.00 18.19
C ASP A 10 -1.48 -3.58 18.58
N PRO A 11 -0.77 -2.98 19.51
CA PRO A 11 -1.06 -1.61 20.01
C PRO A 11 -0.81 -0.51 18.95
N LEU A 12 0.20 -0.68 18.14
CA LEU A 12 0.51 0.36 17.10
C LEU A 12 -0.67 0.53 16.14
N TYR A 13 -1.41 -0.52 15.89
CA TYR A 13 -2.56 -0.41 14.95
C TYR A 13 -3.56 0.64 15.42
N ILE A 14 -3.73 0.82 16.70
CA ILE A 14 -4.69 1.86 17.17
C ILE A 14 -4.27 3.23 16.63
N ALA A 15 -3.00 3.53 16.63
CA ALA A 15 -2.56 4.86 16.11
C ALA A 15 -2.81 4.92 14.61
N TYR A 16 -2.35 3.93 13.88
CA TYR A 16 -2.57 3.92 12.41
C TYR A 16 -4.08 3.85 12.12
N HIS A 17 -4.79 3.11 12.89
CA HIS A 17 -6.25 3.00 12.66
C HIS A 17 -6.94 4.34 12.92
N ASP A 18 -6.57 5.00 13.98
CA ASP A 18 -7.22 6.30 14.31
C ASP A 18 -6.72 7.40 13.36
N ASN A 19 -5.70 7.13 12.57
CA ASN A 19 -5.20 8.17 11.63
C ASN A 19 -6.24 8.37 10.55
N GLU A 20 -6.31 7.46 9.62
CA GLU A 20 -7.31 7.57 8.53
C GLU A 20 -7.66 6.17 8.04
N TRP A 21 -6.66 5.31 7.96
CA TRP A 21 -6.86 3.90 7.49
C TRP A 21 -8.32 3.60 7.22
N GLY A 22 -8.81 4.13 6.15
CA GLY A 22 -10.24 3.86 5.79
C GLY A 22 -10.88 5.11 5.20
N VAL A 23 -10.35 6.25 5.52
CA VAL A 23 -10.94 7.52 5.01
C VAL A 23 -9.90 8.40 4.27
N PRO A 24 -8.71 7.92 3.97
CA PRO A 24 -7.69 8.74 3.26
C PRO A 24 -7.99 8.90 1.77
N GLU A 25 -7.71 10.05 1.21
CA GLU A 25 -7.94 10.26 -0.23
C GLU A 25 -6.68 9.76 -0.94
N THR A 26 -6.79 9.23 -2.12
CA THR A 26 -5.56 8.70 -2.78
C THR A 26 -4.83 9.78 -3.57
N ASP A 27 -3.60 10.03 -3.21
CA ASP A 27 -2.78 11.04 -3.95
C ASP A 27 -1.77 10.29 -4.81
N SER A 28 -1.23 10.92 -5.82
CA SER A 28 -0.26 10.20 -6.69
C SER A 28 1.01 9.85 -5.89
N LYS A 29 1.43 10.72 -5.02
CA LYS A 29 2.67 10.48 -4.24
C LYS A 29 2.45 9.46 -3.12
N LYS A 30 1.44 9.62 -2.32
CA LYS A 30 1.21 8.66 -1.20
C LYS A 30 1.04 7.26 -1.76
N LEU A 31 0.34 7.15 -2.84
CA LEU A 31 0.09 5.83 -3.45
C LEU A 31 1.41 5.18 -3.88
N PHE A 32 2.32 5.95 -4.38
CA PHE A 32 3.62 5.35 -4.79
C PHE A 32 4.26 4.72 -3.56
N GLU A 33 4.16 5.37 -2.44
CA GLU A 33 4.74 4.81 -1.19
C GLU A 33 3.88 3.64 -0.71
N MET A 34 2.59 3.78 -0.81
CA MET A 34 1.68 2.70 -0.34
C MET A 34 1.96 1.39 -1.08
N ILE A 35 2.01 1.43 -2.38
CA ILE A 35 2.28 0.16 -3.11
C ILE A 35 3.65 -0.37 -2.71
N CYS A 36 4.59 0.51 -2.47
CA CYS A 36 5.94 0.04 -2.04
C CYS A 36 5.81 -0.58 -0.64
N LEU A 37 4.98 -0.01 0.18
CA LEU A 37 4.77 -0.56 1.55
C LEU A 37 3.98 -1.86 1.46
N GLU A 38 2.89 -1.84 0.74
CA GLU A 38 2.07 -3.08 0.61
C GLU A 38 2.90 -4.15 -0.10
N GLY A 39 3.71 -3.77 -1.06
CA GLY A 39 4.55 -4.76 -1.77
C GLY A 39 5.53 -5.37 -0.78
N GLN A 40 6.01 -4.58 0.15
CA GLN A 40 6.97 -5.09 1.15
C GLN A 40 6.23 -5.96 2.17
N GLN A 41 4.92 -5.97 2.12
CA GLN A 41 4.15 -6.80 3.09
C GLN A 41 4.25 -8.28 2.73
N ALA A 42 4.87 -8.58 1.61
CA ALA A 42 5.01 -10.02 1.22
C ALA A 42 5.75 -10.78 2.32
N GLY A 43 5.16 -11.80 2.86
CA GLY A 43 5.84 -12.58 3.93
C GLY A 43 5.92 -11.74 5.21
N LEU A 44 5.94 -10.44 5.07
CA LEU A 44 6.04 -9.55 6.28
C LEU A 44 4.69 -8.91 6.57
N SER A 45 4.37 -8.74 7.83
CA SER A 45 3.07 -8.10 8.19
C SER A 45 3.15 -6.59 7.94
N TRP A 46 2.02 -5.96 7.77
CA TRP A 46 2.01 -4.49 7.52
C TRP A 46 2.72 -3.76 8.66
N ILE A 47 2.61 -4.24 9.86
CA ILE A 47 3.27 -3.55 11.00
C ILE A 47 4.79 -3.73 10.86
N THR A 48 5.23 -4.85 10.37
CA THR A 48 6.69 -5.09 10.21
C THR A 48 7.28 -4.08 9.23
N VAL A 49 6.62 -3.85 8.13
CA VAL A 49 7.15 -2.89 7.13
C VAL A 49 7.04 -1.48 7.70
N LEU A 50 6.13 -1.25 8.61
CA LEU A 50 5.96 0.11 9.20
C LEU A 50 7.28 0.56 9.85
N LYS A 51 7.87 -0.29 10.65
CA LYS A 51 9.15 0.11 11.32
C LYS A 51 10.20 0.40 10.26
N LYS A 52 10.35 -0.49 9.34
CA LYS A 52 11.35 -0.29 8.26
C LYS A 52 10.79 0.70 7.24
N ARG A 53 9.55 1.09 7.39
CA ARG A 53 8.98 2.09 6.42
C ARG A 53 9.73 3.40 6.61
N GLU A 54 9.74 3.90 7.82
CA GLU A 54 10.46 5.19 8.05
C GLU A 54 11.96 4.98 7.84
N ASN A 55 12.51 3.93 8.39
CA ASN A 55 13.97 3.70 8.22
C ASN A 55 14.33 3.41 6.76
N TYR A 56 13.58 2.57 6.11
CA TYR A 56 13.90 2.26 4.68
C TYR A 56 13.76 3.51 3.81
N ARG A 57 12.69 4.25 3.96
CA ARG A 57 12.52 5.48 3.13
C ARG A 57 13.75 6.38 3.27
N ALA A 58 14.33 6.41 4.43
CA ALA A 58 15.53 7.28 4.61
C ALA A 58 16.72 6.73 3.80
N CYS A 59 16.87 5.44 3.73
CA CYS A 59 18.03 4.85 2.98
C CYS A 59 17.88 5.00 1.46
N PHE A 60 16.73 4.73 0.91
CA PHE A 60 16.58 4.81 -0.59
C PHE A 60 15.68 5.98 -1.01
N HIS A 61 14.55 6.13 -0.38
CA HIS A 61 13.62 7.21 -0.78
C HIS A 61 13.91 8.47 0.01
N GLN A 62 15.08 9.01 -0.12
CA GLN A 62 15.38 10.27 0.62
C GLN A 62 14.22 11.22 0.33
N PHE A 63 13.71 11.16 -0.86
CA PHE A 63 12.53 12.01 -1.24
C PHE A 63 12.47 12.22 -2.76
N ASP A 64 13.39 11.67 -3.52
CA ASP A 64 13.36 11.88 -4.99
C ASP A 64 13.22 10.52 -5.70
N PRO A 65 12.01 10.12 -6.03
CA PRO A 65 11.77 8.83 -6.73
C PRO A 65 12.64 8.67 -7.97
N VAL A 66 13.04 9.75 -8.57
CA VAL A 66 13.89 9.66 -9.78
C VAL A 66 15.24 9.03 -9.42
N LYS A 67 15.85 9.48 -8.36
CA LYS A 67 17.16 8.91 -7.95
C LYS A 67 16.98 7.45 -7.55
N VAL A 68 15.85 7.13 -6.97
CA VAL A 68 15.61 5.71 -6.54
C VAL A 68 15.66 4.81 -7.77
N ALA A 69 15.15 5.25 -8.88
CA ALA A 69 15.19 4.42 -10.10
C ALA A 69 16.64 4.33 -10.56
N ALA A 70 17.48 5.19 -10.06
CA ALA A 70 18.92 5.16 -10.47
C ALA A 70 19.71 4.31 -9.49
N MET A 71 19.10 3.84 -8.44
CA MET A 71 19.84 3.00 -7.48
C MET A 71 19.95 1.59 -8.07
N GLN A 72 21.15 1.15 -8.34
CA GLN A 72 21.32 -0.21 -8.92
C GLN A 72 21.60 -1.23 -7.82
N GLU A 73 21.69 -2.48 -8.19
CA GLU A 73 21.93 -3.54 -7.18
C GLU A 73 23.22 -3.28 -6.42
N GLU A 74 24.21 -2.70 -7.05
CA GLU A 74 25.48 -2.43 -6.32
C GLU A 74 25.15 -1.55 -5.13
N ASP A 75 24.30 -0.59 -5.34
CA ASP A 75 23.89 0.30 -4.23
C ASP A 75 23.12 -0.53 -3.21
N VAL A 76 22.33 -1.46 -3.68
CA VAL A 76 21.53 -2.31 -2.76
C VAL A 76 22.48 -3.15 -1.87
N GLU A 77 23.55 -3.66 -2.41
CA GLU A 77 24.46 -4.49 -1.58
C GLU A 77 25.13 -3.64 -0.50
N ARG A 78 25.52 -2.43 -0.80
CA ARG A 78 26.17 -1.59 0.24
C ARG A 78 25.10 -1.09 1.23
N LEU A 79 23.95 -0.75 0.71
CA LEU A 79 22.86 -0.24 1.61
C LEU A 79 22.39 -1.35 2.54
N VAL A 80 22.43 -2.57 2.12
CA VAL A 80 21.97 -3.68 2.99
C VAL A 80 22.60 -3.53 4.38
N GLN A 81 23.84 -3.13 4.45
CA GLN A 81 24.48 -2.97 5.79
C GLN A 81 24.47 -1.51 6.22
N ASP A 82 23.89 -0.64 5.43
CA ASP A 82 23.85 0.80 5.84
C ASP A 82 22.62 1.05 6.72
N ALA A 83 22.82 1.30 7.98
CA ALA A 83 21.67 1.56 8.89
C ALA A 83 21.05 0.23 9.34
N GLY A 84 21.37 -0.84 8.67
CA GLY A 84 20.80 -2.16 9.06
C GLY A 84 19.33 -2.24 8.66
N ILE A 85 19.00 -1.69 7.52
CA ILE A 85 17.57 -1.73 7.06
C ILE A 85 17.11 -3.18 6.94
N ILE A 86 15.98 -3.40 6.30
CA ILE A 86 15.46 -4.77 6.13
C ILE A 86 16.40 -5.57 5.22
N ARG A 87 17.32 -6.30 5.80
CA ARG A 87 18.24 -7.09 4.97
C ARG A 87 17.44 -7.94 3.98
N HIS A 88 17.62 -7.72 2.71
CA HIS A 88 16.86 -8.50 1.69
C HIS A 88 17.09 -7.88 0.30
N ARG A 89 18.29 -7.97 -0.20
CA ARG A 89 18.58 -7.37 -1.53
C ARG A 89 17.51 -7.78 -2.54
N GLY A 90 16.99 -8.97 -2.42
CA GLY A 90 15.95 -9.43 -3.37
C GLY A 90 14.78 -8.44 -3.38
N LYS A 91 14.10 -8.28 -2.28
CA LYS A 91 12.95 -7.34 -2.24
C LYS A 91 13.43 -5.91 -2.51
N ILE A 92 14.56 -5.52 -1.97
CA ILE A 92 15.05 -4.13 -2.21
C ILE A 92 15.30 -3.89 -3.70
N GLN A 93 15.90 -4.83 -4.39
CA GLN A 93 16.16 -4.62 -5.83
C GLN A 93 14.84 -4.40 -6.57
N ALA A 94 13.80 -5.06 -6.14
CA ALA A 94 12.48 -4.90 -6.82
C ALA A 94 11.94 -3.49 -6.54
N ILE A 95 12.16 -3.00 -5.35
CA ILE A 95 11.64 -1.64 -5.01
C ILE A 95 12.28 -0.61 -5.95
N ILE A 96 13.48 -0.83 -6.39
CA ILE A 96 14.12 0.15 -7.30
C ILE A 96 13.24 0.31 -8.53
N GLY A 97 12.81 -0.79 -9.08
CA GLY A 97 11.94 -0.74 -10.28
C GLY A 97 10.62 -0.06 -9.93
N ASN A 98 10.15 -0.24 -8.72
CA ASN A 98 8.87 0.40 -8.33
C ASN A 98 8.93 1.91 -8.57
N ALA A 99 10.02 2.54 -8.22
CA ALA A 99 10.13 4.00 -8.45
C ALA A 99 10.19 4.26 -9.95
N ARG A 100 11.01 3.55 -10.66
CA ARG A 100 11.11 3.74 -12.13
C ARG A 100 9.74 3.56 -12.76
N ALA A 101 8.95 2.64 -12.24
CA ALA A 101 7.59 2.45 -12.82
C ALA A 101 6.77 3.71 -12.59
N TYR A 102 7.02 4.43 -11.53
CA TYR A 102 6.26 5.69 -11.30
C TYR A 102 6.61 6.62 -12.44
N LEU A 103 7.87 6.68 -12.78
CA LEU A 103 8.29 7.55 -13.91
C LEU A 103 7.59 7.08 -15.18
N GLN A 104 7.35 5.79 -15.29
CA GLN A 104 6.66 5.29 -16.51
C GLN A 104 5.26 5.87 -16.58
N MET A 105 4.62 6.02 -15.46
CA MET A 105 3.25 6.60 -15.45
C MET A 105 3.31 8.04 -15.94
N GLU A 106 4.31 8.74 -15.52
CA GLU A 106 4.46 10.15 -15.93
C GLU A 106 4.62 10.21 -17.45
N GLN A 107 5.35 9.29 -17.99
CA GLN A 107 5.50 9.27 -19.46
C GLN A 107 4.11 9.06 -20.03
N ASN A 108 3.24 8.49 -19.25
CA ASN A 108 1.85 8.29 -19.72
C ASN A 108 1.04 9.51 -19.30
N GLY A 109 1.55 10.29 -18.39
CA GLY A 109 0.83 11.52 -17.96
C GLY A 109 -0.45 11.15 -17.21
N GLU A 110 -0.50 10.01 -16.58
CA GLU A 110 -1.73 9.62 -15.84
C GLU A 110 -1.40 9.42 -14.35
N PRO A 111 -1.72 10.36 -13.51
CA PRO A 111 -1.43 10.24 -12.05
C PRO A 111 -1.83 8.87 -11.49
N PHE A 112 -1.02 8.30 -10.64
CA PHE A 112 -1.35 6.97 -10.05
C PHE A 112 -2.75 7.02 -9.45
N ALA A 113 -3.07 8.12 -8.83
CA ALA A 113 -4.40 8.27 -8.20
C ALA A 113 -5.49 8.31 -9.29
N ASP A 114 -5.14 8.72 -10.47
CA ASP A 114 -6.14 8.83 -11.57
C ASP A 114 -6.68 7.45 -11.99
N PHE A 115 -5.81 6.49 -12.22
CA PHE A 115 -6.31 5.15 -12.68
C PHE A 115 -6.97 4.38 -11.52
N VAL A 116 -6.44 4.45 -10.33
CA VAL A 116 -7.10 3.70 -9.21
C VAL A 116 -8.47 4.29 -8.91
N TRP A 117 -8.54 5.56 -8.69
CA TRP A 117 -9.86 6.18 -8.42
C TRP A 117 -10.80 5.82 -9.58
N SER A 118 -10.24 5.59 -10.74
CA SER A 118 -11.08 5.25 -11.92
C SER A 118 -11.57 3.80 -11.84
N PHE A 119 -10.72 2.90 -11.40
CA PHE A 119 -11.12 1.47 -11.31
C PHE A 119 -12.31 1.35 -10.36
N VAL A 120 -12.45 2.27 -9.45
CA VAL A 120 -13.59 2.21 -8.49
C VAL A 120 -14.68 3.19 -8.95
N ASN A 121 -14.65 3.57 -10.19
CA ASN A 121 -15.68 4.52 -10.73
C ASN A 121 -15.64 5.84 -9.95
N HIS A 122 -14.46 6.27 -9.56
CA HIS A 122 -14.35 7.57 -8.81
C HIS A 122 -15.29 7.60 -7.61
N GLN A 123 -15.47 6.50 -6.92
CA GLN A 123 -16.36 6.51 -5.73
C GLN A 123 -15.88 5.44 -4.74
N PRO A 124 -16.09 5.65 -3.47
CA PRO A 124 -15.66 4.68 -2.40
C PRO A 124 -16.51 3.41 -2.41
N GLN A 125 -15.95 2.30 -2.01
CA GLN A 125 -16.74 1.04 -1.98
C GLN A 125 -17.17 0.75 -0.55
N MET A 126 -18.42 0.43 -0.33
CA MET A 126 -18.88 0.14 1.05
C MET A 126 -18.81 -1.36 1.30
N THR A 127 -18.02 -1.79 2.24
CA THR A 127 -17.90 -3.25 2.53
C THR A 127 -18.88 -3.61 3.66
N GLN A 128 -19.80 -4.49 3.38
CA GLN A 128 -20.79 -4.90 4.43
C GLN A 128 -20.26 -6.10 5.21
N ALA A 129 -18.97 -6.29 5.18
CA ALA A 129 -18.37 -7.44 5.90
C ALA A 129 -18.51 -7.24 7.41
N THR A 130 -18.77 -8.30 8.15
CA THR A 130 -18.92 -8.17 9.63
C THR A 130 -17.68 -8.75 10.30
N THR A 131 -17.01 -9.65 9.64
CA THR A 131 -15.79 -10.27 10.21
C THR A 131 -14.66 -10.21 9.19
N LEU A 132 -13.44 -10.40 9.60
CA LEU A 132 -12.31 -10.36 8.64
C LEU A 132 -12.57 -11.40 7.54
N SER A 133 -13.16 -12.52 7.89
CA SER A 133 -13.43 -13.57 6.87
C SER A 133 -14.37 -13.01 5.80
N GLU A 134 -15.29 -12.17 6.19
CA GLU A 134 -16.24 -11.58 5.20
C GLU A 134 -15.54 -10.46 4.43
N ILE A 135 -14.29 -10.19 4.73
CA ILE A 135 -13.57 -9.11 4.00
C ILE A 135 -13.10 -9.66 2.65
N PRO A 136 -13.43 -9.01 1.55
CA PRO A 136 -13.02 -9.50 0.20
C PRO A 136 -11.55 -9.22 -0.10
N THR A 137 -10.84 -10.21 -0.60
CA THR A 137 -9.40 -10.01 -0.93
C THR A 137 -9.24 -10.09 -2.45
N SER A 138 -10.33 -10.16 -3.16
CA SER A 138 -10.27 -10.24 -4.65
C SER A 138 -11.44 -9.48 -5.26
N THR A 139 -11.28 -8.21 -5.51
CA THR A 139 -12.38 -7.41 -6.11
C THR A 139 -12.01 -7.07 -7.56
N PRO A 140 -12.98 -6.90 -8.42
CA PRO A 140 -12.71 -6.57 -9.84
C PRO A 140 -11.81 -5.34 -9.95
N ALA A 141 -11.96 -4.40 -9.05
CA ALA A 141 -11.09 -3.20 -9.08
C ALA A 141 -9.68 -3.59 -8.62
N SER A 142 -9.58 -4.33 -7.55
CA SER A 142 -8.24 -4.74 -7.06
C SER A 142 -7.63 -5.72 -8.05
N ASP A 143 -8.43 -6.57 -8.63
CA ASP A 143 -7.89 -7.55 -9.62
C ASP A 143 -7.34 -6.77 -10.81
N ALA A 144 -8.02 -5.72 -11.19
CA ALA A 144 -7.54 -4.90 -12.33
C ALA A 144 -6.29 -4.15 -11.90
N LEU A 145 -6.19 -3.88 -10.62
CA LEU A 145 -5.02 -3.13 -10.11
C LEU A 145 -3.76 -4.00 -10.22
N SER A 146 -3.85 -5.24 -9.84
CA SER A 146 -2.66 -6.14 -9.92
C SER A 146 -2.19 -6.30 -11.37
N LYS A 147 -3.08 -6.57 -12.28
CA LYS A 147 -2.64 -6.76 -13.69
C LYS A 147 -2.07 -5.45 -14.24
N ALA A 148 -2.65 -4.34 -13.89
CA ALA A 148 -2.13 -3.05 -14.40
C ALA A 148 -0.77 -2.76 -13.77
N LEU A 149 -0.65 -2.97 -12.48
CA LEU A 149 0.64 -2.72 -11.79
C LEU A 149 1.71 -3.67 -12.34
N LYS A 150 1.34 -4.88 -12.63
CA LYS A 150 2.33 -5.85 -13.14
C LYS A 150 2.92 -5.38 -14.46
N LYS A 151 2.12 -4.85 -15.34
CA LYS A 151 2.65 -4.40 -16.66
C LYS A 151 3.58 -3.19 -16.52
N ARG A 152 3.30 -2.29 -15.63
CA ARG A 152 4.18 -1.09 -15.49
C ARG A 152 5.52 -1.50 -14.87
N GLY A 153 5.74 -2.77 -14.70
CA GLY A 153 7.02 -3.22 -14.10
C GLY A 153 6.92 -3.13 -12.58
N PHE A 154 5.72 -3.15 -12.06
CA PHE A 154 5.57 -3.10 -10.59
C PHE A 154 5.45 -4.51 -10.07
N LYS A 155 6.44 -4.96 -9.34
CA LYS A 155 6.41 -6.36 -8.82
C LYS A 155 5.88 -6.35 -7.38
N PHE A 156 5.70 -7.51 -6.80
CA PHE A 156 5.18 -7.61 -5.40
C PHE A 156 3.80 -6.95 -5.33
N VAL A 157 2.93 -7.30 -6.23
CA VAL A 157 1.55 -6.72 -6.23
C VAL A 157 0.54 -7.87 -6.15
N GLY A 158 0.82 -8.85 -5.30
CA GLY A 158 -0.10 -10.01 -5.18
C GLY A 158 -1.55 -9.54 -5.04
N THR A 159 -2.48 -10.41 -5.31
CA THR A 159 -3.92 -10.04 -5.20
C THR A 159 -4.22 -9.54 -3.79
N THR A 160 -3.52 -10.05 -2.81
CA THR A 160 -3.79 -9.58 -1.42
C THR A 160 -3.17 -8.20 -1.27
N ILE A 161 -2.10 -7.98 -1.98
CA ILE A 161 -1.41 -6.66 -1.92
C ILE A 161 -2.26 -5.62 -2.66
N CYS A 162 -2.90 -6.03 -3.73
CA CYS A 162 -3.77 -5.08 -4.50
C CYS A 162 -5.00 -4.73 -3.66
N TYR A 163 -5.57 -5.69 -2.98
CA TYR A 163 -6.77 -5.42 -2.15
C TYR A 163 -6.38 -4.52 -0.98
N SER A 164 -5.30 -4.83 -0.32
CA SER A 164 -4.87 -3.98 0.83
C SER A 164 -4.59 -2.57 0.34
N PHE A 165 -4.00 -2.46 -0.82
CA PHE A 165 -3.69 -1.12 -1.38
C PHE A 165 -4.97 -0.29 -1.54
N MET A 166 -5.99 -0.85 -2.10
CA MET A 166 -7.25 -0.09 -2.29
C MET A 166 -7.94 0.10 -0.93
N GLN A 167 -7.92 -0.92 -0.12
CA GLN A 167 -8.57 -0.80 1.22
C GLN A 167 -7.89 0.28 2.06
N ALA A 168 -6.58 0.31 2.05
CA ALA A 168 -5.86 1.34 2.86
C ALA A 168 -5.90 2.68 2.12
N CYS A 169 -5.77 2.67 0.83
CA CYS A 169 -5.78 3.95 0.06
C CYS A 169 -7.06 4.73 0.40
N GLY A 170 -8.04 4.06 0.97
CA GLY A 170 -9.30 4.76 1.32
C GLY A 170 -10.34 4.48 0.25
N LEU A 171 -9.97 3.76 -0.78
CA LEU A 171 -10.94 3.45 -1.87
C LEU A 171 -12.11 2.65 -1.29
N VAL A 172 -11.87 1.85 -0.29
CA VAL A 172 -12.97 1.05 0.31
C VAL A 172 -13.20 1.49 1.76
N ASN A 173 -14.43 1.53 2.17
CA ASN A 173 -14.75 1.94 3.57
C ASN A 173 -15.58 0.85 4.24
N ASP A 174 -15.64 0.87 5.55
CA ASP A 174 -16.44 -0.15 6.31
C ASP A 174 -15.58 -1.37 6.63
N HIS A 175 -14.63 -1.21 7.51
CA HIS A 175 -13.79 -2.38 7.89
C HIS A 175 -14.73 -3.52 8.27
N VAL A 176 -15.54 -3.27 9.25
CA VAL A 176 -16.54 -4.27 9.69
C VAL A 176 -17.85 -3.52 9.93
N VAL A 177 -18.97 -4.18 9.95
CA VAL A 177 -20.23 -3.44 10.18
C VAL A 177 -20.15 -2.76 11.54
N GLY A 178 -20.11 -1.45 11.56
CA GLY A 178 -20.05 -0.71 12.86
C GLY A 178 -18.63 -0.78 13.44
N CYS A 179 -17.67 -0.14 12.82
CA CYS A 179 -16.29 -0.17 13.37
C CYS A 179 -16.14 0.93 14.43
N CYS A 180 -16.75 0.74 15.57
CA CYS A 180 -16.67 1.75 16.67
C CYS A 180 -16.53 3.18 16.12
N CYS A 181 -17.14 3.48 15.00
CA CYS A 181 -17.02 4.86 14.45
C CYS A 181 -17.77 4.98 13.13
N TYR A 182 -17.69 3.98 12.29
CA TYR A 182 -18.39 4.07 10.98
C TYR A 182 -19.84 3.55 11.14
N PRO A 183 -20.84 4.39 10.97
CA PRO A 183 -22.26 3.98 11.09
C PRO A 183 -22.74 3.21 9.86
N GLY A 184 -23.46 2.14 10.06
CA GLY A 184 -23.96 1.35 8.90
C GLY A 184 -25.43 0.99 9.11
N ASN A 185 -25.97 1.27 10.27
CA ASN A 185 -27.40 0.94 10.53
C ASN A 185 -28.27 2.17 10.32
N LYS A 186 -28.01 3.24 11.02
CA LYS A 186 -28.83 4.47 10.85
C LYS A 186 -28.09 5.46 9.94
N PRO A 187 -28.83 6.30 9.26
CA PRO A 187 -28.24 7.32 8.33
C PRO A 187 -27.48 8.41 9.10
N MET A 1 -18.59 1.00 19.30
CA MET A 1 -19.04 -0.40 19.11
C MET A 1 -17.82 -1.34 19.16
N GLU A 2 -17.77 -2.31 18.30
CA GLU A 2 -16.61 -3.24 18.29
C GLU A 2 -15.52 -2.68 17.38
N ARG A 3 -14.28 -2.80 17.77
CA ARG A 3 -13.19 -2.26 16.93
C ARG A 3 -12.65 -3.34 16.00
N CYS A 4 -11.81 -2.94 15.08
CA CYS A 4 -11.23 -3.93 14.10
C CYS A 4 -10.48 -5.04 14.86
N GLY A 5 -10.37 -6.20 14.25
CA GLY A 5 -9.69 -7.36 14.91
C GLY A 5 -8.23 -7.06 15.29
N TRP A 6 -7.47 -6.45 14.42
CA TRP A 6 -6.05 -6.17 14.78
C TRP A 6 -5.97 -4.92 15.66
N VAL A 7 -7.08 -4.33 15.97
CA VAL A 7 -7.04 -3.11 16.83
C VAL A 7 -7.13 -3.51 18.31
N SER A 8 -8.04 -4.37 18.65
CA SER A 8 -8.16 -4.81 20.06
C SER A 8 -7.05 -5.83 20.34
N GLN A 9 -6.18 -6.02 19.38
CA GLN A 9 -5.08 -7.00 19.54
C GLN A 9 -3.83 -6.31 20.11
N ASP A 10 -3.32 -5.32 19.43
CA ASP A 10 -2.09 -4.62 19.93
C ASP A 10 -2.30 -3.10 19.94
N PRO A 11 -1.50 -2.40 20.70
CA PRO A 11 -1.58 -0.91 20.81
C PRO A 11 -1.13 -0.20 19.54
N LEU A 12 -0.19 -0.77 18.82
CA LEU A 12 0.28 -0.10 17.57
C LEU A 12 -0.89 0.06 16.60
N TYR A 13 -1.74 -0.92 16.50
CA TYR A 13 -2.89 -0.79 15.57
C TYR A 13 -3.83 0.32 16.07
N ILE A 14 -4.02 0.42 17.35
CA ILE A 14 -4.93 1.47 17.88
C ILE A 14 -4.48 2.84 17.37
N ALA A 15 -3.19 3.08 17.35
CA ALA A 15 -2.73 4.40 16.85
C ALA A 15 -2.91 4.47 15.33
N TYR A 16 -2.41 3.49 14.63
CA TYR A 16 -2.56 3.49 13.14
C TYR A 16 -4.02 3.48 12.76
N HIS A 17 -4.80 2.70 13.44
CA HIS A 17 -6.25 2.61 13.13
C HIS A 17 -6.92 3.97 13.32
N ASP A 18 -6.64 4.62 14.41
CA ASP A 18 -7.28 5.95 14.67
C ASP A 18 -6.67 7.02 13.77
N ASN A 19 -5.62 6.70 13.05
CA ASN A 19 -5.00 7.74 12.16
C ASN A 19 -5.78 7.85 10.86
N GLU A 20 -5.59 6.93 9.96
CA GLU A 20 -6.31 7.01 8.65
C GLU A 20 -6.45 5.62 8.04
N TRP A 21 -7.30 4.77 8.58
CA TRP A 21 -7.46 3.44 7.97
C TRP A 21 -8.19 3.64 6.65
N GLY A 22 -7.58 4.34 5.74
CA GLY A 22 -8.24 4.59 4.43
C GLY A 22 -9.44 5.51 4.62
N VAL A 23 -9.21 6.72 5.03
CA VAL A 23 -10.35 7.67 5.21
C VAL A 23 -10.23 8.82 4.20
N PRO A 24 -9.03 9.28 3.89
CA PRO A 24 -8.80 10.38 2.94
C PRO A 24 -8.52 9.89 1.52
N GLU A 25 -8.85 10.68 0.54
CA GLU A 25 -8.56 10.31 -0.87
C GLU A 25 -7.06 10.32 -1.05
N THR A 26 -6.52 9.43 -1.82
CA THR A 26 -5.05 9.38 -1.98
C THR A 26 -4.59 10.07 -3.27
N ASP A 27 -3.36 10.53 -3.28
CA ASP A 27 -2.80 11.18 -4.50
C ASP A 27 -1.99 10.13 -5.25
N SER A 28 -1.63 10.38 -6.47
CA SER A 28 -0.85 9.37 -7.25
C SER A 28 0.44 9.00 -6.51
N LYS A 29 1.05 9.96 -5.88
CA LYS A 29 2.34 9.70 -5.16
C LYS A 29 2.11 8.75 -3.98
N LYS A 30 1.06 8.95 -3.23
CA LYS A 30 0.82 8.08 -2.04
C LYS A 30 0.72 6.63 -2.50
N LEU A 31 0.17 6.41 -3.66
CA LEU A 31 0.00 5.02 -4.14
C LEU A 31 1.38 4.39 -4.37
N PHE A 32 2.34 5.17 -4.78
CA PHE A 32 3.70 4.60 -5.02
C PHE A 32 4.31 4.13 -3.70
N GLU A 33 4.31 4.96 -2.69
CA GLU A 33 4.91 4.52 -1.40
C GLU A 33 4.03 3.44 -0.77
N MET A 34 2.75 3.47 -1.03
CA MET A 34 1.84 2.44 -0.43
C MET A 34 2.09 1.07 -1.09
N ILE A 35 2.09 1.02 -2.38
CA ILE A 35 2.29 -0.29 -3.06
C ILE A 35 3.65 -0.87 -2.66
N CYS A 36 4.61 -0.04 -2.36
CA CYS A 36 5.95 -0.58 -1.97
C CYS A 36 5.87 -1.22 -0.58
N LEU A 37 5.29 -0.52 0.38
CA LEU A 37 5.20 -1.10 1.75
C LEU A 37 4.25 -2.30 1.75
N GLU A 38 3.18 -2.22 1.00
CA GLU A 38 2.23 -3.37 0.95
C GLU A 38 2.92 -4.60 0.36
N GLY A 39 3.86 -4.40 -0.52
CA GLY A 39 4.56 -5.57 -1.15
C GLY A 39 5.10 -6.54 -0.08
N GLN A 40 5.65 -6.04 0.99
CA GLN A 40 6.20 -6.96 2.04
C GLN A 40 5.07 -7.71 2.75
N GLN A 41 3.90 -7.13 2.85
CA GLN A 41 2.79 -7.82 3.56
C GLN A 41 2.78 -9.31 3.17
N ALA A 42 3.18 -9.63 1.97
CA ALA A 42 3.20 -11.05 1.56
C ALA A 42 4.24 -11.80 2.41
N GLY A 43 3.81 -12.74 3.19
CA GLY A 43 4.77 -13.48 4.04
C GLY A 43 4.98 -12.74 5.37
N LEU A 44 5.00 -11.43 5.32
CA LEU A 44 5.19 -10.64 6.58
C LEU A 44 3.86 -10.03 7.02
N SER A 45 3.68 -9.84 8.29
CA SER A 45 2.40 -9.24 8.79
C SER A 45 2.44 -7.74 8.54
N TRP A 46 1.30 -7.13 8.33
CA TRP A 46 1.28 -5.66 8.07
C TRP A 46 2.01 -4.94 9.22
N ILE A 47 1.87 -5.43 10.42
CA ILE A 47 2.57 -4.77 11.56
C ILE A 47 4.08 -4.91 11.34
N THR A 48 4.53 -6.06 10.91
CA THR A 48 5.97 -6.23 10.66
C THR A 48 6.40 -5.17 9.64
N VAL A 49 5.55 -4.91 8.68
CA VAL A 49 5.86 -3.88 7.66
C VAL A 49 5.90 -2.50 8.34
N LEU A 50 5.02 -2.27 9.29
CA LEU A 50 5.03 -0.94 9.98
C LEU A 50 6.42 -0.70 10.58
N LYS A 51 6.94 -1.66 11.30
CA LYS A 51 8.29 -1.48 11.88
C LYS A 51 9.25 -1.20 10.73
N LYS A 52 9.06 -1.87 9.63
CA LYS A 52 9.94 -1.64 8.47
C LYS A 52 9.62 -0.29 7.86
N ARG A 53 8.42 0.21 8.06
CA ARG A 53 8.09 1.54 7.48
C ARG A 53 9.13 2.53 7.98
N GLU A 54 9.43 2.48 9.25
CA GLU A 54 10.47 3.41 9.80
C GLU A 54 11.81 3.05 9.17
N ASN A 55 12.10 1.79 9.04
CA ASN A 55 13.40 1.37 8.42
C ASN A 55 13.39 1.73 6.94
N TYR A 56 12.24 1.69 6.35
CA TYR A 56 12.12 2.00 4.90
C TYR A 56 12.69 3.38 4.62
N ARG A 57 12.27 4.37 5.36
CA ARG A 57 12.81 5.73 5.13
C ARG A 57 14.29 5.75 5.52
N ALA A 58 14.69 4.91 6.44
CA ALA A 58 16.11 4.91 6.87
C ALA A 58 17.01 4.42 5.73
N CYS A 59 16.55 3.49 4.94
CA CYS A 59 17.41 2.99 3.81
C CYS A 59 17.40 4.01 2.66
N PHE A 60 16.25 4.50 2.30
CA PHE A 60 16.19 5.48 1.18
C PHE A 60 16.30 6.91 1.74
N HIS A 61 15.53 7.22 2.75
CA HIS A 61 15.58 8.60 3.36
C HIS A 61 15.24 9.68 2.32
N GLN A 62 15.80 9.58 1.15
CA GLN A 62 15.55 10.60 0.10
C GLN A 62 14.05 10.72 -0.22
N PHE A 63 13.32 9.65 -0.13
CA PHE A 63 11.85 9.72 -0.44
C PHE A 63 11.65 10.39 -1.80
N ASP A 64 12.62 10.29 -2.67
CA ASP A 64 12.49 10.89 -4.04
C ASP A 64 12.59 9.76 -5.07
N PRO A 65 11.48 9.25 -5.53
CA PRO A 65 11.46 8.14 -6.52
C PRO A 65 12.40 8.37 -7.72
N VAL A 66 12.61 9.59 -8.12
CA VAL A 66 13.51 9.83 -9.28
C VAL A 66 14.94 9.39 -8.93
N LYS A 67 15.43 9.76 -7.78
CA LYS A 67 16.81 9.34 -7.39
C LYS A 67 16.82 7.82 -7.19
N VAL A 68 15.74 7.26 -6.73
CA VAL A 68 15.70 5.80 -6.50
C VAL A 68 15.92 5.07 -7.83
N ALA A 69 15.40 5.59 -8.90
CA ALA A 69 15.60 4.95 -10.22
C ALA A 69 17.09 5.05 -10.54
N ALA A 70 17.79 5.92 -9.86
CA ALA A 70 19.25 6.09 -10.10
C ALA A 70 20.03 5.25 -9.10
N MET A 71 19.39 4.73 -8.10
CA MET A 71 20.12 3.89 -7.12
C MET A 71 20.47 2.56 -7.79
N GLN A 72 21.74 2.33 -7.96
CA GLN A 72 22.19 1.06 -8.62
C GLN A 72 22.55 0.03 -7.53
N GLU A 73 22.83 -1.18 -7.93
CA GLU A 73 23.15 -2.23 -6.91
C GLU A 73 24.25 -1.75 -5.96
N GLU A 74 25.14 -0.92 -6.40
CA GLU A 74 26.18 -0.45 -5.45
C GLU A 74 25.50 0.15 -4.23
N ASP A 75 24.49 0.95 -4.44
CA ASP A 75 23.76 1.57 -3.30
C ASP A 75 22.94 0.52 -2.55
N VAL A 76 22.39 -0.45 -3.23
CA VAL A 76 21.59 -1.46 -2.50
C VAL A 76 22.54 -2.39 -1.73
N GLU A 77 23.70 -2.67 -2.26
CA GLU A 77 24.62 -3.59 -1.57
C GLU A 77 25.05 -2.98 -0.22
N ARG A 78 25.31 -1.70 -0.15
CA ARG A 78 25.68 -1.12 1.17
C ARG A 78 24.45 -1.10 2.08
N LEU A 79 23.29 -0.89 1.53
CA LEU A 79 22.05 -0.86 2.36
C LEU A 79 21.75 -2.25 2.91
N VAL A 80 22.04 -3.27 2.16
CA VAL A 80 21.77 -4.65 2.64
C VAL A 80 22.36 -4.77 4.04
N GLN A 81 23.28 -3.90 4.37
CA GLN A 81 23.92 -3.97 5.72
C GLN A 81 23.39 -2.83 6.59
N ASP A 82 22.77 -1.84 6.01
CA ASP A 82 22.27 -0.71 6.84
C ASP A 82 20.97 -1.12 7.52
N ALA A 83 21.01 -1.31 8.81
CA ALA A 83 19.78 -1.69 9.55
C ALA A 83 19.40 -3.12 9.20
N GLY A 84 19.90 -3.62 8.09
CA GLY A 84 19.57 -5.01 7.69
C GLY A 84 18.12 -5.08 7.20
N ILE A 85 17.64 -4.02 6.60
CA ILE A 85 16.23 -4.00 6.10
C ILE A 85 15.83 -5.39 5.57
N ILE A 86 14.56 -5.68 5.54
CA ILE A 86 14.08 -7.02 5.06
C ILE A 86 14.45 -7.20 3.59
N ARG A 87 14.40 -6.15 2.82
CA ARG A 87 14.71 -6.27 1.37
C ARG A 87 16.19 -6.62 1.18
N HIS A 88 16.50 -7.37 0.15
CA HIS A 88 17.93 -7.73 -0.11
C HIS A 88 18.31 -7.31 -1.53
N ARG A 89 19.56 -7.39 -1.85
CA ARG A 89 20.01 -6.98 -3.21
C ARG A 89 19.01 -7.45 -4.26
N GLY A 90 18.42 -8.59 -4.07
CA GLY A 90 17.41 -9.07 -5.07
C GLY A 90 16.11 -8.29 -4.89
N LYS A 91 15.47 -8.44 -3.77
CA LYS A 91 14.19 -7.71 -3.54
C LYS A 91 14.43 -6.20 -3.62
N ILE A 92 15.55 -5.71 -3.14
CA ILE A 92 15.78 -4.24 -3.21
C ILE A 92 15.75 -3.79 -4.67
N GLN A 93 16.44 -4.48 -5.54
CA GLN A 93 16.43 -4.09 -6.98
C GLN A 93 14.98 -3.97 -7.43
N ALA A 94 14.12 -4.79 -6.92
CA ALA A 94 12.69 -4.70 -7.33
C ALA A 94 12.18 -3.32 -6.94
N ILE A 95 12.56 -2.83 -5.79
CA ILE A 95 12.10 -1.46 -5.39
C ILE A 95 12.70 -0.43 -6.34
N ILE A 96 13.95 -0.56 -6.66
CA ILE A 96 14.59 0.40 -7.60
C ILE A 96 13.86 0.34 -8.93
N GLY A 97 13.53 -0.85 -9.37
CA GLY A 97 12.80 -0.99 -10.66
C GLY A 97 11.41 -0.39 -10.51
N ASN A 98 10.80 -0.55 -9.36
CA ASN A 98 9.44 0.01 -9.15
C ASN A 98 9.48 1.52 -9.39
N ALA A 99 10.53 2.18 -8.99
CA ALA A 99 10.61 3.65 -9.22
C ALA A 99 10.68 3.93 -10.72
N ARG A 100 11.50 3.21 -11.43
CA ARG A 100 11.61 3.43 -12.89
C ARG A 100 10.22 3.34 -13.52
N ALA A 101 9.42 2.42 -13.07
CA ALA A 101 8.04 2.29 -13.64
C ALA A 101 7.24 3.52 -13.26
N TYR A 102 7.53 4.13 -12.15
CA TYR A 102 6.78 5.35 -11.75
C TYR A 102 7.09 6.41 -12.79
N LEU A 103 8.33 6.52 -13.17
CA LEU A 103 8.73 7.50 -14.20
C LEU A 103 8.03 7.13 -15.51
N GLN A 104 7.74 5.86 -15.71
CA GLN A 104 7.07 5.45 -16.98
C GLN A 104 5.63 5.99 -17.05
N MET A 105 4.90 5.95 -15.96
CA MET A 105 3.50 6.45 -16.00
C MET A 105 3.50 7.96 -16.17
N GLU A 106 4.45 8.61 -15.55
CA GLU A 106 4.53 10.09 -15.66
C GLU A 106 4.91 10.47 -17.09
N GLN A 107 5.79 9.73 -17.68
CA GLN A 107 6.19 10.04 -19.08
C GLN A 107 5.01 9.67 -19.96
N ASN A 108 4.10 8.91 -19.42
CA ASN A 108 2.89 8.52 -20.19
C ASN A 108 1.79 9.54 -19.90
N GLY A 109 2.01 10.36 -18.91
CA GLY A 109 0.99 11.40 -18.56
C GLY A 109 -0.22 10.74 -17.89
N GLU A 110 -0.06 9.56 -17.34
CA GLU A 110 -1.20 8.90 -16.67
C GLU A 110 -0.89 8.73 -15.17
N PRO A 111 -1.45 9.58 -14.33
CA PRO A 111 -1.22 9.49 -12.86
C PRO A 111 -1.68 8.14 -12.28
N PHE A 112 -1.00 7.65 -11.27
CA PHE A 112 -1.40 6.35 -10.65
C PHE A 112 -2.82 6.43 -10.11
N ALA A 113 -3.15 7.48 -9.43
CA ALA A 113 -4.53 7.59 -8.85
C ALA A 113 -5.56 7.68 -9.98
N ASP A 114 -5.19 8.21 -11.11
CA ASP A 114 -6.18 8.32 -12.23
C ASP A 114 -6.71 6.94 -12.61
N PHE A 115 -5.85 5.99 -12.87
CA PHE A 115 -6.34 4.64 -13.27
C PHE A 115 -6.87 3.88 -12.05
N VAL A 116 -6.23 3.99 -10.93
CA VAL A 116 -6.72 3.26 -9.74
C VAL A 116 -8.15 3.71 -9.41
N TRP A 117 -8.35 4.98 -9.24
CA TRP A 117 -9.71 5.48 -8.95
C TRP A 117 -10.63 5.14 -10.12
N SER A 118 -10.08 4.90 -11.29
CA SER A 118 -10.96 4.55 -12.45
C SER A 118 -11.57 3.16 -12.22
N PHE A 119 -10.81 2.27 -11.65
CA PHE A 119 -11.34 0.90 -11.41
C PHE A 119 -12.41 0.93 -10.32
N VAL A 120 -12.31 1.82 -9.37
CA VAL A 120 -13.34 1.87 -8.30
C VAL A 120 -14.50 2.75 -8.73
N ASN A 121 -14.59 3.05 -10.00
CA ASN A 121 -15.70 3.90 -10.53
C ASN A 121 -15.40 5.38 -10.22
N HIS A 122 -14.21 5.67 -9.81
CA HIS A 122 -13.84 7.09 -9.51
C HIS A 122 -14.63 7.62 -8.32
N GLN A 123 -15.17 6.77 -7.49
CA GLN A 123 -15.94 7.25 -6.31
C GLN A 123 -15.74 6.28 -5.14
N PRO A 124 -15.81 6.77 -3.92
CA PRO A 124 -15.64 5.89 -2.72
C PRO A 124 -16.52 4.64 -2.80
N GLN A 125 -16.02 3.52 -2.34
CA GLN A 125 -16.83 2.27 -2.40
C GLN A 125 -17.21 1.85 -0.97
N MET A 126 -18.39 1.34 -0.78
CA MET A 126 -18.82 0.93 0.60
C MET A 126 -18.65 -0.59 0.73
N THR A 127 -18.02 -1.04 1.78
CA THR A 127 -17.84 -2.50 1.96
C THR A 127 -18.98 -3.08 2.80
N GLN A 128 -19.69 -4.04 2.28
CA GLN A 128 -20.82 -4.65 3.03
C GLN A 128 -20.34 -5.86 3.83
N ALA A 129 -19.11 -5.87 4.21
CA ALA A 129 -18.58 -7.03 5.00
C ALA A 129 -18.74 -6.73 6.50
N THR A 130 -19.25 -7.68 7.26
CA THR A 130 -19.44 -7.44 8.72
C THR A 130 -18.22 -7.96 9.50
N THR A 131 -17.47 -8.86 8.93
CA THR A 131 -16.28 -9.39 9.64
C THR A 131 -15.08 -9.43 8.70
N LEU A 132 -13.91 -9.64 9.25
CA LEU A 132 -12.69 -9.69 8.41
C LEU A 132 -12.83 -10.85 7.40
N SER A 133 -13.49 -11.90 7.80
CA SER A 133 -13.67 -13.06 6.88
C SER A 133 -14.71 -12.75 5.79
N GLU A 134 -15.45 -11.68 5.96
CA GLU A 134 -16.46 -11.32 4.93
C GLU A 134 -15.82 -10.33 3.97
N ILE A 135 -14.56 -10.07 4.17
CA ILE A 135 -13.83 -9.12 3.31
C ILE A 135 -13.17 -9.88 2.16
N PRO A 136 -13.47 -9.56 0.92
CA PRO A 136 -12.86 -10.27 -0.25
C PRO A 136 -11.39 -9.90 -0.45
N THR A 137 -10.58 -10.87 -0.81
CA THR A 137 -9.14 -10.59 -1.04
C THR A 137 -8.90 -10.51 -2.55
N SER A 138 -9.94 -10.62 -3.33
CA SER A 138 -9.78 -10.56 -4.79
C SER A 138 -11.00 -9.87 -5.41
N THR A 139 -10.97 -8.57 -5.50
CA THR A 139 -12.13 -7.85 -6.09
C THR A 139 -11.78 -7.48 -7.53
N PRO A 140 -12.76 -7.31 -8.37
CA PRO A 140 -12.53 -6.94 -9.79
C PRO A 140 -11.66 -5.70 -9.88
N ALA A 141 -11.86 -4.77 -8.99
CA ALA A 141 -11.04 -3.52 -9.01
C ALA A 141 -9.63 -3.85 -8.53
N SER A 142 -9.51 -4.63 -7.48
CA SER A 142 -8.16 -4.98 -6.97
C SER A 142 -7.48 -5.92 -7.96
N ASP A 143 -8.23 -6.82 -8.55
CA ASP A 143 -7.61 -7.75 -9.52
C ASP A 143 -7.06 -6.95 -10.70
N ALA A 144 -7.77 -5.94 -11.11
CA ALA A 144 -7.29 -5.10 -12.24
C ALA A 144 -6.06 -4.32 -11.80
N LEU A 145 -6.01 -3.90 -10.56
CA LEU A 145 -4.81 -3.15 -10.10
C LEU A 145 -3.57 -4.01 -10.34
N SER A 146 -3.62 -5.25 -9.97
CA SER A 146 -2.45 -6.13 -10.19
C SER A 146 -2.15 -6.21 -11.69
N LYS A 147 -3.15 -6.49 -12.48
CA LYS A 147 -2.93 -6.56 -13.95
C LYS A 147 -2.45 -5.20 -14.46
N ALA A 148 -3.02 -4.14 -13.96
CA ALA A 148 -2.60 -2.79 -14.40
C ALA A 148 -1.19 -2.51 -13.90
N LEU A 149 -0.95 -2.66 -12.62
CA LEU A 149 0.40 -2.40 -12.08
C LEU A 149 1.38 -3.39 -12.70
N LYS A 150 0.95 -4.59 -12.99
CA LYS A 150 1.89 -5.57 -13.59
C LYS A 150 2.40 -5.05 -14.94
N LYS A 151 1.53 -4.48 -15.73
CA LYS A 151 1.97 -3.95 -17.06
C LYS A 151 2.87 -2.74 -16.89
N ARG A 152 2.73 -2.01 -15.83
CA ARG A 152 3.60 -0.82 -15.63
C ARG A 152 5.00 -1.30 -15.26
N GLY A 153 5.20 -2.59 -15.20
CA GLY A 153 6.54 -3.12 -14.82
C GLY A 153 6.67 -3.02 -13.32
N PHE A 154 5.57 -3.06 -12.64
CA PHE A 154 5.59 -2.96 -11.16
C PHE A 154 5.54 -4.35 -10.54
N LYS A 155 6.59 -4.75 -9.91
CA LYS A 155 6.61 -6.08 -9.26
C LYS A 155 6.07 -5.94 -7.83
N PHE A 156 5.93 -7.02 -7.10
CA PHE A 156 5.36 -6.93 -5.72
C PHE A 156 3.95 -6.36 -5.83
N VAL A 157 3.09 -7.08 -6.48
CA VAL A 157 1.69 -6.62 -6.66
C VAL A 157 0.77 -7.84 -6.62
N GLY A 158 1.03 -8.76 -5.71
CA GLY A 158 0.18 -9.96 -5.62
C GLY A 158 -1.29 -9.54 -5.55
N THR A 159 -2.19 -10.39 -5.96
CA THR A 159 -3.63 -10.02 -5.93
C THR A 159 -3.98 -9.54 -4.52
N THR A 160 -3.35 -10.08 -3.51
CA THR A 160 -3.66 -9.64 -2.13
C THR A 160 -3.10 -8.24 -1.92
N ILE A 161 -2.04 -7.91 -2.59
CA ILE A 161 -1.46 -6.55 -2.43
C ILE A 161 -2.46 -5.53 -2.94
N CYS A 162 -3.04 -5.79 -4.08
CA CYS A 162 -4.04 -4.84 -4.66
C CYS A 162 -5.22 -4.68 -3.70
N TYR A 163 -5.65 -5.75 -3.07
CA TYR A 163 -6.81 -5.67 -2.14
C TYR A 163 -6.43 -4.92 -0.87
N SER A 164 -5.33 -5.25 -0.26
CA SER A 164 -4.94 -4.55 1.00
C SER A 164 -4.70 -3.08 0.67
N PHE A 165 -4.14 -2.84 -0.48
CA PHE A 165 -3.83 -1.46 -0.92
C PHE A 165 -5.09 -0.58 -1.00
N MET A 166 -6.16 -1.06 -1.59
CA MET A 166 -7.38 -0.21 -1.71
C MET A 166 -8.05 -0.03 -0.34
N GLN A 167 -8.00 -1.03 0.49
CA GLN A 167 -8.64 -0.92 1.83
C GLN A 167 -8.00 0.21 2.65
N ALA A 168 -6.70 0.32 2.63
CA ALA A 168 -6.02 1.37 3.43
C ALA A 168 -5.91 2.70 2.65
N CYS A 169 -5.96 2.65 1.37
CA CYS A 169 -5.84 3.90 0.56
C CYS A 169 -7.05 4.81 0.75
N GLY A 170 -8.15 4.27 1.20
CA GLY A 170 -9.37 5.11 1.37
C GLY A 170 -10.28 4.91 0.17
N LEU A 171 -9.87 4.07 -0.74
CA LEU A 171 -10.71 3.81 -1.94
C LEU A 171 -12.03 3.17 -1.51
N VAL A 172 -12.01 2.41 -0.44
CA VAL A 172 -13.26 1.76 0.03
C VAL A 172 -13.48 2.11 1.51
N ASN A 173 -14.71 2.33 1.90
CA ASN A 173 -14.98 2.68 3.33
C ASN A 173 -15.73 1.54 4.02
N ASP A 174 -15.76 1.56 5.33
CA ASP A 174 -16.49 0.51 6.10
C ASP A 174 -15.57 -0.70 6.35
N HIS A 175 -14.74 -0.61 7.35
CA HIS A 175 -13.82 -1.75 7.65
C HIS A 175 -14.62 -3.04 7.82
N VAL A 176 -15.67 -3.00 8.59
CA VAL A 176 -16.48 -4.23 8.81
C VAL A 176 -17.94 -3.87 9.12
N VAL A 177 -18.47 -2.87 8.48
CA VAL A 177 -19.88 -2.47 8.71
C VAL A 177 -20.19 -2.44 10.22
N GLY A 178 -19.19 -2.48 11.06
CA GLY A 178 -19.48 -2.44 12.53
C GLY A 178 -18.25 -1.93 13.29
N CYS A 179 -17.49 -1.05 12.69
CA CYS A 179 -16.29 -0.52 13.40
C CYS A 179 -16.64 0.78 14.11
N CYS A 180 -16.03 1.01 15.24
CA CYS A 180 -16.30 2.26 16.01
C CYS A 180 -15.79 3.49 15.26
N CYS A 181 -14.86 3.32 14.36
CA CYS A 181 -14.29 4.51 13.64
C CYS A 181 -14.95 4.74 12.27
N TYR A 182 -15.42 3.73 11.60
CA TYR A 182 -16.04 3.98 10.27
C TYR A 182 -17.34 4.79 10.43
N PRO A 183 -17.53 5.83 9.64
CA PRO A 183 -18.77 6.67 9.72
C PRO A 183 -19.99 5.96 9.15
N GLY A 184 -21.04 5.90 9.92
CA GLY A 184 -22.29 5.25 9.43
C GLY A 184 -23.44 6.23 9.55
N ASN A 185 -23.39 7.07 10.55
CA ASN A 185 -24.47 8.08 10.73
C ASN A 185 -23.94 9.27 11.51
N LYS A 186 -22.64 9.37 11.66
CA LYS A 186 -22.04 10.51 12.41
C LYS A 186 -21.12 11.30 11.49
N PRO A 187 -21.67 12.19 10.70
CA PRO A 187 -20.89 13.03 9.75
C PRO A 187 -19.71 13.73 10.42
N MET A 1 -17.42 4.45 17.74
CA MET A 1 -17.94 3.23 18.43
C MET A 1 -16.75 2.38 18.89
N GLU A 2 -16.73 1.13 18.50
CA GLU A 2 -15.59 0.24 18.90
C GLU A 2 -14.60 0.09 17.75
N ARG A 3 -13.38 -0.19 18.07
CA ARG A 3 -12.35 -0.36 17.02
C ARG A 3 -12.53 -1.70 16.32
N CYS A 4 -12.00 -1.83 15.14
CA CYS A 4 -12.16 -3.14 14.41
C CYS A 4 -11.25 -4.19 15.06
N GLY A 5 -11.62 -5.43 14.95
CA GLY A 5 -10.80 -6.52 15.56
C GLY A 5 -9.34 -6.40 15.11
N TRP A 6 -9.11 -5.83 13.96
CA TRP A 6 -7.71 -5.71 13.48
C TRP A 6 -6.99 -4.60 14.25
N VAL A 7 -7.56 -4.14 15.33
CA VAL A 7 -6.90 -3.05 16.10
C VAL A 7 -7.03 -3.31 17.61
N SER A 8 -8.01 -4.08 18.01
CA SER A 8 -8.18 -4.36 19.46
C SER A 8 -7.09 -5.31 19.94
N GLN A 9 -6.13 -5.61 19.10
CA GLN A 9 -5.04 -6.55 19.52
C GLN A 9 -3.70 -5.82 19.54
N ASP A 10 -3.13 -5.57 18.40
CA ASP A 10 -1.81 -4.88 18.35
C ASP A 10 -1.96 -3.41 18.81
N PRO A 11 -1.02 -2.91 19.59
CA PRO A 11 -1.07 -1.50 20.09
C PRO A 11 -0.78 -0.46 18.99
N LEU A 12 0.33 -0.59 18.29
CA LEU A 12 0.66 0.40 17.23
C LEU A 12 -0.50 0.51 16.24
N TYR A 13 -1.18 -0.58 16.00
CA TYR A 13 -2.32 -0.54 15.04
C TYR A 13 -3.29 0.58 15.44
N ILE A 14 -3.51 0.73 16.71
CA ILE A 14 -4.44 1.79 17.17
C ILE A 14 -4.00 3.14 16.59
N ALA A 15 -2.72 3.39 16.54
CA ALA A 15 -2.25 4.69 15.97
C ALA A 15 -2.45 4.68 14.46
N TYR A 16 -1.96 3.66 13.78
CA TYR A 16 -2.12 3.59 12.30
C TYR A 16 -3.60 3.57 11.95
N HIS A 17 -4.38 2.85 12.69
CA HIS A 17 -5.83 2.78 12.39
C HIS A 17 -6.44 4.19 12.44
N ASP A 18 -6.08 4.93 13.45
CA ASP A 18 -6.62 6.31 13.59
C ASP A 18 -6.08 7.23 12.50
N ASN A 19 -4.88 6.98 12.03
CA ASN A 19 -4.31 7.88 10.99
C ASN A 19 -5.17 7.90 9.72
N GLU A 20 -5.48 6.76 9.16
CA GLU A 20 -6.31 6.73 7.93
C GLU A 20 -6.45 5.31 7.41
N TRP A 21 -7.21 4.48 8.08
CA TRP A 21 -7.39 3.09 7.58
C TRP A 21 -8.25 3.17 6.31
N GLY A 22 -7.77 3.85 5.32
CA GLY A 22 -8.56 3.99 4.06
C GLY A 22 -9.75 4.91 4.32
N VAL A 23 -9.52 6.06 4.90
CA VAL A 23 -10.64 6.99 5.19
C VAL A 23 -10.60 8.20 4.24
N PRO A 24 -9.44 8.75 3.98
CA PRO A 24 -9.27 9.93 3.09
C PRO A 24 -9.01 9.56 1.63
N GLU A 25 -9.40 10.40 0.71
CA GLU A 25 -9.13 10.10 -0.72
C GLU A 25 -7.63 10.19 -0.91
N THR A 26 -7.06 9.37 -1.73
CA THR A 26 -5.59 9.40 -1.88
C THR A 26 -5.16 10.19 -3.13
N ASP A 27 -4.02 10.81 -3.05
CA ASP A 27 -3.48 11.57 -4.21
C ASP A 27 -2.51 10.67 -4.96
N SER A 28 -2.14 11.02 -6.15
CA SER A 28 -1.19 10.15 -6.91
C SER A 28 0.07 9.91 -6.09
N LYS A 29 0.44 10.87 -5.30
CA LYS A 29 1.68 10.73 -4.47
C LYS A 29 1.51 9.61 -3.43
N LYS A 30 0.37 9.55 -2.79
CA LYS A 30 0.16 8.49 -1.76
C LYS A 30 0.21 7.12 -2.43
N LEU A 31 -0.28 7.05 -3.64
CA LEU A 31 -0.30 5.75 -4.36
C LEU A 31 1.11 5.19 -4.44
N PHE A 32 2.08 6.00 -4.69
CA PHE A 32 3.47 5.49 -4.77
C PHE A 32 3.98 5.06 -3.39
N GLU A 33 3.72 5.83 -2.38
CA GLU A 33 4.21 5.44 -1.04
C GLU A 33 3.45 4.23 -0.55
N MET A 34 2.15 4.24 -0.71
CA MET A 34 1.34 3.09 -0.24
C MET A 34 1.71 1.81 -0.97
N ILE A 35 1.75 1.82 -2.27
CA ILE A 35 2.10 0.59 -3.00
C ILE A 35 3.51 0.14 -2.61
N CYS A 36 4.35 1.05 -2.21
CA CYS A 36 5.73 0.63 -1.81
C CYS A 36 5.68 -0.20 -0.53
N LEU A 37 5.08 0.29 0.51
CA LEU A 37 5.01 -0.51 1.76
C LEU A 37 4.02 -1.66 1.56
N GLU A 38 2.95 -1.39 0.86
CA GLU A 38 1.95 -2.46 0.63
C GLU A 38 2.59 -3.60 -0.18
N GLY A 39 3.52 -3.30 -1.05
CA GLY A 39 4.17 -4.38 -1.84
C GLY A 39 5.21 -5.11 -0.99
N GLN A 40 5.59 -4.55 0.14
CA GLN A 40 6.62 -5.22 1.00
C GLN A 40 5.96 -6.13 2.05
N GLN A 41 4.66 -6.08 2.20
CA GLN A 41 4.02 -6.94 3.23
C GLN A 41 3.87 -8.37 2.71
N ALA A 42 4.33 -8.64 1.51
CA ALA A 42 4.20 -10.02 0.98
C ALA A 42 5.02 -10.95 1.88
N GLY A 43 4.37 -11.90 2.51
CA GLY A 43 5.13 -12.83 3.41
C GLY A 43 5.45 -12.11 4.72
N LEU A 44 5.60 -10.81 4.68
CA LEU A 44 5.92 -10.05 5.93
C LEU A 44 4.63 -9.44 6.49
N SER A 45 4.53 -9.35 7.80
CA SER A 45 3.32 -8.75 8.41
C SER A 45 3.26 -7.26 8.09
N TRP A 46 2.09 -6.69 8.05
CA TRP A 46 1.98 -5.24 7.73
C TRP A 46 2.73 -4.43 8.79
N ILE A 47 2.69 -4.85 10.03
CA ILE A 47 3.41 -4.10 11.09
C ILE A 47 4.92 -4.21 10.85
N THR A 48 5.38 -5.34 10.38
CA THR A 48 6.83 -5.50 10.12
C THR A 48 7.23 -4.45 9.08
N VAL A 49 6.41 -4.26 8.09
CA VAL A 49 6.73 -3.24 7.05
C VAL A 49 6.64 -1.85 7.68
N LEU A 50 5.74 -1.64 8.60
CA LEU A 50 5.61 -0.30 9.25
C LEU A 50 6.95 0.10 9.86
N LYS A 51 7.53 -0.75 10.66
CA LYS A 51 8.84 -0.40 11.27
C LYS A 51 9.82 -0.11 10.14
N LYS A 52 9.77 -0.93 9.13
CA LYS A 52 10.66 -0.74 7.95
C LYS A 52 10.24 0.52 7.23
N ARG A 53 8.99 0.89 7.31
CA ARG A 53 8.55 2.12 6.59
C ARG A 53 9.45 3.27 7.01
N GLU A 54 9.74 3.40 8.28
CA GLU A 54 10.59 4.54 8.71
C GLU A 54 12.06 4.32 8.31
N ASN A 55 12.60 3.17 8.60
CA ASN A 55 14.03 2.93 8.24
C ASN A 55 14.19 2.56 6.76
N TYR A 56 13.34 1.72 6.25
CA TYR A 56 13.47 1.33 4.82
C TYR A 56 13.29 2.55 3.94
N ARG A 57 12.31 3.37 4.20
CA ARG A 57 12.11 4.56 3.34
C ARG A 57 13.34 5.46 3.42
N ALA A 58 14.01 5.48 4.53
CA ALA A 58 15.20 6.36 4.64
C ALA A 58 16.29 5.91 3.65
N CYS A 59 16.50 4.62 3.54
CA CYS A 59 17.57 4.11 2.62
C CYS A 59 17.15 4.11 1.14
N PHE A 60 15.94 3.69 0.83
CA PHE A 60 15.53 3.61 -0.62
C PHE A 60 14.52 4.70 -0.98
N HIS A 61 14.25 5.62 -0.12
CA HIS A 61 13.28 6.70 -0.47
C HIS A 61 13.64 7.95 0.31
N GLN A 62 14.82 8.45 0.11
CA GLN A 62 15.21 9.67 0.85
C GLN A 62 14.20 10.77 0.56
N PHE A 63 13.80 10.91 -0.68
CA PHE A 63 12.79 11.96 -1.01
C PHE A 63 12.14 11.75 -2.38
N ASP A 64 12.91 11.86 -3.43
CA ASP A 64 12.31 11.72 -4.79
C ASP A 64 12.55 10.32 -5.36
N PRO A 65 11.61 9.82 -6.14
CA PRO A 65 11.73 8.49 -6.77
C PRO A 65 12.77 8.51 -7.90
N VAL A 66 13.12 9.68 -8.38
CA VAL A 66 14.13 9.78 -9.46
C VAL A 66 15.46 9.33 -8.90
N LYS A 67 15.77 9.79 -7.72
CA LYS A 67 17.04 9.42 -7.06
C LYS A 67 16.99 7.94 -6.72
N VAL A 68 15.84 7.47 -6.32
CA VAL A 68 15.69 6.03 -5.98
C VAL A 68 15.98 5.20 -7.24
N ALA A 69 15.53 5.66 -8.37
CA ALA A 69 15.78 4.92 -9.62
C ALA A 69 17.27 4.98 -9.92
N ALA A 70 17.96 5.87 -9.26
CA ALA A 70 19.43 5.97 -9.48
C ALA A 70 20.14 4.99 -8.55
N MET A 71 19.42 4.43 -7.64
CA MET A 71 20.04 3.44 -6.72
C MET A 71 20.18 2.13 -7.48
N GLN A 72 21.39 1.72 -7.77
CA GLN A 72 21.58 0.48 -8.55
C GLN A 72 21.84 -0.70 -7.60
N GLU A 73 22.08 -1.86 -8.16
CA GLU A 73 22.32 -3.07 -7.31
C GLU A 73 23.52 -2.87 -6.39
N GLU A 74 24.52 -2.15 -6.82
CA GLU A 74 25.70 -1.93 -5.94
C GLU A 74 25.23 -1.27 -4.64
N ASP A 75 24.37 -0.28 -4.73
CA ASP A 75 23.89 0.37 -3.49
C ASP A 75 23.08 -0.65 -2.68
N VAL A 76 22.31 -1.47 -3.36
CA VAL A 76 21.48 -2.49 -2.66
C VAL A 76 22.37 -3.41 -1.81
N GLU A 77 23.48 -3.87 -2.33
CA GLU A 77 24.35 -4.77 -1.50
C GLU A 77 24.85 -3.99 -0.28
N ARG A 78 25.12 -2.73 -0.44
CA ARG A 78 25.59 -1.92 0.72
C ARG A 78 24.44 -1.75 1.73
N LEU A 79 23.27 -1.45 1.23
CA LEU A 79 22.09 -1.21 2.12
C LEU A 79 21.61 -2.49 2.82
N VAL A 80 21.72 -3.64 2.21
CA VAL A 80 21.22 -4.85 2.88
C VAL A 80 21.75 -4.88 4.32
N GLN A 81 22.75 -4.09 4.60
CA GLN A 81 23.31 -4.07 5.99
C GLN A 81 23.30 -2.64 6.55
N ASP A 82 22.87 -1.67 5.79
CA ASP A 82 22.85 -0.28 6.35
C ASP A 82 21.57 -0.09 7.16
N ALA A 83 21.69 0.03 8.45
CA ALA A 83 20.49 0.22 9.32
C ALA A 83 19.86 -1.13 9.67
N GLY A 84 20.36 -2.19 9.10
CA GLY A 84 19.79 -3.53 9.41
C GLY A 84 18.40 -3.67 8.77
N ILE A 85 18.23 -3.14 7.59
CA ILE A 85 16.90 -3.25 6.91
C ILE A 85 16.68 -4.69 6.47
N ILE A 86 15.75 -4.90 5.57
CA ILE A 86 15.48 -6.28 5.09
C ILE A 86 16.55 -6.68 4.10
N ARG A 87 17.28 -7.70 4.42
CA ARG A 87 18.37 -8.18 3.54
C ARG A 87 17.77 -9.03 2.42
N HIS A 88 18.06 -8.70 1.19
CA HIS A 88 17.49 -9.47 0.05
C HIS A 88 17.80 -8.73 -1.25
N ARG A 89 19.01 -8.78 -1.72
CA ARG A 89 19.35 -8.06 -2.97
C ARG A 89 18.26 -8.29 -4.02
N GLY A 90 17.67 -9.46 -4.02
CA GLY A 90 16.60 -9.74 -5.03
C GLY A 90 15.37 -8.86 -4.81
N LYS A 91 14.76 -8.96 -3.66
CA LYS A 91 13.53 -8.14 -3.40
C LYS A 91 13.85 -6.64 -3.49
N ILE A 92 14.96 -6.21 -2.95
CA ILE A 92 15.28 -4.75 -3.01
C ILE A 92 15.46 -4.30 -4.46
N GLN A 93 16.13 -5.07 -5.27
CA GLN A 93 16.31 -4.65 -6.69
C GLN A 93 14.94 -4.43 -7.34
N ALA A 94 13.96 -5.18 -6.92
CA ALA A 94 12.59 -5.00 -7.50
C ALA A 94 12.03 -3.64 -7.09
N ILE A 95 12.26 -3.24 -5.87
CA ILE A 95 11.74 -1.93 -5.39
C ILE A 95 12.42 -0.77 -6.14
N ILE A 96 13.67 -0.89 -6.46
CA ILE A 96 14.33 0.22 -7.20
C ILE A 96 13.54 0.44 -8.49
N GLY A 97 13.12 -0.63 -9.08
CA GLY A 97 12.32 -0.55 -10.33
C GLY A 97 10.98 0.13 -10.04
N ASN A 98 10.45 -0.08 -8.86
CA ASN A 98 9.14 0.57 -8.54
C ASN A 98 9.29 2.07 -8.76
N ALA A 99 10.40 2.63 -8.38
CA ALA A 99 10.60 4.09 -8.60
C ALA A 99 10.62 4.36 -10.11
N ARG A 100 11.34 3.55 -10.84
CA ARG A 100 11.39 3.74 -12.31
C ARG A 100 9.98 3.57 -12.87
N ALA A 101 9.23 2.66 -12.33
CA ALA A 101 7.84 2.44 -12.81
C ALA A 101 7.02 3.72 -12.58
N TYR A 102 7.35 4.46 -11.55
CA TYR A 102 6.62 5.72 -11.29
C TYR A 102 6.88 6.63 -12.48
N LEU A 103 8.11 6.67 -12.91
CA LEU A 103 8.46 7.49 -14.08
C LEU A 103 7.73 6.93 -15.31
N GLN A 104 7.55 5.63 -15.36
CA GLN A 104 6.84 5.02 -16.53
C GLN A 104 5.40 5.52 -16.60
N MET A 105 4.74 5.66 -15.48
CA MET A 105 3.33 6.15 -15.50
C MET A 105 3.33 7.57 -16.04
N GLU A 106 4.22 8.37 -15.53
CA GLU A 106 4.31 9.77 -15.97
C GLU A 106 4.57 9.80 -17.47
N GLN A 107 5.38 8.90 -17.93
CA GLN A 107 5.65 8.85 -19.39
C GLN A 107 4.31 8.60 -20.07
N ASN A 108 3.39 8.01 -19.36
CA ASN A 108 2.05 7.78 -19.95
C ASN A 108 1.16 8.97 -19.61
N GLY A 109 1.61 9.80 -18.72
CA GLY A 109 0.81 11.02 -18.36
C GLY A 109 -0.48 10.60 -17.63
N GLU A 110 -0.48 9.48 -16.97
CA GLU A 110 -1.72 9.04 -16.26
C GLU A 110 -1.43 8.89 -14.76
N PRO A 111 -1.84 9.83 -13.94
CA PRO A 111 -1.60 9.76 -12.47
C PRO A 111 -2.04 8.40 -11.88
N PHE A 112 -1.31 7.89 -10.93
CA PHE A 112 -1.67 6.57 -10.33
C PHE A 112 -3.07 6.62 -9.69
N ALA A 113 -3.40 7.70 -9.06
CA ALA A 113 -4.73 7.80 -8.41
C ALA A 113 -5.84 7.80 -9.46
N ASP A 114 -5.56 8.27 -10.64
CA ASP A 114 -6.62 8.33 -11.69
C ASP A 114 -7.08 6.93 -12.13
N PHE A 115 -6.18 6.03 -12.41
CA PHE A 115 -6.62 4.69 -12.89
C PHE A 115 -7.19 3.86 -11.73
N VAL A 116 -6.64 3.94 -10.55
CA VAL A 116 -7.21 3.12 -9.44
C VAL A 116 -8.64 3.56 -9.16
N TRP A 117 -8.87 4.82 -8.93
CA TRP A 117 -10.25 5.28 -8.69
C TRP A 117 -11.11 4.88 -9.88
N SER A 118 -10.50 4.73 -11.03
CA SER A 118 -11.26 4.35 -12.25
C SER A 118 -11.63 2.86 -12.20
N PHE A 119 -10.74 2.04 -11.72
CA PHE A 119 -11.02 0.58 -11.66
C PHE A 119 -12.22 0.31 -10.74
N VAL A 120 -12.38 1.11 -9.73
CA VAL A 120 -13.52 0.89 -8.79
C VAL A 120 -14.71 1.75 -9.27
N ASN A 121 -14.68 2.17 -10.51
CA ASN A 121 -15.79 3.00 -11.05
C ASN A 121 -15.81 4.37 -10.35
N HIS A 122 -14.65 4.88 -10.01
CA HIS A 122 -14.59 6.21 -9.33
C HIS A 122 -15.75 6.36 -8.34
N GLN A 123 -16.15 5.27 -7.73
CA GLN A 123 -17.28 5.34 -6.76
C GLN A 123 -16.87 4.64 -5.45
N PRO A 124 -17.46 5.04 -4.35
CA PRO A 124 -17.16 4.43 -3.01
C PRO A 124 -17.73 3.02 -2.88
N GLN A 125 -16.99 2.13 -2.27
CA GLN A 125 -17.50 0.74 -2.10
C GLN A 125 -17.84 0.51 -0.62
N MET A 126 -19.05 0.12 -0.34
CA MET A 126 -19.41 -0.11 1.09
C MET A 126 -19.24 -1.59 1.41
N THR A 127 -18.35 -1.91 2.31
CA THR A 127 -18.14 -3.34 2.67
C THR A 127 -19.13 -3.74 3.77
N GLN A 128 -20.03 -4.64 3.47
CA GLN A 128 -21.04 -5.07 4.48
C GLN A 128 -20.50 -6.26 5.26
N ALA A 129 -19.21 -6.44 5.24
CA ALA A 129 -18.60 -7.59 5.96
C ALA A 129 -18.79 -7.40 7.47
N THR A 130 -19.16 -8.44 8.17
CA THR A 130 -19.34 -8.33 9.64
C THR A 130 -18.08 -8.83 10.34
N THR A 131 -17.21 -9.47 9.60
CA THR A 131 -15.95 -9.98 10.20
C THR A 131 -14.81 -9.75 9.22
N LEU A 132 -13.59 -9.84 9.69
CA LEU A 132 -12.43 -9.63 8.77
C LEU A 132 -12.45 -10.72 7.70
N SER A 133 -12.87 -11.91 8.05
CA SER A 133 -12.91 -13.02 7.06
C SER A 133 -14.04 -12.81 6.06
N GLU A 134 -15.00 -11.99 6.39
CA GLU A 134 -16.14 -11.76 5.45
C GLU A 134 -15.74 -10.68 4.44
N ILE A 135 -14.53 -10.23 4.50
CA ILE A 135 -14.08 -9.18 3.56
C ILE A 135 -13.44 -9.86 2.33
N PRO A 136 -13.71 -9.37 1.13
CA PRO A 136 -13.15 -9.96 -0.11
C PRO A 136 -11.65 -9.73 -0.26
N THR A 137 -10.92 -10.75 -0.65
CA THR A 137 -9.45 -10.58 -0.83
C THR A 137 -9.11 -10.68 -2.31
N SER A 138 -10.11 -10.83 -3.13
CA SER A 138 -9.86 -10.93 -4.60
C SER A 138 -11.04 -10.31 -5.34
N THR A 139 -10.97 -9.03 -5.61
CA THR A 139 -12.10 -8.37 -6.34
C THR A 139 -11.63 -8.01 -7.75
N PRO A 140 -12.55 -7.85 -8.66
CA PRO A 140 -12.21 -7.50 -10.06
C PRO A 140 -11.36 -6.24 -10.14
N ALA A 141 -11.63 -5.28 -9.29
CA ALA A 141 -10.81 -4.05 -9.29
C ALA A 141 -9.43 -4.37 -8.72
N SER A 142 -9.38 -5.14 -7.67
CA SER A 142 -8.07 -5.50 -7.07
C SER A 142 -7.29 -6.39 -8.04
N ASP A 143 -7.96 -7.34 -8.65
CA ASP A 143 -7.26 -8.24 -9.60
C ASP A 143 -6.80 -7.42 -10.80
N ALA A 144 -7.64 -6.55 -11.29
CA ALA A 144 -7.24 -5.71 -12.46
C ALA A 144 -6.11 -4.78 -12.05
N LEU A 145 -6.11 -4.35 -10.82
CA LEU A 145 -5.04 -3.43 -10.35
C LEU A 145 -3.69 -4.15 -10.48
N SER A 146 -3.61 -5.38 -10.05
CA SER A 146 -2.33 -6.13 -10.16
C SER A 146 -1.89 -6.19 -11.62
N LYS A 147 -2.78 -6.53 -12.50
CA LYS A 147 -2.43 -6.61 -13.93
C LYS A 147 -1.94 -5.25 -14.43
N ALA A 148 -2.62 -4.20 -14.08
CA ALA A 148 -2.19 -2.85 -14.54
C ALA A 148 -0.87 -2.48 -13.88
N LEU A 149 -0.74 -2.71 -12.61
CA LEU A 149 0.53 -2.38 -11.91
C LEU A 149 1.66 -3.26 -12.45
N LYS A 150 1.37 -4.49 -12.77
CA LYS A 150 2.45 -5.37 -13.30
C LYS A 150 3.00 -4.77 -14.59
N LYS A 151 2.16 -4.23 -15.42
CA LYS A 151 2.65 -3.63 -16.70
C LYS A 151 3.54 -2.43 -16.41
N ARG A 152 3.23 -1.66 -15.41
CA ARG A 152 4.06 -0.46 -15.09
C ARG A 152 5.42 -0.92 -14.55
N GLY A 153 5.66 -2.20 -14.55
CA GLY A 153 6.96 -2.70 -14.04
C GLY A 153 6.90 -2.71 -12.51
N PHE A 154 5.73 -2.80 -11.97
CA PHE A 154 5.60 -2.82 -10.49
C PHE A 154 5.50 -4.28 -10.04
N LYS A 155 6.49 -4.77 -9.37
CA LYS A 155 6.44 -6.19 -8.91
C LYS A 155 5.97 -6.24 -7.46
N PHE A 156 5.80 -7.42 -6.92
CA PHE A 156 5.30 -7.54 -5.52
C PHE A 156 3.94 -6.84 -5.42
N VAL A 157 3.08 -7.12 -6.36
CA VAL A 157 1.73 -6.50 -6.37
C VAL A 157 0.67 -7.59 -6.45
N GLY A 158 0.89 -8.70 -5.80
CA GLY A 158 -0.11 -9.81 -5.86
C GLY A 158 -1.51 -9.27 -5.60
N THR A 159 -2.52 -10.08 -5.77
CA THR A 159 -3.90 -9.61 -5.53
C THR A 159 -4.04 -9.18 -4.07
N THR A 160 -3.27 -9.76 -3.20
CA THR A 160 -3.35 -9.37 -1.77
C THR A 160 -2.88 -7.94 -1.65
N ILE A 161 -1.88 -7.60 -2.41
CA ILE A 161 -1.35 -6.22 -2.38
C ILE A 161 -2.40 -5.28 -2.99
N CYS A 162 -2.97 -5.68 -4.09
CA CYS A 162 -4.00 -4.83 -4.76
C CYS A 162 -5.22 -4.68 -3.84
N TYR A 163 -5.63 -5.74 -3.21
CA TYR A 163 -6.81 -5.67 -2.30
C TYR A 163 -6.46 -4.83 -1.06
N SER A 164 -5.28 -5.01 -0.52
CA SER A 164 -4.91 -4.24 0.68
C SER A 164 -4.86 -2.74 0.36
N PHE A 165 -4.37 -2.38 -0.79
CA PHE A 165 -4.31 -0.95 -1.17
C PHE A 165 -5.73 -0.37 -1.18
N MET A 166 -6.67 -1.10 -1.73
CA MET A 166 -8.08 -0.59 -1.77
C MET A 166 -8.62 -0.42 -0.35
N GLN A 167 -8.28 -1.32 0.53
CA GLN A 167 -8.80 -1.24 1.93
C GLN A 167 -8.24 0.00 2.65
N ALA A 168 -6.98 0.29 2.48
CA ALA A 168 -6.39 1.46 3.20
C ALA A 168 -6.25 2.67 2.27
N CYS A 169 -6.75 2.59 1.07
CA CYS A 169 -6.60 3.76 0.15
C CYS A 169 -7.88 4.61 0.17
N GLY A 170 -8.94 4.11 0.73
CA GLY A 170 -10.20 4.91 0.80
C GLY A 170 -11.17 4.45 -0.30
N LEU A 171 -10.75 3.58 -1.16
CA LEU A 171 -11.66 3.10 -2.24
C LEU A 171 -12.87 2.38 -1.62
N VAL A 172 -12.68 1.70 -0.51
CA VAL A 172 -13.81 1.00 0.14
C VAL A 172 -13.90 1.38 1.62
N ASN A 173 -15.08 1.61 2.11
CA ASN A 173 -15.24 1.99 3.55
C ASN A 173 -15.96 0.88 4.32
N ASP A 174 -15.89 0.93 5.63
CA ASP A 174 -16.55 -0.09 6.50
C ASP A 174 -15.59 -1.23 6.83
N HIS A 175 -14.68 -1.01 7.74
CA HIS A 175 -13.72 -2.09 8.12
C HIS A 175 -14.52 -3.32 8.48
N VAL A 176 -15.62 -3.13 9.15
CA VAL A 176 -16.50 -4.27 9.55
C VAL A 176 -17.88 -3.72 9.89
N VAL A 177 -18.48 -3.01 8.96
CA VAL A 177 -19.83 -2.41 9.18
C VAL A 177 -20.12 -2.21 10.67
N GLY A 178 -19.40 -1.31 11.30
CA GLY A 178 -19.65 -1.07 12.76
C GLY A 178 -18.34 -0.72 13.46
N CYS A 179 -17.45 -0.01 12.80
CA CYS A 179 -16.16 0.37 13.46
C CYS A 179 -16.20 1.86 13.84
N CYS A 180 -15.53 2.21 14.91
CA CYS A 180 -15.53 3.63 15.34
C CYS A 180 -15.03 4.52 14.20
N CYS A 181 -14.03 4.09 13.49
CA CYS A 181 -13.50 4.91 12.37
C CYS A 181 -14.60 5.14 11.35
N TYR A 182 -15.42 4.15 11.11
CA TYR A 182 -16.53 4.32 10.13
C TYR A 182 -17.84 4.53 10.90
N PRO A 183 -18.38 5.73 10.91
CA PRO A 183 -19.65 6.02 11.65
C PRO A 183 -20.89 5.47 10.92
N GLY A 184 -21.83 4.96 11.66
CA GLY A 184 -23.06 4.41 11.03
C GLY A 184 -23.95 5.57 10.60
N ASN A 185 -23.42 6.78 10.63
CA ASN A 185 -24.23 7.97 10.23
C ASN A 185 -25.17 8.37 11.36
N LYS A 186 -24.85 7.99 12.56
CA LYS A 186 -25.73 8.35 13.72
C LYS A 186 -25.17 9.60 14.40
N PRO A 187 -26.01 10.39 15.02
CA PRO A 187 -25.58 11.63 15.73
C PRO A 187 -24.30 11.42 16.53
N MET A 1 -19.37 -2.05 21.28
CA MET A 1 -18.92 -2.17 19.86
C MET A 1 -17.40 -2.34 19.81
N GLU A 2 -16.93 -3.31 19.08
CA GLU A 2 -15.46 -3.53 18.98
C GLU A 2 -14.91 -2.72 17.82
N ARG A 3 -13.66 -2.37 17.88
CA ARG A 3 -13.08 -1.57 16.76
C ARG A 3 -12.56 -2.51 15.68
N CYS A 4 -11.32 -2.89 15.74
CA CYS A 4 -10.75 -3.80 14.70
C CYS A 4 -10.03 -4.99 15.36
N GLY A 5 -10.04 -6.12 14.68
CA GLY A 5 -9.40 -7.36 15.25
C GLY A 5 -7.89 -7.18 15.43
N TRP A 6 -7.18 -6.72 14.42
CA TRP A 6 -5.70 -6.56 14.59
C TRP A 6 -5.42 -5.27 15.35
N VAL A 7 -6.45 -4.56 15.74
CA VAL A 7 -6.23 -3.31 16.51
C VAL A 7 -6.01 -3.65 17.97
N SER A 8 -6.83 -4.52 18.51
CA SER A 8 -6.64 -4.90 19.94
C SER A 8 -5.39 -5.77 20.05
N GLN A 9 -4.75 -6.04 18.94
CA GLN A 9 -3.53 -6.89 18.97
C GLN A 9 -2.37 -6.16 19.65
N ASP A 10 -2.14 -4.92 19.33
CA ASP A 10 -1.01 -4.19 19.97
C ASP A 10 -1.09 -2.69 19.62
N PRO A 11 -0.47 -1.86 20.43
CA PRO A 11 -0.46 -0.38 20.19
C PRO A 11 0.03 0.01 18.80
N LEU A 12 0.98 -0.70 18.26
CA LEU A 12 1.51 -0.34 16.91
C LEU A 12 0.38 -0.35 15.88
N TYR A 13 -0.49 -1.33 15.92
CA TYR A 13 -1.60 -1.34 14.94
C TYR A 13 -2.57 -0.21 15.28
N ILE A 14 -2.78 0.03 16.54
CA ILE A 14 -3.69 1.14 16.95
C ILE A 14 -3.21 2.44 16.31
N ALA A 15 -1.92 2.67 16.30
CA ALA A 15 -1.41 3.94 15.67
C ALA A 15 -1.76 3.92 14.17
N TYR A 16 -1.44 2.86 13.50
CA TYR A 16 -1.75 2.76 12.04
C TYR A 16 -3.27 2.84 11.85
N HIS A 17 -4.00 2.18 12.68
CA HIS A 17 -5.49 2.23 12.56
C HIS A 17 -5.96 3.67 12.70
N ASP A 18 -5.39 4.40 13.61
CA ASP A 18 -5.80 5.82 13.82
C ASP A 18 -5.08 6.76 12.85
N ASN A 19 -3.93 6.38 12.35
CA ASN A 19 -3.19 7.31 11.43
C ASN A 19 -3.97 7.49 10.11
N GLU A 20 -4.51 6.43 9.55
CA GLU A 20 -5.29 6.60 8.29
C GLU A 20 -5.69 5.24 7.70
N TRP A 21 -6.64 4.57 8.28
CA TRP A 21 -7.07 3.27 7.69
C TRP A 21 -7.99 3.56 6.51
N GLY A 22 -7.47 4.17 5.50
CA GLY A 22 -8.32 4.47 4.30
C GLY A 22 -9.45 5.44 4.65
N VAL A 23 -9.15 6.52 5.31
CA VAL A 23 -10.23 7.50 5.62
C VAL A 23 -10.01 8.80 4.80
N PRO A 24 -8.77 9.17 4.52
CA PRO A 24 -8.45 10.39 3.73
C PRO A 24 -8.20 10.07 2.24
N GLU A 25 -8.44 11.01 1.38
CA GLU A 25 -8.19 10.78 -0.06
C GLU A 25 -6.69 10.65 -0.23
N THR A 26 -6.24 9.83 -1.13
CA THR A 26 -4.77 9.64 -1.26
C THR A 26 -4.18 10.50 -2.38
N ASP A 27 -2.91 10.79 -2.26
CA ASP A 27 -2.20 11.59 -3.30
C ASP A 27 -1.40 10.63 -4.17
N SER A 28 -1.02 11.04 -5.35
CA SER A 28 -0.22 10.12 -6.21
C SER A 28 1.09 9.79 -5.51
N LYS A 29 1.63 10.73 -4.79
CA LYS A 29 2.92 10.50 -4.07
C LYS A 29 2.73 9.42 -3.01
N LYS A 30 1.74 9.54 -2.17
CA LYS A 30 1.54 8.52 -1.11
C LYS A 30 1.15 7.19 -1.77
N LEU A 31 0.50 7.25 -2.89
CA LEU A 31 0.11 5.98 -3.58
C LEU A 31 1.37 5.19 -3.91
N PHE A 32 2.41 5.86 -4.30
CA PHE A 32 3.68 5.14 -4.63
C PHE A 32 4.28 4.55 -3.36
N GLU A 33 4.27 5.29 -2.28
CA GLU A 33 4.87 4.76 -1.03
C GLU A 33 4.04 3.57 -0.53
N MET A 34 2.74 3.69 -0.57
CA MET A 34 1.87 2.60 -0.08
C MET A 34 2.09 1.31 -0.89
N ILE A 35 2.09 1.40 -2.19
CA ILE A 35 2.29 0.17 -3.00
C ILE A 35 3.68 -0.40 -2.71
N CYS A 36 4.60 0.44 -2.31
CA CYS A 36 5.97 -0.06 -2.03
C CYS A 36 5.98 -0.92 -0.76
N LEU A 37 5.48 -0.40 0.33
CA LEU A 37 5.46 -1.23 1.58
C LEU A 37 4.42 -2.32 1.42
N GLU A 38 3.31 -2.01 0.81
CA GLU A 38 2.25 -3.01 0.64
C GLU A 38 2.77 -4.22 -0.17
N GLY A 39 3.64 -3.99 -1.11
CA GLY A 39 4.17 -5.13 -1.91
C GLY A 39 4.98 -6.09 -1.02
N GLN A 40 5.65 -5.56 -0.04
CA GLN A 40 6.48 -6.41 0.85
C GLN A 40 5.63 -7.37 1.70
N GLN A 41 4.37 -7.11 1.90
CA GLN A 41 3.56 -8.03 2.74
C GLN A 41 3.36 -9.37 2.03
N ALA A 42 3.92 -9.54 0.87
CA ALA A 42 3.75 -10.84 0.17
C ALA A 42 4.40 -11.94 0.99
N GLY A 43 3.62 -12.87 1.47
CA GLY A 43 4.20 -13.97 2.30
C GLY A 43 4.66 -13.41 3.65
N LEU A 44 4.83 -12.12 3.74
CA LEU A 44 5.27 -11.51 5.03
C LEU A 44 4.06 -10.90 5.73
N SER A 45 4.20 -10.55 6.99
CA SER A 45 3.07 -9.95 7.73
C SER A 45 3.10 -8.42 7.61
N TRP A 46 1.96 -7.80 7.65
CA TRP A 46 1.90 -6.31 7.55
C TRP A 46 2.69 -5.65 8.68
N ILE A 47 2.65 -6.23 9.86
CA ILE A 47 3.40 -5.62 11.00
C ILE A 47 4.91 -5.82 10.80
N THR A 48 5.31 -6.93 10.27
CA THR A 48 6.77 -7.17 10.06
C THR A 48 7.31 -6.04 9.21
N VAL A 49 6.61 -5.70 8.17
CA VAL A 49 7.06 -4.60 7.28
C VAL A 49 6.84 -3.26 7.97
N LEU A 50 5.81 -3.15 8.79
CA LEU A 50 5.54 -1.86 9.47
C LEU A 50 6.79 -1.41 10.23
N LYS A 51 7.39 -2.27 10.98
CA LYS A 51 8.62 -1.87 11.72
C LYS A 51 9.69 -1.49 10.71
N LYS A 52 9.79 -2.24 9.66
CA LYS A 52 10.80 -1.95 8.61
C LYS A 52 10.42 -0.62 7.94
N ARG A 53 9.16 -0.30 7.91
CA ARG A 53 8.75 0.99 7.28
C ARG A 53 9.45 2.13 8.00
N GLU A 54 9.54 2.05 9.30
CA GLU A 54 10.21 3.15 10.05
C GLU A 54 11.69 3.20 9.65
N ASN A 55 12.35 2.08 9.62
CA ASN A 55 13.79 2.07 9.24
C ASN A 55 13.93 2.32 7.73
N TYR A 56 13.08 1.72 6.95
CA TYR A 56 13.16 1.89 5.47
C TYR A 56 13.01 3.36 5.08
N ARG A 57 12.01 4.02 5.59
CA ARG A 57 11.84 5.45 5.24
C ARG A 57 13.06 6.24 5.70
N ALA A 58 13.66 5.82 6.78
CA ALA A 58 14.86 6.55 7.27
C ALA A 58 15.93 6.56 6.18
N CYS A 59 16.21 5.42 5.58
CA CYS A 59 17.22 5.39 4.50
C CYS A 59 16.62 5.93 3.20
N PHE A 60 15.41 5.53 2.88
CA PHE A 60 14.75 6.02 1.64
C PHE A 60 14.05 7.34 1.91
N HIS A 61 14.41 8.01 2.98
CA HIS A 61 13.78 9.32 3.32
C HIS A 61 13.90 10.33 2.17
N GLN A 62 14.21 9.87 0.98
CA GLN A 62 14.35 10.81 -0.17
C GLN A 62 12.97 11.21 -0.72
N PHE A 63 11.96 10.45 -0.41
CA PHE A 63 10.58 10.75 -0.91
C PHE A 63 10.65 11.26 -2.35
N ASP A 64 11.63 10.83 -3.09
CA ASP A 64 11.76 11.29 -4.51
C ASP A 64 11.89 10.06 -5.42
N PRO A 65 10.79 9.56 -5.94
CA PRO A 65 10.80 8.37 -6.83
C PRO A 65 11.83 8.50 -7.97
N VAL A 66 12.09 9.70 -8.42
CA VAL A 66 13.09 9.86 -9.52
C VAL A 66 14.46 9.38 -9.03
N LYS A 67 14.87 9.78 -7.87
CA LYS A 67 16.20 9.32 -7.35
C LYS A 67 16.12 7.82 -7.09
N VAL A 68 14.97 7.33 -6.71
CA VAL A 68 14.85 5.87 -6.44
C VAL A 68 15.22 5.13 -7.72
N ALA A 69 14.81 5.63 -8.84
CA ALA A 69 15.18 4.98 -10.12
C ALA A 69 16.68 5.15 -10.30
N ALA A 70 17.27 6.04 -9.54
CA ALA A 70 18.73 6.26 -9.63
C ALA A 70 19.44 5.41 -8.57
N MET A 71 18.68 4.85 -7.67
CA MET A 71 19.31 3.99 -6.63
C MET A 71 19.63 2.64 -7.27
N GLN A 72 20.88 2.35 -7.46
CA GLN A 72 21.26 1.06 -8.09
C GLN A 72 21.63 0.02 -7.03
N GLU A 73 22.06 -1.14 -7.46
CA GLU A 73 22.42 -2.20 -6.48
C GLU A 73 23.50 -1.72 -5.52
N GLU A 74 24.35 -0.83 -5.93
CA GLU A 74 25.39 -0.34 -4.99
C GLU A 74 24.68 0.24 -3.77
N ASP A 75 23.60 0.92 -4.02
CA ASP A 75 22.81 1.53 -2.90
C ASP A 75 22.12 0.45 -2.08
N VAL A 76 21.58 -0.56 -2.71
CA VAL A 76 20.89 -1.62 -1.91
C VAL A 76 21.95 -2.42 -1.15
N GLU A 77 23.13 -2.54 -1.69
CA GLU A 77 24.20 -3.30 -0.98
C GLU A 77 24.49 -2.65 0.36
N ARG A 78 24.61 -1.34 0.39
CA ARG A 78 24.92 -0.66 1.69
C ARG A 78 23.65 -0.55 2.56
N LEU A 79 22.51 -0.37 1.96
CA LEU A 79 21.25 -0.22 2.75
C LEU A 79 20.94 -1.46 3.60
N VAL A 80 21.17 -2.64 3.10
CA VAL A 80 20.86 -3.84 3.93
C VAL A 80 21.61 -3.71 5.25
N GLN A 81 22.62 -2.88 5.29
CA GLN A 81 23.38 -2.70 6.56
C GLN A 81 22.94 -1.39 7.20
N ASP A 82 22.23 -0.58 6.47
CA ASP A 82 21.77 0.71 7.05
C ASP A 82 20.60 0.44 7.99
N ALA A 83 20.84 0.55 9.28
CA ALA A 83 19.76 0.31 10.26
C ALA A 83 19.41 -1.18 10.28
N GLY A 84 19.91 -1.92 9.33
CA GLY A 84 19.61 -3.38 9.30
C GLY A 84 18.18 -3.61 8.80
N ILE A 85 17.75 -2.81 7.86
CA ILE A 85 16.36 -2.98 7.33
C ILE A 85 16.15 -4.43 6.90
N ILE A 86 15.05 -4.73 6.28
CA ILE A 86 14.81 -6.14 5.84
C ILE A 86 15.90 -6.54 4.85
N ARG A 87 16.96 -7.12 5.34
CA ARG A 87 18.07 -7.53 4.44
C ARG A 87 17.52 -8.41 3.31
N HIS A 88 17.56 -7.92 2.10
CA HIS A 88 17.06 -8.72 0.95
C HIS A 88 17.29 -7.89 -0.31
N ARG A 89 18.52 -7.80 -0.74
CA ARG A 89 18.84 -7.00 -1.95
C ARG A 89 17.91 -7.40 -3.10
N GLY A 90 17.62 -8.67 -3.22
CA GLY A 90 16.73 -9.12 -4.33
C GLY A 90 15.42 -8.34 -4.32
N LYS A 91 14.66 -8.44 -3.27
CA LYS A 91 13.36 -7.70 -3.22
C LYS A 91 13.63 -6.20 -3.35
N ILE A 92 14.68 -5.71 -2.76
CA ILE A 92 14.98 -4.25 -2.87
C ILE A 92 15.20 -3.89 -4.34
N GLN A 93 15.90 -4.70 -5.09
CA GLN A 93 16.10 -4.37 -6.52
C GLN A 93 14.73 -4.18 -7.17
N ALA A 94 13.75 -4.95 -6.75
CA ALA A 94 12.39 -4.80 -7.34
C ALA A 94 11.88 -3.38 -7.04
N ILE A 95 12.20 -2.87 -5.89
CA ILE A 95 11.75 -1.50 -5.53
C ILE A 95 12.32 -0.48 -6.51
N ILE A 96 13.57 -0.63 -6.86
CA ILE A 96 14.19 0.34 -7.82
C ILE A 96 13.45 0.24 -9.16
N GLY A 97 13.16 -0.96 -9.58
CA GLY A 97 12.43 -1.16 -10.86
C GLY A 97 11.07 -0.48 -10.76
N ASN A 98 10.46 -0.53 -9.61
CA ASN A 98 9.13 0.12 -9.44
C ASN A 98 9.25 1.62 -9.74
N ALA A 99 10.37 2.21 -9.38
CA ALA A 99 10.53 3.67 -9.64
C ALA A 99 10.56 3.91 -11.16
N ARG A 100 11.28 3.12 -11.89
CA ARG A 100 11.31 3.33 -13.38
C ARG A 100 9.88 3.29 -13.91
N ALA A 101 9.06 2.45 -13.35
CA ALA A 101 7.64 2.38 -13.81
C ALA A 101 6.94 3.68 -13.41
N TYR A 102 7.37 4.27 -12.33
CA TYR A 102 6.76 5.55 -11.87
C TYR A 102 7.02 6.59 -12.95
N LEU A 103 8.22 6.65 -13.42
CA LEU A 103 8.57 7.60 -14.50
C LEU A 103 7.80 7.23 -15.76
N GLN A 104 7.54 5.96 -15.96
CA GLN A 104 6.80 5.54 -17.19
C GLN A 104 5.40 6.17 -17.18
N MET A 105 4.74 6.20 -16.05
CA MET A 105 3.39 6.80 -16.00
C MET A 105 3.51 8.31 -16.20
N GLU A 106 4.54 8.89 -15.66
CA GLU A 106 4.73 10.36 -15.82
C GLU A 106 5.02 10.68 -17.27
N GLN A 107 5.81 9.87 -17.92
CA GLN A 107 6.09 10.12 -19.35
C GLN A 107 4.76 10.06 -20.07
N ASN A 108 3.82 9.36 -19.48
CA ASN A 108 2.48 9.26 -20.09
C ASN A 108 1.62 10.38 -19.50
N GLY A 109 2.12 11.03 -18.48
CA GLY A 109 1.35 12.15 -17.86
C GLY A 109 0.12 11.60 -17.14
N GLU A 110 0.18 10.37 -16.69
CA GLU A 110 -0.99 9.78 -15.99
C GLU A 110 -0.66 9.50 -14.52
N PRO A 111 -1.13 10.34 -13.61
CA PRO A 111 -0.87 10.14 -12.15
C PRO A 111 -1.40 8.79 -11.65
N PHE A 112 -0.76 8.21 -10.68
CA PHE A 112 -1.23 6.88 -10.16
C PHE A 112 -2.64 7.02 -9.58
N ALA A 113 -2.91 8.08 -8.87
CA ALA A 113 -4.25 8.24 -8.26
C ALA A 113 -5.30 8.46 -9.35
N ASP A 114 -4.92 9.03 -10.47
CA ASP A 114 -5.90 9.29 -11.54
C ASP A 114 -6.52 7.98 -12.06
N PHE A 115 -5.73 7.02 -12.43
CA PHE A 115 -6.30 5.75 -12.96
C PHE A 115 -6.89 4.92 -11.82
N VAL A 116 -6.32 4.96 -10.65
CA VAL A 116 -6.88 4.16 -9.52
C VAL A 116 -8.26 4.67 -9.13
N TRP A 117 -8.36 5.93 -8.80
CA TRP A 117 -9.68 6.48 -8.43
C TRP A 117 -10.62 6.26 -9.60
N SER A 118 -10.09 6.12 -10.79
CA SER A 118 -10.96 5.89 -11.97
C SER A 118 -11.52 4.46 -11.93
N PHE A 119 -10.76 3.54 -11.40
CA PHE A 119 -11.24 2.13 -11.34
C PHE A 119 -12.46 2.05 -10.43
N VAL A 120 -12.49 2.83 -9.39
CA VAL A 120 -13.67 2.79 -8.49
C VAL A 120 -14.66 3.87 -8.94
N ASN A 121 -14.55 4.32 -10.16
CA ASN A 121 -15.47 5.38 -10.67
C ASN A 121 -15.34 6.64 -9.82
N HIS A 122 -14.13 6.95 -9.41
CA HIS A 122 -13.91 8.18 -8.59
C HIS A 122 -14.93 8.24 -7.43
N GLN A 123 -15.42 7.11 -7.00
CA GLN A 123 -16.41 7.11 -5.88
C GLN A 123 -16.02 6.07 -4.82
N PRO A 124 -16.36 6.30 -3.58
CA PRO A 124 -16.03 5.36 -2.46
C PRO A 124 -16.84 4.07 -2.53
N GLN A 125 -16.28 2.98 -2.06
CA GLN A 125 -17.01 1.68 -2.09
C GLN A 125 -17.44 1.29 -0.67
N MET A 126 -18.67 0.92 -0.49
CA MET A 126 -19.14 0.50 0.86
C MET A 126 -19.17 -1.03 0.91
N THR A 127 -18.42 -1.61 1.82
CA THR A 127 -18.40 -3.09 1.91
C THR A 127 -19.47 -3.57 2.91
N GLN A 128 -20.28 -4.52 2.52
CA GLN A 128 -21.35 -5.02 3.42
C GLN A 128 -20.85 -6.23 4.22
N ALA A 129 -19.57 -6.39 4.30
CA ALA A 129 -19.01 -7.55 5.07
C ALA A 129 -19.20 -7.31 6.57
N THR A 130 -18.97 -8.30 7.39
CA THR A 130 -19.13 -8.11 8.87
C THR A 130 -17.87 -8.54 9.61
N THR A 131 -17.17 -9.51 9.09
CA THR A 131 -15.92 -9.99 9.77
C THR A 131 -14.75 -9.95 8.78
N LEU A 132 -13.55 -10.07 9.26
CA LEU A 132 -12.38 -10.07 8.35
C LEU A 132 -12.54 -11.22 7.36
N SER A 133 -13.11 -12.31 7.80
CA SER A 133 -13.32 -13.46 6.89
C SER A 133 -14.31 -13.07 5.80
N GLU A 134 -15.22 -12.19 6.12
CA GLU A 134 -16.23 -11.76 5.11
C GLU A 134 -15.64 -10.66 4.23
N ILE A 135 -14.45 -10.24 4.52
CA ILE A 135 -13.82 -9.16 3.71
C ILE A 135 -13.23 -9.80 2.43
N PRO A 136 -13.49 -9.23 1.27
CA PRO A 136 -12.96 -9.79 -0.01
C PRO A 136 -11.51 -9.40 -0.26
N THR A 137 -10.72 -10.32 -0.76
CA THR A 137 -9.29 -10.00 -1.04
C THR A 137 -9.12 -9.89 -2.56
N SER A 138 -10.20 -10.01 -3.29
CA SER A 138 -10.10 -9.91 -4.77
C SER A 138 -11.35 -9.21 -5.31
N THR A 139 -11.31 -7.90 -5.41
CA THR A 139 -12.49 -7.17 -5.94
C THR A 139 -12.20 -6.75 -7.39
N PRO A 140 -13.20 -6.47 -8.18
CA PRO A 140 -12.97 -6.06 -9.60
C PRO A 140 -11.99 -4.89 -9.70
N ALA A 141 -12.10 -3.93 -8.83
CA ALA A 141 -11.16 -2.78 -8.89
C ALA A 141 -9.79 -3.24 -8.41
N SER A 142 -9.74 -4.05 -7.39
CA SER A 142 -8.42 -4.52 -6.90
C SER A 142 -7.78 -5.44 -7.95
N ASP A 143 -8.57 -6.29 -8.55
CA ASP A 143 -8.01 -7.20 -9.60
C ASP A 143 -7.56 -6.39 -10.80
N ALA A 144 -8.33 -5.41 -11.19
CA ALA A 144 -7.95 -4.57 -12.35
C ALA A 144 -6.69 -3.79 -12.01
N LEU A 145 -6.49 -3.49 -10.76
CA LEU A 145 -5.29 -2.70 -10.35
C LEU A 145 -4.02 -3.54 -10.50
N SER A 146 -4.03 -4.76 -10.03
CA SER A 146 -2.81 -5.61 -10.11
C SER A 146 -2.40 -5.84 -11.57
N LYS A 147 -3.33 -6.19 -12.41
CA LYS A 147 -2.97 -6.44 -13.83
C LYS A 147 -2.49 -5.14 -14.46
N ALA A 148 -3.05 -4.02 -14.08
CA ALA A 148 -2.62 -2.73 -14.68
C ALA A 148 -1.21 -2.38 -14.18
N LEU A 149 -0.99 -2.43 -12.89
CA LEU A 149 0.36 -2.11 -12.37
C LEU A 149 1.36 -3.15 -12.86
N LYS A 150 0.94 -4.39 -12.96
CA LYS A 150 1.87 -5.45 -13.43
C LYS A 150 2.35 -5.08 -14.84
N LYS A 151 1.49 -4.55 -15.64
CA LYS A 151 1.87 -4.17 -17.01
C LYS A 151 2.92 -3.06 -16.99
N ARG A 152 2.80 -2.14 -16.08
CA ARG A 152 3.80 -1.03 -16.01
C ARG A 152 5.12 -1.55 -15.46
N GLY A 153 5.21 -2.83 -15.25
CA GLY A 153 6.48 -3.40 -14.71
C GLY A 153 6.48 -3.24 -13.21
N PHE A 154 5.34 -3.19 -12.60
CA PHE A 154 5.31 -3.06 -11.13
C PHE A 154 5.25 -4.46 -10.51
N LYS A 155 6.26 -4.81 -9.79
CA LYS A 155 6.29 -6.16 -9.16
C LYS A 155 5.66 -6.13 -7.77
N PHE A 156 5.44 -7.29 -7.21
CA PHE A 156 4.82 -7.38 -5.85
C PHE A 156 3.46 -6.66 -5.85
N VAL A 157 2.57 -7.09 -6.70
CA VAL A 157 1.21 -6.49 -6.76
C VAL A 157 0.17 -7.61 -6.76
N GLY A 158 0.41 -8.64 -5.98
CA GLY A 158 -0.52 -9.79 -5.92
C GLY A 158 -1.96 -9.30 -5.75
N THR A 159 -2.91 -10.15 -5.97
CA THR A 159 -4.33 -9.76 -5.83
C THR A 159 -4.57 -9.21 -4.42
N THR A 160 -3.85 -9.69 -3.45
CA THR A 160 -4.04 -9.16 -2.07
C THR A 160 -3.36 -7.79 -1.98
N ILE A 161 -2.34 -7.58 -2.75
CA ILE A 161 -1.63 -6.27 -2.73
C ILE A 161 -2.55 -5.16 -3.23
N CYS A 162 -3.25 -5.38 -4.31
CA CYS A 162 -4.16 -4.33 -4.84
C CYS A 162 -5.30 -4.11 -3.85
N TYR A 163 -5.87 -5.16 -3.34
CA TYR A 163 -6.99 -5.02 -2.39
C TYR A 163 -6.50 -4.41 -1.07
N SER A 164 -5.38 -4.87 -0.58
CA SER A 164 -4.88 -4.30 0.71
C SER A 164 -4.55 -2.82 0.51
N PHE A 165 -4.00 -2.46 -0.62
CA PHE A 165 -3.65 -1.04 -0.87
C PHE A 165 -4.91 -0.16 -0.84
N MET A 166 -5.94 -0.52 -1.57
CA MET A 166 -7.17 0.31 -1.57
C MET A 166 -7.77 0.36 -0.17
N GLN A 167 -7.62 -0.70 0.56
CA GLN A 167 -8.20 -0.76 1.94
C GLN A 167 -7.68 0.37 2.82
N ALA A 168 -6.40 0.62 2.79
CA ALA A 168 -5.82 1.70 3.66
C ALA A 168 -5.72 3.02 2.91
N CYS A 169 -5.71 3.02 1.61
CA CYS A 169 -5.57 4.30 0.87
C CYS A 169 -6.80 5.18 1.11
N GLY A 170 -7.98 4.64 1.02
CA GLY A 170 -9.21 5.46 1.26
C GLY A 170 -10.22 5.25 0.13
N LEU A 171 -9.88 4.43 -0.82
CA LEU A 171 -10.83 4.16 -1.95
C LEU A 171 -12.05 3.38 -1.46
N VAL A 172 -11.86 2.51 -0.50
CA VAL A 172 -13.02 1.71 0.00
C VAL A 172 -13.04 1.67 1.52
N ASN A 173 -14.22 1.55 2.07
CA ASN A 173 -14.35 1.45 3.55
C ASN A 173 -14.78 0.03 3.87
N ASP A 174 -13.97 -0.73 4.55
CA ASP A 174 -14.38 -2.14 4.84
C ASP A 174 -13.57 -2.75 5.98
N HIS A 175 -13.34 -2.03 7.05
CA HIS A 175 -12.57 -2.67 8.15
C HIS A 175 -13.25 -3.98 8.50
N VAL A 176 -14.55 -3.91 8.68
CA VAL A 176 -15.35 -5.12 9.03
C VAL A 176 -16.79 -4.66 9.27
N VAL A 177 -17.09 -3.44 8.92
CA VAL A 177 -18.47 -2.91 9.13
C VAL A 177 -18.81 -2.99 10.63
N GLY A 178 -19.04 -1.89 11.25
CA GLY A 178 -19.36 -1.90 12.70
C GLY A 178 -18.06 -1.66 13.48
N CYS A 179 -17.02 -1.25 12.81
CA CYS A 179 -15.73 -1.01 13.50
C CYS A 179 -15.87 0.20 14.43
N CYS A 180 -16.46 0.01 15.57
CA CYS A 180 -16.64 1.13 16.53
C CYS A 180 -17.67 2.13 15.96
N CYS A 181 -17.52 2.51 14.72
CA CYS A 181 -18.48 3.47 14.12
C CYS A 181 -18.22 3.56 12.61
N TYR A 182 -18.57 2.54 11.89
CA TYR A 182 -18.35 2.55 10.42
C TYR A 182 -19.34 3.53 9.75
N PRO A 183 -18.87 4.53 9.03
CA PRO A 183 -19.75 5.50 8.33
C PRO A 183 -20.41 4.91 7.09
N GLY A 184 -21.28 5.65 6.45
CA GLY A 184 -21.97 5.13 5.23
C GLY A 184 -23.43 4.83 5.57
N ASN A 185 -23.84 5.12 6.77
CA ASN A 185 -25.26 4.87 7.16
C ASN A 185 -26.09 6.10 6.79
N LYS A 186 -25.94 7.16 7.52
CA LYS A 186 -26.70 8.40 7.23
C LYS A 186 -25.77 9.52 6.73
N PRO A 187 -24.49 9.50 7.08
CA PRO A 187 -23.54 10.56 6.61
C PRO A 187 -23.51 10.68 5.09
N MET A 1 -18.58 1.56 21.84
CA MET A 1 -19.03 0.49 20.88
C MET A 1 -17.91 -0.53 20.69
N GLU A 2 -17.86 -1.16 19.54
CA GLU A 2 -16.80 -2.18 19.30
C GLU A 2 -15.59 -1.54 18.62
N ARG A 3 -14.51 -2.25 18.58
CA ARG A 3 -13.27 -1.72 17.95
C ARG A 3 -12.88 -2.59 16.75
N CYS A 4 -12.18 -2.04 15.80
CA CYS A 4 -11.77 -2.83 14.60
C CYS A 4 -11.11 -4.14 15.03
N GLY A 5 -11.53 -5.24 14.47
CA GLY A 5 -10.91 -6.54 14.83
C GLY A 5 -9.41 -6.46 14.60
N TRP A 6 -8.98 -5.63 13.68
CA TRP A 6 -7.53 -5.50 13.42
C TRP A 6 -6.93 -4.49 14.39
N VAL A 7 -7.74 -3.89 15.22
CA VAL A 7 -7.23 -2.89 16.21
C VAL A 7 -6.98 -3.58 17.55
N SER A 8 -7.65 -4.68 17.79
CA SER A 8 -7.45 -5.40 19.09
C SER A 8 -6.02 -5.89 19.20
N GLN A 9 -5.18 -5.51 18.26
CA GLN A 9 -3.76 -5.96 18.30
C GLN A 9 -2.92 -4.93 19.05
N ASP A 10 -1.62 -5.05 18.98
CA ASP A 10 -0.74 -4.09 19.69
C ASP A 10 -1.20 -2.65 19.41
N PRO A 11 -0.91 -1.74 20.31
CA PRO A 11 -1.30 -0.30 20.17
C PRO A 11 -0.76 0.33 18.88
N LEU A 12 0.25 -0.25 18.30
CA LEU A 12 0.82 0.33 17.05
C LEU A 12 -0.26 0.39 15.97
N TYR A 13 -1.11 -0.60 15.90
CA TYR A 13 -2.18 -0.57 14.87
C TYR A 13 -3.15 0.56 15.15
N ILE A 14 -3.41 0.83 16.40
CA ILE A 14 -4.35 1.93 16.74
C ILE A 14 -3.84 3.25 16.17
N ALA A 15 -2.55 3.46 16.17
CA ALA A 15 -2.01 4.73 15.60
C ALA A 15 -2.24 4.74 14.08
N TYR A 16 -1.86 3.67 13.42
CA TYR A 16 -2.06 3.60 11.94
C TYR A 16 -3.56 3.60 11.65
N HIS A 17 -4.31 2.90 12.44
CA HIS A 17 -5.78 2.84 12.25
C HIS A 17 -6.44 4.17 12.61
N ASP A 18 -6.02 4.77 13.68
CA ASP A 18 -6.62 6.06 14.11
C ASP A 18 -6.23 7.18 13.15
N ASN A 19 -5.31 6.94 12.27
CA ASN A 19 -4.91 8.02 11.31
C ASN A 19 -5.94 8.09 10.19
N GLU A 20 -5.88 7.18 9.27
CA GLU A 20 -6.84 7.20 8.14
C GLU A 20 -7.13 5.76 7.73
N TRP A 21 -6.13 5.09 7.24
CA TRP A 21 -6.26 3.66 6.81
C TRP A 21 -7.69 3.33 6.41
N GLY A 22 -8.19 3.96 5.38
CA GLY A 22 -9.57 3.65 4.91
C GLY A 22 -10.47 4.88 4.97
N VAL A 23 -10.09 5.92 4.30
CA VAL A 23 -10.94 7.15 4.34
C VAL A 23 -10.42 8.30 3.43
N PRO A 24 -9.16 8.33 3.06
CA PRO A 24 -8.63 9.44 2.21
C PRO A 24 -8.74 9.16 0.71
N GLU A 25 -8.88 10.18 -0.08
CA GLU A 25 -8.96 10.00 -1.53
C GLU A 25 -7.58 9.54 -1.99
N THR A 26 -7.49 8.87 -3.09
CA THR A 26 -6.16 8.39 -3.51
C THR A 26 -5.43 9.39 -4.38
N ASP A 27 -4.19 9.64 -4.07
CA ASP A 27 -3.37 10.58 -4.90
C ASP A 27 -2.39 9.72 -5.69
N SER A 28 -2.04 10.10 -6.87
CA SER A 28 -1.11 9.27 -7.66
C SER A 28 0.22 9.14 -6.91
N LYS A 29 0.63 10.17 -6.24
CA LYS A 29 1.92 10.14 -5.51
C LYS A 29 1.81 9.30 -4.23
N LYS A 30 0.83 9.57 -3.41
CA LYS A 30 0.68 8.79 -2.15
C LYS A 30 0.45 7.32 -2.48
N LEU A 31 -0.25 7.04 -3.54
CA LEU A 31 -0.49 5.62 -3.91
C LEU A 31 0.85 4.95 -4.23
N PHE A 32 1.75 5.67 -4.84
CA PHE A 32 3.07 5.08 -5.16
C PHE A 32 3.75 4.62 -3.87
N GLU A 33 3.69 5.41 -2.84
CA GLU A 33 4.35 5.00 -1.56
C GLU A 33 3.60 3.81 -0.98
N MET A 34 2.30 3.84 -1.09
CA MET A 34 1.47 2.73 -0.52
C MET A 34 1.79 1.40 -1.20
N ILE A 35 1.78 1.36 -2.50
CA ILE A 35 2.07 0.07 -3.19
C ILE A 35 3.50 -0.36 -2.86
N CYS A 36 4.37 0.58 -2.58
CA CYS A 36 5.77 0.21 -2.23
C CYS A 36 5.78 -0.46 -0.86
N LEU A 37 5.24 0.20 0.14
CA LEU A 37 5.20 -0.41 1.50
C LEU A 37 4.33 -1.66 1.45
N GLU A 38 3.24 -1.59 0.72
CA GLU A 38 2.33 -2.77 0.61
C GLU A 38 3.06 -3.88 -0.15
N GLY A 39 3.80 -3.53 -1.16
CA GLY A 39 4.54 -4.57 -1.95
C GLY A 39 5.59 -5.24 -1.07
N GLN A 40 6.24 -4.49 -0.22
CA GLN A 40 7.28 -5.07 0.65
C GLN A 40 6.63 -5.87 1.79
N GLN A 41 5.32 -5.83 1.88
CA GLN A 41 4.64 -6.59 2.97
C GLN A 41 4.58 -8.08 2.61
N ALA A 42 5.14 -8.46 1.50
CA ALA A 42 5.12 -9.90 1.13
C ALA A 42 5.92 -10.71 2.14
N GLY A 43 5.38 -11.79 2.63
CA GLY A 43 6.11 -12.62 3.64
C GLY A 43 6.24 -11.84 4.94
N LEU A 44 6.30 -10.54 4.87
CA LEU A 44 6.42 -9.72 6.11
C LEU A 44 5.05 -9.20 6.53
N SER A 45 4.77 -9.21 7.81
CA SER A 45 3.45 -8.70 8.27
C SER A 45 3.40 -7.19 8.05
N TRP A 46 2.23 -6.64 7.90
CA TRP A 46 2.13 -5.16 7.68
C TRP A 46 2.85 -4.42 8.80
N ILE A 47 2.71 -4.89 10.02
CA ILE A 47 3.40 -4.20 11.14
C ILE A 47 4.92 -4.30 10.96
N THR A 48 5.40 -5.42 10.49
CA THR A 48 6.87 -5.56 10.30
C THR A 48 7.34 -4.46 9.36
N VAL A 49 6.59 -4.21 8.33
CA VAL A 49 6.98 -3.13 7.38
C VAL A 49 6.90 -1.78 8.10
N LEU A 50 5.98 -1.64 9.03
CA LEU A 50 5.86 -0.33 9.75
C LEU A 50 7.17 0.00 10.47
N LYS A 51 7.73 -0.94 11.19
CA LYS A 51 9.01 -0.65 11.90
C LYS A 51 10.07 -0.35 10.84
N LYS A 52 10.12 -1.16 9.82
CA LYS A 52 11.11 -0.94 8.75
C LYS A 52 10.68 0.28 7.92
N ARG A 53 9.45 0.70 8.04
CA ARG A 53 9.00 1.87 7.28
C ARG A 53 9.79 3.09 7.75
N GLU A 54 9.92 3.25 9.02
CA GLU A 54 10.70 4.41 9.54
C GLU A 54 12.16 4.24 9.15
N ASN A 55 12.71 3.06 9.33
CA ASN A 55 14.13 2.84 8.97
C ASN A 55 14.30 2.92 7.46
N TYR A 56 13.41 2.32 6.72
CA TYR A 56 13.52 2.35 5.23
C TYR A 56 13.49 3.79 4.73
N ARG A 57 12.56 4.57 5.19
CA ARG A 57 12.48 5.98 4.72
C ARG A 57 13.81 6.69 5.01
N ALA A 58 14.45 6.35 6.10
CA ALA A 58 15.73 7.02 6.45
C ALA A 58 16.81 6.74 5.39
N CYS A 59 16.86 5.53 4.90
CA CYS A 59 17.91 5.19 3.89
C CYS A 59 17.60 5.84 2.52
N PHE A 60 16.37 5.78 2.09
CA PHE A 60 16.02 6.36 0.76
C PHE A 60 15.45 7.78 0.92
N HIS A 61 15.54 8.35 2.09
CA HIS A 61 15.01 9.74 2.26
C HIS A 61 15.84 10.72 1.44
N GLN A 62 16.52 10.25 0.43
CA GLN A 62 17.34 11.17 -0.40
C GLN A 62 16.39 11.86 -1.36
N PHE A 63 15.39 11.15 -1.78
CA PHE A 63 14.39 11.69 -2.72
C PHE A 63 13.14 10.81 -2.67
N ASP A 64 12.94 9.97 -3.67
CA ASP A 64 11.76 9.04 -3.66
C ASP A 64 11.32 8.63 -5.09
N PRO A 65 11.28 9.53 -6.04
CA PRO A 65 10.80 9.24 -7.42
C PRO A 65 11.90 8.87 -8.44
N VAL A 66 12.19 9.74 -9.37
CA VAL A 66 13.21 9.42 -10.41
C VAL A 66 14.57 9.13 -9.78
N LYS A 67 14.91 9.84 -8.74
CA LYS A 67 16.24 9.61 -8.09
C LYS A 67 16.38 8.15 -7.65
N VAL A 68 15.33 7.51 -7.20
CA VAL A 68 15.51 6.08 -6.79
C VAL A 68 15.65 5.23 -8.06
N ALA A 69 14.93 5.59 -9.08
CA ALA A 69 15.04 4.85 -10.36
C ALA A 69 16.49 4.97 -10.80
N ALA A 70 17.18 5.97 -10.29
CA ALA A 70 18.59 6.16 -10.66
C ALA A 70 19.47 5.42 -9.66
N MET A 71 18.91 4.97 -8.58
CA MET A 71 19.73 4.21 -7.61
C MET A 71 19.94 2.83 -8.22
N GLN A 72 21.16 2.46 -8.44
CA GLN A 72 21.43 1.15 -9.09
C GLN A 72 21.73 0.09 -8.01
N GLU A 73 21.76 -1.16 -8.39
CA GLU A 73 22.01 -2.23 -7.39
C GLU A 73 23.23 -1.88 -6.55
N GLU A 74 24.13 -1.11 -7.06
CA GLU A 74 25.32 -0.74 -6.26
C GLU A 74 24.85 -0.08 -4.97
N ASP A 75 23.82 0.71 -5.06
CA ASP A 75 23.29 1.37 -3.84
C ASP A 75 22.63 0.31 -2.95
N VAL A 76 21.96 -0.63 -3.56
CA VAL A 76 21.26 -1.69 -2.78
C VAL A 76 22.27 -2.50 -1.96
N GLU A 77 23.38 -2.88 -2.53
CA GLU A 77 24.36 -3.68 -1.73
C GLU A 77 24.88 -2.79 -0.61
N ARG A 78 24.99 -1.52 -0.87
CA ARG A 78 25.47 -0.56 0.15
C ARG A 78 24.45 -0.43 1.28
N LEU A 79 23.19 -0.36 0.93
CA LEU A 79 22.11 -0.20 1.95
C LEU A 79 21.94 -1.45 2.79
N VAL A 80 22.14 -2.61 2.22
CA VAL A 80 21.97 -3.85 3.02
C VAL A 80 22.71 -3.68 4.34
N GLN A 81 23.79 -2.94 4.34
CA GLN A 81 24.56 -2.73 5.59
C GLN A 81 24.21 -1.37 6.20
N ASP A 82 23.41 -0.57 5.54
CA ASP A 82 23.07 0.75 6.15
C ASP A 82 21.85 0.60 7.04
N ALA A 83 22.04 0.70 8.33
CA ALA A 83 20.89 0.59 9.28
C ALA A 83 20.44 -0.86 9.37
N GLY A 84 20.84 -1.67 8.42
CA GLY A 84 20.42 -3.11 8.47
C GLY A 84 18.96 -3.23 8.03
N ILE A 85 18.54 -2.41 7.10
CA ILE A 85 17.12 -2.47 6.64
C ILE A 85 16.77 -3.89 6.18
N ILE A 86 15.69 -4.05 5.47
CA ILE A 86 15.28 -5.39 4.99
C ILE A 86 16.43 -6.03 4.24
N ARG A 87 17.28 -6.73 4.93
CA ARG A 87 18.44 -7.40 4.26
C ARG A 87 17.92 -8.27 3.11
N HIS A 88 18.14 -7.83 1.90
CA HIS A 88 17.68 -8.62 0.72
C HIS A 88 17.89 -7.77 -0.53
N ARG A 89 19.02 -7.93 -1.18
CA ARG A 89 19.29 -7.13 -2.39
C ARG A 89 18.16 -7.33 -3.40
N GLY A 90 17.54 -8.48 -3.38
CA GLY A 90 16.44 -8.76 -4.36
C GLY A 90 15.24 -7.84 -4.12
N LYS A 91 14.65 -7.87 -2.95
CA LYS A 91 13.47 -7.01 -2.68
C LYS A 91 13.83 -5.53 -2.80
N ILE A 92 14.95 -5.13 -2.27
CA ILE A 92 15.33 -3.69 -2.34
C ILE A 92 15.46 -3.24 -3.80
N GLN A 93 16.17 -3.97 -4.61
CA GLN A 93 16.31 -3.56 -6.04
C GLN A 93 14.93 -3.46 -6.66
N ALA A 94 13.99 -4.24 -6.20
CA ALA A 94 12.62 -4.17 -6.77
C ALA A 94 12.02 -2.79 -6.51
N ILE A 95 12.28 -2.24 -5.35
CA ILE A 95 11.73 -0.88 -5.05
C ILE A 95 12.30 0.12 -6.05
N ILE A 96 13.55 -0.01 -6.39
CA ILE A 96 14.13 0.94 -7.38
C ILE A 96 13.32 0.80 -8.67
N GLY A 97 13.05 -0.41 -9.06
CA GLY A 97 12.25 -0.65 -10.29
C GLY A 97 10.86 -0.06 -10.11
N ASN A 98 10.31 -0.14 -8.93
CA ASN A 98 8.96 0.41 -8.72
C ASN A 98 8.93 1.85 -9.23
N ALA A 99 9.93 2.64 -8.93
CA ALA A 99 9.89 4.05 -9.46
C ALA A 99 9.96 4.01 -10.98
N ARG A 100 10.77 3.14 -11.54
CA ARG A 100 10.84 3.08 -13.02
C ARG A 100 9.41 2.92 -13.54
N ALA A 101 8.61 2.16 -12.85
CA ALA A 101 7.19 1.98 -13.28
C ALA A 101 6.47 3.32 -13.12
N TYR A 102 6.89 4.11 -12.17
CA TYR A 102 6.24 5.43 -11.98
C TYR A 102 6.50 6.24 -13.24
N LEU A 103 7.71 6.17 -13.72
CA LEU A 103 8.06 6.87 -14.96
C LEU A 103 7.24 6.27 -16.10
N GLN A 104 6.99 4.98 -16.04
CA GLN A 104 6.17 4.35 -17.12
C GLN A 104 4.77 4.97 -17.15
N MET A 105 4.22 5.28 -16.00
CA MET A 105 2.88 5.90 -15.97
C MET A 105 2.99 7.33 -16.49
N GLU A 106 4.02 8.01 -16.09
CA GLU A 106 4.23 9.41 -16.55
C GLU A 106 4.56 9.39 -18.04
N GLN A 107 5.40 8.49 -18.45
CA GLN A 107 5.71 8.41 -19.90
C GLN A 107 4.40 8.17 -20.62
N ASN A 108 3.45 7.62 -19.91
CA ASN A 108 2.12 7.38 -20.52
C ASN A 108 1.22 8.57 -20.18
N GLY A 109 1.65 9.40 -19.27
CA GLY A 109 0.83 10.58 -18.90
C GLY A 109 -0.45 10.12 -18.19
N GLU A 110 -0.42 8.95 -17.59
CA GLU A 110 -1.64 8.46 -16.88
C GLU A 110 -1.32 8.21 -15.40
N PRO A 111 -1.70 9.10 -14.52
CA PRO A 111 -1.44 8.95 -13.07
C PRO A 111 -2.04 7.67 -12.49
N PHE A 112 -1.43 7.12 -11.47
CA PHE A 112 -1.97 5.86 -10.85
C PHE A 112 -3.40 6.06 -10.37
N ALA A 113 -3.67 7.20 -9.79
CA ALA A 113 -5.03 7.47 -9.24
C ALA A 113 -6.12 7.48 -10.32
N ASP A 114 -5.80 7.86 -11.52
CA ASP A 114 -6.86 7.92 -12.57
C ASP A 114 -7.35 6.52 -12.97
N PHE A 115 -6.47 5.65 -13.33
CA PHE A 115 -6.89 4.29 -13.76
C PHE A 115 -7.46 3.47 -12.59
N VAL A 116 -6.87 3.55 -11.44
CA VAL A 116 -7.39 2.76 -10.30
C VAL A 116 -8.79 3.22 -9.91
N TRP A 117 -8.96 4.49 -9.75
CA TRP A 117 -10.31 5.01 -9.41
C TRP A 117 -11.30 4.51 -10.45
N SER A 118 -10.82 4.26 -11.65
CA SER A 118 -11.74 3.78 -12.73
C SER A 118 -12.16 2.33 -12.46
N PHE A 119 -11.28 1.52 -11.94
CA PHE A 119 -11.63 0.09 -11.69
C PHE A 119 -12.70 0.02 -10.59
N VAL A 120 -12.71 0.98 -9.70
CA VAL A 120 -13.74 0.96 -8.63
C VAL A 120 -14.89 1.87 -9.03
N ASN A 121 -15.01 2.17 -10.30
CA ASN A 121 -16.12 3.05 -10.78
C ASN A 121 -15.98 4.45 -10.20
N HIS A 122 -14.77 4.98 -10.19
CA HIS A 122 -14.57 6.35 -9.65
C HIS A 122 -15.32 6.54 -8.33
N GLN A 123 -15.80 5.47 -7.74
CA GLN A 123 -16.52 5.59 -6.45
C GLN A 123 -15.97 4.56 -5.45
N PRO A 124 -16.01 4.86 -4.17
CA PRO A 124 -15.49 3.94 -3.12
C PRO A 124 -16.35 2.67 -3.02
N GLN A 125 -15.85 1.63 -2.41
CA GLN A 125 -16.66 0.37 -2.30
C GLN A 125 -17.12 0.20 -0.85
N MET A 126 -18.36 -0.15 -0.66
CA MET A 126 -18.87 -0.35 0.73
C MET A 126 -18.66 -1.80 1.13
N THR A 127 -17.86 -2.05 2.13
CA THR A 127 -17.62 -3.45 2.56
C THR A 127 -18.65 -3.81 3.63
N GLN A 128 -19.55 -4.70 3.31
CA GLN A 128 -20.58 -5.10 4.32
C GLN A 128 -20.08 -6.32 5.08
N ALA A 129 -18.81 -6.59 5.01
CA ALA A 129 -18.25 -7.77 5.73
C ALA A 129 -18.38 -7.53 7.23
N THR A 130 -18.68 -8.53 8.00
CA THR A 130 -18.82 -8.34 9.47
C THR A 130 -17.53 -8.78 10.16
N THR A 131 -16.66 -9.44 9.46
CA THR A 131 -15.39 -9.90 10.10
C THR A 131 -14.25 -9.84 9.08
N LEU A 132 -13.03 -9.81 9.55
CA LEU A 132 -11.88 -9.78 8.60
C LEU A 132 -11.94 -11.04 7.73
N SER A 133 -12.22 -12.17 8.34
CA SER A 133 -12.31 -13.43 7.56
C SER A 133 -13.50 -13.32 6.59
N GLU A 134 -14.51 -12.61 6.99
CA GLU A 134 -15.70 -12.45 6.13
C GLU A 134 -15.43 -11.38 5.08
N ILE A 135 -14.25 -10.82 5.09
CA ILE A 135 -13.92 -9.77 4.10
C ILE A 135 -13.22 -10.42 2.89
N PRO A 136 -13.47 -9.95 1.70
CA PRO A 136 -12.84 -10.52 0.46
C PRO A 136 -11.40 -10.05 0.27
N THR A 137 -10.52 -10.94 -0.09
CA THR A 137 -9.10 -10.53 -0.31
C THR A 137 -8.81 -10.54 -1.81
N SER A 138 -9.79 -10.83 -2.61
CA SER A 138 -9.59 -10.86 -4.08
C SER A 138 -10.86 -10.40 -4.77
N THR A 139 -11.00 -9.13 -5.03
CA THR A 139 -12.22 -8.62 -5.70
C THR A 139 -11.89 -8.40 -7.18
N PRO A 140 -12.87 -8.51 -8.04
CA PRO A 140 -12.63 -8.32 -9.50
C PRO A 140 -11.93 -7.00 -9.78
N ALA A 141 -12.24 -5.98 -9.03
CA ALA A 141 -11.54 -4.69 -9.26
C ALA A 141 -10.12 -4.82 -8.70
N SER A 142 -9.98 -5.47 -7.57
CA SER A 142 -8.63 -5.65 -6.99
C SER A 142 -7.78 -6.53 -7.89
N ASP A 143 -8.32 -7.63 -8.33
CA ASP A 143 -7.55 -8.53 -9.22
C ASP A 143 -7.14 -7.76 -10.47
N ALA A 144 -8.01 -6.93 -10.98
CA ALA A 144 -7.66 -6.15 -12.19
C ALA A 144 -6.68 -5.06 -11.79
N LEU A 145 -6.91 -4.45 -10.67
CA LEU A 145 -5.99 -3.37 -10.21
C LEU A 145 -4.58 -3.95 -10.07
N SER A 146 -4.45 -5.10 -9.45
CA SER A 146 -3.11 -5.72 -9.31
C SER A 146 -2.57 -6.03 -10.70
N LYS A 147 -3.40 -6.62 -11.52
CA LYS A 147 -2.97 -6.96 -12.89
C LYS A 147 -2.55 -5.70 -13.63
N ALA A 148 -3.24 -4.62 -13.41
CA ALA A 148 -2.88 -3.35 -14.11
C ALA A 148 -1.52 -2.87 -13.64
N LEU A 149 -1.30 -2.82 -12.36
CA LEU A 149 0.03 -2.35 -11.85
C LEU A 149 1.13 -3.28 -12.35
N LYS A 150 0.87 -4.55 -12.44
CA LYS A 150 1.91 -5.48 -12.92
C LYS A 150 2.32 -5.07 -14.34
N LYS A 151 1.38 -4.69 -15.14
CA LYS A 151 1.69 -4.28 -16.54
C LYS A 151 2.53 -3.00 -16.53
N ARG A 152 2.30 -2.13 -15.58
CA ARG A 152 3.09 -0.86 -15.55
C ARG A 152 4.53 -1.17 -15.12
N GLY A 153 4.84 -2.42 -14.94
CA GLY A 153 6.22 -2.78 -14.52
C GLY A 153 6.32 -2.67 -13.00
N PHE A 154 5.21 -2.83 -12.33
CA PHE A 154 5.24 -2.76 -10.85
C PHE A 154 5.28 -4.19 -10.30
N LYS A 155 6.34 -4.53 -9.64
CA LYS A 155 6.46 -5.90 -9.07
C LYS A 155 5.94 -5.96 -7.64
N PHE A 156 5.89 -7.13 -7.07
CA PHE A 156 5.38 -7.30 -5.68
C PHE A 156 3.96 -6.78 -5.59
N VAL A 157 3.08 -7.34 -6.37
CA VAL A 157 1.65 -6.91 -6.34
C VAL A 157 0.77 -8.13 -6.12
N GLY A 158 1.17 -9.02 -5.24
CA GLY A 158 0.36 -10.24 -4.98
C GLY A 158 -1.11 -9.85 -4.91
N THR A 159 -1.98 -10.74 -5.27
CA THR A 159 -3.43 -10.42 -5.22
C THR A 159 -3.80 -9.91 -3.83
N THR A 160 -3.08 -10.36 -2.83
CA THR A 160 -3.39 -9.89 -1.45
C THR A 160 -2.88 -8.46 -1.31
N ILE A 161 -1.78 -8.19 -1.95
CA ILE A 161 -1.19 -6.84 -1.88
C ILE A 161 -2.11 -5.83 -2.56
N CYS A 162 -2.75 -6.21 -3.64
CA CYS A 162 -3.65 -5.25 -4.33
C CYS A 162 -4.88 -4.99 -3.44
N TYR A 163 -5.36 -6.00 -2.79
CA TYR A 163 -6.56 -5.82 -1.93
C TYR A 163 -6.20 -4.92 -0.75
N SER A 164 -5.10 -5.18 -0.10
CA SER A 164 -4.70 -4.32 1.05
C SER A 164 -4.39 -2.92 0.54
N PHE A 165 -3.88 -2.83 -0.66
CA PHE A 165 -3.57 -1.50 -1.25
C PHE A 165 -4.85 -0.66 -1.34
N MET A 166 -5.93 -1.22 -1.80
CA MET A 166 -7.19 -0.44 -1.91
C MET A 166 -7.66 -0.01 -0.51
N GLN A 167 -7.52 -0.84 0.48
CA GLN A 167 -7.98 -0.46 1.85
C GLN A 167 -7.24 0.79 2.32
N ALA A 168 -5.96 0.85 2.08
CA ALA A 168 -5.17 2.04 2.52
C ALA A 168 -5.46 3.22 1.59
N CYS A 169 -5.59 2.97 0.32
CA CYS A 169 -5.87 4.08 -0.65
C CYS A 169 -7.14 4.81 -0.25
N GLY A 170 -8.08 4.12 0.34
CA GLY A 170 -9.37 4.77 0.72
C GLY A 170 -10.44 4.35 -0.28
N LEU A 171 -10.08 3.54 -1.23
CA LEU A 171 -11.07 3.08 -2.24
C LEU A 171 -12.19 2.27 -1.56
N VAL A 172 -11.89 1.63 -0.46
CA VAL A 172 -12.94 0.82 0.25
C VAL A 172 -13.27 1.44 1.60
N ASN A 173 -14.50 1.30 2.00
CA ASN A 173 -14.93 1.87 3.32
C ASN A 173 -15.56 0.75 4.17
N ASP A 174 -15.72 0.98 5.44
CA ASP A 174 -16.35 -0.05 6.33
C ASP A 174 -15.35 -1.17 6.63
N HIS A 175 -14.33 -0.90 7.41
CA HIS A 175 -13.34 -1.96 7.75
C HIS A 175 -14.11 -3.21 8.16
N VAL A 176 -15.19 -3.05 8.87
CA VAL A 176 -16.01 -4.21 9.31
C VAL A 176 -17.36 -3.71 9.81
N VAL A 177 -17.72 -2.51 9.44
CA VAL A 177 -19.03 -1.95 9.88
C VAL A 177 -19.04 -1.77 11.39
N GLY A 178 -18.57 -2.74 12.12
CA GLY A 178 -18.56 -2.61 13.60
C GLY A 178 -17.31 -1.84 14.03
N CYS A 179 -16.84 -0.96 13.19
CA CYS A 179 -15.62 -0.17 13.54
C CYS A 179 -16.03 1.16 14.18
N CYS A 180 -15.60 1.41 15.39
CA CYS A 180 -15.97 2.69 16.07
C CYS A 180 -15.77 3.85 15.11
N CYS A 181 -14.68 3.87 14.39
CA CYS A 181 -14.44 4.99 13.43
C CYS A 181 -15.55 5.02 12.38
N TYR A 182 -16.45 4.08 12.43
CA TYR A 182 -17.57 4.04 11.44
C TYR A 182 -18.91 3.99 12.17
N PRO A 183 -19.39 5.12 12.62
CA PRO A 183 -20.69 5.22 13.34
C PRO A 183 -21.89 5.15 12.38
N GLY A 184 -22.20 6.23 11.72
CA GLY A 184 -23.35 6.22 10.77
C GLY A 184 -24.61 5.74 11.49
N ASN A 185 -24.51 5.52 12.78
CA ASN A 185 -25.70 5.05 13.54
C ASN A 185 -26.39 6.24 14.23
N LYS A 186 -25.72 7.35 14.28
CA LYS A 186 -26.34 8.55 14.94
C LYS A 186 -27.04 9.41 13.89
N PRO A 187 -28.03 10.17 14.30
CA PRO A 187 -28.80 11.06 13.39
C PRO A 187 -27.95 12.21 12.85
N MET A 1 -20.04 -0.02 19.87
CA MET A 1 -19.86 -0.81 18.63
C MET A 1 -18.63 -1.70 18.78
N GLU A 2 -18.22 -2.38 17.74
CA GLU A 2 -17.03 -3.25 17.85
C GLU A 2 -15.83 -2.57 17.17
N ARG A 3 -14.66 -2.72 17.72
CA ARG A 3 -13.46 -2.07 17.11
C ARG A 3 -12.92 -2.95 16.00
N CYS A 4 -12.03 -2.43 15.21
CA CYS A 4 -11.46 -3.24 14.10
C CYS A 4 -10.64 -4.40 14.67
N GLY A 5 -10.63 -5.51 13.99
CA GLY A 5 -9.89 -6.71 14.48
C GLY A 5 -8.41 -6.43 14.70
N TRP A 6 -7.77 -5.71 13.82
CA TRP A 6 -6.31 -5.46 14.02
C TRP A 6 -6.10 -4.21 14.88
N VAL A 7 -7.16 -3.58 15.29
CA VAL A 7 -7.02 -2.37 16.16
C VAL A 7 -6.88 -2.81 17.61
N SER A 8 -7.68 -3.73 18.04
CA SER A 8 -7.59 -4.21 19.45
C SER A 8 -6.38 -5.14 19.58
N GLN A 9 -5.60 -5.24 18.54
CA GLN A 9 -4.40 -6.13 18.58
C GLN A 9 -3.17 -5.33 19.04
N ASP A 10 -2.19 -5.20 18.19
CA ASP A 10 -0.97 -4.43 18.58
C ASP A 10 -1.26 -2.93 18.44
N PRO A 11 -0.55 -2.12 19.18
CA PRO A 11 -0.75 -0.63 19.13
C PRO A 11 -0.36 -0.05 17.76
N LEU A 12 -0.10 1.23 17.69
CA LEU A 12 0.27 1.87 16.39
C LEU A 12 -0.90 1.74 15.39
N TYR A 13 -1.55 0.61 15.37
CA TYR A 13 -2.69 0.43 14.43
C TYR A 13 -3.80 1.42 14.77
N ILE A 14 -4.04 1.65 16.03
CA ILE A 14 -5.13 2.59 16.42
C ILE A 14 -4.85 3.98 15.83
N ALA A 15 -3.63 4.44 15.90
CA ALA A 15 -3.33 5.80 15.35
C ALA A 15 -3.52 5.78 13.84
N TYR A 16 -2.93 4.83 13.17
CA TYR A 16 -3.08 4.74 11.70
C TYR A 16 -4.56 4.52 11.38
N HIS A 17 -5.19 3.68 12.15
CA HIS A 17 -6.62 3.38 11.93
C HIS A 17 -7.51 4.58 12.29
N ASP A 18 -7.15 5.32 13.31
CA ASP A 18 -7.99 6.48 13.71
C ASP A 18 -7.69 7.71 12.85
N ASN A 19 -6.71 7.64 11.98
CA ASN A 19 -6.39 8.83 11.15
C ASN A 19 -7.30 8.89 9.92
N GLU A 20 -7.04 8.08 8.93
CA GLU A 20 -7.88 8.09 7.72
C GLU A 20 -7.81 6.71 7.07
N TRP A 21 -8.13 5.68 7.81
CA TRP A 21 -8.09 4.31 7.24
C TRP A 21 -9.51 3.89 6.93
N GLY A 22 -10.07 4.45 5.90
CA GLY A 22 -11.46 4.09 5.53
C GLY A 22 -12.15 5.24 4.81
N VAL A 23 -11.67 6.44 5.00
CA VAL A 23 -12.32 7.62 4.35
C VAL A 23 -11.35 8.43 3.46
N PRO A 24 -10.13 7.99 3.21
CA PRO A 24 -9.18 8.76 2.36
C PRO A 24 -9.47 8.66 0.86
N GLU A 25 -9.16 9.67 0.11
CA GLU A 25 -9.37 9.61 -1.35
C GLU A 25 -8.06 9.08 -1.94
N THR A 26 -8.04 8.67 -3.16
CA THR A 26 -6.77 8.15 -3.71
C THR A 26 -5.97 9.26 -4.38
N ASP A 27 -4.90 9.67 -3.75
CA ASP A 27 -4.03 10.73 -4.33
C ASP A 27 -3.06 10.05 -5.28
N SER A 28 -2.35 10.79 -6.08
CA SER A 28 -1.43 10.14 -7.04
C SER A 28 -0.15 9.65 -6.34
N LYS A 29 0.39 10.42 -5.45
CA LYS A 29 1.68 10.06 -4.79
C LYS A 29 1.52 8.97 -3.70
N LYS A 30 0.50 9.06 -2.89
CA LYS A 30 0.34 8.06 -1.78
C LYS A 30 0.26 6.64 -2.33
N LEU A 31 -0.43 6.45 -3.41
CA LEU A 31 -0.56 5.07 -3.97
C LEU A 31 0.83 4.51 -4.26
N PHE A 32 1.71 5.31 -4.78
CA PHE A 32 3.07 4.82 -5.09
C PHE A 32 3.78 4.35 -3.81
N GLU A 33 3.74 5.16 -2.78
CA GLU A 33 4.42 4.75 -1.52
C GLU A 33 3.64 3.61 -0.88
N MET A 34 2.35 3.70 -0.94
CA MET A 34 1.50 2.65 -0.32
C MET A 34 1.73 1.30 -1.00
N ILE A 35 1.61 1.25 -2.29
CA ILE A 35 1.80 -0.06 -2.98
C ILE A 35 3.22 -0.56 -2.79
N CYS A 36 4.17 0.32 -2.60
CA CYS A 36 5.57 -0.14 -2.40
C CYS A 36 5.68 -0.83 -1.04
N LEU A 37 5.15 -0.23 -0.02
CA LEU A 37 5.23 -0.85 1.33
C LEU A 37 4.35 -2.10 1.35
N GLU A 38 3.21 -2.03 0.73
CA GLU A 38 2.31 -3.21 0.69
C GLU A 38 3.05 -4.41 0.09
N GLY A 39 3.89 -4.16 -0.88
CA GLY A 39 4.62 -5.30 -1.50
C GLY A 39 5.32 -6.11 -0.42
N GLN A 40 5.94 -5.45 0.53
CA GLN A 40 6.64 -6.19 1.62
C GLN A 40 5.63 -6.98 2.46
N GLN A 41 4.43 -6.47 2.62
CA GLN A 41 3.42 -7.20 3.44
C GLN A 41 3.48 -8.69 3.13
N ALA A 42 4.00 -9.06 1.98
CA ALA A 42 4.08 -10.51 1.65
C ALA A 42 4.97 -11.20 2.67
N GLY A 43 4.42 -12.04 3.49
CA GLY A 43 5.25 -12.75 4.49
C GLY A 43 5.49 -11.86 5.72
N LEU A 44 5.62 -10.58 5.53
CA LEU A 44 5.87 -9.68 6.68
C LEU A 44 4.56 -9.06 7.16
N SER A 45 4.43 -8.87 8.45
CA SER A 45 3.17 -8.27 8.98
C SER A 45 3.12 -6.80 8.54
N TRP A 46 1.94 -6.23 8.42
CA TRP A 46 1.85 -4.81 8.00
C TRP A 46 2.53 -3.92 9.03
N ILE A 47 2.42 -4.23 10.29
CA ILE A 47 3.08 -3.38 11.31
C ILE A 47 4.59 -3.40 11.09
N THR A 48 5.13 -4.53 10.73
CA THR A 48 6.58 -4.58 10.47
C THR A 48 6.88 -3.57 9.37
N VAL A 49 5.98 -3.45 8.43
CA VAL A 49 6.16 -2.47 7.32
C VAL A 49 6.18 -1.05 7.90
N LEU A 50 5.32 -0.75 8.85
CA LEU A 50 5.30 0.62 9.45
C LEU A 50 6.69 0.94 10.02
N LYS A 51 7.26 0.02 10.74
CA LYS A 51 8.62 0.24 11.30
C LYS A 51 9.60 0.38 10.13
N LYS A 52 9.39 -0.39 9.10
CA LYS A 52 10.29 -0.31 7.93
C LYS A 52 10.24 1.12 7.37
N ARG A 53 9.08 1.74 7.38
CA ARG A 53 8.99 3.13 6.86
C ARG A 53 9.93 4.05 7.65
N GLU A 54 10.02 3.88 8.93
CA GLU A 54 10.92 4.79 9.71
C GLU A 54 12.38 4.55 9.33
N ASN A 55 12.81 3.32 9.24
CA ASN A 55 14.23 3.05 8.88
C ASN A 55 14.43 3.14 7.37
N TYR A 56 13.50 2.64 6.60
CA TYR A 56 13.65 2.70 5.12
C TYR A 56 13.73 4.16 4.68
N ARG A 57 12.85 4.98 5.18
CA ARG A 57 12.89 6.42 4.79
C ARG A 57 14.22 7.02 5.27
N ALA A 58 14.71 6.57 6.39
CA ALA A 58 16.00 7.13 6.89
C ALA A 58 17.13 6.83 5.90
N CYS A 59 17.27 5.59 5.49
CA CYS A 59 18.37 5.23 4.55
C CYS A 59 18.07 5.70 3.12
N PHE A 60 16.86 5.52 2.65
CA PHE A 60 16.52 5.93 1.27
C PHE A 60 16.13 7.42 1.21
N HIS A 61 16.10 8.10 2.33
CA HIS A 61 15.72 9.55 2.29
C HIS A 61 16.58 10.25 1.25
N GLN A 62 17.87 10.08 1.36
CA GLN A 62 18.79 10.73 0.38
C GLN A 62 18.47 10.17 -1.00
N PHE A 63 17.94 8.98 -1.04
CA PHE A 63 17.60 8.37 -2.35
C PHE A 63 16.09 8.48 -2.58
N ASP A 64 15.58 9.67 -2.62
CA ASP A 64 14.12 9.87 -2.83
C ASP A 64 13.65 9.05 -4.06
N PRO A 65 12.36 8.86 -4.19
CA PRO A 65 11.75 8.09 -5.30
C PRO A 65 12.53 8.17 -6.63
N VAL A 66 12.60 9.31 -7.23
CA VAL A 66 13.33 9.41 -8.52
C VAL A 66 14.78 8.97 -8.31
N LYS A 67 15.36 9.32 -7.20
CA LYS A 67 16.77 8.91 -6.95
C LYS A 67 16.88 7.39 -6.87
N VAL A 68 15.87 6.70 -6.36
CA VAL A 68 16.01 5.20 -6.29
C VAL A 68 16.11 4.65 -7.69
N ALA A 69 15.40 5.21 -8.62
CA ALA A 69 15.49 4.72 -10.02
C ALA A 69 16.95 4.87 -10.41
N ALA A 70 17.64 5.77 -9.75
CA ALA A 70 19.08 5.97 -10.05
C ALA A 70 19.90 5.13 -9.09
N MET A 71 19.27 4.55 -8.10
CA MET A 71 20.02 3.69 -7.17
C MET A 71 20.26 2.35 -7.84
N GLN A 72 21.49 1.98 -7.99
CA GLN A 72 21.79 0.68 -8.66
C GLN A 72 21.96 -0.41 -7.59
N GLU A 73 22.16 -1.63 -8.01
CA GLU A 73 22.32 -2.73 -7.02
C GLU A 73 23.54 -2.48 -6.13
N GLU A 74 24.58 -1.91 -6.66
CA GLU A 74 25.78 -1.63 -5.82
C GLU A 74 25.33 -0.82 -4.60
N ASP A 75 24.53 0.18 -4.84
CA ASP A 75 24.02 1.01 -3.72
C ASP A 75 23.15 0.15 -2.81
N VAL A 76 22.38 -0.74 -3.37
CA VAL A 76 21.51 -1.61 -2.54
C VAL A 76 22.36 -2.46 -1.59
N GLU A 77 23.49 -2.93 -2.03
CA GLU A 77 24.32 -3.80 -1.14
C GLU A 77 25.00 -2.98 -0.03
N ARG A 78 25.54 -1.84 -0.33
CA ARG A 78 26.22 -1.05 0.74
C ARG A 78 25.19 -0.42 1.68
N LEU A 79 24.09 0.05 1.16
CA LEU A 79 23.05 0.68 2.04
C LEU A 79 22.45 -0.38 2.96
N VAL A 80 22.35 -1.60 2.51
CA VAL A 80 21.78 -2.67 3.37
C VAL A 80 22.47 -2.63 4.74
N GLN A 81 23.67 -2.10 4.79
CA GLN A 81 24.39 -2.04 6.09
C GLN A 81 23.98 -0.77 6.82
N ASP A 82 23.22 0.07 6.18
CA ASP A 82 22.79 1.32 6.85
C ASP A 82 21.64 1.01 7.81
N ALA A 83 21.92 1.07 9.08
CA ALA A 83 20.87 0.80 10.09
C ALA A 83 20.49 -0.69 10.06
N GLY A 84 20.86 -1.39 9.03
CA GLY A 84 20.53 -2.83 8.96
C GLY A 84 19.03 -2.99 8.67
N ILE A 85 18.48 -2.10 7.88
CA ILE A 85 17.03 -2.21 7.55
C ILE A 85 16.70 -3.63 7.17
N ILE A 86 15.44 -3.91 6.92
CA ILE A 86 15.08 -5.30 6.52
C ILE A 86 15.97 -5.71 5.36
N ARG A 87 17.12 -6.23 5.67
CA ARG A 87 18.08 -6.64 4.61
C ARG A 87 17.41 -7.59 3.62
N HIS A 88 17.59 -7.32 2.36
CA HIS A 88 17.01 -8.16 1.28
C HIS A 88 17.33 -7.49 -0.05
N ARG A 89 18.58 -7.44 -0.39
CA ARG A 89 19.01 -6.79 -1.65
C ARG A 89 18.10 -7.24 -2.80
N GLY A 90 17.57 -8.43 -2.72
CA GLY A 90 16.69 -8.93 -3.80
C GLY A 90 15.41 -8.11 -3.84
N LYS A 91 14.64 -8.12 -2.78
CA LYS A 91 13.37 -7.34 -2.77
C LYS A 91 13.69 -5.85 -2.96
N ILE A 92 14.76 -5.39 -2.38
CA ILE A 92 15.11 -3.94 -2.53
C ILE A 92 15.40 -3.62 -4.00
N GLN A 93 16.15 -4.47 -4.68
CA GLN A 93 16.44 -4.17 -6.11
C GLN A 93 15.12 -4.04 -6.86
N ALA A 94 14.11 -4.78 -6.46
CA ALA A 94 12.79 -4.69 -7.15
C ALA A 94 12.17 -3.31 -6.89
N ILE A 95 12.34 -2.80 -5.70
CA ILE A 95 11.77 -1.47 -5.37
C ILE A 95 12.38 -0.41 -6.29
N ILE A 96 13.60 -0.58 -6.69
CA ILE A 96 14.23 0.41 -7.60
C ILE A 96 13.40 0.49 -8.88
N GLY A 97 13.01 -0.65 -9.38
CA GLY A 97 12.18 -0.67 -10.61
C GLY A 97 10.82 -0.03 -10.32
N ASN A 98 10.36 -0.12 -9.11
CA ASN A 98 9.03 0.50 -8.79
C ASN A 98 9.08 1.99 -9.11
N ALA A 99 10.14 2.67 -8.75
CA ALA A 99 10.21 4.12 -9.08
C ALA A 99 10.23 4.30 -10.60
N ARG A 100 11.01 3.51 -11.30
CA ARG A 100 11.05 3.66 -12.78
C ARG A 100 9.64 3.48 -13.34
N ALA A 101 8.86 2.63 -12.75
CA ALA A 101 7.46 2.45 -13.25
C ALA A 101 6.65 3.70 -12.86
N TYR A 102 7.02 4.35 -11.79
CA TYR A 102 6.30 5.59 -11.38
C TYR A 102 6.53 6.62 -12.47
N LEU A 103 7.73 6.70 -12.94
CA LEU A 103 8.05 7.65 -14.02
C LEU A 103 7.30 7.23 -15.28
N GLN A 104 7.10 5.95 -15.45
CA GLN A 104 6.35 5.51 -16.66
C GLN A 104 4.96 6.13 -16.63
N MET A 105 4.35 6.21 -15.49
CA MET A 105 3.01 6.82 -15.39
C MET A 105 3.12 8.31 -15.68
N GLU A 106 4.15 8.93 -15.19
CA GLU A 106 4.33 10.38 -15.43
C GLU A 106 4.75 10.60 -16.87
N GLN A 107 5.62 9.79 -17.39
CA GLN A 107 6.01 9.95 -18.81
C GLN A 107 4.73 9.84 -19.63
N ASN A 108 3.76 9.17 -19.08
CA ASN A 108 2.46 9.05 -19.80
C ASN A 108 1.55 10.18 -19.33
N GLY A 109 1.95 10.89 -18.29
CA GLY A 109 1.12 12.02 -17.79
C GLY A 109 -0.18 11.49 -17.18
N GLU A 110 -0.20 10.26 -16.75
CA GLU A 110 -1.46 9.69 -16.17
C GLU A 110 -1.24 9.32 -14.69
N PRO A 111 -1.75 10.11 -13.77
CA PRO A 111 -1.59 9.84 -12.31
C PRO A 111 -2.08 8.45 -11.89
N PHE A 112 -1.52 7.91 -10.85
CA PHE A 112 -1.95 6.56 -10.37
C PHE A 112 -3.42 6.58 -9.93
N ALA A 113 -3.83 7.63 -9.30
CA ALA A 113 -5.22 7.73 -8.79
C ALA A 113 -6.25 7.67 -9.93
N ASP A 114 -5.94 8.24 -11.05
CA ASP A 114 -6.93 8.25 -12.18
C ASP A 114 -7.29 6.83 -12.63
N PHE A 115 -6.34 5.95 -12.77
CA PHE A 115 -6.69 4.58 -13.25
C PHE A 115 -7.36 3.77 -12.13
N VAL A 116 -6.86 3.80 -10.93
CA VAL A 116 -7.55 3.00 -9.86
C VAL A 116 -8.99 3.46 -9.74
N TRP A 117 -9.22 4.73 -9.65
CA TRP A 117 -10.63 5.23 -9.55
C TRP A 117 -11.40 4.71 -10.76
N SER A 118 -10.72 4.46 -11.85
CA SER A 118 -11.43 3.98 -13.07
C SER A 118 -11.94 2.54 -12.89
N PHE A 119 -11.15 1.68 -12.30
CA PHE A 119 -11.61 0.26 -12.12
C PHE A 119 -12.78 0.21 -11.14
N VAL A 120 -12.84 1.10 -10.20
CA VAL A 120 -13.95 1.07 -9.22
C VAL A 120 -15.10 1.96 -9.72
N ASN A 121 -15.07 2.32 -10.97
CA ASN A 121 -16.15 3.17 -11.56
C ASN A 121 -16.23 4.51 -10.82
N HIS A 122 -15.12 5.05 -10.41
CA HIS A 122 -15.14 6.36 -9.69
C HIS A 122 -16.22 6.35 -8.60
N GLN A 123 -16.50 5.20 -8.04
CA GLN A 123 -17.56 5.11 -6.99
C GLN A 123 -17.03 4.33 -5.78
N PRO A 124 -17.48 4.65 -4.59
CA PRO A 124 -17.05 3.94 -3.34
C PRO A 124 -17.53 2.48 -3.32
N GLN A 125 -16.78 1.60 -2.69
CA GLN A 125 -17.19 0.17 -2.63
C GLN A 125 -17.49 -0.23 -1.18
N MET A 126 -18.52 -1.01 -0.97
CA MET A 126 -18.86 -1.43 0.41
C MET A 126 -18.35 -2.87 0.63
N THR A 127 -17.46 -3.06 1.56
CA THR A 127 -16.93 -4.44 1.80
C THR A 127 -18.01 -5.27 2.49
N GLN A 128 -18.80 -4.67 3.35
CA GLN A 128 -19.89 -5.41 4.04
C GLN A 128 -19.32 -6.64 4.74
N ALA A 129 -18.19 -6.51 5.36
CA ALA A 129 -17.60 -7.68 6.06
C ALA A 129 -17.84 -7.55 7.56
N THR A 130 -18.05 -8.65 8.23
CA THR A 130 -18.28 -8.60 9.70
C THR A 130 -17.05 -9.12 10.44
N THR A 131 -16.31 -10.01 9.84
CA THR A 131 -15.10 -10.55 10.51
C THR A 131 -13.93 -10.58 9.52
N LEU A 132 -12.74 -10.75 10.01
CA LEU A 132 -11.57 -10.80 9.09
C LEU A 132 -11.79 -11.94 8.09
N SER A 133 -12.45 -12.99 8.51
CA SER A 133 -12.71 -14.13 7.58
C SER A 133 -13.77 -13.72 6.55
N GLU A 134 -14.41 -12.61 6.76
CA GLU A 134 -15.45 -12.14 5.80
C GLU A 134 -14.84 -11.08 4.91
N ILE A 135 -13.56 -10.93 4.99
CA ILE A 135 -12.85 -9.91 4.18
C ILE A 135 -12.27 -10.58 2.93
N PRO A 136 -12.77 -10.28 1.74
CA PRO A 136 -12.26 -10.90 0.49
C PRO A 136 -10.91 -10.30 0.08
N THR A 137 -10.04 -11.10 -0.44
CA THR A 137 -8.71 -10.60 -0.87
C THR A 137 -8.64 -10.65 -2.38
N SER A 138 -9.74 -10.96 -3.01
CA SER A 138 -9.76 -11.03 -4.50
C SER A 138 -11.01 -10.33 -5.00
N THR A 139 -10.90 -9.07 -5.36
CA THR A 139 -12.07 -8.32 -5.85
C THR A 139 -11.81 -7.92 -7.31
N PRO A 140 -12.83 -7.72 -8.09
CA PRO A 140 -12.66 -7.34 -9.52
C PRO A 140 -11.77 -6.11 -9.67
N ALA A 141 -11.90 -5.16 -8.79
CA ALA A 141 -11.03 -3.95 -8.89
C ALA A 141 -9.62 -4.34 -8.47
N SER A 142 -9.49 -5.11 -7.42
CA SER A 142 -8.12 -5.52 -6.98
C SER A 142 -7.50 -6.36 -8.09
N ASP A 143 -8.27 -7.20 -8.73
CA ASP A 143 -7.71 -8.02 -9.84
C ASP A 143 -7.20 -7.09 -10.94
N ALA A 144 -7.90 -6.02 -11.18
CA ALA A 144 -7.49 -5.08 -12.24
C ALA A 144 -6.17 -4.40 -11.85
N LEU A 145 -6.00 -4.08 -10.60
CA LEU A 145 -4.74 -3.42 -10.17
C LEU A 145 -3.58 -4.41 -10.34
N SER A 146 -3.78 -5.64 -10.03
CA SER A 146 -2.66 -6.63 -10.17
C SER A 146 -2.19 -6.69 -11.62
N LYS A 147 -3.09 -6.80 -12.56
CA LYS A 147 -2.66 -6.87 -13.98
C LYS A 147 -2.20 -5.49 -14.45
N ALA A 148 -2.86 -4.45 -14.02
CA ALA A 148 -2.46 -3.09 -14.45
C ALA A 148 -1.14 -2.72 -13.78
N LEU A 149 -0.99 -3.01 -12.52
CA LEU A 149 0.28 -2.67 -11.83
C LEU A 149 1.41 -3.53 -12.38
N LYS A 150 1.18 -4.78 -12.57
CA LYS A 150 2.27 -5.65 -13.10
C LYS A 150 2.65 -5.20 -14.51
N LYS A 151 1.67 -4.84 -15.31
CA LYS A 151 1.98 -4.41 -16.71
C LYS A 151 2.67 -3.04 -16.70
N ARG A 152 2.45 -2.23 -15.69
CA ARG A 152 3.12 -0.91 -15.66
C ARG A 152 4.59 -1.12 -15.26
N GLY A 153 4.99 -2.35 -15.06
CA GLY A 153 6.40 -2.61 -14.67
C GLY A 153 6.50 -2.54 -13.15
N PHE A 154 5.42 -2.82 -12.48
CA PHE A 154 5.45 -2.79 -11.00
C PHE A 154 5.48 -4.22 -10.47
N LYS A 155 6.54 -4.59 -9.81
CA LYS A 155 6.64 -5.98 -9.29
C LYS A 155 6.16 -6.03 -7.83
N PHE A 156 6.01 -7.20 -7.28
CA PHE A 156 5.53 -7.32 -5.88
C PHE A 156 4.17 -6.61 -5.76
N VAL A 157 3.20 -7.08 -6.50
CA VAL A 157 1.84 -6.49 -6.48
C VAL A 157 0.83 -7.62 -6.53
N GLY A 158 1.10 -8.69 -5.82
CA GLY A 158 0.19 -9.87 -5.83
C GLY A 158 -1.25 -9.43 -5.63
N THR A 159 -2.17 -10.36 -5.74
CA THR A 159 -3.61 -10.03 -5.56
C THR A 159 -3.82 -9.46 -4.16
N THR A 160 -3.04 -9.88 -3.20
CA THR A 160 -3.23 -9.35 -1.82
C THR A 160 -2.73 -7.91 -1.77
N ILE A 161 -1.70 -7.62 -2.52
CA ILE A 161 -1.17 -6.23 -2.53
C ILE A 161 -2.24 -5.30 -3.12
N CYS A 162 -2.86 -5.72 -4.19
CA CYS A 162 -3.92 -4.89 -4.83
C CYS A 162 -5.08 -4.69 -3.86
N TYR A 163 -5.50 -5.74 -3.19
CA TYR A 163 -6.64 -5.61 -2.23
C TYR A 163 -6.21 -4.76 -1.04
N SER A 164 -5.05 -5.00 -0.52
CA SER A 164 -4.58 -4.20 0.65
C SER A 164 -4.52 -2.72 0.27
N PHE A 165 -4.06 -2.42 -0.91
CA PHE A 165 -3.98 -1.01 -1.34
C PHE A 165 -5.38 -0.39 -1.33
N MET A 166 -6.35 -1.07 -1.89
CA MET A 166 -7.74 -0.53 -1.92
C MET A 166 -8.28 -0.38 -0.49
N GLN A 167 -7.88 -1.26 0.39
CA GLN A 167 -8.38 -1.21 1.80
C GLN A 167 -8.06 0.14 2.44
N ALA A 168 -6.86 0.63 2.27
CA ALA A 168 -6.47 1.92 2.89
C ALA A 168 -6.78 3.11 1.98
N CYS A 169 -6.70 2.93 0.69
CA CYS A 169 -6.97 4.06 -0.25
C CYS A 169 -8.34 4.67 0.03
N GLY A 170 -9.23 3.92 0.61
CA GLY A 170 -10.59 4.45 0.88
C GLY A 170 -11.52 3.98 -0.24
N LEU A 171 -10.98 3.26 -1.19
CA LEU A 171 -11.82 2.75 -2.31
C LEU A 171 -12.87 1.78 -1.75
N VAL A 172 -12.59 1.13 -0.64
CA VAL A 172 -13.59 0.20 -0.04
C VAL A 172 -13.90 0.64 1.39
N ASN A 173 -15.17 0.70 1.74
CA ASN A 173 -15.56 1.12 3.12
C ASN A 173 -16.08 -0.09 3.89
N ASP A 174 -16.14 0.02 5.21
CA ASP A 174 -16.67 -1.11 6.05
C ASP A 174 -15.56 -2.11 6.38
N HIS A 175 -14.62 -1.73 7.19
CA HIS A 175 -13.52 -2.69 7.54
C HIS A 175 -14.14 -3.97 8.12
N VAL A 176 -15.05 -3.83 9.05
CA VAL A 176 -15.70 -5.03 9.64
C VAL A 176 -17.19 -4.75 9.85
N VAL A 177 -17.77 -3.92 9.02
CA VAL A 177 -19.21 -3.60 9.18
C VAL A 177 -19.47 -3.15 10.61
N GLY A 178 -19.67 -1.88 10.82
CA GLY A 178 -19.93 -1.39 12.19
C GLY A 178 -18.62 -1.18 12.94
N CYS A 179 -17.64 -0.57 12.31
CA CYS A 179 -16.36 -0.34 13.01
C CYS A 179 -16.37 1.06 13.64
N CYS A 180 -15.77 1.22 14.78
CA CYS A 180 -15.78 2.53 15.49
C CYS A 180 -15.35 3.68 14.58
N CYS A 181 -14.28 3.53 13.86
CA CYS A 181 -13.83 4.65 12.98
C CYS A 181 -14.70 4.66 11.72
N TYR A 182 -15.78 3.92 11.72
CA TYR A 182 -16.66 3.88 10.53
C TYR A 182 -18.11 4.20 10.93
N PRO A 183 -18.40 5.47 11.08
CA PRO A 183 -19.76 5.95 11.44
C PRO A 183 -20.63 6.15 10.21
N GLY A 184 -20.37 7.19 9.45
CA GLY A 184 -21.16 7.44 8.22
C GLY A 184 -22.58 7.87 8.60
N ASN A 185 -23.21 7.14 9.47
CA ASN A 185 -24.60 7.51 9.89
C ASN A 185 -24.56 8.06 11.32
N LYS A 186 -24.41 7.19 12.28
CA LYS A 186 -24.36 7.64 13.70
C LYS A 186 -22.98 8.24 13.98
N PRO A 187 -22.90 9.19 14.88
CA PRO A 187 -21.60 9.85 15.24
C PRO A 187 -20.64 8.90 15.97
N MET A 1 -18.24 3.60 19.87
CA MET A 1 -18.32 2.24 19.25
C MET A 1 -17.09 1.42 19.65
N GLU A 2 -16.89 0.29 19.04
CA GLU A 2 -15.72 -0.56 19.39
C GLU A 2 -14.63 -0.40 18.34
N ARG A 3 -13.39 -0.47 18.75
CA ARG A 3 -12.26 -0.32 17.78
C ARG A 3 -12.28 -1.45 16.76
N CYS A 4 -11.62 -1.26 15.66
CA CYS A 4 -11.59 -2.31 14.60
C CYS A 4 -10.94 -3.59 15.17
N GLY A 5 -11.30 -4.72 14.61
CA GLY A 5 -10.77 -6.02 15.11
C GLY A 5 -9.23 -6.04 15.19
N TRP A 6 -8.53 -5.62 14.17
CA TRP A 6 -7.05 -5.67 14.25
C TRP A 6 -6.50 -4.38 14.89
N VAL A 7 -7.35 -3.46 15.24
CA VAL A 7 -6.84 -2.22 15.87
C VAL A 7 -6.49 -2.49 17.33
N SER A 8 -7.31 -3.26 18.00
CA SER A 8 -7.02 -3.58 19.43
C SER A 8 -5.84 -4.54 19.48
N GLN A 9 -5.38 -4.96 18.33
CA GLN A 9 -4.24 -5.91 18.27
C GLN A 9 -2.99 -5.29 18.90
N ASP A 10 -2.73 -4.05 18.63
CA ASP A 10 -1.52 -3.40 19.23
C ASP A 10 -1.66 -1.87 19.14
N PRO A 11 -0.92 -1.17 19.96
CA PRO A 11 -0.96 0.32 19.99
C PRO A 11 -0.48 0.95 18.68
N LEU A 12 0.48 0.34 18.03
CA LEU A 12 0.99 0.90 16.75
C LEU A 12 -0.15 0.92 15.73
N TYR A 13 -0.95 -0.11 15.71
CA TYR A 13 -2.09 -0.15 14.74
C TYR A 13 -3.07 0.98 15.06
N ILE A 14 -3.31 1.21 16.32
CA ILE A 14 -4.27 2.29 16.72
C ILE A 14 -3.83 3.63 16.13
N ALA A 15 -2.55 3.92 16.12
CA ALA A 15 -2.10 5.22 15.55
C ALA A 15 -2.37 5.25 14.04
N TYR A 16 -2.03 4.19 13.37
CA TYR A 16 -2.25 4.13 11.89
C TYR A 16 -3.75 4.13 11.58
N HIS A 17 -4.51 3.43 12.36
CA HIS A 17 -5.98 3.38 12.11
C HIS A 17 -6.65 4.70 12.52
N ASP A 18 -6.17 5.32 13.56
CA ASP A 18 -6.80 6.60 14.02
C ASP A 18 -6.33 7.80 13.19
N ASN A 19 -5.35 7.64 12.33
CA ASN A 19 -4.88 8.81 11.55
C ASN A 19 -5.76 9.03 10.31
N GLU A 20 -5.87 8.06 9.43
CA GLU A 20 -6.71 8.27 8.22
C GLU A 20 -7.32 6.93 7.80
N TRP A 21 -6.49 5.93 7.61
CA TRP A 21 -6.95 4.57 7.18
C TRP A 21 -8.46 4.54 6.93
N GLY A 22 -8.90 5.24 5.94
CA GLY A 22 -10.37 5.21 5.63
C GLY A 22 -10.80 6.55 5.05
N VAL A 23 -10.05 7.58 5.29
CA VAL A 23 -10.42 8.93 4.78
C VAL A 23 -9.36 9.52 3.83
N PRO A 24 -8.29 8.82 3.49
CA PRO A 24 -7.25 9.37 2.58
C PRO A 24 -7.64 9.27 1.10
N GLU A 25 -7.17 10.18 0.30
CA GLU A 25 -7.46 10.14 -1.15
C GLU A 25 -6.27 9.49 -1.83
N THR A 26 -6.38 9.12 -3.07
CA THR A 26 -5.23 8.47 -3.73
C THR A 26 -4.34 9.51 -4.41
N ASP A 27 -3.12 9.61 -3.99
CA ASP A 27 -2.17 10.58 -4.62
C ASP A 27 -1.16 9.77 -5.42
N SER A 28 -0.72 10.27 -6.54
CA SER A 28 0.26 9.50 -7.34
C SER A 28 1.51 9.26 -6.50
N LYS A 29 1.87 10.21 -5.70
CA LYS A 29 3.09 10.08 -4.85
C LYS A 29 2.84 9.11 -3.69
N LYS A 30 1.76 9.30 -2.97
CA LYS A 30 1.47 8.39 -1.83
C LYS A 30 1.24 6.96 -2.34
N LEU A 31 0.79 6.82 -3.55
CA LEU A 31 0.56 5.45 -4.10
C LEU A 31 1.91 4.75 -4.25
N PHE A 32 2.93 5.47 -4.65
CA PHE A 32 4.26 4.85 -4.82
C PHE A 32 4.80 4.34 -3.47
N GLU A 33 4.75 5.15 -2.45
CA GLU A 33 5.27 4.67 -1.14
C GLU A 33 4.27 3.66 -0.55
N MET A 34 3.01 3.83 -0.83
CA MET A 34 1.99 2.90 -0.28
C MET A 34 2.13 1.51 -0.93
N ILE A 35 2.22 1.44 -2.22
CA ILE A 35 2.35 0.11 -2.89
C ILE A 35 3.68 -0.53 -2.49
N CYS A 36 4.66 0.27 -2.17
CA CYS A 36 5.97 -0.30 -1.77
C CYS A 36 5.85 -0.99 -0.41
N LEU A 37 5.30 -0.32 0.55
CA LEU A 37 5.16 -0.95 1.90
C LEU A 37 4.15 -2.09 1.81
N GLU A 38 3.12 -1.90 1.03
CA GLU A 38 2.09 -2.97 0.88
C GLU A 38 2.71 -4.17 0.17
N GLY A 39 3.55 -3.93 -0.80
CA GLY A 39 4.19 -5.06 -1.54
C GLY A 39 5.06 -5.89 -0.59
N GLN A 40 5.70 -5.25 0.36
CA GLN A 40 6.56 -6.01 1.30
C GLN A 40 5.68 -6.80 2.27
N GLN A 41 4.39 -6.61 2.20
CA GLN A 41 3.49 -7.36 3.12
C GLN A 41 3.32 -8.79 2.62
N ALA A 42 3.93 -9.13 1.50
CA ALA A 42 3.80 -10.52 0.99
C ALA A 42 4.56 -11.46 1.92
N GLY A 43 3.89 -12.43 2.48
CA GLY A 43 4.57 -13.38 3.39
C GLY A 43 4.76 -12.70 4.76
N LEU A 44 4.94 -11.41 4.77
CA LEU A 44 5.13 -10.69 6.07
C LEU A 44 3.83 -10.00 6.47
N SER A 45 3.54 -9.95 7.75
CA SER A 45 2.29 -9.29 8.21
C SER A 45 2.41 -7.78 8.00
N TRP A 46 1.30 -7.11 7.88
CA TRP A 46 1.33 -5.63 7.67
C TRP A 46 2.12 -4.95 8.80
N ILE A 47 2.00 -5.44 9.99
CA ILE A 47 2.73 -4.81 11.13
C ILE A 47 4.24 -4.96 10.95
N THR A 48 4.68 -6.05 10.39
CA THR A 48 6.14 -6.24 10.19
C THR A 48 6.69 -5.12 9.31
N VAL A 49 5.99 -4.75 8.28
CA VAL A 49 6.49 -3.68 7.39
C VAL A 49 6.48 -2.35 8.15
N LEU A 50 5.55 -2.15 9.05
CA LEU A 50 5.50 -0.87 9.79
C LEU A 50 6.79 -0.66 10.58
N LYS A 51 7.28 -1.67 11.23
CA LYS A 51 8.54 -1.50 12.02
C LYS A 51 9.67 -1.11 11.06
N LYS A 52 9.81 -1.84 10.00
CA LYS A 52 10.87 -1.51 9.02
C LYS A 52 10.42 -0.34 8.15
N ARG A 53 9.18 0.07 8.27
CA ARG A 53 8.71 1.24 7.47
C ARG A 53 9.49 2.46 7.95
N GLU A 54 9.57 2.64 9.24
CA GLU A 54 10.32 3.80 9.77
C GLU A 54 11.82 3.60 9.52
N ASN A 55 12.31 2.42 9.80
CA ASN A 55 13.77 2.16 9.55
C ASN A 55 14.07 2.20 8.05
N TYR A 56 13.23 1.61 7.26
CA TYR A 56 13.46 1.58 5.78
C TYR A 56 13.52 3.00 5.22
N ARG A 57 12.60 3.85 5.59
CA ARG A 57 12.63 5.24 5.05
C ARG A 57 13.94 5.91 5.47
N ALA A 58 14.48 5.53 6.59
CA ALA A 58 15.76 6.14 7.05
C ALA A 58 16.88 5.76 6.09
N CYS A 59 16.86 4.56 5.57
CA CYS A 59 17.95 4.13 4.64
C CYS A 59 17.86 4.95 3.35
N PHE A 60 16.69 5.10 2.80
CA PHE A 60 16.54 5.90 1.55
C PHE A 60 16.46 7.38 1.90
N HIS A 61 15.71 7.72 2.92
CA HIS A 61 15.59 9.14 3.33
C HIS A 61 14.90 9.94 2.22
N GLN A 62 15.34 9.79 1.00
CA GLN A 62 14.72 10.54 -0.13
C GLN A 62 13.35 9.94 -0.47
N PHE A 63 13.20 8.65 -0.34
CA PHE A 63 11.91 7.99 -0.67
C PHE A 63 11.30 8.59 -1.94
N ASP A 64 12.09 9.22 -2.77
CA ASP A 64 11.53 9.81 -4.01
C ASP A 64 11.65 8.78 -5.15
N PRO A 65 10.68 8.74 -6.05
CA PRO A 65 10.68 7.76 -7.18
C PRO A 65 11.80 8.02 -8.20
N VAL A 66 11.93 9.23 -8.68
CA VAL A 66 12.99 9.50 -9.70
C VAL A 66 14.36 9.23 -9.10
N LYS A 67 14.63 9.69 -7.92
CA LYS A 67 15.96 9.43 -7.30
C LYS A 67 16.12 7.94 -7.04
N VAL A 68 15.07 7.28 -6.63
CA VAL A 68 15.18 5.81 -6.37
C VAL A 68 15.51 5.09 -7.67
N ALA A 69 14.97 5.53 -8.76
CA ALA A 69 15.28 4.88 -10.04
C ALA A 69 16.76 5.09 -10.33
N ALA A 70 17.34 6.07 -9.67
CA ALA A 70 18.79 6.34 -9.87
C ALA A 70 19.58 5.45 -8.92
N MET A 71 18.90 4.78 -8.03
CA MET A 71 19.60 3.88 -7.10
C MET A 71 19.82 2.55 -7.81
N GLN A 72 21.06 2.22 -8.09
CA GLN A 72 21.34 0.95 -8.81
C GLN A 72 21.67 -0.15 -7.80
N GLU A 73 21.89 -1.34 -8.26
CA GLU A 73 22.19 -2.46 -7.32
C GLU A 73 23.37 -2.12 -6.42
N GLU A 74 24.32 -1.35 -6.89
CA GLU A 74 25.47 -1.02 -6.00
C GLU A 74 24.92 -0.42 -4.70
N ASP A 75 23.97 0.47 -4.82
CA ASP A 75 23.37 1.07 -3.60
C ASP A 75 22.66 -0.04 -2.82
N VAL A 76 22.02 -0.93 -3.52
CA VAL A 76 21.29 -2.03 -2.84
C VAL A 76 22.27 -2.89 -2.03
N GLU A 77 23.42 -3.18 -2.58
CA GLU A 77 24.41 -4.01 -1.85
C GLU A 77 24.78 -3.36 -0.53
N ARG A 78 25.03 -2.08 -0.52
CA ARG A 78 25.41 -1.42 0.77
C ARG A 78 24.17 -1.24 1.66
N LEU A 79 23.03 -1.01 1.06
CA LEU A 79 21.79 -0.82 1.87
C LEU A 79 21.48 -2.08 2.68
N VAL A 80 21.81 -3.22 2.15
CA VAL A 80 21.54 -4.47 2.91
C VAL A 80 22.07 -4.32 4.34
N GLN A 81 23.15 -3.61 4.49
CA GLN A 81 23.73 -3.41 5.85
C GLN A 81 23.40 -2.01 6.39
N ASP A 82 22.72 -1.20 5.63
CA ASP A 82 22.40 0.16 6.15
C ASP A 82 21.18 0.08 7.08
N ALA A 83 21.41 0.24 8.36
CA ALA A 83 20.28 0.18 9.32
C ALA A 83 19.88 -1.28 9.54
N GLY A 84 20.36 -2.17 8.72
CA GLY A 84 20.00 -3.60 8.88
C GLY A 84 18.59 -3.85 8.35
N ILE A 85 18.19 -3.15 7.33
CA ILE A 85 16.82 -3.35 6.79
C ILE A 85 16.65 -4.81 6.37
N ILE A 86 15.63 -5.12 5.62
CA ILE A 86 15.43 -6.53 5.19
C ILE A 86 16.55 -6.93 4.23
N ARG A 87 17.58 -7.54 4.76
CA ARG A 87 18.71 -7.96 3.89
C ARG A 87 18.19 -8.89 2.79
N HIS A 88 18.17 -8.41 1.58
CA HIS A 88 17.68 -9.24 0.44
C HIS A 88 17.84 -8.44 -0.85
N ARG A 89 19.02 -8.41 -1.40
CA ARG A 89 19.24 -7.62 -2.65
C ARG A 89 18.16 -7.99 -3.67
N GLY A 90 17.70 -9.21 -3.64
CA GLY A 90 16.65 -9.62 -4.62
C GLY A 90 15.40 -8.75 -4.46
N LYS A 91 14.77 -8.79 -3.31
CA LYS A 91 13.55 -7.96 -3.11
C LYS A 91 13.90 -6.47 -3.16
N ILE A 92 15.00 -6.08 -2.58
CA ILE A 92 15.36 -4.63 -2.59
C ILE A 92 15.56 -4.13 -4.03
N GLN A 93 16.31 -4.84 -4.84
CA GLN A 93 16.49 -4.37 -6.24
C GLN A 93 15.14 -4.27 -6.92
N ALA A 94 14.19 -5.08 -6.51
CA ALA A 94 12.83 -5.01 -7.11
C ALA A 94 12.21 -3.66 -6.79
N ILE A 95 12.45 -3.15 -5.61
CA ILE A 95 11.89 -1.83 -5.24
C ILE A 95 12.42 -0.78 -6.21
N ILE A 96 13.68 -0.88 -6.56
CA ILE A 96 14.27 0.09 -7.51
C ILE A 96 13.50 0.02 -8.83
N GLY A 97 13.20 -1.17 -9.27
CA GLY A 97 12.44 -1.32 -10.54
C GLY A 97 11.09 -0.63 -10.40
N ASN A 98 10.50 -0.68 -9.23
CA ASN A 98 9.18 -0.02 -9.03
C ASN A 98 9.32 1.47 -9.34
N ALA A 99 10.42 2.05 -8.98
CA ALA A 99 10.61 3.51 -9.26
C ALA A 99 10.65 3.76 -10.76
N ARG A 100 11.37 2.95 -11.50
CA ARG A 100 11.45 3.17 -12.97
C ARG A 100 10.04 3.04 -13.57
N ALA A 101 9.24 2.14 -13.07
CA ALA A 101 7.86 2.01 -13.62
C ALA A 101 7.11 3.30 -13.36
N TYR A 102 7.43 3.97 -12.29
CA TYR A 102 6.75 5.26 -11.99
C TYR A 102 7.11 6.22 -13.13
N LEU A 103 8.35 6.22 -13.50
CA LEU A 103 8.81 7.08 -14.61
C LEU A 103 8.10 6.63 -15.89
N GLN A 104 7.82 5.36 -16.01
CA GLN A 104 7.12 4.86 -17.24
C GLN A 104 5.72 5.51 -17.32
N MET A 105 5.11 5.71 -16.20
CA MET A 105 3.76 6.33 -16.19
C MET A 105 3.88 7.74 -16.75
N GLU A 106 4.89 8.44 -16.31
CA GLU A 106 5.10 9.82 -16.77
C GLU A 106 5.29 9.80 -18.28
N GLN A 107 5.94 8.79 -18.78
CA GLN A 107 6.12 8.69 -20.24
C GLN A 107 4.72 8.58 -20.83
N ASN A 108 3.79 8.11 -20.04
CA ASN A 108 2.39 7.99 -20.54
C ASN A 108 1.65 9.26 -20.16
N GLY A 109 2.20 10.04 -19.26
CA GLY A 109 1.53 11.31 -18.86
C GLY A 109 0.22 11.01 -18.10
N GLU A 110 0.14 9.89 -17.45
CA GLU A 110 -1.12 9.56 -16.70
C GLU A 110 -0.79 9.33 -15.22
N PRO A 111 -1.06 10.30 -14.36
CA PRO A 111 -0.78 10.17 -12.90
C PRO A 111 -1.24 8.82 -12.34
N PHE A 112 -0.47 8.25 -11.44
CA PHE A 112 -0.85 6.94 -10.83
C PHE A 112 -2.24 7.06 -10.19
N ALA A 113 -2.50 8.17 -9.59
CA ALA A 113 -3.80 8.38 -8.92
C ALA A 113 -4.94 8.47 -9.95
N ASP A 114 -4.63 8.91 -11.13
CA ASP A 114 -5.70 9.05 -12.17
C ASP A 114 -6.26 7.69 -12.62
N PHE A 115 -5.41 6.75 -12.94
CA PHE A 115 -5.92 5.44 -13.43
C PHE A 115 -6.57 4.65 -12.28
N VAL A 116 -6.04 4.72 -11.09
CA VAL A 116 -6.69 3.93 -9.99
C VAL A 116 -8.11 4.45 -9.75
N TRP A 117 -8.29 5.74 -9.64
CA TRP A 117 -9.67 6.27 -9.43
C TRP A 117 -10.53 5.78 -10.59
N SER A 118 -9.92 5.53 -11.72
CA SER A 118 -10.70 5.06 -12.90
C SER A 118 -11.08 3.58 -12.73
N PHE A 119 -10.20 2.81 -12.16
CA PHE A 119 -10.50 1.36 -11.99
C PHE A 119 -11.62 1.16 -10.97
N VAL A 120 -11.79 2.09 -10.08
CA VAL A 120 -12.87 1.95 -9.06
C VAL A 120 -14.11 2.73 -9.51
N ASN A 121 -14.20 3.03 -10.77
CA ASN A 121 -15.38 3.77 -11.31
C ASN A 121 -15.38 5.21 -10.80
N HIS A 122 -14.23 5.81 -10.67
CA HIS A 122 -14.14 7.22 -10.21
C HIS A 122 -15.06 7.49 -9.01
N GLN A 123 -15.30 6.50 -8.18
CA GLN A 123 -16.19 6.74 -7.01
C GLN A 123 -15.82 5.78 -5.86
N PRO A 124 -15.99 6.21 -4.64
CA PRO A 124 -15.67 5.38 -3.44
C PRO A 124 -16.61 4.17 -3.33
N GLN A 125 -16.13 3.08 -2.80
CA GLN A 125 -16.99 1.87 -2.67
C GLN A 125 -17.09 1.45 -1.20
N MET A 126 -18.28 1.28 -0.70
CA MET A 126 -18.43 0.86 0.72
C MET A 126 -18.78 -0.63 0.75
N THR A 127 -17.98 -1.45 1.37
CA THR A 127 -18.32 -2.91 1.40
C THR A 127 -19.25 -3.19 2.59
N GLN A 128 -19.17 -2.40 3.63
CA GLN A 128 -20.04 -2.61 4.81
C GLN A 128 -19.83 -4.02 5.35
N ALA A 129 -18.60 -4.43 5.48
CA ALA A 129 -18.33 -5.79 6.00
C ALA A 129 -18.75 -5.87 7.47
N THR A 130 -19.17 -7.02 7.93
CA THR A 130 -19.59 -7.14 9.35
C THR A 130 -18.48 -7.83 10.15
N THR A 131 -17.67 -8.62 9.50
CA THR A 131 -16.56 -9.31 10.22
C THR A 131 -15.28 -9.21 9.38
N LEU A 132 -14.14 -9.43 9.98
CA LEU A 132 -12.87 -9.36 9.21
C LEU A 132 -12.92 -10.39 8.08
N SER A 133 -13.50 -11.53 8.32
CA SER A 133 -13.59 -12.57 7.27
C SER A 133 -14.43 -12.04 6.10
N GLU A 134 -15.39 -11.20 6.39
CA GLU A 134 -16.25 -10.65 5.31
C GLU A 134 -15.50 -9.59 4.51
N ILE A 135 -14.27 -9.32 4.87
CA ILE A 135 -13.49 -8.30 4.11
C ILE A 135 -13.02 -8.93 2.78
N PRO A 136 -13.32 -8.33 1.65
CA PRO A 136 -12.91 -8.89 0.33
C PRO A 136 -11.42 -8.69 0.05
N THR A 137 -10.78 -9.70 -0.46
CA THR A 137 -9.32 -9.58 -0.77
C THR A 137 -9.13 -9.68 -2.28
N SER A 138 -10.21 -9.72 -3.02
CA SER A 138 -10.09 -9.81 -4.50
C SER A 138 -11.31 -9.17 -5.15
N THR A 139 -11.26 -7.89 -5.40
CA THR A 139 -12.42 -7.21 -6.05
C THR A 139 -12.08 -7.00 -7.52
N PRO A 140 -13.07 -6.89 -8.35
CA PRO A 140 -12.85 -6.68 -9.81
C PRO A 140 -11.95 -5.47 -10.06
N ALA A 141 -12.11 -4.42 -9.29
CA ALA A 141 -11.24 -3.23 -9.48
C ALA A 141 -9.86 -3.57 -8.91
N SER A 142 -9.82 -4.20 -7.77
CA SER A 142 -8.51 -4.56 -7.16
C SER A 142 -7.80 -5.57 -8.04
N ASP A 143 -8.52 -6.51 -8.60
CA ASP A 143 -7.87 -7.51 -9.47
C ASP A 143 -7.31 -6.81 -10.71
N ALA A 144 -8.07 -5.94 -11.31
CA ALA A 144 -7.58 -5.22 -12.51
C ALA A 144 -6.43 -4.32 -12.08
N LEU A 145 -6.50 -3.82 -10.88
CA LEU A 145 -5.42 -2.93 -10.38
C LEU A 145 -4.07 -3.64 -10.49
N SER A 146 -4.03 -4.90 -10.11
CA SER A 146 -2.74 -5.65 -10.20
C SER A 146 -2.35 -5.87 -11.67
N LYS A 147 -3.31 -6.14 -12.51
CA LYS A 147 -3.00 -6.39 -13.95
C LYS A 147 -2.31 -5.18 -14.56
N ALA A 148 -2.78 -4.00 -14.27
CA ALA A 148 -2.13 -2.79 -14.85
C ALA A 148 -0.73 -2.62 -14.25
N LEU A 149 -0.61 -2.76 -12.97
CA LEU A 149 0.72 -2.62 -12.33
C LEU A 149 1.66 -3.71 -12.84
N LYS A 150 1.15 -4.90 -13.03
CA LYS A 150 2.03 -6.00 -13.51
C LYS A 150 2.61 -5.66 -14.89
N LYS A 151 1.82 -5.08 -15.75
CA LYS A 151 2.32 -4.74 -17.12
C LYS A 151 3.43 -3.68 -17.07
N ARG A 152 3.32 -2.72 -16.22
CA ARG A 152 4.38 -1.66 -16.16
C ARG A 152 5.66 -2.24 -15.56
N GLY A 153 5.73 -3.53 -15.38
CA GLY A 153 6.96 -4.12 -14.80
C GLY A 153 6.95 -3.85 -13.31
N PHE A 154 5.79 -3.69 -12.75
CA PHE A 154 5.70 -3.43 -11.28
C PHE A 154 5.57 -4.78 -10.58
N LYS A 155 6.57 -5.16 -9.85
CA LYS A 155 6.51 -6.47 -9.15
C LYS A 155 5.95 -6.28 -7.72
N PHE A 156 5.78 -7.35 -7.00
CA PHE A 156 5.23 -7.23 -5.61
C PHE A 156 3.87 -6.54 -5.67
N VAL A 157 2.97 -7.07 -6.46
CA VAL A 157 1.61 -6.47 -6.59
C VAL A 157 0.59 -7.60 -6.63
N GLY A 158 0.80 -8.63 -5.86
CA GLY A 158 -0.15 -9.79 -5.87
C GLY A 158 -1.58 -9.28 -5.71
N THR A 159 -2.53 -10.12 -6.01
CA THR A 159 -3.96 -9.70 -5.88
C THR A 159 -4.20 -9.18 -4.46
N THR A 160 -3.55 -9.74 -3.49
CA THR A 160 -3.73 -9.26 -2.10
C THR A 160 -3.15 -7.86 -1.99
N ILE A 161 -2.05 -7.65 -2.67
CA ILE A 161 -1.41 -6.32 -2.62
C ILE A 161 -2.37 -5.26 -3.17
N CYS A 162 -3.02 -5.57 -4.27
CA CYS A 162 -3.97 -4.59 -4.86
C CYS A 162 -5.07 -4.24 -3.84
N TYR A 163 -5.70 -5.23 -3.27
CA TYR A 163 -6.78 -4.95 -2.29
C TYR A 163 -6.23 -4.40 -0.97
N SER A 164 -5.11 -4.88 -0.52
CA SER A 164 -4.56 -4.41 0.78
C SER A 164 -4.32 -2.89 0.76
N PHE A 165 -3.82 -2.36 -0.32
CA PHE A 165 -3.56 -0.90 -0.37
C PHE A 165 -4.86 -0.13 -0.62
N MET A 166 -5.76 -0.67 -1.40
CA MET A 166 -7.04 0.07 -1.66
C MET A 166 -7.74 0.33 -0.33
N GLN A 167 -7.65 -0.59 0.59
CA GLN A 167 -8.32 -0.39 1.91
C GLN A 167 -7.73 0.84 2.60
N ALA A 168 -6.43 0.99 2.55
CA ALA A 168 -5.79 2.17 3.20
C ALA A 168 -5.84 3.39 2.30
N CYS A 169 -5.67 3.20 1.02
CA CYS A 169 -5.70 4.37 0.09
C CYS A 169 -7.01 5.14 0.24
N GLY A 170 -8.05 4.49 0.67
CA GLY A 170 -9.35 5.20 0.82
C GLY A 170 -10.24 4.92 -0.38
N LEU A 171 -9.74 4.17 -1.34
CA LEU A 171 -10.56 3.86 -2.53
C LEU A 171 -11.84 3.15 -2.07
N VAL A 172 -11.74 2.32 -1.06
CA VAL A 172 -12.97 1.63 -0.55
C VAL A 172 -12.94 1.65 0.98
N ASN A 173 -14.01 2.07 1.60
CA ASN A 173 -14.06 2.09 3.09
C ASN A 173 -14.92 0.94 3.58
N ASP A 174 -14.40 0.10 4.43
CA ASP A 174 -15.21 -1.05 4.91
C ASP A 174 -14.44 -1.90 5.92
N HIS A 175 -13.71 -1.31 6.83
CA HIS A 175 -13.00 -2.18 7.82
C HIS A 175 -14.02 -3.17 8.36
N VAL A 176 -15.12 -2.66 8.82
CA VAL A 176 -16.22 -3.52 9.35
C VAL A 176 -17.34 -2.61 9.86
N VAL A 177 -18.56 -3.06 9.82
CA VAL A 177 -19.68 -2.20 10.30
C VAL A 177 -19.48 -1.89 11.79
N GLY A 178 -19.67 -0.65 12.17
CA GLY A 178 -19.50 -0.28 13.60
C GLY A 178 -18.02 -0.07 13.91
N CYS A 179 -17.28 0.54 13.01
CA CYS A 179 -15.83 0.77 13.26
C CYS A 179 -15.63 2.17 13.81
N CYS A 180 -15.32 2.29 15.09
CA CYS A 180 -15.09 3.62 15.69
C CYS A 180 -16.37 4.46 15.64
N CYS A 181 -16.92 4.64 14.48
CA CYS A 181 -18.16 5.46 14.35
C CYS A 181 -18.93 5.09 13.07
N TYR A 182 -18.58 4.00 12.44
CA TYR A 182 -19.31 3.63 11.19
C TYR A 182 -20.77 3.31 11.54
N PRO A 183 -21.72 4.03 10.99
CA PRO A 183 -23.17 3.80 11.27
C PRO A 183 -23.71 2.56 10.56
N GLY A 184 -24.69 1.92 11.13
CA GLY A 184 -25.27 0.70 10.48
C GLY A 184 -25.78 -0.25 11.56
N ASN A 185 -25.22 -0.19 12.73
CA ASN A 185 -25.67 -1.09 13.83
C ASN A 185 -26.86 -0.46 14.56
N LYS A 186 -27.37 0.64 14.07
CA LYS A 186 -28.53 1.29 14.74
C LYS A 186 -29.82 0.56 14.34
N PRO A 187 -30.82 0.62 15.17
CA PRO A 187 -32.13 -0.05 14.90
C PRO A 187 -32.86 0.59 13.70
N MET A 1 -19.06 -0.05 19.66
CA MET A 1 -18.69 -1.50 19.62
C MET A 1 -17.18 -1.63 19.88
N GLU A 2 -16.56 -2.64 19.33
CA GLU A 2 -15.10 -2.83 19.55
C GLU A 2 -14.35 -2.29 18.33
N ARG A 3 -13.20 -1.71 18.55
CA ARG A 3 -12.41 -1.18 17.41
C ARG A 3 -11.89 -2.34 16.58
N CYS A 4 -11.34 -2.07 15.43
CA CYS A 4 -10.82 -3.17 14.57
C CYS A 4 -10.08 -4.19 15.46
N GLY A 5 -10.10 -5.44 15.08
CA GLY A 5 -9.44 -6.50 15.91
C GLY A 5 -7.91 -6.44 15.86
N TRP A 6 -7.32 -6.06 14.76
CA TRP A 6 -5.82 -6.04 14.71
C TRP A 6 -5.25 -4.73 15.26
N VAL A 7 -6.07 -3.83 15.74
CA VAL A 7 -5.52 -2.55 16.29
C VAL A 7 -5.71 -2.51 17.80
N SER A 8 -6.86 -2.86 18.30
CA SER A 8 -7.04 -2.86 19.76
C SER A 8 -6.11 -3.93 20.34
N GLN A 9 -5.68 -4.80 19.47
CA GLN A 9 -4.76 -5.89 19.88
C GLN A 9 -3.41 -5.31 20.33
N ASP A 10 -2.93 -4.32 19.64
CA ASP A 10 -1.61 -3.72 20.01
C ASP A 10 -1.57 -2.26 19.56
N PRO A 11 -0.64 -1.50 20.09
CA PRO A 11 -0.46 -0.06 19.75
C PRO A 11 0.05 0.14 18.33
N LEU A 12 0.58 1.31 18.04
CA LEU A 12 1.10 1.61 16.68
C LEU A 12 -0.04 1.54 15.66
N TYR A 13 -0.74 0.44 15.62
CA TYR A 13 -1.87 0.31 14.67
C TYR A 13 -2.87 1.44 14.91
N ILE A 14 -3.19 1.67 16.16
CA ILE A 14 -4.17 2.72 16.49
C ILE A 14 -3.76 4.07 15.89
N ALA A 15 -2.50 4.42 15.96
CA ALA A 15 -2.07 5.71 15.35
C ALA A 15 -2.32 5.63 13.84
N TYR A 16 -2.01 4.50 13.25
CA TYR A 16 -2.22 4.32 11.79
C TYR A 16 -3.71 4.21 11.48
N HIS A 17 -4.47 3.67 12.39
CA HIS A 17 -5.93 3.48 12.17
C HIS A 17 -6.67 4.82 12.01
N ASP A 18 -6.40 5.78 12.84
CA ASP A 18 -7.16 7.08 12.74
C ASP A 18 -6.40 8.16 11.96
N ASN A 19 -5.19 7.91 11.53
CA ASN A 19 -4.45 8.98 10.80
C ASN A 19 -4.57 8.83 9.27
N GLU A 20 -4.99 7.69 8.78
CA GLU A 20 -5.13 7.52 7.30
C GLU A 20 -5.57 6.10 7.00
N TRP A 21 -6.56 5.61 7.68
CA TRP A 21 -7.04 4.23 7.40
C TRP A 21 -8.56 4.26 7.27
N GLY A 22 -9.02 4.60 6.10
CA GLY A 22 -10.49 4.63 5.84
C GLY A 22 -10.94 6.06 5.50
N VAL A 23 -10.16 7.03 5.87
CA VAL A 23 -10.55 8.44 5.59
C VAL A 23 -9.65 9.12 4.53
N PRO A 24 -8.53 8.54 4.14
CA PRO A 24 -7.63 9.19 3.15
C PRO A 24 -8.08 9.00 1.69
N GLU A 25 -7.74 9.96 0.88
CA GLU A 25 -8.08 9.90 -0.57
C GLU A 25 -6.84 9.36 -1.28
N THR A 26 -6.97 8.85 -2.46
CA THR A 26 -5.77 8.28 -3.13
C THR A 26 -5.01 9.37 -3.90
N ASP A 27 -3.83 9.71 -3.45
CA ASP A 27 -3.01 10.73 -4.16
C ASP A 27 -2.07 9.99 -5.10
N SER A 28 -1.60 10.61 -6.14
CA SER A 28 -0.70 9.89 -7.08
C SER A 28 0.63 9.56 -6.39
N LYS A 29 1.13 10.47 -5.61
CA LYS A 29 2.44 10.24 -4.94
C LYS A 29 2.32 9.26 -3.76
N LYS A 30 1.39 9.48 -2.86
CA LYS A 30 1.26 8.55 -1.70
C LYS A 30 0.97 7.14 -2.21
N LEU A 31 0.29 7.03 -3.33
CA LEU A 31 0.01 5.67 -3.87
C LEU A 31 1.32 4.94 -4.07
N PHE A 32 2.32 5.64 -4.53
CA PHE A 32 3.64 5.00 -4.73
C PHE A 32 4.18 4.52 -3.38
N GLU A 33 4.10 5.35 -2.38
CA GLU A 33 4.60 4.93 -1.04
C GLU A 33 3.71 3.82 -0.51
N MET A 34 2.43 3.94 -0.70
CA MET A 34 1.50 2.90 -0.19
C MET A 34 1.75 1.57 -0.91
N ILE A 35 1.73 1.58 -2.22
CA ILE A 35 1.97 0.31 -2.96
C ILE A 35 3.40 -0.17 -2.70
N CYS A 36 4.30 0.74 -2.41
CA CYS A 36 5.70 0.35 -2.13
C CYS A 36 5.77 -0.38 -0.79
N LEU A 37 5.24 0.21 0.25
CA LEU A 37 5.28 -0.46 1.58
C LEU A 37 4.40 -1.70 1.52
N GLU A 38 3.28 -1.59 0.87
CA GLU A 38 2.36 -2.75 0.76
C GLU A 38 3.03 -3.89 -0.02
N GLY A 39 3.79 -3.56 -1.02
CA GLY A 39 4.46 -4.63 -1.82
C GLY A 39 5.36 -5.47 -0.91
N GLN A 40 5.93 -4.87 0.09
CA GLN A 40 6.82 -5.64 1.01
C GLN A 40 5.97 -6.38 2.03
N GLN A 41 4.67 -6.22 1.99
CA GLN A 41 3.81 -6.92 2.98
C GLN A 41 3.64 -8.38 2.55
N ALA A 42 4.20 -8.75 1.44
CA ALA A 42 4.09 -10.16 0.98
C ALA A 42 4.96 -11.05 1.86
N GLY A 43 4.36 -11.92 2.62
CA GLY A 43 5.16 -12.81 3.51
C GLY A 43 5.41 -12.11 4.84
N LEU A 44 5.58 -10.82 4.81
CA LEU A 44 5.82 -10.06 6.07
C LEU A 44 4.50 -9.50 6.60
N SER A 45 4.35 -9.44 7.90
CA SER A 45 3.10 -8.88 8.47
C SER A 45 3.06 -7.37 8.26
N TRP A 46 1.89 -6.80 8.18
CA TRP A 46 1.80 -5.33 7.98
C TRP A 46 2.48 -4.59 9.12
N ILE A 47 2.53 -5.16 10.29
CA ILE A 47 3.18 -4.45 11.42
C ILE A 47 4.71 -4.59 11.30
N THR A 48 5.17 -5.68 10.73
CA THR A 48 6.63 -5.85 10.56
C THR A 48 7.14 -4.84 9.54
N VAL A 49 6.43 -4.67 8.46
CA VAL A 49 6.87 -3.69 7.43
C VAL A 49 6.85 -2.29 8.05
N LEU A 50 6.02 -2.08 9.03
CA LEU A 50 5.99 -0.74 9.66
C LEU A 50 7.40 -0.39 10.09
N LYS A 51 8.10 -1.32 10.70
CA LYS A 51 9.50 -1.03 11.10
C LYS A 51 10.30 -0.79 9.83
N LYS A 52 10.00 -1.52 8.79
CA LYS A 52 10.73 -1.32 7.51
C LYS A 52 10.46 0.10 7.01
N ARG A 53 9.25 0.56 7.21
CA ARG A 53 8.87 1.92 6.74
C ARG A 53 9.77 3.01 7.32
N GLU A 54 10.03 2.98 8.61
CA GLU A 54 10.88 4.06 9.19
C GLU A 54 12.34 3.89 8.78
N ASN A 55 12.85 2.69 8.82
CA ASN A 55 14.27 2.49 8.42
C ASN A 55 14.39 2.62 6.89
N TYR A 56 13.38 2.23 6.17
CA TYR A 56 13.44 2.34 4.68
C TYR A 56 13.69 3.80 4.30
N ARG A 57 12.94 4.71 4.88
CA ARG A 57 13.16 6.14 4.53
C ARG A 57 14.56 6.57 4.97
N ALA A 58 15.06 6.00 6.04
CA ALA A 58 16.42 6.39 6.49
C ALA A 58 17.44 6.05 5.40
N CYS A 59 17.31 4.90 4.80
CA CYS A 59 18.27 4.51 3.73
C CYS A 59 17.90 5.24 2.42
N PHE A 60 16.64 5.27 2.10
CA PHE A 60 16.19 5.94 0.85
C PHE A 60 15.76 7.38 1.18
N HIS A 61 16.20 7.90 2.30
CA HIS A 61 15.83 9.29 2.71
C HIS A 61 15.85 10.23 1.50
N GLN A 62 16.46 9.83 0.42
CA GLN A 62 16.50 10.72 -0.77
C GLN A 62 15.09 11.20 -1.11
N PHE A 63 14.10 10.40 -0.83
CA PHE A 63 12.69 10.82 -1.13
C PHE A 63 12.59 11.30 -2.58
N ASP A 64 13.44 10.81 -3.44
CA ASP A 64 13.40 11.22 -4.86
C ASP A 64 13.28 9.98 -5.75
N PRO A 65 12.07 9.59 -6.08
CA PRO A 65 11.83 8.39 -6.93
C PRO A 65 12.68 8.37 -8.20
N VAL A 66 12.96 9.50 -8.78
CA VAL A 66 13.80 9.50 -10.01
C VAL A 66 15.20 9.01 -9.62
N LYS A 67 15.72 9.47 -8.51
CA LYS A 67 17.06 8.99 -8.07
C LYS A 67 16.95 7.51 -7.73
N VAL A 68 15.82 7.10 -7.22
CA VAL A 68 15.64 5.66 -6.87
C VAL A 68 15.82 4.81 -8.12
N ALA A 69 15.32 5.28 -9.23
CA ALA A 69 15.48 4.53 -10.47
C ALA A 69 16.96 4.54 -10.83
N ALA A 70 17.71 5.40 -10.20
CA ALA A 70 19.16 5.48 -10.46
C ALA A 70 19.90 4.60 -9.46
N MET A 71 19.22 4.16 -8.44
CA MET A 71 19.90 3.27 -7.45
C MET A 71 19.99 1.88 -8.06
N GLN A 72 21.18 1.46 -8.39
CA GLN A 72 21.35 0.13 -9.03
C GLN A 72 21.71 -0.93 -7.98
N GLU A 73 21.98 -2.12 -8.43
CA GLU A 73 22.33 -3.22 -7.50
C GLU A 73 23.51 -2.82 -6.61
N GLU A 74 24.41 -2.00 -7.08
CA GLU A 74 25.56 -1.62 -6.22
C GLU A 74 25.03 -0.93 -4.95
N ASP A 75 24.08 -0.07 -5.09
CA ASP A 75 23.53 0.65 -3.91
C ASP A 75 22.80 -0.33 -2.98
N VAL A 76 22.08 -1.28 -3.51
CA VAL A 76 21.34 -2.24 -2.63
C VAL A 76 22.35 -3.10 -1.86
N GLU A 77 23.45 -3.48 -2.48
CA GLU A 77 24.45 -4.30 -1.74
C GLU A 77 24.90 -3.48 -0.52
N ARG A 78 25.01 -2.20 -0.68
CA ARG A 78 25.43 -1.33 0.45
C ARG A 78 24.32 -1.25 1.51
N LEU A 79 23.09 -1.13 1.08
CA LEU A 79 21.95 -0.99 2.04
C LEU A 79 21.68 -2.30 2.80
N VAL A 80 21.86 -3.43 2.19
CA VAL A 80 21.58 -4.70 2.94
C VAL A 80 22.30 -4.64 4.29
N GLN A 81 23.24 -3.76 4.43
CA GLN A 81 23.97 -3.65 5.73
C GLN A 81 23.82 -2.25 6.30
N ASP A 82 23.18 -1.33 5.60
CA ASP A 82 23.02 0.03 6.17
C ASP A 82 21.84 0.04 7.13
N ALA A 83 22.10 0.15 8.41
CA ALA A 83 21.00 0.16 9.40
C ALA A 83 20.48 -1.26 9.59
N GLY A 84 20.78 -2.14 8.68
CA GLY A 84 20.30 -3.55 8.80
C GLY A 84 18.84 -3.64 8.33
N ILE A 85 18.45 -2.85 7.38
CA ILE A 85 17.04 -2.92 6.89
C ILE A 85 16.72 -4.35 6.48
N ILE A 86 15.52 -4.58 6.01
CA ILE A 86 15.16 -5.97 5.58
C ILE A 86 16.11 -6.37 4.44
N ARG A 87 17.21 -6.97 4.79
CA ARG A 87 18.21 -7.38 3.76
C ARG A 87 17.57 -8.29 2.71
N HIS A 88 18.00 -8.15 1.48
CA HIS A 88 17.48 -8.98 0.36
C HIS A 88 17.77 -8.24 -0.94
N ARG A 89 18.92 -8.47 -1.51
CA ARG A 89 19.28 -7.75 -2.76
C ARG A 89 18.15 -7.90 -3.77
N GLY A 90 17.53 -9.06 -3.80
CA GLY A 90 16.42 -9.28 -4.76
C GLY A 90 15.24 -8.38 -4.41
N LYS A 91 14.83 -8.38 -3.18
CA LYS A 91 13.66 -7.54 -2.76
C LYS A 91 13.98 -6.06 -2.99
N ILE A 92 15.15 -5.62 -2.60
CA ILE A 92 15.49 -4.18 -2.80
C ILE A 92 15.48 -3.85 -4.30
N GLN A 93 16.05 -4.69 -5.12
CA GLN A 93 16.02 -4.40 -6.59
C GLN A 93 14.58 -4.18 -7.03
N ALA A 94 13.66 -4.88 -6.43
CA ALA A 94 12.24 -4.72 -6.80
C ALA A 94 11.79 -3.28 -6.54
N ILE A 95 12.17 -2.73 -5.42
CA ILE A 95 11.77 -1.33 -5.12
C ILE A 95 12.35 -0.40 -6.19
N ILE A 96 13.56 -0.65 -6.61
CA ILE A 96 14.18 0.21 -7.65
C ILE A 96 13.32 0.18 -8.90
N GLY A 97 12.86 -0.98 -9.28
CA GLY A 97 12.01 -1.11 -10.48
C GLY A 97 10.70 -0.35 -10.27
N ASN A 98 10.22 -0.32 -9.06
CA ASN A 98 8.94 0.40 -8.80
C ASN A 98 9.09 1.88 -9.16
N ALA A 99 10.20 2.47 -8.82
CA ALA A 99 10.40 3.91 -9.15
C ALA A 99 10.41 4.08 -10.68
N ARG A 100 11.05 3.20 -11.38
CA ARG A 100 11.09 3.30 -12.85
C ARG A 100 9.67 3.17 -13.41
N ALA A 101 8.88 2.29 -12.85
CA ALA A 101 7.49 2.12 -13.34
C ALA A 101 6.70 3.41 -13.10
N TYR A 102 6.99 4.10 -12.03
CA TYR A 102 6.28 5.38 -11.76
C TYR A 102 6.58 6.30 -12.93
N LEU A 103 7.81 6.31 -13.35
CA LEU A 103 8.20 7.14 -14.52
C LEU A 103 7.53 6.57 -15.76
N GLN A 104 7.34 5.27 -15.83
CA GLN A 104 6.68 4.68 -17.04
C GLN A 104 5.24 5.22 -17.14
N MET A 105 4.58 5.38 -16.04
CA MET A 105 3.20 5.92 -16.09
C MET A 105 3.23 7.32 -16.67
N GLU A 106 4.21 8.07 -16.27
CA GLU A 106 4.35 9.46 -16.77
C GLU A 106 4.59 9.44 -18.28
N GLN A 107 5.29 8.46 -18.76
CA GLN A 107 5.51 8.38 -20.23
C GLN A 107 4.14 8.14 -20.82
N ASN A 108 3.24 7.64 -20.01
CA ASN A 108 1.86 7.40 -20.50
C ASN A 108 1.02 8.65 -20.20
N GLY A 109 1.49 9.48 -19.31
CA GLY A 109 0.74 10.73 -18.99
C GLY A 109 -0.56 10.39 -18.25
N GLU A 110 -0.59 9.30 -17.54
CA GLU A 110 -1.84 8.90 -16.80
C GLU A 110 -1.56 8.90 -15.30
N PRO A 111 -2.06 9.85 -14.55
CA PRO A 111 -1.81 9.92 -13.08
C PRO A 111 -2.08 8.58 -12.38
N PHE A 112 -1.31 8.27 -11.37
CA PHE A 112 -1.48 6.98 -10.63
C PHE A 112 -2.87 6.94 -9.98
N ALA A 113 -3.27 8.01 -9.37
CA ALA A 113 -4.60 8.03 -8.71
C ALA A 113 -5.74 8.07 -9.73
N ASP A 114 -5.51 8.61 -10.89
CA ASP A 114 -6.61 8.68 -11.90
C ASP A 114 -7.08 7.29 -12.31
N PHE A 115 -6.18 6.40 -12.65
CA PHE A 115 -6.60 5.04 -13.07
C PHE A 115 -7.10 4.26 -11.86
N VAL A 116 -6.53 4.45 -10.70
CA VAL A 116 -7.00 3.70 -9.51
C VAL A 116 -8.45 4.05 -9.21
N TRP A 117 -8.74 5.31 -9.04
CA TRP A 117 -10.14 5.70 -8.76
C TRP A 117 -11.01 5.24 -9.92
N SER A 118 -10.43 5.02 -11.08
CA SER A 118 -11.23 4.58 -12.25
C SER A 118 -11.79 3.18 -12.01
N PHE A 119 -10.99 2.27 -11.53
CA PHE A 119 -11.49 0.88 -11.28
C PHE A 119 -12.50 0.90 -10.15
N VAL A 120 -12.38 1.82 -9.23
CA VAL A 120 -13.35 1.87 -8.10
C VAL A 120 -14.57 2.71 -8.50
N ASN A 121 -14.76 2.89 -9.78
CA ASN A 121 -15.92 3.70 -10.26
C ASN A 121 -15.83 5.13 -9.72
N HIS A 122 -14.65 5.68 -9.68
CA HIS A 122 -14.48 7.07 -9.19
C HIS A 122 -15.34 7.31 -7.94
N GLN A 123 -15.66 6.28 -7.22
CA GLN A 123 -16.48 6.49 -6.00
C GLN A 123 -16.06 5.49 -4.91
N PRO A 124 -16.17 5.85 -3.67
CA PRO A 124 -15.79 4.96 -2.53
C PRO A 124 -16.67 3.71 -2.50
N GLN A 125 -16.13 2.59 -2.08
CA GLN A 125 -16.95 1.35 -2.03
C GLN A 125 -17.35 1.06 -0.59
N MET A 126 -18.57 0.67 -0.36
CA MET A 126 -19.00 0.37 1.03
C MET A 126 -18.81 -1.12 1.30
N THR A 127 -18.00 -1.45 2.27
CA THR A 127 -17.77 -2.89 2.59
C THR A 127 -18.82 -3.37 3.59
N GLN A 128 -19.60 -4.36 3.22
CA GLN A 128 -20.65 -4.86 4.15
C GLN A 128 -20.09 -5.99 5.01
N ALA A 129 -18.80 -6.12 5.07
CA ALA A 129 -18.18 -7.20 5.89
C ALA A 129 -18.38 -6.88 7.37
N THR A 130 -18.75 -7.86 8.15
CA THR A 130 -18.94 -7.61 9.60
C THR A 130 -17.69 -8.06 10.37
N THR A 131 -16.91 -8.94 9.81
CA THR A 131 -15.67 -9.40 10.50
C THR A 131 -14.52 -9.45 9.50
N LEU A 132 -13.31 -9.55 9.98
CA LEU A 132 -12.15 -9.62 9.06
C LEU A 132 -12.31 -10.83 8.14
N SER A 133 -12.87 -11.89 8.65
CA SER A 133 -13.06 -13.10 7.81
C SER A 133 -14.13 -12.84 6.74
N GLU A 134 -14.84 -11.77 6.86
CA GLU A 134 -15.88 -11.45 5.85
C GLU A 134 -15.30 -10.44 4.87
N ILE A 135 -14.04 -10.18 5.00
CA ILE A 135 -13.38 -9.21 4.08
C ILE A 135 -12.67 -9.98 2.96
N PRO A 136 -13.06 -9.77 1.71
CA PRO A 136 -12.43 -10.48 0.57
C PRO A 136 -11.06 -9.90 0.21
N THR A 137 -10.10 -10.74 -0.07
CA THR A 137 -8.75 -10.24 -0.44
C THR A 137 -8.63 -10.18 -1.95
N SER A 138 -9.70 -10.47 -2.65
CA SER A 138 -9.66 -10.43 -4.13
C SER A 138 -10.93 -9.77 -4.65
N THR A 139 -10.89 -8.49 -4.91
CA THR A 139 -12.09 -7.80 -5.45
C THR A 139 -11.82 -7.43 -6.91
N PRO A 140 -12.84 -7.37 -7.73
CA PRO A 140 -12.66 -7.04 -9.16
C PRO A 140 -11.87 -5.75 -9.35
N ALA A 141 -12.07 -4.79 -8.49
CA ALA A 141 -11.30 -3.53 -8.60
C ALA A 141 -9.87 -3.78 -8.16
N SER A 142 -9.67 -4.49 -7.08
CA SER A 142 -8.29 -4.76 -6.60
C SER A 142 -7.56 -5.63 -7.62
N ASP A 143 -8.23 -6.59 -8.19
CA ASP A 143 -7.55 -7.47 -9.19
C ASP A 143 -7.09 -6.62 -10.38
N ALA A 144 -7.87 -5.65 -10.76
CA ALA A 144 -7.47 -4.80 -11.92
C ALA A 144 -6.21 -4.00 -11.57
N LEU A 145 -6.10 -3.55 -10.36
CA LEU A 145 -4.88 -2.76 -9.99
C LEU A 145 -3.64 -3.62 -10.22
N SER A 146 -3.67 -4.85 -9.79
CA SER A 146 -2.49 -5.73 -9.97
C SER A 146 -2.22 -5.93 -11.47
N LYS A 147 -3.25 -6.15 -12.25
CA LYS A 147 -3.04 -6.36 -13.71
C LYS A 147 -2.43 -5.11 -14.33
N ALA A 148 -2.94 -3.96 -14.01
CA ALA A 148 -2.39 -2.72 -14.61
C ALA A 148 -1.00 -2.44 -14.02
N LEU A 149 -0.86 -2.59 -12.73
CA LEU A 149 0.47 -2.34 -12.10
C LEU A 149 1.46 -3.41 -12.55
N LYS A 150 1.03 -4.64 -12.69
CA LYS A 150 1.99 -5.69 -13.13
C LYS A 150 2.55 -5.31 -14.49
N LYS A 151 1.74 -4.76 -15.35
CA LYS A 151 2.23 -4.35 -16.68
C LYS A 151 2.99 -3.04 -16.57
N ARG A 152 2.78 -2.31 -15.52
CA ARG A 152 3.51 -1.01 -15.35
C ARG A 152 4.93 -1.30 -14.84
N GLY A 153 5.26 -2.55 -14.67
CA GLY A 153 6.63 -2.89 -14.17
C GLY A 153 6.63 -2.86 -12.66
N PHE A 154 5.51 -3.09 -12.04
CA PHE A 154 5.47 -3.08 -10.56
C PHE A 154 5.47 -4.52 -10.03
N LYS A 155 6.53 -4.89 -9.37
CA LYS A 155 6.61 -6.28 -8.82
C LYS A 155 6.07 -6.26 -7.38
N PHE A 156 5.95 -7.40 -6.76
CA PHE A 156 5.41 -7.44 -5.37
C PHE A 156 4.03 -6.75 -5.34
N VAL A 157 3.22 -7.07 -6.29
CA VAL A 157 1.85 -6.48 -6.35
C VAL A 157 0.86 -7.61 -6.58
N GLY A 158 0.96 -8.65 -5.81
CA GLY A 158 0.05 -9.81 -5.97
C GLY A 158 -1.40 -9.38 -5.72
N THR A 159 -2.31 -10.29 -5.89
CA THR A 159 -3.75 -9.96 -5.68
C THR A 159 -3.97 -9.47 -4.25
N THR A 160 -3.22 -9.97 -3.31
CA THR A 160 -3.40 -9.53 -1.90
C THR A 160 -2.85 -8.12 -1.76
N ILE A 161 -1.89 -7.76 -2.55
CA ILE A 161 -1.29 -6.41 -2.46
C ILE A 161 -2.32 -5.36 -2.89
N CYS A 162 -2.99 -5.59 -3.99
CA CYS A 162 -4.00 -4.59 -4.46
C CYS A 162 -5.15 -4.50 -3.47
N TYR A 163 -5.53 -5.59 -2.89
CA TYR A 163 -6.67 -5.56 -1.92
C TYR A 163 -6.29 -4.75 -0.68
N SER A 164 -5.13 -4.98 -0.13
CA SER A 164 -4.72 -4.21 1.08
C SER A 164 -4.65 -2.73 0.73
N PHE A 165 -4.17 -2.41 -0.44
CA PHE A 165 -4.08 -0.99 -0.86
C PHE A 165 -5.48 -0.35 -0.84
N MET A 166 -6.47 -1.06 -1.30
CA MET A 166 -7.84 -0.48 -1.34
C MET A 166 -8.35 -0.15 0.08
N GLN A 167 -8.08 -0.99 1.03
CA GLN A 167 -8.59 -0.71 2.41
C GLN A 167 -7.80 0.43 3.08
N ALA A 168 -6.51 0.48 2.90
CA ALA A 168 -5.70 1.55 3.56
C ALA A 168 -5.81 2.87 2.79
N CYS A 169 -5.81 2.81 1.48
CA CYS A 169 -5.89 4.06 0.67
C CYS A 169 -7.20 4.81 0.98
N GLY A 170 -8.24 4.11 1.34
CA GLY A 170 -9.53 4.81 1.64
C GLY A 170 -10.52 4.59 0.50
N LEU A 171 -10.15 3.83 -0.50
CA LEU A 171 -11.09 3.59 -1.63
C LEU A 171 -12.35 2.90 -1.13
N VAL A 172 -12.25 2.12 -0.07
CA VAL A 172 -13.48 1.43 0.46
C VAL A 172 -13.71 1.84 1.92
N ASN A 173 -14.95 1.98 2.30
CA ASN A 173 -15.27 2.40 3.70
C ASN A 173 -15.92 1.23 4.45
N ASP A 174 -15.96 1.31 5.76
CA ASP A 174 -16.58 0.25 6.59
C ASP A 174 -15.59 -0.89 6.82
N HIS A 175 -14.62 -0.70 7.66
CA HIS A 175 -13.62 -1.77 7.91
C HIS A 175 -14.37 -3.07 8.24
N VAL A 176 -15.39 -2.97 9.08
CA VAL A 176 -16.17 -4.19 9.44
C VAL A 176 -17.61 -3.80 9.75
N VAL A 177 -18.10 -2.74 9.15
CA VAL A 177 -19.51 -2.29 9.40
C VAL A 177 -19.70 -1.94 10.88
N GLY A 178 -18.86 -2.46 11.75
CA GLY A 178 -19.00 -2.16 13.21
C GLY A 178 -17.61 -1.90 13.79
N CYS A 179 -16.92 -0.91 13.28
CA CYS A 179 -15.55 -0.62 13.80
C CYS A 179 -15.62 0.50 14.85
N CYS A 180 -15.31 0.18 16.08
CA CYS A 180 -15.34 1.22 17.15
C CYS A 180 -16.77 1.72 17.35
N CYS A 181 -17.35 2.23 16.30
CA CYS A 181 -18.75 2.75 16.39
C CYS A 181 -19.20 3.19 15.00
N TYR A 182 -19.21 2.30 14.06
CA TYR A 182 -19.62 2.67 12.67
C TYR A 182 -21.16 2.56 12.55
N PRO A 183 -21.84 3.62 12.17
CA PRO A 183 -23.33 3.59 12.03
C PRO A 183 -23.76 2.90 10.73
N GLY A 184 -23.76 3.62 9.64
CA GLY A 184 -24.17 3.01 8.35
C GLY A 184 -25.68 3.15 8.17
N ASN A 185 -26.41 3.21 9.25
CA ASN A 185 -27.89 3.34 9.14
C ASN A 185 -28.27 4.82 9.02
N LYS A 186 -27.31 5.71 9.12
CA LYS A 186 -27.62 7.15 9.00
C LYS A 186 -27.44 7.59 7.54
N PRO A 187 -28.10 8.65 7.15
CA PRO A 187 -28.00 9.16 5.76
C PRO A 187 -26.57 9.09 5.22
N MET A 1 -20.72 -0.45 21.43
CA MET A 1 -20.07 -0.91 20.17
C MET A 1 -18.56 -1.11 20.42
N GLU A 2 -17.95 -2.03 19.72
CA GLU A 2 -16.49 -2.26 19.94
C GLU A 2 -15.67 -1.62 18.81
N ARG A 3 -14.46 -1.24 19.12
CA ARG A 3 -13.59 -0.60 18.08
C ARG A 3 -13.17 -1.63 17.04
N CYS A 4 -12.44 -1.20 16.05
CA CYS A 4 -11.98 -2.14 14.99
C CYS A 4 -11.46 -3.43 15.63
N GLY A 5 -11.74 -4.56 15.01
CA GLY A 5 -11.32 -5.87 15.59
C GLY A 5 -9.80 -5.97 15.74
N TRP A 6 -9.04 -5.60 14.75
CA TRP A 6 -7.56 -5.73 14.88
C TRP A 6 -6.99 -4.50 15.60
N VAL A 7 -7.84 -3.58 16.00
CA VAL A 7 -7.34 -2.37 16.72
C VAL A 7 -7.18 -2.71 18.20
N SER A 8 -8.20 -3.26 18.80
CA SER A 8 -8.11 -3.62 20.24
C SER A 8 -7.10 -4.75 20.40
N GLN A 9 -6.58 -5.23 19.31
CA GLN A 9 -5.59 -6.34 19.36
C GLN A 9 -4.34 -5.86 20.10
N ASP A 10 -3.94 -4.64 19.87
CA ASP A 10 -2.72 -4.11 20.54
C ASP A 10 -2.57 -2.63 20.22
N PRO A 11 -1.85 -1.90 21.03
CA PRO A 11 -1.62 -0.44 20.81
C PRO A 11 -0.98 -0.16 19.44
N LEU A 12 -0.38 0.99 19.28
CA LEU A 12 0.26 1.32 17.97
C LEU A 12 -0.83 1.40 16.89
N TYR A 13 -1.64 0.39 16.77
CA TYR A 13 -2.72 0.42 15.75
C TYR A 13 -3.63 1.59 16.04
N ILE A 14 -3.78 1.93 17.29
CA ILE A 14 -4.67 3.06 17.66
C ILE A 14 -4.21 4.31 16.91
N ALA A 15 -2.93 4.51 16.80
CA ALA A 15 -2.44 5.72 16.08
C ALA A 15 -2.67 5.55 14.57
N TYR A 16 -2.26 4.44 14.01
CA TYR A 16 -2.47 4.24 12.54
C TYR A 16 -3.97 4.21 12.21
N HIS A 17 -4.76 3.57 13.02
CA HIS A 17 -6.21 3.50 12.71
C HIS A 17 -6.80 4.91 12.66
N ASP A 18 -6.44 5.74 13.59
CA ASP A 18 -6.99 7.13 13.63
C ASP A 18 -6.22 8.05 12.67
N ASN A 19 -5.08 7.66 12.18
CA ASN A 19 -4.32 8.57 11.28
C ASN A 19 -4.91 8.53 9.86
N GLU A 20 -4.97 7.37 9.23
CA GLU A 20 -5.53 7.32 7.85
C GLU A 20 -5.61 5.87 7.38
N TRP A 21 -6.59 5.13 7.82
CA TRP A 21 -6.71 3.72 7.36
C TRP A 21 -7.77 3.65 6.26
N GLY A 22 -7.49 4.23 5.13
CA GLY A 22 -8.46 4.21 4.00
C GLY A 22 -9.44 5.37 4.14
N VAL A 23 -8.96 6.49 4.61
CA VAL A 23 -9.85 7.66 4.80
C VAL A 23 -9.51 8.79 3.80
N PRO A 24 -8.28 8.93 3.39
CA PRO A 24 -7.86 10.02 2.47
C PRO A 24 -8.05 9.68 0.99
N GLU A 25 -8.21 10.67 0.17
CA GLU A 25 -8.36 10.44 -1.27
C GLU A 25 -7.04 9.88 -1.75
N THR A 26 -6.97 9.42 -2.96
CA THR A 26 -5.71 8.81 -3.42
C THR A 26 -4.80 9.84 -4.10
N ASP A 27 -3.60 9.98 -3.62
CA ASP A 27 -2.63 10.93 -4.26
C ASP A 27 -1.65 10.10 -5.10
N SER A 28 -1.16 10.64 -6.16
CA SER A 28 -0.23 9.86 -7.02
C SER A 28 1.05 9.53 -6.26
N LYS A 29 1.54 10.46 -5.50
CA LYS A 29 2.82 10.24 -4.77
C LYS A 29 2.63 9.25 -3.59
N LYS A 30 1.66 9.47 -2.75
CA LYS A 30 1.47 8.53 -1.60
C LYS A 30 1.13 7.14 -2.13
N LEU A 31 0.43 7.05 -3.22
CA LEU A 31 0.09 5.71 -3.77
C LEU A 31 1.38 4.97 -4.12
N PHE A 32 2.35 5.66 -4.65
CA PHE A 32 3.63 4.98 -4.98
C PHE A 32 4.22 4.38 -3.72
N GLU A 33 4.17 5.09 -2.62
CA GLU A 33 4.73 4.53 -1.36
C GLU A 33 3.82 3.42 -0.86
N MET A 34 2.54 3.58 -1.04
CA MET A 34 1.58 2.55 -0.54
C MET A 34 1.76 1.22 -1.28
N ILE A 35 1.85 1.23 -2.59
CA ILE A 35 2.01 -0.06 -3.32
C ILE A 35 3.36 -0.69 -2.97
N CYS A 36 4.37 0.10 -2.80
CA CYS A 36 5.71 -0.48 -2.47
C CYS A 36 5.67 -1.04 -1.04
N LEU A 37 5.00 -0.36 -0.15
CA LEU A 37 4.92 -0.83 1.26
C LEU A 37 4.12 -2.13 1.33
N GLU A 38 3.00 -2.17 0.64
CA GLU A 38 2.18 -3.41 0.66
C GLU A 38 2.92 -4.55 -0.05
N GLY A 39 3.70 -4.24 -1.04
CA GLY A 39 4.43 -5.34 -1.74
C GLY A 39 5.15 -6.19 -0.69
N GLN A 40 5.61 -5.57 0.37
CA GLN A 40 6.31 -6.34 1.44
C GLN A 40 5.29 -7.14 2.26
N GLN A 41 4.12 -6.59 2.47
CA GLN A 41 3.09 -7.29 3.28
C GLN A 41 3.01 -8.77 2.89
N ALA A 42 3.62 -9.16 1.81
CA ALA A 42 3.54 -10.59 1.42
C ALA A 42 4.17 -11.45 2.53
N GLY A 43 3.36 -12.24 3.20
CA GLY A 43 3.91 -13.11 4.29
C GLY A 43 4.10 -12.30 5.57
N LEU A 44 4.51 -11.07 5.46
CA LEU A 44 4.74 -10.23 6.69
C LEU A 44 3.47 -9.46 7.06
N SER A 45 3.24 -9.25 8.33
CA SER A 45 2.03 -8.50 8.75
C SER A 45 2.16 -7.03 8.36
N TRP A 46 1.06 -6.35 8.22
CA TRP A 46 1.13 -4.91 7.84
C TRP A 46 1.85 -4.10 8.93
N ILE A 47 1.64 -4.43 10.17
CA ILE A 47 2.32 -3.66 11.25
C ILE A 47 3.84 -3.84 11.15
N THR A 48 4.29 -5.01 10.82
CA THR A 48 5.75 -5.22 10.69
C THR A 48 6.27 -4.27 9.63
N VAL A 49 5.51 -4.08 8.58
CA VAL A 49 5.95 -3.16 7.51
C VAL A 49 6.04 -1.74 8.06
N LEU A 50 5.14 -1.35 8.92
CA LEU A 50 5.20 0.04 9.48
C LEU A 50 6.57 0.27 10.12
N LYS A 51 7.03 -0.65 10.92
CA LYS A 51 8.36 -0.46 11.57
C LYS A 51 9.43 -0.36 10.48
N LYS A 52 9.41 -1.26 9.54
CA LYS A 52 10.43 -1.21 8.46
C LYS A 52 10.07 -0.10 7.48
N ARG A 53 8.87 0.43 7.58
CA ARG A 53 8.47 1.54 6.66
C ARG A 53 9.39 2.72 6.93
N GLU A 54 9.59 3.04 8.18
CA GLU A 54 10.48 4.19 8.50
C GLU A 54 11.94 3.81 8.23
N ASN A 55 12.34 2.61 8.57
CA ASN A 55 13.77 2.23 8.33
C ASN A 55 14.05 2.06 6.83
N TYR A 56 13.19 1.40 6.11
CA TYR A 56 13.44 1.20 4.65
C TYR A 56 13.51 2.55 3.92
N ARG A 57 12.57 3.42 4.17
CA ARG A 57 12.59 4.73 3.49
C ARG A 57 13.90 5.45 3.80
N ALA A 58 14.45 5.22 4.96
CA ALA A 58 15.73 5.90 5.31
C ALA A 58 16.88 5.26 4.54
N CYS A 59 16.86 3.96 4.39
CA CYS A 59 17.95 3.25 3.68
C CYS A 59 17.90 3.49 2.15
N PHE A 60 16.75 3.77 1.59
CA PHE A 60 16.70 3.96 0.10
C PHE A 60 16.37 5.41 -0.27
N HIS A 61 15.37 5.96 0.34
CA HIS A 61 14.98 7.35 0.03
C HIS A 61 13.84 7.74 0.95
N GLN A 62 14.08 8.63 1.84
CA GLN A 62 13.00 9.04 2.79
C GLN A 62 11.73 9.30 2.00
N PHE A 63 11.83 9.84 0.80
CA PHE A 63 10.59 10.11 -0.01
C PHE A 63 10.93 10.69 -1.38
N ASP A 64 11.96 10.23 -2.03
CA ASP A 64 12.29 10.78 -3.37
C ASP A 64 12.54 9.63 -4.35
N PRO A 65 11.48 9.06 -4.87
CA PRO A 65 11.57 7.91 -5.82
C PRO A 65 12.53 8.17 -6.98
N VAL A 66 12.92 9.40 -7.18
CA VAL A 66 13.87 9.69 -8.31
C VAL A 66 15.25 9.16 -7.92
N LYS A 67 15.61 9.29 -6.69
CA LYS A 67 16.95 8.80 -6.24
C LYS A 67 16.91 7.28 -6.20
N VAL A 68 15.79 6.73 -5.84
CA VAL A 68 15.68 5.25 -5.76
C VAL A 68 15.97 4.65 -7.14
N ALA A 69 15.51 5.27 -8.19
CA ALA A 69 15.77 4.74 -9.55
C ALA A 69 17.27 4.91 -9.83
N ALA A 70 17.92 5.72 -9.04
CA ALA A 70 19.38 5.94 -9.24
C ALA A 70 20.16 4.96 -8.38
N MET A 71 19.47 4.20 -7.56
CA MET A 71 20.17 3.22 -6.71
C MET A 71 20.48 1.99 -7.57
N GLN A 72 21.73 1.70 -7.77
CA GLN A 72 22.10 0.53 -8.62
C GLN A 72 22.34 -0.70 -7.73
N GLU A 73 22.62 -1.82 -8.34
CA GLU A 73 22.84 -3.06 -7.55
C GLU A 73 24.02 -2.85 -6.58
N GLU A 74 25.02 -2.11 -6.97
CA GLU A 74 26.17 -1.90 -6.06
C GLU A 74 25.66 -1.25 -4.76
N ASP A 75 24.83 -0.26 -4.89
CA ASP A 75 24.29 0.40 -3.68
C ASP A 75 23.41 -0.60 -2.93
N VAL A 76 22.66 -1.39 -3.65
CA VAL A 76 21.78 -2.39 -2.99
C VAL A 76 22.62 -3.31 -2.08
N GLU A 77 23.75 -3.75 -2.54
CA GLU A 77 24.59 -4.65 -1.69
C GLU A 77 25.00 -3.91 -0.42
N ARG A 78 25.32 -2.64 -0.53
CA ARG A 78 25.73 -1.87 0.67
C ARG A 78 24.55 -1.86 1.66
N LEU A 79 23.35 -1.74 1.15
CA LEU A 79 22.15 -1.70 2.02
C LEU A 79 21.90 -3.07 2.67
N VAL A 80 22.22 -4.13 1.98
CA VAL A 80 22.00 -5.48 2.57
C VAL A 80 22.63 -5.51 3.96
N GLN A 81 23.52 -4.58 4.24
CA GLN A 81 24.17 -4.56 5.58
C GLN A 81 23.85 -3.25 6.29
N ASP A 82 23.30 -2.28 5.60
CA ASP A 82 22.99 -0.99 6.29
C ASP A 82 21.70 -1.14 7.10
N ALA A 83 21.81 -1.16 8.39
CA ALA A 83 20.60 -1.29 9.24
C ALA A 83 20.07 -2.72 9.15
N GLY A 84 20.46 -3.45 8.15
CA GLY A 84 19.95 -4.85 8.02
C GLY A 84 18.45 -4.80 7.81
N ILE A 85 17.99 -3.80 7.11
CA ILE A 85 16.52 -3.64 6.85
C ILE A 85 15.79 -4.99 6.76
N ILE A 86 15.43 -5.41 5.58
CA ILE A 86 14.69 -6.72 5.47
C ILE A 86 14.78 -7.24 4.03
N ARG A 87 14.52 -6.41 3.06
CA ARG A 87 14.57 -6.89 1.64
C ARG A 87 16.01 -7.30 1.32
N HIS A 88 16.17 -8.26 0.44
CA HIS A 88 17.54 -8.73 0.08
C HIS A 88 17.89 -8.27 -1.34
N ARG A 89 19.13 -8.38 -1.72
CA ARG A 89 19.52 -7.92 -3.08
C ARG A 89 18.49 -8.36 -4.11
N GLY A 90 17.98 -9.55 -4.01
CA GLY A 90 16.97 -10.00 -4.99
C GLY A 90 15.69 -9.16 -4.82
N LYS A 91 15.11 -9.19 -3.65
CA LYS A 91 13.87 -8.41 -3.41
C LYS A 91 14.16 -6.91 -3.56
N ILE A 92 15.28 -6.45 -3.09
CA ILE A 92 15.59 -5.00 -3.21
C ILE A 92 15.62 -4.58 -4.69
N GLN A 93 16.38 -5.27 -5.51
CA GLN A 93 16.42 -4.90 -6.95
C GLN A 93 15.01 -4.83 -7.53
N ALA A 94 14.11 -5.65 -7.06
CA ALA A 94 12.73 -5.58 -7.61
C ALA A 94 12.12 -4.22 -7.28
N ILE A 95 12.38 -3.71 -6.10
CA ILE A 95 11.83 -2.39 -5.70
C ILE A 95 12.52 -1.24 -6.45
N ILE A 96 13.79 -1.38 -6.77
CA ILE A 96 14.48 -0.27 -7.49
C ILE A 96 13.74 0.01 -8.79
N GLY A 97 13.34 -1.02 -9.48
CA GLY A 97 12.60 -0.83 -10.74
C GLY A 97 11.25 -0.20 -10.46
N ASN A 98 10.71 -0.40 -9.28
CA ASN A 98 9.38 0.19 -8.97
C ASN A 98 9.47 1.72 -8.99
N ALA A 99 10.51 2.28 -8.42
CA ALA A 99 10.62 3.77 -8.43
C ALA A 99 10.84 4.23 -9.86
N ARG A 100 11.72 3.59 -10.57
CA ARG A 100 11.98 3.98 -11.98
C ARG A 100 10.69 3.78 -12.78
N ALA A 101 9.93 2.76 -12.47
CA ALA A 101 8.65 2.54 -13.20
C ALA A 101 7.72 3.72 -12.94
N TYR A 102 7.81 4.31 -11.77
CA TYR A 102 6.96 5.48 -11.45
C TYR A 102 7.35 6.62 -12.38
N LEU A 103 8.62 6.79 -12.57
CA LEU A 103 9.11 7.84 -13.49
C LEU A 103 8.58 7.54 -14.89
N GLN A 104 8.34 6.28 -15.18
CA GLN A 104 7.82 5.91 -16.52
C GLN A 104 6.39 6.45 -16.67
N MET A 105 5.63 6.40 -15.62
CA MET A 105 4.23 6.90 -15.68
C MET A 105 4.25 8.38 -16.02
N GLU A 106 5.17 9.09 -15.43
CA GLU A 106 5.27 10.54 -15.68
C GLU A 106 5.58 10.77 -17.15
N GLN A 107 6.39 9.92 -17.71
CA GLN A 107 6.71 10.06 -19.16
C GLN A 107 5.39 9.93 -19.90
N ASN A 108 4.44 9.26 -19.30
CA ASN A 108 3.13 9.12 -19.96
C ASN A 108 2.23 10.27 -19.50
N GLY A 109 2.64 10.98 -18.49
CA GLY A 109 1.82 12.14 -18.02
C GLY A 109 0.51 11.65 -17.40
N GLU A 110 0.49 10.46 -16.86
CA GLU A 110 -0.77 9.94 -16.25
C GLU A 110 -0.54 9.70 -14.75
N PRO A 111 -1.02 10.57 -13.89
CA PRO A 111 -0.83 10.41 -12.42
C PRO A 111 -1.20 9.02 -11.91
N PHE A 112 -0.49 8.51 -10.94
CA PHE A 112 -0.79 7.17 -10.39
C PHE A 112 -2.25 7.13 -9.92
N ALA A 113 -2.69 8.19 -9.33
CA ALA A 113 -4.09 8.24 -8.83
C ALA A 113 -5.07 8.32 -10.02
N ASP A 114 -4.65 8.87 -11.13
CA ASP A 114 -5.57 8.99 -12.29
C ASP A 114 -6.07 7.62 -12.76
N PHE A 115 -5.18 6.71 -13.04
CA PHE A 115 -5.63 5.37 -13.52
C PHE A 115 -6.29 4.60 -12.36
N VAL A 116 -5.84 4.82 -11.15
CA VAL A 116 -6.46 4.09 -10.01
C VAL A 116 -7.92 4.53 -9.83
N TRP A 117 -8.16 5.79 -9.71
CA TRP A 117 -9.56 6.26 -9.57
C TRP A 117 -10.37 5.78 -10.77
N SER A 118 -9.71 5.57 -11.87
CA SER A 118 -10.44 5.10 -13.09
C SER A 118 -10.74 3.60 -12.98
N PHE A 119 -9.89 2.87 -12.33
CA PHE A 119 -10.11 1.40 -12.21
C PHE A 119 -11.32 1.12 -11.30
N VAL A 120 -11.55 1.96 -10.34
CA VAL A 120 -12.72 1.75 -9.43
C VAL A 120 -13.95 2.43 -10.01
N ASN A 121 -13.91 2.73 -11.28
CA ASN A 121 -15.08 3.40 -11.92
C ASN A 121 -15.24 4.81 -11.35
N HIS A 122 -14.17 5.40 -10.89
CA HIS A 122 -14.25 6.77 -10.32
C HIS A 122 -15.36 6.86 -9.27
N GLN A 123 -15.60 5.79 -8.54
CA GLN A 123 -16.67 5.83 -7.49
C GLN A 123 -16.18 5.14 -6.22
N PRO A 124 -16.67 5.56 -5.08
CA PRO A 124 -16.27 4.96 -3.77
C PRO A 124 -16.90 3.57 -3.56
N GLN A 125 -16.21 2.67 -2.91
CA GLN A 125 -16.79 1.31 -2.69
C GLN A 125 -17.15 1.14 -1.22
N MET A 126 -18.36 0.70 -0.95
CA MET A 126 -18.80 0.52 0.47
C MET A 126 -19.12 -0.95 0.74
N THR A 127 -18.29 -1.63 1.49
CA THR A 127 -18.58 -3.07 1.79
C THR A 127 -19.13 -3.17 3.22
N GLN A 128 -20.25 -3.84 3.39
CA GLN A 128 -20.84 -3.97 4.75
C GLN A 128 -20.47 -5.31 5.38
N ALA A 129 -19.29 -5.81 5.10
CA ALA A 129 -18.89 -7.12 5.70
C ALA A 129 -18.95 -7.01 7.22
N THR A 130 -19.31 -8.06 7.90
CA THR A 130 -19.41 -7.99 9.39
C THR A 130 -18.09 -8.41 10.02
N THR A 131 -17.22 -9.03 9.28
CA THR A 131 -15.90 -9.45 9.86
C THR A 131 -14.79 -9.26 8.82
N LEU A 132 -13.56 -9.25 9.24
CA LEU A 132 -12.44 -9.08 8.26
C LEU A 132 -12.48 -10.25 7.26
N SER A 133 -12.91 -11.40 7.69
CA SER A 133 -12.98 -12.58 6.78
C SER A 133 -14.02 -12.35 5.67
N GLU A 134 -15.03 -11.58 5.93
CA GLU A 134 -16.07 -11.35 4.89
C GLU A 134 -15.65 -10.20 3.97
N ILE A 135 -14.53 -9.61 4.24
CA ILE A 135 -14.04 -8.48 3.40
C ILE A 135 -13.40 -9.05 2.13
N PRO A 136 -13.56 -8.40 1.00
CA PRO A 136 -12.98 -8.87 -0.30
C PRO A 136 -11.46 -8.72 -0.36
N THR A 137 -10.79 -9.66 -0.97
CA THR A 137 -9.32 -9.57 -1.10
C THR A 137 -8.94 -9.70 -2.57
N SER A 138 -9.92 -9.75 -3.43
CA SER A 138 -9.64 -9.86 -4.88
C SER A 138 -10.85 -9.35 -5.66
N THR A 139 -10.90 -8.07 -5.93
CA THR A 139 -12.05 -7.51 -6.67
C THR A 139 -11.61 -7.16 -8.10
N PRO A 140 -12.53 -6.96 -9.00
CA PRO A 140 -12.18 -6.62 -10.41
C PRO A 140 -11.28 -5.40 -10.49
N ALA A 141 -11.51 -4.40 -9.69
CA ALA A 141 -10.63 -3.21 -9.73
C ALA A 141 -9.27 -3.59 -9.15
N SER A 142 -9.26 -4.31 -8.05
CA SER A 142 -7.97 -4.71 -7.44
C SER A 142 -7.21 -5.61 -8.40
N ASP A 143 -7.89 -6.54 -9.01
CA ASP A 143 -7.20 -7.46 -9.95
C ASP A 143 -6.65 -6.63 -11.12
N ALA A 144 -7.38 -5.64 -11.54
CA ALA A 144 -6.90 -4.79 -12.67
C ALA A 144 -5.63 -4.04 -12.26
N LEU A 145 -5.58 -3.55 -11.05
CA LEU A 145 -4.37 -2.82 -10.61
C LEU A 145 -3.14 -3.71 -10.80
N SER A 146 -3.23 -4.95 -10.41
CA SER A 146 -2.06 -5.86 -10.59
C SER A 146 -1.70 -5.96 -12.07
N LYS A 147 -2.68 -6.01 -12.93
CA LYS A 147 -2.39 -6.11 -14.38
C LYS A 147 -1.63 -4.87 -14.86
N ALA A 148 -2.11 -3.70 -14.54
CA ALA A 148 -1.41 -2.47 -14.99
C ALA A 148 -0.09 -2.34 -14.25
N LEU A 149 -0.08 -2.65 -12.98
CA LEU A 149 1.19 -2.55 -12.21
C LEU A 149 2.19 -3.58 -12.71
N LYS A 150 1.75 -4.76 -13.02
CA LYS A 150 2.70 -5.80 -13.50
C LYS A 150 3.38 -5.33 -14.79
N LYS A 151 2.65 -4.69 -15.66
CA LYS A 151 3.26 -4.25 -16.95
C LYS A 151 3.98 -2.90 -16.81
N ARG A 152 3.77 -2.18 -15.76
CA ARG A 152 4.47 -0.86 -15.60
C ARG A 152 5.81 -1.09 -14.90
N GLY A 153 6.19 -2.32 -14.72
CA GLY A 153 7.49 -2.61 -14.06
C GLY A 153 7.32 -2.63 -12.55
N PHE A 154 6.12 -2.82 -12.07
CA PHE A 154 5.92 -2.88 -10.60
C PHE A 154 5.81 -4.34 -10.18
N LYS A 155 6.79 -4.83 -9.49
CA LYS A 155 6.76 -6.25 -9.04
C LYS A 155 6.18 -6.34 -7.63
N PHE A 156 6.00 -7.54 -7.13
CA PHE A 156 5.42 -7.70 -5.77
C PHE A 156 4.06 -7.00 -5.71
N VAL A 157 3.17 -7.40 -6.58
CA VAL A 157 1.81 -6.81 -6.62
C VAL A 157 0.79 -7.94 -6.60
N GLY A 158 1.03 -8.92 -5.76
CA GLY A 158 0.10 -10.09 -5.68
C GLY A 158 -1.34 -9.60 -5.57
N THR A 159 -2.28 -10.47 -5.84
CA THR A 159 -3.71 -10.06 -5.75
C THR A 159 -3.96 -9.46 -4.36
N THR A 160 -3.23 -9.90 -3.37
CA THR A 160 -3.42 -9.34 -2.01
C THR A 160 -2.84 -7.94 -1.97
N ILE A 161 -1.80 -7.70 -2.72
CA ILE A 161 -1.19 -6.35 -2.73
C ILE A 161 -2.20 -5.34 -3.26
N CYS A 162 -2.86 -5.68 -4.33
CA CYS A 162 -3.89 -4.75 -4.89
C CYS A 162 -5.02 -4.55 -3.88
N TYR A 163 -5.40 -5.59 -3.18
CA TYR A 163 -6.49 -5.46 -2.17
C TYR A 163 -6.03 -4.58 -1.02
N SER A 164 -4.86 -4.82 -0.51
CA SER A 164 -4.35 -3.97 0.61
C SER A 164 -4.09 -2.56 0.07
N PHE A 165 -3.71 -2.48 -1.17
CA PHE A 165 -3.43 -1.17 -1.81
C PHE A 165 -4.71 -0.31 -1.87
N MET A 166 -5.79 -0.87 -2.32
CA MET A 166 -7.06 -0.09 -2.39
C MET A 166 -7.61 0.12 -0.97
N GLN A 167 -7.40 -0.83 -0.11
CA GLN A 167 -7.92 -0.71 1.28
C GLN A 167 -7.38 0.55 1.97
N ALA A 168 -6.13 0.85 1.78
CA ALA A 168 -5.55 2.05 2.45
C ALA A 168 -5.61 3.28 1.52
N CYS A 169 -5.49 3.09 0.24
CA CYS A 169 -5.52 4.25 -0.69
C CYS A 169 -6.80 5.07 -0.48
N GLY A 170 -7.84 4.48 0.04
CA GLY A 170 -9.10 5.25 0.27
C GLY A 170 -10.11 4.89 -0.82
N LEU A 171 -9.75 4.01 -1.72
CA LEU A 171 -10.69 3.61 -2.81
C LEU A 171 -11.91 2.93 -2.22
N VAL A 172 -11.74 2.18 -1.15
CA VAL A 172 -12.90 1.47 -0.55
C VAL A 172 -13.09 1.86 0.91
N ASN A 173 -14.32 1.86 1.33
CA ASN A 173 -14.63 2.21 2.74
C ASN A 173 -15.33 1.02 3.39
N ASP A 174 -14.63 0.27 4.21
CA ASP A 174 -15.27 -0.91 4.83
C ASP A 174 -14.34 -1.57 5.86
N HIS A 175 -14.11 -0.94 6.98
CA HIS A 175 -13.23 -1.58 8.00
C HIS A 175 -13.83 -2.93 8.36
N VAL A 176 -15.13 -2.97 8.53
CA VAL A 176 -15.81 -4.25 8.90
C VAL A 176 -17.25 -3.92 9.33
N VAL A 177 -17.64 -2.68 9.24
CA VAL A 177 -19.03 -2.29 9.64
C VAL A 177 -19.13 -2.37 11.17
N GLY A 178 -18.45 -3.31 11.77
CA GLY A 178 -18.50 -3.42 13.26
C GLY A 178 -17.47 -2.46 13.86
N CYS A 179 -16.94 -1.57 13.06
CA CYS A 179 -15.93 -0.61 13.57
C CYS A 179 -16.64 0.60 14.17
N CYS A 180 -16.41 0.88 15.42
CA CYS A 180 -17.09 2.05 16.07
C CYS A 180 -16.85 3.30 15.22
N CYS A 181 -15.70 3.41 14.60
CA CYS A 181 -15.42 4.62 13.77
C CYS A 181 -16.24 4.54 12.47
N TYR A 182 -17.25 3.72 12.44
CA TYR A 182 -18.08 3.59 11.21
C TYR A 182 -19.52 4.01 11.53
N PRO A 183 -19.80 5.29 11.48
CA PRO A 183 -21.16 5.83 11.76
C PRO A 183 -22.22 5.17 10.89
N GLY A 184 -23.38 4.92 11.44
CA GLY A 184 -24.46 4.28 10.64
C GLY A 184 -25.38 3.49 11.56
N ASN A 185 -24.91 3.13 12.73
CA ASN A 185 -25.78 2.37 13.67
C ASN A 185 -26.65 3.34 14.46
N LYS A 186 -26.58 4.62 14.15
CA LYS A 186 -27.41 5.61 14.89
C LYS A 186 -28.78 5.74 14.22
N PRO A 187 -29.74 6.29 14.92
CA PRO A 187 -31.12 6.48 14.39
C PRO A 187 -31.13 6.98 12.94
N MET A 1 -19.09 -4.74 21.18
CA MET A 1 -18.63 -4.29 19.84
C MET A 1 -17.12 -4.05 19.86
N GLU A 2 -16.43 -4.44 18.82
CA GLU A 2 -14.96 -4.23 18.78
C GLU A 2 -14.61 -3.16 17.75
N ARG A 3 -13.64 -2.33 18.03
CA ARG A 3 -13.25 -1.27 17.05
C ARG A 3 -12.86 -1.93 15.74
N CYS A 4 -12.05 -2.95 15.81
CA CYS A 4 -11.62 -3.65 14.57
C CYS A 4 -10.88 -4.95 14.97
N GLY A 5 -11.01 -5.96 14.16
CA GLY A 5 -10.37 -7.27 14.49
C GLY A 5 -8.86 -7.10 14.72
N TRP A 6 -8.18 -6.32 13.91
CA TRP A 6 -6.71 -6.17 14.13
C TRP A 6 -6.42 -4.96 15.02
N VAL A 7 -7.42 -4.24 15.42
CA VAL A 7 -7.18 -3.06 16.30
C VAL A 7 -6.94 -3.53 17.73
N SER A 8 -7.71 -4.49 18.19
CA SER A 8 -7.51 -4.98 19.58
C SER A 8 -6.33 -5.96 19.60
N GLN A 9 -5.65 -6.09 18.48
CA GLN A 9 -4.50 -7.02 18.41
C GLN A 9 -3.27 -6.36 19.04
N ASP A 10 -2.84 -5.27 18.50
CA ASP A 10 -1.63 -4.57 19.07
C ASP A 10 -1.89 -3.07 19.12
N PRO A 11 -1.18 -2.38 19.97
CA PRO A 11 -1.33 -0.90 20.13
C PRO A 11 -0.89 -0.14 18.87
N LEU A 12 0.06 -0.68 18.14
CA LEU A 12 0.54 0.01 16.91
C LEU A 12 -0.61 0.11 15.91
N TYR A 13 -1.44 -0.89 15.82
CA TYR A 13 -2.58 -0.84 14.87
C TYR A 13 -3.52 0.30 15.27
N ILE A 14 -3.74 0.46 16.54
CA ILE A 14 -4.65 1.54 17.02
C ILE A 14 -4.21 2.90 16.46
N ALA A 15 -2.95 3.21 16.49
CA ALA A 15 -2.49 4.52 15.95
C ALA A 15 -2.74 4.56 14.44
N TYR A 16 -2.34 3.53 13.75
CA TYR A 16 -2.56 3.47 12.27
C TYR A 16 -4.06 3.50 11.99
N HIS A 17 -4.81 2.79 12.78
CA HIS A 17 -6.29 2.74 12.59
C HIS A 17 -6.94 4.07 12.99
N ASP A 18 -6.47 4.69 14.05
CA ASP A 18 -7.09 5.96 14.52
C ASP A 18 -6.62 7.16 13.67
N ASN A 19 -5.71 6.97 12.77
CA ASN A 19 -5.25 8.13 11.95
C ASN A 19 -6.29 8.47 10.87
N GLU A 20 -6.36 7.68 9.84
CA GLU A 20 -7.35 7.96 8.76
C GLU A 20 -7.84 6.63 8.20
N TRP A 21 -6.93 5.70 8.03
CA TRP A 21 -7.24 4.36 7.48
C TRP A 21 -8.74 4.19 7.25
N GLY A 22 -9.23 4.83 6.24
CA GLY A 22 -10.68 4.71 5.92
C GLY A 22 -11.18 5.99 5.27
N VAL A 23 -10.52 7.09 5.54
CA VAL A 23 -10.96 8.38 4.97
C VAL A 23 -9.87 9.05 4.08
N PRO A 24 -8.74 8.42 3.84
CA PRO A 24 -7.68 9.05 3.00
C PRO A 24 -8.00 9.01 1.50
N GLU A 25 -7.57 10.01 0.78
CA GLU A 25 -7.80 10.03 -0.68
C GLU A 25 -6.60 9.36 -1.32
N THR A 26 -6.68 9.02 -2.58
CA THR A 26 -5.52 8.34 -3.21
C THR A 26 -4.70 9.34 -4.02
N ASP A 27 -3.53 9.67 -3.54
CA ASP A 27 -2.65 10.62 -4.28
C ASP A 27 -1.79 9.78 -5.23
N SER A 28 -1.11 10.38 -6.16
CA SER A 28 -0.28 9.56 -7.09
C SER A 28 0.97 9.04 -6.38
N LYS A 29 1.53 9.84 -5.52
CA LYS A 29 2.79 9.44 -4.82
C LYS A 29 2.57 8.40 -3.71
N LYS A 30 1.53 8.54 -2.94
CA LYS A 30 1.32 7.57 -1.81
C LYS A 30 1.18 6.15 -2.35
N LEU A 31 0.55 6.00 -3.47
CA LEU A 31 0.37 4.62 -4.02
C LEU A 31 1.75 3.99 -4.24
N PHE A 32 2.69 4.77 -4.68
CA PHE A 32 4.04 4.21 -4.91
C PHE A 32 4.62 3.73 -3.58
N GLU A 33 4.50 4.51 -2.55
CA GLU A 33 5.05 4.08 -1.23
C GLU A 33 4.17 2.95 -0.69
N MET A 34 2.89 3.09 -0.85
CA MET A 34 1.95 2.06 -0.34
C MET A 34 2.16 0.73 -1.07
N ILE A 35 2.22 0.75 -2.37
CA ILE A 35 2.40 -0.52 -3.12
C ILE A 35 3.76 -1.12 -2.79
N CYS A 36 4.73 -0.30 -2.47
CA CYS A 36 6.07 -0.84 -2.12
C CYS A 36 5.99 -1.53 -0.76
N LEU A 37 5.42 -0.87 0.21
CA LEU A 37 5.29 -1.50 1.55
C LEU A 37 4.30 -2.65 1.48
N GLU A 38 3.24 -2.47 0.74
CA GLU A 38 2.22 -3.53 0.62
C GLU A 38 2.86 -4.77 -0.03
N GLY A 39 3.73 -4.58 -0.98
CA GLY A 39 4.38 -5.76 -1.63
C GLY A 39 5.13 -6.57 -0.57
N GLN A 40 5.73 -5.90 0.38
CA GLN A 40 6.48 -6.61 1.46
C GLN A 40 5.53 -7.47 2.28
N GLN A 41 4.27 -7.12 2.32
CA GLN A 41 3.31 -7.91 3.14
C GLN A 41 3.08 -9.30 2.53
N ALA A 42 3.67 -9.58 1.40
CA ALA A 42 3.47 -10.92 0.80
C ALA A 42 3.93 -11.99 1.79
N GLY A 43 3.03 -12.77 2.31
CA GLY A 43 3.42 -13.84 3.28
C GLY A 43 3.83 -13.20 4.61
N LEU A 44 4.08 -11.91 4.63
CA LEU A 44 4.49 -11.25 5.89
C LEU A 44 3.32 -10.46 6.49
N SER A 45 3.33 -10.24 7.78
CA SER A 45 2.22 -9.48 8.42
C SER A 45 2.31 -8.00 8.03
N TRP A 46 1.21 -7.30 8.04
CA TRP A 46 1.23 -5.85 7.68
C TRP A 46 2.04 -5.06 8.71
N ILE A 47 1.89 -5.35 9.97
CA ILE A 47 2.64 -4.60 11.01
C ILE A 47 4.14 -4.66 10.70
N THR A 48 4.60 -5.74 10.10
CA THR A 48 6.03 -5.86 9.78
C THR A 48 6.46 -4.69 8.89
N VAL A 49 5.63 -4.32 7.94
CA VAL A 49 6.00 -3.19 7.04
C VAL A 49 5.95 -1.88 7.82
N LEU A 50 5.12 -1.81 8.84
CA LEU A 50 5.03 -0.54 9.63
C LEU A 50 6.37 -0.26 10.30
N LYS A 51 6.89 -1.20 11.04
CA LYS A 51 8.20 -0.95 11.71
C LYS A 51 9.24 -0.68 10.63
N LYS A 52 9.22 -1.49 9.60
CA LYS A 52 10.19 -1.28 8.48
C LYS A 52 9.87 0.05 7.80
N ARG A 53 8.64 0.50 7.86
CA ARG A 53 8.29 1.79 7.22
C ARG A 53 9.25 2.85 7.75
N GLU A 54 9.46 2.84 9.03
CA GLU A 54 10.38 3.84 9.64
C GLU A 54 11.84 3.54 9.24
N ASN A 55 12.21 2.29 9.15
CA ASN A 55 13.62 1.96 8.79
C ASN A 55 13.86 2.12 7.28
N TYR A 56 12.98 1.61 6.46
CA TYR A 56 13.18 1.73 4.99
C TYR A 56 13.27 3.20 4.59
N ARG A 57 12.38 4.02 5.08
CA ARG A 57 12.44 5.46 4.71
C ARG A 57 13.71 6.08 5.30
N ALA A 58 14.19 5.56 6.40
CA ALA A 58 15.41 6.14 7.03
C ALA A 58 16.64 5.86 6.16
N CYS A 59 16.78 4.66 5.64
CA CYS A 59 17.97 4.34 4.82
C CYS A 59 17.93 5.09 3.49
N PHE A 60 16.81 5.10 2.82
CA PHE A 60 16.71 5.82 1.52
C PHE A 60 16.56 7.31 1.76
N HIS A 61 15.65 7.69 2.63
CA HIS A 61 15.43 9.14 2.92
C HIS A 61 15.31 9.92 1.60
N GLN A 62 15.30 9.25 0.48
CA GLN A 62 15.19 9.97 -0.82
C GLN A 62 13.83 10.67 -0.92
N PHE A 63 12.79 10.03 -0.45
CA PHE A 63 11.43 10.66 -0.54
C PHE A 63 11.15 11.08 -1.98
N ASP A 64 12.07 10.79 -2.88
CA ASP A 64 11.88 11.17 -4.30
C ASP A 64 12.09 9.93 -5.18
N PRO A 65 11.04 9.28 -5.60
CA PRO A 65 11.15 8.05 -6.44
C PRO A 65 12.16 8.22 -7.60
N VAL A 66 12.41 9.44 -8.01
CA VAL A 66 13.38 9.64 -9.12
C VAL A 66 14.77 9.16 -8.68
N LYS A 67 15.20 9.53 -7.50
CA LYS A 67 16.53 9.07 -7.01
C LYS A 67 16.49 7.56 -6.83
N VAL A 68 15.37 7.02 -6.44
CA VAL A 68 15.29 5.55 -6.24
C VAL A 68 15.59 4.84 -7.56
N ALA A 69 15.13 5.38 -8.65
CA ALA A 69 15.42 4.73 -9.97
C ALA A 69 16.91 4.88 -10.25
N ALA A 70 17.57 5.74 -9.52
CA ALA A 70 19.02 5.93 -9.72
C ALA A 70 19.79 4.99 -8.80
N MET A 71 19.10 4.36 -7.90
CA MET A 71 19.78 3.41 -6.98
C MET A 71 19.92 2.07 -7.71
N GLN A 72 21.13 1.69 -8.03
CA GLN A 72 21.32 0.40 -8.76
C GLN A 72 21.63 -0.72 -7.77
N GLU A 73 21.91 -1.90 -8.27
CA GLU A 73 22.19 -3.04 -7.35
C GLU A 73 23.37 -2.73 -6.43
N GLU A 74 24.32 -1.98 -6.89
CA GLU A 74 25.46 -1.65 -5.99
C GLU A 74 24.93 -0.82 -4.82
N ASP A 75 23.94 -0.01 -5.07
CA ASP A 75 23.38 0.84 -4.00
C ASP A 75 22.65 -0.01 -2.95
N VAL A 76 21.92 -1.02 -3.37
CA VAL A 76 21.20 -1.85 -2.36
C VAL A 76 22.21 -2.60 -1.50
N GLU A 77 23.32 -2.99 -2.06
CA GLU A 77 24.34 -3.71 -1.26
C GLU A 77 24.86 -2.78 -0.17
N ARG A 78 24.98 -1.51 -0.48
CA ARG A 78 25.47 -0.54 0.54
C ARG A 78 24.50 -0.48 1.72
N LEU A 79 23.23 -0.40 1.44
CA LEU A 79 22.22 -0.32 2.54
C LEU A 79 22.10 -1.65 3.27
N VAL A 80 22.28 -2.75 2.58
CA VAL A 80 22.16 -4.06 3.26
C VAL A 80 23.03 -4.03 4.53
N GLN A 81 23.95 -3.11 4.59
CA GLN A 81 24.83 -3.01 5.79
C GLN A 81 24.54 -1.72 6.54
N ASP A 82 23.84 -0.79 5.94
CA ASP A 82 23.57 0.48 6.65
C ASP A 82 22.38 0.28 7.61
N ALA A 83 22.65 0.26 8.88
CA ALA A 83 21.55 0.09 9.88
C ALA A 83 21.12 -1.37 9.91
N GLY A 84 21.48 -2.13 8.91
CA GLY A 84 21.08 -3.58 8.89
C GLY A 84 19.58 -3.67 8.63
N ILE A 85 19.06 -2.81 7.79
CA ILE A 85 17.60 -2.85 7.48
C ILE A 85 17.17 -4.26 7.10
N ILE A 86 15.95 -4.42 6.66
CA ILE A 86 15.47 -5.76 6.25
C ILE A 86 16.36 -6.28 5.12
N ARG A 87 17.36 -7.04 5.47
CA ARG A 87 18.29 -7.56 4.43
C ARG A 87 17.49 -8.27 3.34
N HIS A 88 17.89 -8.08 2.10
CA HIS A 88 17.17 -8.74 0.97
C HIS A 88 17.61 -8.05 -0.33
N ARG A 89 18.87 -8.15 -0.66
CA ARG A 89 19.38 -7.48 -1.90
C ARG A 89 18.49 -7.83 -3.09
N GLY A 90 18.01 -9.03 -3.17
CA GLY A 90 17.15 -9.43 -4.33
C GLY A 90 15.84 -8.63 -4.31
N LYS A 91 15.07 -8.74 -3.25
CA LYS A 91 13.78 -7.99 -3.21
C LYS A 91 14.05 -6.49 -3.30
N ILE A 92 15.06 -5.99 -2.63
CA ILE A 92 15.34 -4.53 -2.69
C ILE A 92 15.60 -4.11 -4.14
N GLN A 93 16.34 -4.89 -4.88
CA GLN A 93 16.61 -4.51 -6.29
C GLN A 93 15.28 -4.37 -7.02
N ALA A 94 14.30 -5.16 -6.64
CA ALA A 94 12.96 -5.06 -7.29
C ALA A 94 12.36 -3.69 -6.99
N ILE A 95 12.59 -3.18 -5.82
CA ILE A 95 12.06 -1.84 -5.46
C ILE A 95 12.56 -0.82 -6.47
N ILE A 96 13.82 -0.91 -6.84
CA ILE A 96 14.36 0.06 -7.83
C ILE A 96 13.57 -0.06 -9.13
N GLY A 97 13.23 -1.25 -9.52
CA GLY A 97 12.45 -1.44 -10.76
C GLY A 97 11.14 -0.65 -10.64
N ASN A 98 10.57 -0.64 -9.46
CA ASN A 98 9.30 0.11 -9.26
C ASN A 98 9.52 1.58 -9.63
N ALA A 99 10.68 2.11 -9.30
CA ALA A 99 10.95 3.54 -9.61
C ALA A 99 10.93 3.74 -11.14
N ARG A 100 11.55 2.87 -11.88
CA ARG A 100 11.54 3.01 -13.36
C ARG A 100 10.09 3.06 -13.84
N ALA A 101 9.27 2.21 -13.29
CA ALA A 101 7.83 2.20 -13.70
C ALA A 101 7.18 3.50 -13.26
N TYR A 102 7.66 4.08 -12.20
CA TYR A 102 7.08 5.36 -11.73
C TYR A 102 7.32 6.38 -12.82
N LEU A 103 8.49 6.36 -13.39
CA LEU A 103 8.82 7.28 -14.49
C LEU A 103 8.00 6.89 -15.72
N GLN A 104 7.72 5.62 -15.87
CA GLN A 104 6.94 5.19 -17.07
C GLN A 104 5.57 5.87 -17.08
N MET A 105 4.93 5.99 -15.95
CA MET A 105 3.60 6.64 -15.93
C MET A 105 3.79 8.13 -16.16
N GLU A 106 4.81 8.70 -15.58
CA GLU A 106 5.06 10.15 -15.77
C GLU A 106 5.41 10.41 -17.23
N GLN A 107 6.21 9.55 -17.80
CA GLN A 107 6.56 9.71 -19.23
C GLN A 107 5.29 9.49 -20.03
N ASN A 108 4.34 8.82 -19.44
CA ASN A 108 3.06 8.56 -20.14
C ASN A 108 2.08 9.68 -19.77
N GLY A 109 2.44 10.47 -18.79
CA GLY A 109 1.54 11.59 -18.38
C GLY A 109 0.27 11.04 -17.73
N GLU A 110 0.33 9.87 -17.15
CA GLU A 110 -0.88 9.29 -16.50
C GLU A 110 -0.61 9.10 -15.00
N PRO A 111 -1.10 9.98 -14.17
CA PRO A 111 -0.90 9.86 -12.69
C PRO A 111 -1.39 8.53 -12.13
N PHE A 112 -0.72 8.02 -11.14
CA PHE A 112 -1.14 6.71 -10.55
C PHE A 112 -2.55 6.83 -9.96
N ALA A 113 -2.82 7.91 -9.28
CA ALA A 113 -4.16 8.09 -8.66
C ALA A 113 -5.26 8.22 -9.74
N ASP A 114 -4.94 8.79 -10.86
CA ASP A 114 -5.99 8.97 -11.92
C ASP A 114 -6.55 7.63 -12.41
N PHE A 115 -5.71 6.69 -12.73
CA PHE A 115 -6.24 5.39 -13.26
C PHE A 115 -6.94 4.60 -12.15
N VAL A 116 -6.38 4.50 -10.98
CA VAL A 116 -7.07 3.73 -9.92
C VAL A 116 -8.44 4.35 -9.64
N TRP A 117 -8.47 5.62 -9.43
CA TRP A 117 -9.77 6.28 -9.18
C TRP A 117 -10.69 5.94 -10.34
N SER A 118 -10.12 5.63 -11.48
CA SER A 118 -10.95 5.29 -12.67
C SER A 118 -11.64 3.93 -12.49
N PHE A 119 -10.98 2.96 -11.92
CA PHE A 119 -11.64 1.64 -11.74
C PHE A 119 -12.82 1.78 -10.78
N VAL A 120 -12.73 2.67 -9.84
CA VAL A 120 -13.87 2.84 -8.88
C VAL A 120 -14.74 4.00 -9.34
N ASN A 121 -14.60 4.39 -10.58
CA ASN A 121 -15.43 5.52 -11.11
C ASN A 121 -15.20 6.78 -10.27
N HIS A 122 -14.00 7.05 -9.89
CA HIS A 122 -13.72 8.26 -9.08
C HIS A 122 -14.80 8.42 -8.00
N GLN A 123 -15.39 7.33 -7.56
CA GLN A 123 -16.45 7.43 -6.52
C GLN A 123 -16.10 6.48 -5.35
N PRO A 124 -16.50 6.83 -4.14
CA PRO A 124 -16.22 5.99 -2.94
C PRO A 124 -16.94 4.63 -3.01
N GLN A 125 -16.35 3.60 -2.44
CA GLN A 125 -17.00 2.26 -2.46
C GLN A 125 -17.30 1.81 -1.03
N MET A 126 -18.43 1.21 -0.81
CA MET A 126 -18.78 0.75 0.56
C MET A 126 -18.51 -0.75 0.69
N THR A 127 -17.67 -1.14 1.61
CA THR A 127 -17.38 -2.59 1.77
C THR A 127 -18.46 -3.20 2.68
N GLN A 128 -19.20 -4.14 2.17
CA GLN A 128 -20.29 -4.76 2.99
C GLN A 128 -19.75 -5.93 3.79
N ALA A 129 -18.46 -5.99 3.97
CA ALA A 129 -17.87 -7.12 4.75
C ALA A 129 -18.13 -6.89 6.24
N THR A 130 -18.65 -7.88 6.92
CA THR A 130 -18.92 -7.72 8.37
C THR A 130 -17.81 -8.39 9.19
N THR A 131 -17.11 -9.31 8.58
CA THR A 131 -16.02 -10.02 9.31
C THR A 131 -14.75 -10.03 8.46
N LEU A 132 -13.61 -10.29 9.06
CA LEU A 132 -12.35 -10.32 8.26
C LEU A 132 -12.48 -11.39 7.18
N SER A 133 -13.13 -12.48 7.48
CA SER A 133 -13.32 -13.55 6.47
C SER A 133 -14.40 -13.12 5.49
N GLU A 134 -15.00 -11.99 5.73
CA GLU A 134 -16.07 -11.49 4.83
C GLU A 134 -15.46 -10.41 3.94
N ILE A 135 -14.16 -10.33 3.95
CA ILE A 135 -13.47 -9.31 3.14
C ILE A 135 -12.92 -9.95 1.85
N PRO A 136 -13.51 -9.68 0.71
CA PRO A 136 -13.04 -10.26 -0.58
C PRO A 136 -11.59 -9.92 -0.87
N THR A 137 -10.83 -10.87 -1.35
CA THR A 137 -9.40 -10.60 -1.66
C THR A 137 -9.25 -10.48 -3.17
N SER A 138 -10.34 -10.54 -3.89
CA SER A 138 -10.26 -10.42 -5.38
C SER A 138 -11.45 -9.62 -5.91
N THR A 139 -11.34 -8.32 -5.93
CA THR A 139 -12.45 -7.50 -6.46
C THR A 139 -12.08 -7.05 -7.87
N PRO A 140 -13.04 -6.83 -8.73
CA PRO A 140 -12.75 -6.39 -10.12
C PRO A 140 -11.83 -5.18 -10.15
N ALA A 141 -11.98 -4.28 -9.21
CA ALA A 141 -11.09 -3.10 -9.17
C ALA A 141 -9.71 -3.54 -8.70
N SER A 142 -9.66 -4.37 -7.68
CA SER A 142 -8.34 -4.85 -7.18
C SER A 142 -7.66 -5.71 -8.25
N ASP A 143 -8.40 -6.58 -8.87
CA ASP A 143 -7.81 -7.45 -9.93
C ASP A 143 -7.37 -6.58 -11.11
N ALA A 144 -8.14 -5.58 -11.43
CA ALA A 144 -7.77 -4.70 -12.58
C ALA A 144 -6.58 -3.85 -12.16
N LEU A 145 -6.49 -3.52 -10.90
CA LEU A 145 -5.37 -2.69 -10.42
C LEU A 145 -4.05 -3.45 -10.58
N SER A 146 -4.01 -4.70 -10.18
CA SER A 146 -2.76 -5.49 -10.33
C SER A 146 -2.39 -5.59 -11.81
N LYS A 147 -3.37 -5.79 -12.66
CA LYS A 147 -3.08 -5.90 -14.11
C LYS A 147 -2.47 -4.61 -14.62
N ALA A 148 -2.99 -3.49 -14.22
CA ALA A 148 -2.43 -2.19 -14.70
C ALA A 148 -1.03 -2.02 -14.12
N LEU A 149 -0.86 -2.24 -12.85
CA LEU A 149 0.49 -2.07 -12.24
C LEU A 149 1.42 -3.16 -12.79
N LYS A 150 0.91 -4.34 -12.98
CA LYS A 150 1.78 -5.44 -13.52
C LYS A 150 2.28 -5.05 -14.90
N LYS A 151 1.45 -4.46 -15.71
CA LYS A 151 1.91 -4.05 -17.07
C LYS A 151 2.70 -2.75 -16.99
N ARG A 152 2.62 -2.05 -15.90
CA ARG A 152 3.38 -0.79 -15.76
C ARG A 152 4.81 -1.11 -15.34
N GLY A 153 5.14 -2.36 -15.25
CA GLY A 153 6.51 -2.75 -14.81
C GLY A 153 6.56 -2.74 -13.29
N PHE A 154 5.43 -2.90 -12.66
CA PHE A 154 5.41 -2.91 -11.18
C PHE A 154 5.35 -4.36 -10.69
N LYS A 155 6.39 -4.81 -10.06
CA LYS A 155 6.42 -6.20 -9.56
C LYS A 155 5.94 -6.22 -8.10
N PHE A 156 5.76 -7.38 -7.52
CA PHE A 156 5.28 -7.46 -6.12
C PHE A 156 3.94 -6.73 -6.00
N VAL A 157 2.96 -7.20 -6.73
CA VAL A 157 1.61 -6.58 -6.69
C VAL A 157 0.56 -7.68 -6.74
N GLY A 158 0.80 -8.76 -6.03
CA GLY A 158 -0.16 -9.89 -6.03
C GLY A 158 -1.59 -9.37 -5.89
N THR A 159 -2.55 -10.18 -6.21
CA THR A 159 -3.96 -9.74 -6.09
C THR A 159 -4.21 -9.27 -4.66
N THR A 160 -3.54 -9.83 -3.71
CA THR A 160 -3.73 -9.41 -2.30
C THR A 160 -3.09 -8.04 -2.12
N ILE A 161 -2.04 -7.78 -2.85
CA ILE A 161 -1.36 -6.46 -2.74
C ILE A 161 -2.29 -5.37 -3.26
N CYS A 162 -2.92 -5.62 -4.38
CA CYS A 162 -3.84 -4.60 -4.95
C CYS A 162 -5.06 -4.45 -4.03
N TYR A 163 -5.57 -5.53 -3.54
CA TYR A 163 -6.75 -5.46 -2.64
C TYR A 163 -6.36 -4.80 -1.32
N SER A 164 -5.27 -5.22 -0.73
CA SER A 164 -4.86 -4.60 0.56
C SER A 164 -4.59 -3.11 0.33
N PHE A 165 -4.09 -2.77 -0.83
CA PHE A 165 -3.79 -1.34 -1.13
C PHE A 165 -5.06 -0.48 -1.01
N MET A 166 -6.15 -0.91 -1.58
CA MET A 166 -7.39 -0.08 -1.50
C MET A 166 -7.91 -0.02 -0.06
N GLN A 167 -7.66 -1.04 0.72
CA GLN A 167 -8.16 -1.03 2.14
C GLN A 167 -7.65 0.21 2.88
N ALA A 168 -6.42 0.57 2.68
CA ALA A 168 -5.87 1.75 3.41
C ALA A 168 -5.93 3.02 2.55
N CYS A 169 -5.79 2.88 1.26
CA CYS A 169 -5.83 4.10 0.39
C CYS A 169 -7.13 4.87 0.64
N GLY A 170 -8.17 4.19 1.05
CA GLY A 170 -9.46 4.91 1.33
C GLY A 170 -10.41 4.75 0.14
N LEU A 171 -10.05 3.95 -0.82
CA LEU A 171 -10.95 3.74 -1.99
C LEU A 171 -12.24 3.09 -1.51
N VAL A 172 -12.17 2.29 -0.47
CA VAL A 172 -13.40 1.63 0.04
C VAL A 172 -13.56 1.93 1.54
N ASN A 173 -14.76 2.21 1.96
CA ASN A 173 -15.01 2.51 3.40
C ASN A 173 -15.68 1.31 4.06
N ASP A 174 -15.68 1.27 5.36
CA ASP A 174 -16.31 0.13 6.12
C ASP A 174 -15.28 -0.97 6.36
N HIS A 175 -14.44 -0.80 7.33
CA HIS A 175 -13.39 -1.84 7.61
C HIS A 175 -14.08 -3.20 7.72
N VAL A 176 -15.18 -3.26 8.43
CA VAL A 176 -15.91 -4.55 8.59
C VAL A 176 -17.36 -4.27 8.95
N VAL A 177 -17.94 -3.24 8.40
CA VAL A 177 -19.36 -2.91 8.71
C VAL A 177 -19.63 -3.17 10.19
N GLY A 178 -19.49 -2.16 11.01
CA GLY A 178 -19.75 -2.36 12.48
C GLY A 178 -18.54 -1.86 13.27
N CYS A 179 -17.50 -1.45 12.60
CA CYS A 179 -16.30 -0.96 13.31
C CYS A 179 -16.72 0.21 14.22
N CYS A 180 -16.28 0.22 15.45
CA CYS A 180 -16.69 1.32 16.36
C CYS A 180 -16.61 2.66 15.63
N CYS A 181 -15.56 2.88 14.90
CA CYS A 181 -15.42 4.17 14.16
C CYS A 181 -16.44 4.23 13.03
N TYR A 182 -17.05 3.12 12.70
CA TYR A 182 -18.04 3.11 11.59
C TYR A 182 -19.20 4.07 11.92
N PRO A 183 -19.64 4.86 10.97
CA PRO A 183 -20.76 5.82 11.20
C PRO A 183 -22.12 5.11 11.27
N GLY A 184 -22.85 5.32 12.33
CA GLY A 184 -24.18 4.65 12.44
C GLY A 184 -25.27 5.62 11.97
N ASN A 185 -24.88 6.68 11.33
CA ASN A 185 -25.88 7.68 10.85
C ASN A 185 -26.71 8.16 12.04
N LYS A 186 -26.16 8.07 13.21
CA LYS A 186 -26.90 8.52 14.43
C LYS A 186 -26.32 9.86 14.90
N PRO A 187 -27.12 10.69 15.51
CA PRO A 187 -26.66 12.02 16.02
C PRO A 187 -25.27 11.93 16.66
N MET A 1 -18.50 0.67 18.17
CA MET A 1 -19.06 -0.58 18.73
C MET A 1 -17.93 -1.58 19.01
N GLU A 2 -17.64 -2.43 18.07
CA GLU A 2 -16.55 -3.44 18.29
C GLU A 2 -15.28 -2.96 17.59
N ARG A 3 -14.16 -3.12 18.22
CA ARG A 3 -12.88 -2.68 17.61
C ARG A 3 -12.54 -3.54 16.39
N CYS A 4 -11.61 -3.09 15.60
CA CYS A 4 -11.21 -3.87 14.38
C CYS A 4 -10.53 -5.18 14.82
N GLY A 5 -10.73 -6.23 14.07
CA GLY A 5 -10.15 -7.55 14.43
C GLY A 5 -8.63 -7.48 14.64
N TRP A 6 -7.89 -6.93 13.71
CA TRP A 6 -6.42 -6.87 13.92
C TRP A 6 -6.06 -5.62 14.73
N VAL A 7 -7.05 -4.89 15.17
CA VAL A 7 -6.73 -3.68 16.00
C VAL A 7 -6.39 -4.12 17.42
N SER A 8 -7.16 -5.00 17.99
CA SER A 8 -6.86 -5.46 19.37
C SER A 8 -5.64 -6.39 19.33
N GLN A 9 -5.13 -6.63 18.16
CA GLN A 9 -3.95 -7.53 18.01
C GLN A 9 -2.70 -6.88 18.63
N ASP A 10 -2.51 -5.61 18.42
CA ASP A 10 -1.32 -4.92 18.98
C ASP A 10 -1.59 -3.43 19.16
N PRO A 11 -0.82 -2.78 19.99
CA PRO A 11 -0.97 -1.32 20.27
C PRO A 11 -0.58 -0.45 19.06
N LEU A 12 0.45 -0.83 18.35
CA LEU A 12 0.87 -0.03 17.17
C LEU A 12 -0.25 0.00 16.14
N TYR A 13 -1.02 -1.05 16.05
CA TYR A 13 -2.13 -1.09 15.05
C TYR A 13 -3.15 0.00 15.36
N ILE A 14 -3.48 0.19 16.62
CA ILE A 14 -4.48 1.23 16.97
C ILE A 14 -4.03 2.61 16.49
N ALA A 15 -2.75 2.91 16.56
CA ALA A 15 -2.29 4.25 16.09
C ALA A 15 -2.46 4.34 14.58
N TYR A 16 -1.97 3.36 13.85
CA TYR A 16 -2.11 3.39 12.36
C TYR A 16 -3.58 3.40 11.97
N HIS A 17 -4.39 2.68 12.69
CA HIS A 17 -5.83 2.63 12.35
C HIS A 17 -6.45 4.03 12.38
N ASP A 18 -6.11 4.82 13.36
CA ASP A 18 -6.69 6.19 13.44
C ASP A 18 -5.95 7.15 12.51
N ASN A 19 -4.79 6.78 12.04
CA ASN A 19 -4.04 7.70 11.14
C ASN A 19 -4.79 7.90 9.82
N GLU A 20 -5.15 6.85 9.15
CA GLU A 20 -5.87 6.97 7.85
C GLU A 20 -6.09 5.59 7.27
N TRP A 21 -6.74 4.72 7.99
CA TRP A 21 -6.98 3.36 7.46
C TRP A 21 -8.39 3.29 6.88
N GLY A 22 -8.64 4.05 5.85
CA GLY A 22 -9.98 4.00 5.20
C GLY A 22 -10.79 5.27 5.48
N VAL A 23 -10.30 6.41 5.07
CA VAL A 23 -11.10 7.66 5.32
C VAL A 23 -10.69 8.80 4.35
N PRO A 24 -9.43 8.96 4.01
CA PRO A 24 -8.97 10.04 3.11
C PRO A 24 -8.83 9.62 1.64
N GLU A 25 -9.00 10.56 0.73
CA GLU A 25 -8.84 10.27 -0.70
C GLU A 25 -7.37 9.99 -0.94
N THR A 26 -7.03 9.35 -1.99
CA THR A 26 -5.59 9.03 -2.21
C THR A 26 -4.91 10.07 -3.09
N ASP A 27 -3.64 10.24 -2.91
CA ASP A 27 -2.87 11.20 -3.74
C ASP A 27 -2.07 10.39 -4.76
N SER A 28 -1.79 10.95 -5.91
CA SER A 28 -1.03 10.17 -6.92
C SER A 28 0.35 9.83 -6.38
N LYS A 29 0.93 10.73 -5.63
CA LYS A 29 2.28 10.49 -5.07
C LYS A 29 2.24 9.50 -3.92
N LYS A 30 1.36 9.71 -2.97
CA LYS A 30 1.29 8.75 -1.83
C LYS A 30 0.89 7.38 -2.36
N LEU A 31 0.21 7.34 -3.47
CA LEU A 31 -0.18 6.03 -4.04
C LEU A 31 1.09 5.21 -4.26
N PHE A 32 2.14 5.86 -4.69
CA PHE A 32 3.42 5.15 -4.94
C PHE A 32 4.06 4.72 -3.61
N GLU A 33 4.08 5.58 -2.63
CA GLU A 33 4.71 5.20 -1.34
C GLU A 33 3.88 4.12 -0.64
N MET A 34 2.60 4.08 -0.87
CA MET A 34 1.76 3.04 -0.19
C MET A 34 2.04 1.66 -0.79
N ILE A 35 1.97 1.52 -2.09
CA ILE A 35 2.23 0.18 -2.69
C ILE A 35 3.65 -0.27 -2.36
N CYS A 36 4.56 0.65 -2.19
CA CYS A 36 5.96 0.24 -1.86
C CYS A 36 5.97 -0.43 -0.50
N LEU A 37 5.28 0.13 0.46
CA LEU A 37 5.26 -0.50 1.81
C LEU A 37 4.45 -1.79 1.75
N GLU A 38 3.32 -1.76 1.09
CA GLU A 38 2.48 -2.98 1.00
C GLU A 38 3.26 -4.08 0.26
N GLY A 39 4.08 -3.70 -0.69
CA GLY A 39 4.85 -4.72 -1.45
C GLY A 39 5.73 -5.53 -0.50
N GLN A 40 6.26 -4.90 0.52
CA GLN A 40 7.13 -5.64 1.49
C GLN A 40 6.27 -6.49 2.43
N GLN A 41 4.97 -6.39 2.31
CA GLN A 41 4.09 -7.19 3.21
C GLN A 41 4.00 -8.63 2.70
N ALA A 42 4.65 -8.92 1.61
CA ALA A 42 4.59 -10.31 1.07
C ALA A 42 5.27 -11.28 2.03
N GLY A 43 4.56 -12.28 2.48
CA GLY A 43 5.16 -13.28 3.40
C GLY A 43 5.31 -12.70 4.81
N LEU A 44 5.57 -11.42 4.91
CA LEU A 44 5.76 -10.81 6.26
C LEU A 44 4.46 -10.12 6.70
N SER A 45 4.22 -10.07 7.99
CA SER A 45 2.97 -9.43 8.47
C SER A 45 3.01 -7.94 8.16
N TRP A 46 1.87 -7.31 8.10
CA TRP A 46 1.84 -5.85 7.82
C TRP A 46 2.59 -5.13 8.94
N ILE A 47 2.56 -5.66 10.12
CA ILE A 47 3.25 -5.01 11.26
C ILE A 47 4.76 -4.99 11.00
N THR A 48 5.31 -6.06 10.48
CA THR A 48 6.76 -6.08 10.20
C THR A 48 7.09 -4.92 9.27
N VAL A 49 6.23 -4.66 8.33
CA VAL A 49 6.46 -3.54 7.38
C VAL A 49 6.44 -2.24 8.18
N LEU A 50 5.61 -2.14 9.17
CA LEU A 50 5.56 -0.89 9.98
C LEU A 50 6.96 -0.59 10.54
N LYS A 51 7.59 -1.58 11.09
CA LYS A 51 8.97 -1.38 11.64
C LYS A 51 9.89 -0.99 10.49
N LYS A 52 9.65 -1.53 9.33
CA LYS A 52 10.51 -1.21 8.18
C LYS A 52 10.02 0.08 7.53
N ARG A 53 8.86 0.55 7.93
CA ARG A 53 8.34 1.81 7.36
C ARG A 53 9.26 2.94 7.83
N GLU A 54 9.49 3.00 9.12
CA GLU A 54 10.40 4.05 9.66
C GLU A 54 11.83 3.74 9.22
N ASN A 55 12.20 2.49 9.16
CA ASN A 55 13.59 2.15 8.75
C ASN A 55 13.75 2.40 7.25
N TYR A 56 12.73 2.18 6.47
CA TYR A 56 12.85 2.38 5.00
C TYR A 56 13.20 3.85 4.69
N ARG A 57 12.49 4.77 5.30
CA ARG A 57 12.80 6.21 5.02
C ARG A 57 14.19 6.54 5.58
N ALA A 58 14.61 5.86 6.60
CA ALA A 58 15.95 6.15 7.19
C ALA A 58 17.09 5.78 6.23
N CYS A 59 16.95 4.70 5.50
CA CYS A 59 18.07 4.31 4.58
C CYS A 59 18.05 5.17 3.31
N PHE A 60 16.90 5.36 2.72
CA PHE A 60 16.86 6.20 1.48
C PHE A 60 16.76 7.67 1.83
N HIS A 61 15.88 8.04 2.72
CA HIS A 61 15.73 9.47 3.09
C HIS A 61 15.47 10.31 1.83
N GLN A 62 15.48 9.69 0.67
CA GLN A 62 15.21 10.44 -0.59
C GLN A 62 13.71 10.72 -0.68
N PHE A 63 12.95 9.97 0.07
CA PHE A 63 11.46 10.10 0.09
C PHE A 63 10.83 8.99 -0.76
N ASP A 64 11.06 8.96 -2.05
CA ASP A 64 10.44 7.85 -2.86
C ASP A 64 10.47 8.10 -4.39
N PRO A 65 10.17 9.30 -4.82
CA PRO A 65 10.07 9.66 -6.28
C PRO A 65 11.24 9.26 -7.18
N VAL A 66 11.51 10.08 -8.17
CA VAL A 66 12.58 9.79 -9.15
C VAL A 66 13.91 9.59 -8.43
N LYS A 67 14.09 10.24 -7.32
CA LYS A 67 15.37 10.07 -6.59
C LYS A 67 15.59 8.58 -6.36
N VAL A 68 14.55 7.86 -6.03
CA VAL A 68 14.73 6.40 -5.82
C VAL A 68 15.02 5.74 -7.15
N ALA A 69 14.35 6.15 -8.20
CA ALA A 69 14.64 5.54 -9.52
C ALA A 69 16.08 5.87 -9.87
N ALA A 70 16.65 6.84 -9.19
CA ALA A 70 18.06 7.21 -9.46
C ALA A 70 18.97 6.33 -8.62
N MET A 71 18.40 5.54 -7.76
CA MET A 71 19.24 4.63 -6.93
C MET A 71 19.55 3.39 -7.77
N GLN A 72 20.79 3.15 -8.05
CA GLN A 72 21.16 1.97 -8.86
C GLN A 72 21.53 0.80 -7.96
N GLU A 73 21.73 -0.36 -8.51
CA GLU A 73 22.06 -1.55 -7.67
C GLU A 73 23.28 -1.25 -6.80
N GLU A 74 24.19 -0.43 -7.25
CA GLU A 74 25.38 -0.14 -6.40
C GLU A 74 24.87 0.38 -5.06
N ASP A 75 23.92 1.26 -5.09
CA ASP A 75 23.36 1.79 -3.81
C ASP A 75 22.66 0.66 -3.07
N VAL A 76 21.99 -0.20 -3.79
CA VAL A 76 21.27 -1.34 -3.14
C VAL A 76 22.26 -2.15 -2.31
N GLU A 77 23.41 -2.45 -2.85
CA GLU A 77 24.40 -3.24 -2.06
C GLU A 77 24.80 -2.44 -0.82
N ARG A 78 24.93 -1.15 -0.97
CA ARG A 78 25.30 -0.29 0.18
C ARG A 78 24.23 -0.40 1.27
N LEU A 79 22.99 -0.45 0.87
CA LEU A 79 21.88 -0.55 1.86
C LEU A 79 21.99 -1.84 2.65
N VAL A 80 22.45 -2.90 2.04
CA VAL A 80 22.58 -4.17 2.77
C VAL A 80 23.36 -3.91 4.06
N GLN A 81 24.29 -3.00 4.00
CA GLN A 81 25.10 -2.67 5.21
C GLN A 81 24.75 -1.30 5.77
N ASP A 82 23.88 -0.55 5.13
CA ASP A 82 23.55 0.79 5.69
C ASP A 82 22.50 0.63 6.79
N ALA A 83 22.89 0.81 8.02
CA ALA A 83 21.92 0.68 9.14
C ALA A 83 21.55 -0.80 9.32
N GLY A 84 21.84 -1.61 8.34
CA GLY A 84 21.49 -3.06 8.46
C GLY A 84 19.99 -3.24 8.29
N ILE A 85 19.37 -2.44 7.49
CA ILE A 85 17.89 -2.55 7.28
C ILE A 85 17.53 -3.97 6.85
N ILE A 86 16.31 -4.18 6.45
CA ILE A 86 15.89 -5.54 6.01
C ILE A 86 16.79 -5.98 4.86
N ARG A 87 17.90 -6.56 5.18
CA ARG A 87 18.86 -7.00 4.10
C ARG A 87 18.14 -7.91 3.09
N HIS A 88 18.44 -7.71 1.84
CA HIS A 88 17.81 -8.53 0.76
C HIS A 88 17.96 -7.77 -0.55
N ARG A 89 19.13 -7.80 -1.13
CA ARG A 89 19.36 -7.08 -2.41
C ARG A 89 18.26 -7.42 -3.41
N GLY A 90 17.80 -8.64 -3.39
CA GLY A 90 16.73 -9.04 -4.34
C GLY A 90 15.49 -8.18 -4.14
N LYS A 91 14.96 -8.14 -2.95
CA LYS A 91 13.73 -7.32 -2.71
C LYS A 91 14.05 -5.83 -2.87
N ILE A 92 15.18 -5.38 -2.38
CA ILE A 92 15.50 -3.94 -2.50
C ILE A 92 15.63 -3.54 -3.98
N GLN A 93 16.35 -4.29 -4.77
CA GLN A 93 16.48 -3.92 -6.21
C GLN A 93 15.09 -3.80 -6.82
N ALA A 94 14.16 -4.62 -6.38
CA ALA A 94 12.79 -4.54 -6.92
C ALA A 94 12.19 -3.18 -6.59
N ILE A 95 12.47 -2.67 -5.43
CA ILE A 95 11.92 -1.34 -5.04
C ILE A 95 12.39 -0.30 -6.06
N ILE A 96 13.64 -0.34 -6.43
CA ILE A 96 14.14 0.64 -7.43
C ILE A 96 13.35 0.46 -8.72
N GLY A 97 13.10 -0.77 -9.08
CA GLY A 97 12.33 -1.05 -10.31
C GLY A 97 10.95 -0.41 -10.19
N ASN A 98 10.38 -0.42 -9.02
CA ASN A 98 9.03 0.20 -8.85
C ASN A 98 9.09 1.67 -9.23
N ALA A 99 10.14 2.35 -8.86
CA ALA A 99 10.24 3.79 -9.23
C ALA A 99 10.33 3.91 -10.75
N ARG A 100 11.11 3.08 -11.39
CA ARG A 100 11.23 3.15 -12.87
C ARG A 100 9.82 3.11 -13.47
N ALA A 101 8.97 2.27 -12.95
CA ALA A 101 7.58 2.21 -13.48
C ALA A 101 6.89 3.53 -13.18
N TYR A 102 7.29 4.18 -12.12
CA TYR A 102 6.67 5.49 -11.78
C TYR A 102 6.99 6.45 -12.92
N LEU A 103 8.22 6.44 -13.35
CA LEU A 103 8.62 7.30 -14.48
C LEU A 103 7.84 6.87 -15.72
N GLN A 104 7.55 5.61 -15.85
CA GLN A 104 6.78 5.12 -17.03
C GLN A 104 5.36 5.69 -17.02
N MET A 105 4.77 5.80 -15.87
CA MET A 105 3.38 6.34 -15.79
C MET A 105 3.40 7.84 -16.08
N GLU A 106 4.39 8.52 -15.58
CA GLU A 106 4.49 9.97 -15.80
C GLU A 106 4.88 10.26 -17.26
N GLN A 107 5.76 9.47 -17.80
CA GLN A 107 6.17 9.69 -19.21
C GLN A 107 4.96 9.35 -20.07
N ASN A 108 4.04 8.60 -19.52
CA ASN A 108 2.83 8.24 -20.29
C ASN A 108 1.82 9.36 -20.10
N GLY A 109 2.11 10.27 -19.21
CA GLY A 109 1.18 11.41 -18.97
C GLY A 109 -0.10 10.89 -18.33
N GLU A 110 -0.02 9.78 -17.64
CA GLU A 110 -1.24 9.20 -17.00
C GLU A 110 -1.05 9.16 -15.48
N PRO A 111 -1.63 10.08 -14.75
CA PRO A 111 -1.52 10.12 -13.26
C PRO A 111 -1.89 8.78 -12.61
N PHE A 112 -1.21 8.41 -11.57
CA PHE A 112 -1.50 7.11 -10.90
C PHE A 112 -2.91 7.11 -10.30
N ALA A 113 -3.26 8.16 -9.64
CA ALA A 113 -4.59 8.24 -8.99
C ALA A 113 -5.72 8.20 -10.04
N ASP A 114 -5.45 8.63 -11.24
CA ASP A 114 -6.52 8.63 -12.28
C ASP A 114 -6.97 7.22 -12.64
N PHE A 115 -6.05 6.34 -12.93
CA PHE A 115 -6.45 4.95 -13.34
C PHE A 115 -7.04 4.18 -12.16
N VAL A 116 -6.44 4.24 -11.02
CA VAL A 116 -7.00 3.47 -9.87
C VAL A 116 -8.42 3.93 -9.56
N TRP A 117 -8.59 5.20 -9.35
CA TRP A 117 -9.94 5.71 -9.05
C TRP A 117 -10.88 5.30 -10.18
N SER A 118 -10.34 5.03 -11.35
CA SER A 118 -11.22 4.61 -12.48
C SER A 118 -11.79 3.21 -12.20
N PHE A 119 -11.00 2.33 -11.65
CA PHE A 119 -11.50 0.95 -11.37
C PHE A 119 -12.63 1.01 -10.34
N VAL A 120 -12.56 1.92 -9.40
CA VAL A 120 -13.65 2.01 -8.39
C VAL A 120 -14.71 2.98 -8.87
N ASN A 121 -14.72 3.28 -10.14
CA ASN A 121 -15.74 4.23 -10.69
C ASN A 121 -15.60 5.58 -10.00
N HIS A 122 -14.38 6.04 -9.82
CA HIS A 122 -14.18 7.35 -9.14
C HIS A 122 -15.12 7.49 -7.94
N GLN A 123 -15.55 6.39 -7.38
CA GLN A 123 -16.46 6.47 -6.21
C GLN A 123 -16.01 5.45 -5.15
N PRO A 124 -16.31 5.71 -3.90
CA PRO A 124 -15.92 4.80 -2.78
C PRO A 124 -16.54 3.41 -2.92
N GLN A 125 -15.85 2.39 -2.46
CA GLN A 125 -16.41 1.01 -2.55
C GLN A 125 -16.97 0.62 -1.19
N MET A 126 -18.17 0.11 -1.16
CA MET A 126 -18.78 -0.28 0.14
C MET A 126 -18.58 -1.76 0.38
N THR A 127 -17.80 -2.13 1.37
CA THR A 127 -17.60 -3.56 1.66
C THR A 127 -18.62 -3.98 2.73
N GLN A 128 -19.52 -4.87 2.39
CA GLN A 128 -20.56 -5.29 3.37
C GLN A 128 -20.05 -6.46 4.22
N ALA A 129 -18.78 -6.65 4.27
CA ALA A 129 -18.22 -7.76 5.09
C ALA A 129 -18.41 -7.43 6.57
N THR A 130 -18.75 -8.41 7.37
CA THR A 130 -18.93 -8.14 8.83
C THR A 130 -17.76 -8.72 9.60
N THR A 131 -17.15 -9.75 9.09
CA THR A 131 -15.98 -10.37 9.78
C THR A 131 -14.82 -10.50 8.80
N LEU A 132 -13.62 -10.67 9.29
CA LEU A 132 -12.46 -10.81 8.38
C LEU A 132 -12.71 -11.97 7.42
N SER A 133 -13.32 -13.00 7.89
CA SER A 133 -13.61 -14.17 7.01
C SER A 133 -14.52 -13.74 5.86
N GLU A 134 -15.36 -12.77 6.10
CA GLU A 134 -16.29 -12.30 5.03
C GLU A 134 -15.55 -11.37 4.06
N ILE A 135 -14.33 -11.02 4.38
CA ILE A 135 -13.57 -10.12 3.47
C ILE A 135 -13.11 -10.94 2.25
N PRO A 136 -13.32 -10.45 1.05
CA PRO A 136 -12.92 -11.20 -0.18
C PRO A 136 -11.43 -11.07 -0.48
N THR A 137 -10.79 -10.06 0.03
CA THR A 137 -9.33 -9.89 -0.23
C THR A 137 -9.07 -9.93 -1.73
N SER A 138 -10.09 -10.13 -2.53
CA SER A 138 -9.91 -10.18 -4.00
C SER A 138 -11.17 -9.64 -4.69
N THR A 139 -11.27 -8.35 -4.80
CA THR A 139 -12.47 -7.76 -5.47
C THR A 139 -12.13 -7.51 -6.94
N PRO A 140 -13.12 -7.39 -7.78
CA PRO A 140 -12.89 -7.14 -9.22
C PRO A 140 -12.01 -5.91 -9.43
N ALA A 141 -12.20 -4.90 -8.63
CA ALA A 141 -11.34 -3.69 -8.77
C ALA A 141 -9.96 -4.02 -8.22
N SER A 142 -9.91 -4.65 -7.09
CA SER A 142 -8.59 -5.02 -6.49
C SER A 142 -7.87 -5.99 -7.44
N ASP A 143 -8.57 -6.94 -7.97
CA ASP A 143 -7.92 -7.90 -8.90
C ASP A 143 -7.44 -7.14 -10.14
N ALA A 144 -8.26 -6.25 -10.64
CA ALA A 144 -7.84 -5.45 -11.82
C ALA A 144 -6.72 -4.52 -11.41
N LEU A 145 -6.71 -4.12 -10.17
CA LEU A 145 -5.64 -3.20 -9.69
C LEU A 145 -4.28 -3.87 -9.84
N SER A 146 -4.15 -5.09 -9.40
CA SER A 146 -2.84 -5.81 -9.53
C SER A 146 -2.51 -6.04 -11.01
N LYS A 147 -3.49 -6.41 -11.79
CA LYS A 147 -3.24 -6.68 -13.22
C LYS A 147 -2.66 -5.42 -13.88
N ALA A 148 -3.13 -4.27 -13.51
CA ALA A 148 -2.61 -3.03 -14.13
C ALA A 148 -1.19 -2.77 -13.63
N LEU A 149 -1.00 -2.69 -12.34
CA LEU A 149 0.37 -2.46 -11.82
C LEU A 149 1.30 -3.57 -12.25
N LYS A 150 0.80 -4.77 -12.40
CA LYS A 150 1.71 -5.87 -12.82
C LYS A 150 2.30 -5.56 -14.18
N LYS A 151 1.51 -5.11 -15.10
CA LYS A 151 2.05 -4.79 -16.46
C LYS A 151 2.63 -3.37 -16.49
N ARG A 152 2.36 -2.57 -15.49
CA ARG A 152 2.89 -1.19 -15.50
C ARG A 152 4.34 -1.19 -15.00
N GLY A 153 4.88 -2.35 -14.73
CA GLY A 153 6.29 -2.43 -14.25
C GLY A 153 6.34 -2.39 -12.73
N PHE A 154 5.26 -2.73 -12.08
CA PHE A 154 5.28 -2.73 -10.59
C PHE A 154 5.22 -4.17 -10.08
N LYS A 155 6.28 -4.64 -9.51
CA LYS A 155 6.27 -6.04 -8.98
C LYS A 155 5.90 -6.03 -7.50
N PHE A 156 5.89 -7.16 -6.87
CA PHE A 156 5.52 -7.22 -5.42
C PHE A 156 4.15 -6.56 -5.23
N VAL A 157 3.26 -6.82 -6.15
CA VAL A 157 1.89 -6.25 -6.05
C VAL A 157 0.87 -7.39 -6.10
N GLY A 158 1.10 -8.41 -5.32
CA GLY A 158 0.16 -9.58 -5.31
C GLY A 158 -1.29 -9.10 -5.20
N THR A 159 -2.21 -9.96 -5.54
CA THR A 159 -3.65 -9.57 -5.46
C THR A 159 -3.99 -9.16 -4.04
N THR A 160 -3.34 -9.72 -3.06
CA THR A 160 -3.63 -9.34 -1.65
C THR A 160 -3.08 -7.95 -1.40
N ILE A 161 -1.95 -7.66 -1.97
CA ILE A 161 -1.33 -6.34 -1.78
C ILE A 161 -2.23 -5.25 -2.39
N CYS A 162 -2.81 -5.54 -3.53
CA CYS A 162 -3.72 -4.56 -4.18
C CYS A 162 -4.92 -4.28 -3.27
N TYR A 163 -5.55 -5.31 -2.79
CA TYR A 163 -6.74 -5.12 -1.90
C TYR A 163 -6.30 -4.44 -0.60
N SER A 164 -5.18 -4.84 -0.05
CA SER A 164 -4.71 -4.21 1.21
C SER A 164 -4.40 -2.73 0.97
N PHE A 165 -3.75 -2.43 -0.13
CA PHE A 165 -3.41 -1.01 -0.45
C PHE A 165 -4.69 -0.18 -0.54
N MET A 166 -5.73 -0.72 -1.13
CA MET A 166 -7.00 0.05 -1.25
C MET A 166 -7.57 0.42 0.12
N GLN A 167 -7.51 -0.48 1.07
CA GLN A 167 -8.09 -0.18 2.41
C GLN A 167 -7.33 0.97 3.10
N ALA A 168 -6.03 0.95 3.05
CA ALA A 168 -5.25 2.04 3.70
C ALA A 168 -5.33 3.34 2.91
N CYS A 169 -5.46 3.24 1.61
CA CYS A 169 -5.52 4.47 0.77
C CYS A 169 -6.87 5.19 0.94
N GLY A 170 -7.94 4.46 1.03
CA GLY A 170 -9.28 5.13 1.18
C GLY A 170 -10.17 4.78 -0.01
N LEU A 171 -9.68 3.99 -0.92
CA LEU A 171 -10.50 3.62 -2.11
C LEU A 171 -11.72 2.79 -1.66
N VAL A 172 -11.57 2.01 -0.62
CA VAL A 172 -12.72 1.19 -0.12
C VAL A 172 -12.97 1.48 1.36
N ASN A 173 -14.19 1.36 1.77
CA ASN A 173 -14.53 1.64 3.20
C ASN A 173 -15.32 0.47 3.81
N ASP A 174 -15.39 0.43 5.12
CA ASP A 174 -16.13 -0.65 5.84
C ASP A 174 -15.20 -1.83 6.11
N HIS A 175 -14.32 -1.68 7.06
CA HIS A 175 -13.36 -2.78 7.40
C HIS A 175 -14.14 -4.04 7.79
N VAL A 176 -15.14 -3.90 8.60
CA VAL A 176 -15.94 -5.09 9.02
C VAL A 176 -17.33 -4.66 9.48
N VAL A 177 -17.85 -3.58 8.95
CA VAL A 177 -19.21 -3.12 9.37
C VAL A 177 -19.24 -2.93 10.89
N GLY A 178 -19.39 -1.71 11.34
CA GLY A 178 -19.43 -1.48 12.80
C GLY A 178 -18.00 -1.49 13.37
N CYS A 179 -17.05 -1.03 12.60
CA CYS A 179 -15.65 -1.02 13.09
C CYS A 179 -15.48 0.08 14.15
N CYS A 180 -15.66 -0.25 15.40
CA CYS A 180 -15.50 0.74 16.51
C CYS A 180 -16.50 1.90 16.33
N CYS A 181 -16.67 2.38 15.13
CA CYS A 181 -17.62 3.51 14.92
C CYS A 181 -17.77 3.78 13.42
N TYR A 182 -18.15 2.78 12.67
CA TYR A 182 -18.33 2.99 11.21
C TYR A 182 -19.54 3.90 10.96
N PRO A 183 -19.44 4.86 10.08
CA PRO A 183 -20.56 5.79 9.78
C PRO A 183 -21.72 5.12 9.04
N GLY A 184 -22.91 5.41 9.46
CA GLY A 184 -24.10 4.80 8.79
C GLY A 184 -25.23 5.84 8.80
N ASN A 185 -25.25 6.68 9.81
CA ASN A 185 -26.32 7.71 9.89
C ASN A 185 -25.90 8.92 9.05
N LYS A 186 -24.78 8.81 8.37
CA LYS A 186 -24.29 9.94 7.54
C LYS A 186 -24.21 9.47 6.08
N PRO A 187 -25.29 9.56 5.34
CA PRO A 187 -25.32 9.13 3.92
C PRO A 187 -24.12 9.64 3.12
N MET A 1 -19.41 3.28 19.32
CA MET A 1 -19.72 1.92 18.80
C MET A 1 -18.63 0.94 19.25
N GLU A 2 -18.22 0.04 18.40
CA GLU A 2 -17.16 -0.92 18.76
C GLU A 2 -15.90 -0.60 17.95
N ARG A 3 -14.76 -0.69 18.58
CA ARG A 3 -13.48 -0.39 17.87
C ARG A 3 -13.19 -1.48 16.85
N CYS A 4 -12.33 -1.20 15.92
CA CYS A 4 -12.00 -2.22 14.89
C CYS A 4 -11.28 -3.39 15.58
N GLY A 5 -11.67 -4.59 15.27
CA GLY A 5 -11.01 -5.77 15.89
C GLY A 5 -9.54 -5.79 15.50
N TRP A 6 -9.21 -5.29 14.32
CA TRP A 6 -7.79 -5.28 13.89
C TRP A 6 -7.06 -4.17 14.63
N VAL A 7 -7.79 -3.45 15.45
CA VAL A 7 -7.18 -2.33 16.22
C VAL A 7 -6.96 -2.78 17.67
N SER A 8 -7.76 -3.71 18.15
CA SER A 8 -7.60 -4.17 19.55
C SER A 8 -6.33 -5.01 19.72
N GLN A 9 -5.51 -5.10 18.69
CA GLN A 9 -4.25 -5.89 18.82
C GLN A 9 -3.16 -5.00 19.43
N ASP A 10 -1.93 -5.23 19.08
CA ASP A 10 -0.82 -4.42 19.65
C ASP A 10 -1.06 -2.93 19.34
N PRO A 11 -0.46 -2.06 20.10
CA PRO A 11 -0.61 -0.58 19.90
C PRO A 11 -0.11 -0.15 18.52
N LEU A 12 0.18 1.12 18.33
CA LEU A 12 0.65 1.59 16.99
C LEU A 12 -0.48 1.42 15.97
N TYR A 13 -1.19 0.34 16.04
CA TYR A 13 -2.31 0.12 15.08
C TYR A 13 -3.38 1.20 15.30
N ILE A 14 -3.60 1.56 16.54
CA ILE A 14 -4.63 2.59 16.84
C ILE A 14 -4.34 3.88 16.07
N ALA A 15 -3.13 4.35 16.09
CA ALA A 15 -2.81 5.62 15.36
C ALA A 15 -3.00 5.42 13.87
N TYR A 16 -2.43 4.37 13.33
CA TYR A 16 -2.55 4.12 11.87
C TYR A 16 -4.01 3.88 11.51
N HIS A 17 -4.74 3.18 12.33
CA HIS A 17 -6.18 2.92 12.02
C HIS A 17 -7.04 4.16 12.29
N ASP A 18 -6.68 4.96 13.25
CA ASP A 18 -7.50 6.15 13.59
C ASP A 18 -7.32 7.27 12.55
N ASN A 19 -6.38 7.18 11.66
CA ASN A 19 -6.19 8.28 10.69
C ASN A 19 -7.01 8.08 9.40
N GLU A 20 -6.65 7.15 8.57
CA GLU A 20 -7.39 6.96 7.29
C GLU A 20 -7.86 5.51 7.14
N TRP A 21 -6.94 4.61 6.94
CA TRP A 21 -7.33 3.19 6.75
C TRP A 21 -8.39 3.12 5.65
N GLY A 22 -8.18 3.82 4.57
CA GLY A 22 -9.18 3.78 3.45
C GLY A 22 -10.40 4.64 3.78
N VAL A 23 -10.20 5.81 4.34
CA VAL A 23 -11.38 6.66 4.65
C VAL A 23 -11.44 7.85 3.67
N PRO A 24 -10.33 8.47 3.36
CA PRO A 24 -10.24 9.61 2.41
C PRO A 24 -9.81 9.17 1.00
N GLU A 25 -10.18 9.92 0.01
CA GLU A 25 -9.75 9.59 -1.38
C GLU A 25 -8.24 9.81 -1.43
N THR A 26 -7.52 9.00 -2.16
CA THR A 26 -6.05 9.16 -2.18
C THR A 26 -5.53 9.80 -3.46
N ASP A 27 -4.38 10.41 -3.37
CA ASP A 27 -3.74 11.03 -4.55
C ASP A 27 -2.79 10.00 -5.18
N SER A 28 -2.34 10.25 -6.37
CA SER A 28 -1.43 9.28 -7.06
C SER A 28 -0.16 9.05 -6.25
N LYS A 29 0.34 10.08 -5.63
CA LYS A 29 1.62 9.96 -4.86
C LYS A 29 1.48 9.04 -3.64
N LYS A 30 0.41 9.11 -2.92
CA LYS A 30 0.27 8.24 -1.71
C LYS A 30 0.29 6.79 -2.17
N LEU A 31 -0.34 6.49 -3.26
CA LEU A 31 -0.37 5.09 -3.74
C LEU A 31 1.05 4.57 -3.89
N PHE A 32 1.95 5.39 -4.37
CA PHE A 32 3.34 4.91 -4.52
C PHE A 32 3.88 4.52 -3.14
N GLU A 33 3.58 5.29 -2.13
CA GLU A 33 4.08 4.93 -0.76
C GLU A 33 3.33 3.68 -0.28
N MET A 34 2.05 3.65 -0.49
CA MET A 34 1.23 2.47 -0.03
C MET A 34 1.66 1.22 -0.78
N ILE A 35 1.80 1.28 -2.08
CA ILE A 35 2.19 0.06 -2.83
C ILE A 35 3.62 -0.35 -2.44
N CYS A 36 4.45 0.59 -2.06
CA CYS A 36 5.83 0.22 -1.66
C CYS A 36 5.82 -0.54 -0.34
N LEU A 37 5.15 0.00 0.65
CA LEU A 37 5.10 -0.71 1.96
C LEU A 37 4.27 -1.98 1.81
N GLU A 38 3.18 -1.90 1.11
CA GLU A 38 2.32 -3.10 0.93
C GLU A 38 3.11 -4.19 0.18
N GLY A 39 3.95 -3.81 -0.75
CA GLY A 39 4.75 -4.84 -1.50
C GLY A 39 5.53 -5.69 -0.50
N GLN A 40 5.85 -5.14 0.64
CA GLN A 40 6.62 -5.91 1.65
C GLN A 40 5.68 -6.85 2.42
N GLN A 41 4.40 -6.66 2.29
CA GLN A 41 3.43 -7.52 3.02
C GLN A 41 3.33 -8.91 2.40
N ALA A 42 4.22 -9.27 1.51
CA ALA A 42 4.12 -10.63 0.91
C ALA A 42 4.45 -11.67 1.98
N GLY A 43 3.49 -12.47 2.39
CA GLY A 43 3.75 -13.50 3.43
C GLY A 43 4.33 -12.85 4.70
N LEU A 44 4.50 -11.56 4.69
CA LEU A 44 5.06 -10.86 5.88
C LEU A 44 3.95 -10.09 6.61
N SER A 45 4.01 -10.02 7.92
CA SER A 45 2.95 -9.27 8.67
C SER A 45 3.01 -7.80 8.30
N TRP A 46 1.91 -7.10 8.48
CA TRP A 46 1.89 -5.65 8.15
C TRP A 46 2.72 -4.84 9.14
N ILE A 47 2.59 -5.13 10.40
CA ILE A 47 3.37 -4.36 11.41
C ILE A 47 4.86 -4.50 11.11
N THR A 48 5.26 -5.59 10.50
CA THR A 48 6.68 -5.79 10.15
C THR A 48 7.14 -4.73 9.14
N VAL A 49 6.31 -4.41 8.19
CA VAL A 49 6.72 -3.38 7.19
C VAL A 49 6.77 -2.01 7.87
N LEU A 50 5.97 -1.80 8.89
CA LEU A 50 6.00 -0.48 9.58
C LEU A 50 7.40 -0.28 10.17
N LYS A 51 7.93 -1.26 10.84
CA LYS A 51 9.30 -1.10 11.39
C LYS A 51 10.21 -0.76 10.22
N LYS A 52 10.07 -1.49 9.15
CA LYS A 52 10.89 -1.24 7.93
C LYS A 52 10.64 0.18 7.44
N ARG A 53 9.44 0.66 7.64
CA ARG A 53 9.11 2.04 7.16
C ARG A 53 10.09 3.04 7.76
N GLU A 54 10.37 2.93 9.03
CA GLU A 54 11.33 3.88 9.64
C GLU A 54 12.73 3.61 9.08
N ASN A 55 13.11 2.37 9.04
CA ASN A 55 14.46 2.02 8.51
C ASN A 55 14.52 2.39 7.02
N TYR A 56 13.43 2.25 6.34
CA TYR A 56 13.43 2.59 4.89
C TYR A 56 13.87 4.04 4.74
N ARG A 57 13.40 4.91 5.58
CA ARG A 57 13.83 6.34 5.49
C ARG A 57 15.33 6.45 5.76
N ALA A 58 15.84 5.67 6.67
CA ALA A 58 17.30 5.74 6.99
C ALA A 58 18.13 5.25 5.80
N CYS A 59 17.70 4.20 5.17
CA CYS A 59 18.46 3.62 4.03
C CYS A 59 18.30 4.48 2.76
N PHE A 60 17.11 4.90 2.45
CA PHE A 60 16.91 5.74 1.24
C PHE A 60 17.05 7.22 1.59
N HIS A 61 16.42 7.63 2.66
CA HIS A 61 16.49 9.05 3.07
C HIS A 61 15.89 9.95 1.99
N GLN A 62 16.27 9.74 0.75
CA GLN A 62 15.73 10.58 -0.37
C GLN A 62 14.34 10.07 -0.79
N PHE A 63 14.17 8.78 -0.78
CA PHE A 63 12.85 8.17 -1.18
C PHE A 63 12.18 8.96 -2.31
N ASP A 64 12.92 9.73 -3.07
CA ASP A 64 12.25 10.49 -4.17
C ASP A 64 12.28 9.64 -5.46
N PRO A 65 11.17 9.51 -6.14
CA PRO A 65 11.07 8.70 -7.39
C PRO A 65 12.31 8.78 -8.30
N VAL A 66 12.74 9.96 -8.66
CA VAL A 66 13.90 10.08 -9.58
C VAL A 66 15.18 9.54 -8.94
N LYS A 67 15.43 9.88 -7.71
CA LYS A 67 16.67 9.38 -7.05
C LYS A 67 16.61 7.86 -6.93
N VAL A 68 15.47 7.34 -6.60
CA VAL A 68 15.33 5.87 -6.44
C VAL A 68 15.60 5.18 -7.77
N ALA A 69 15.08 5.72 -8.84
CA ALA A 69 15.35 5.11 -10.15
C ALA A 69 16.83 5.25 -10.44
N ALA A 70 17.49 6.08 -9.66
CA ALA A 70 18.93 6.29 -9.88
C ALA A 70 19.73 5.33 -9.00
N MET A 71 19.09 4.73 -8.04
CA MET A 71 19.83 3.76 -7.17
C MET A 71 19.85 2.42 -7.90
N GLN A 72 21.00 1.97 -8.31
CA GLN A 72 21.05 0.67 -9.06
C GLN A 72 21.40 -0.49 -8.13
N GLU A 73 21.54 -1.67 -8.67
CA GLU A 73 21.85 -2.85 -7.83
C GLU A 73 23.14 -2.59 -7.05
N GLU A 74 24.08 -1.92 -7.64
CA GLU A 74 25.32 -1.62 -6.88
C GLU A 74 24.94 -0.84 -5.63
N ASP A 75 24.14 0.18 -5.78
CA ASP A 75 23.71 0.97 -4.60
C ASP A 75 22.98 0.04 -3.64
N VAL A 76 22.24 -0.89 -4.16
CA VAL A 76 21.51 -1.83 -3.27
C VAL A 76 22.53 -2.58 -2.40
N GLU A 77 23.65 -2.92 -2.97
CA GLU A 77 24.69 -3.63 -2.16
C GLU A 77 25.05 -2.76 -0.99
N ARG A 78 25.16 -1.49 -1.22
CA ARG A 78 25.49 -0.55 -0.12
C ARG A 78 24.36 -0.53 0.91
N LEU A 79 23.14 -0.70 0.46
CA LEU A 79 22.00 -0.67 1.40
C LEU A 79 22.01 -1.90 2.31
N VAL A 80 22.44 -3.01 1.79
CA VAL A 80 22.49 -4.23 2.62
C VAL A 80 23.34 -3.91 3.87
N GLN A 81 24.11 -2.85 3.80
CA GLN A 81 24.97 -2.49 4.98
C GLN A 81 24.44 -1.22 5.63
N ASP A 82 23.61 -0.47 4.96
CA ASP A 82 23.11 0.78 5.59
C ASP A 82 21.96 0.48 6.56
N ALA A 83 22.21 0.63 7.84
CA ALA A 83 21.17 0.38 8.87
C ALA A 83 20.90 -1.12 8.96
N GLY A 84 21.34 -1.85 7.97
CA GLY A 84 21.11 -3.32 8.01
C GLY A 84 19.62 -3.60 7.87
N ILE A 85 18.96 -2.90 6.99
CA ILE A 85 17.49 -3.09 6.79
C ILE A 85 17.21 -4.59 6.54
N ILE A 86 16.02 -4.90 6.08
CA ILE A 86 15.72 -6.33 5.80
C ILE A 86 16.71 -6.82 4.76
N ARG A 87 17.72 -7.48 5.22
CA ARG A 87 18.75 -8.00 4.29
C ARG A 87 18.08 -8.81 3.17
N HIS A 88 18.20 -8.37 1.96
CA HIS A 88 17.58 -9.12 0.84
C HIS A 88 17.62 -8.23 -0.41
N ARG A 89 18.79 -8.04 -0.93
CA ARG A 89 18.96 -7.19 -2.13
C ARG A 89 17.88 -7.53 -3.14
N GLY A 90 17.59 -8.78 -3.33
CA GLY A 90 16.56 -9.16 -4.32
C GLY A 90 15.31 -8.31 -4.09
N LYS A 91 14.81 -8.26 -2.88
CA LYS A 91 13.61 -7.43 -2.59
C LYS A 91 13.92 -5.95 -2.81
N ILE A 92 15.04 -5.52 -2.30
CA ILE A 92 15.40 -4.09 -2.43
C ILE A 92 15.53 -3.71 -3.92
N GLN A 93 16.17 -4.53 -4.72
CA GLN A 93 16.29 -4.20 -6.17
C GLN A 93 14.90 -3.99 -6.79
N ALA A 94 13.94 -4.77 -6.39
CA ALA A 94 12.58 -4.62 -6.97
C ALA A 94 12.04 -3.24 -6.61
N ILE A 95 12.35 -2.77 -5.44
CA ILE A 95 11.87 -1.42 -5.05
C ILE A 95 12.39 -0.40 -6.06
N ILE A 96 13.60 -0.58 -6.49
CA ILE A 96 14.20 0.37 -7.47
C ILE A 96 13.37 0.42 -8.74
N GLY A 97 13.00 -0.71 -9.24
CA GLY A 97 12.20 -0.74 -10.49
C GLY A 97 10.83 -0.12 -10.23
N ASN A 98 10.35 -0.21 -9.02
CA ASN A 98 9.01 0.38 -8.72
C ASN A 98 9.05 1.90 -8.91
N ALA A 99 10.11 2.55 -8.52
CA ALA A 99 10.18 4.02 -8.71
C ALA A 99 10.26 4.32 -10.19
N ARG A 100 11.16 3.67 -10.88
CA ARG A 100 11.30 3.92 -12.33
C ARG A 100 9.95 3.66 -13.01
N ALA A 101 9.23 2.68 -12.55
CA ALA A 101 7.90 2.40 -13.14
C ALA A 101 6.96 3.58 -12.83
N TYR A 102 7.17 4.25 -11.75
CA TYR A 102 6.31 5.42 -11.42
C TYR A 102 6.56 6.47 -12.50
N LEU A 103 7.80 6.65 -12.85
CA LEU A 103 8.15 7.60 -13.92
C LEU A 103 7.51 7.12 -15.22
N GLN A 104 7.40 5.83 -15.39
CA GLN A 104 6.78 5.30 -16.64
C GLN A 104 5.32 5.75 -16.71
N MET A 105 4.65 5.81 -15.60
CA MET A 105 3.24 6.26 -15.59
C MET A 105 3.20 7.69 -16.11
N GLU A 106 4.05 8.52 -15.60
CA GLU A 106 4.09 9.92 -16.02
C GLU A 106 4.31 9.97 -17.52
N GLN A 107 5.09 9.07 -18.03
CA GLN A 107 5.31 9.06 -19.49
C GLN A 107 3.94 8.80 -20.10
N ASN A 108 3.06 8.21 -19.34
CA ASN A 108 1.68 7.96 -19.85
C ASN A 108 0.83 9.17 -19.45
N GLY A 109 1.30 9.92 -18.50
CA GLY A 109 0.56 11.12 -18.06
C GLY A 109 -0.74 10.67 -17.38
N GLU A 110 -0.73 9.50 -16.80
CA GLU A 110 -1.95 8.98 -16.13
C GLU A 110 -1.69 8.85 -14.63
N PRO A 111 -2.28 9.70 -13.82
CA PRO A 111 -2.08 9.65 -12.34
C PRO A 111 -2.36 8.24 -11.78
N PHE A 112 -1.56 7.81 -10.83
CA PHE A 112 -1.76 6.45 -10.24
C PHE A 112 -3.19 6.33 -9.72
N ALA A 113 -3.71 7.38 -9.15
CA ALA A 113 -5.09 7.34 -8.61
C ALA A 113 -6.12 7.28 -9.74
N ASP A 114 -5.80 7.82 -10.88
CA ASP A 114 -6.79 7.80 -12.00
C ASP A 114 -7.11 6.36 -12.44
N PHE A 115 -6.13 5.52 -12.58
CA PHE A 115 -6.42 4.13 -13.04
C PHE A 115 -6.98 3.26 -11.91
N VAL A 116 -6.48 3.36 -10.70
CA VAL A 116 -7.08 2.51 -9.63
C VAL A 116 -8.55 2.92 -9.44
N TRP A 117 -8.80 4.18 -9.31
CA TRP A 117 -10.20 4.64 -9.15
C TRP A 117 -10.98 4.23 -10.40
N SER A 118 -10.30 4.04 -11.51
CA SER A 118 -11.01 3.64 -12.75
C SER A 118 -11.54 2.21 -12.63
N PHE A 119 -10.73 1.31 -12.13
CA PHE A 119 -11.18 -0.10 -11.99
C PHE A 119 -12.38 -0.18 -11.06
N VAL A 120 -12.46 0.72 -10.11
CA VAL A 120 -13.62 0.69 -9.18
C VAL A 120 -14.68 1.68 -9.68
N ASN A 121 -14.57 2.06 -10.93
CA ASN A 121 -15.55 3.01 -11.53
C ASN A 121 -15.58 4.31 -10.72
N HIS A 122 -14.44 4.80 -10.32
CA HIS A 122 -14.41 6.06 -9.52
C HIS A 122 -15.61 6.08 -8.54
N GLN A 123 -16.11 4.91 -8.19
CA GLN A 123 -17.28 4.84 -7.24
C GLN A 123 -16.91 3.99 -6.02
N PRO A 124 -16.80 4.57 -4.84
CA PRO A 124 -16.46 3.80 -3.61
C PRO A 124 -17.38 2.60 -3.43
N GLN A 125 -16.90 1.54 -2.82
CA GLN A 125 -17.76 0.34 -2.63
C GLN A 125 -18.05 0.12 -1.15
N MET A 126 -19.24 -0.29 -0.83
CA MET A 126 -19.59 -0.54 0.60
C MET A 126 -19.29 -1.99 0.96
N THR A 127 -18.59 -2.21 2.04
CA THR A 127 -18.27 -3.59 2.45
C THR A 127 -19.32 -4.12 3.44
N GLN A 128 -19.50 -3.46 4.55
CA GLN A 128 -20.51 -3.90 5.56
C GLN A 128 -20.18 -5.32 6.03
N ALA A 129 -18.93 -5.58 6.30
CA ALA A 129 -18.54 -6.94 6.77
C ALA A 129 -18.87 -7.09 8.25
N THR A 130 -19.04 -8.30 8.70
CA THR A 130 -19.34 -8.52 10.14
C THR A 130 -18.02 -8.76 10.87
N THR A 131 -16.99 -8.97 10.12
CA THR A 131 -15.66 -9.21 10.71
C THR A 131 -14.62 -9.15 9.58
N LEU A 132 -13.38 -9.34 9.89
CA LEU A 132 -12.34 -9.29 8.83
C LEU A 132 -12.54 -10.44 7.84
N SER A 133 -12.95 -11.58 8.33
CA SER A 133 -13.15 -12.75 7.44
C SER A 133 -14.27 -12.49 6.42
N GLU A 134 -15.19 -11.62 6.72
CA GLU A 134 -16.29 -11.33 5.75
C GLU A 134 -15.80 -10.35 4.70
N ILE A 135 -14.54 -10.01 4.75
CA ILE A 135 -13.99 -9.04 3.77
C ILE A 135 -13.26 -9.83 2.65
N PRO A 136 -13.46 -9.47 1.40
CA PRO A 136 -12.80 -10.16 0.26
C PRO A 136 -11.31 -9.83 0.13
N THR A 137 -10.51 -10.81 -0.19
CA THR A 137 -9.06 -10.56 -0.34
C THR A 137 -8.71 -10.57 -1.83
N SER A 138 -9.68 -10.82 -2.66
CA SER A 138 -9.42 -10.84 -4.13
C SER A 138 -10.64 -10.30 -4.88
N THR A 139 -10.68 -9.03 -5.16
CA THR A 139 -11.85 -8.48 -5.90
C THR A 139 -11.44 -8.17 -7.35
N PRO A 140 -12.37 -8.17 -8.26
CA PRO A 140 -12.06 -7.88 -9.68
C PRO A 140 -11.31 -6.56 -9.83
N ALA A 141 -11.64 -5.60 -9.00
CA ALA A 141 -10.95 -4.30 -9.07
C ALA A 141 -9.52 -4.46 -8.56
N SER A 142 -9.35 -5.09 -7.42
CA SER A 142 -7.98 -5.30 -6.87
C SER A 142 -7.18 -6.20 -7.82
N ASP A 143 -7.82 -7.22 -8.32
CA ASP A 143 -7.11 -8.15 -9.25
C ASP A 143 -6.59 -7.37 -10.45
N ALA A 144 -7.35 -6.43 -10.93
CA ALA A 144 -6.90 -5.64 -12.09
C ALA A 144 -5.68 -4.80 -11.69
N LEU A 145 -5.60 -4.39 -10.46
CA LEU A 145 -4.42 -3.59 -10.03
C LEU A 145 -3.14 -4.41 -10.24
N SER A 146 -3.15 -5.65 -9.83
CA SER A 146 -1.94 -6.49 -10.01
C SER A 146 -1.60 -6.60 -11.50
N LYS A 147 -2.59 -6.82 -12.32
CA LYS A 147 -2.34 -6.94 -13.77
C LYS A 147 -1.81 -5.62 -14.34
N ALA A 148 -2.44 -4.53 -14.00
CA ALA A 148 -1.97 -3.22 -14.51
C ALA A 148 -0.62 -2.87 -13.90
N LEU A 149 -0.46 -3.07 -12.62
CA LEU A 149 0.84 -2.76 -11.98
C LEU A 149 1.93 -3.69 -12.51
N LYS A 150 1.61 -4.93 -12.76
CA LYS A 150 2.65 -5.86 -13.26
C LYS A 150 3.21 -5.35 -14.59
N LYS A 151 2.37 -4.84 -15.45
CA LYS A 151 2.86 -4.35 -16.77
C LYS A 151 3.70 -3.08 -16.61
N ARG A 152 3.35 -2.23 -15.69
CA ARG A 152 4.12 -0.97 -15.50
C ARG A 152 5.47 -1.26 -14.86
N GLY A 153 5.78 -2.51 -14.65
CA GLY A 153 7.09 -2.87 -14.04
C GLY A 153 6.98 -2.86 -12.51
N PHE A 154 5.79 -2.96 -11.99
CA PHE A 154 5.67 -2.97 -10.50
C PHE A 154 5.58 -4.40 -9.99
N LYS A 155 6.62 -4.85 -9.33
CA LYS A 155 6.65 -6.24 -8.78
C LYS A 155 6.10 -6.27 -7.35
N PHE A 156 6.03 -7.43 -6.75
CA PHE A 156 5.49 -7.53 -5.36
C PHE A 156 4.07 -6.98 -5.33
N VAL A 157 3.29 -7.42 -6.28
CA VAL A 157 1.88 -6.99 -6.37
C VAL A 157 0.96 -8.21 -6.35
N GLY A 158 1.22 -9.15 -5.46
CA GLY A 158 0.37 -10.36 -5.41
C GLY A 158 -1.09 -9.96 -5.38
N THR A 159 -1.98 -10.87 -5.70
CA THR A 159 -3.42 -10.55 -5.69
C THR A 159 -3.84 -10.13 -4.29
N THR A 160 -3.23 -10.69 -3.29
CA THR A 160 -3.57 -10.32 -1.89
C THR A 160 -3.03 -8.92 -1.63
N ILE A 161 -1.89 -8.63 -2.18
CA ILE A 161 -1.27 -7.30 -1.98
C ILE A 161 -2.13 -6.21 -2.61
N CYS A 162 -2.73 -6.50 -3.74
CA CYS A 162 -3.59 -5.48 -4.39
C CYS A 162 -4.84 -5.26 -3.55
N TYR A 163 -5.38 -6.31 -2.99
CA TYR A 163 -6.61 -6.18 -2.17
C TYR A 163 -6.32 -5.32 -0.94
N SER A 164 -5.21 -5.55 -0.29
CA SER A 164 -4.90 -4.73 0.92
C SER A 164 -4.79 -3.25 0.54
N PHE A 165 -4.28 -2.96 -0.63
CA PHE A 165 -4.16 -1.53 -1.05
C PHE A 165 -5.55 -0.89 -1.14
N MET A 166 -6.52 -1.60 -1.65
CA MET A 166 -7.88 -1.02 -1.77
C MET A 166 -8.50 -0.80 -0.38
N GLN A 167 -8.27 -1.69 0.56
CA GLN A 167 -8.88 -1.52 1.92
C GLN A 167 -8.37 -0.25 2.60
N ALA A 168 -7.12 0.03 2.47
CA ALA A 168 -6.54 1.22 3.15
C ALA A 168 -6.48 2.44 2.22
N CYS A 169 -6.61 2.26 0.94
CA CYS A 169 -6.51 3.43 0.03
C CYS A 169 -7.79 4.27 0.12
N GLY A 170 -8.94 3.65 0.07
CA GLY A 170 -10.21 4.43 0.14
C GLY A 170 -11.19 3.92 -0.92
N LEU A 171 -10.80 2.97 -1.72
CA LEU A 171 -11.72 2.45 -2.79
C LEU A 171 -12.98 1.85 -2.16
N VAL A 172 -12.88 1.28 -0.99
CA VAL A 172 -14.10 0.69 -0.34
C VAL A 172 -14.24 1.27 1.07
N ASN A 173 -15.44 1.30 1.60
CA ASN A 173 -15.63 1.85 2.98
C ASN A 173 -16.31 0.80 3.86
N ASP A 174 -16.22 0.98 5.17
CA ASP A 174 -16.85 0.03 6.15
C ASP A 174 -15.82 -1.04 6.55
N HIS A 175 -14.90 -0.71 7.40
CA HIS A 175 -13.88 -1.72 7.84
C HIS A 175 -14.62 -2.98 8.30
N VAL A 176 -15.71 -2.80 8.99
CA VAL A 176 -16.49 -3.97 9.50
C VAL A 176 -17.99 -3.63 9.46
N VAL A 177 -18.58 -3.36 10.59
CA VAL A 177 -20.03 -3.01 10.61
C VAL A 177 -20.24 -1.85 11.59
N GLY A 178 -19.57 -1.89 12.72
CA GLY A 178 -19.69 -0.80 13.72
C GLY A 178 -18.30 -0.24 14.06
N CYS A 179 -17.64 0.39 13.12
CA CYS A 179 -16.28 0.94 13.41
C CYS A 179 -16.36 2.45 13.69
N CYS A 180 -15.95 2.86 14.86
CA CYS A 180 -16.01 4.31 15.20
C CYS A 180 -15.34 5.13 14.09
N CYS A 181 -14.27 4.65 13.52
CA CYS A 181 -13.60 5.42 12.43
C CYS A 181 -14.60 5.73 11.32
N TYR A 182 -15.48 4.81 11.04
CA TYR A 182 -16.48 5.03 9.96
C TYR A 182 -17.90 4.96 10.55
N PRO A 183 -18.37 6.06 11.09
CA PRO A 183 -19.73 6.13 11.71
C PRO A 183 -20.82 5.77 10.70
N GLY A 184 -21.63 4.80 10.99
CA GLY A 184 -22.71 4.43 10.04
C GLY A 184 -23.75 5.55 10.03
N ASN A 185 -23.74 6.38 11.04
CA ASN A 185 -24.74 7.49 11.10
C ASN A 185 -24.08 8.80 10.67
N LYS A 186 -22.78 8.88 10.69
CA LYS A 186 -22.13 10.14 10.26
C LYS A 186 -22.81 11.31 10.95
N PRO A 187 -22.63 11.44 12.24
CA PRO A 187 -23.22 12.54 13.04
C PRO A 187 -22.75 13.92 12.58
N MET A 1 -21.76 -1.77 18.26
CA MET A 1 -21.16 -3.13 18.11
C MET A 1 -19.70 -3.08 18.57
N GLU A 2 -19.04 -4.20 18.63
CA GLU A 2 -17.61 -4.20 19.08
C GLU A 2 -16.71 -3.56 18.03
N ARG A 3 -15.64 -2.96 18.47
CA ARG A 3 -14.68 -2.30 17.55
C ARG A 3 -14.09 -3.29 16.55
N CYS A 4 -13.11 -2.85 15.80
CA CYS A 4 -12.46 -3.74 14.79
C CYS A 4 -11.63 -4.82 15.48
N GLY A 5 -11.80 -6.05 15.09
CA GLY A 5 -11.01 -7.14 15.71
C GLY A 5 -9.51 -6.88 15.45
N TRP A 6 -9.21 -6.05 14.48
CA TRP A 6 -7.77 -5.78 14.16
C TRP A 6 -7.27 -4.60 15.01
N VAL A 7 -8.14 -3.98 15.78
CA VAL A 7 -7.69 -2.83 16.62
C VAL A 7 -7.73 -3.22 18.09
N SER A 8 -8.32 -4.34 18.41
CA SER A 8 -8.38 -4.77 19.83
C SER A 8 -6.97 -5.17 20.29
N GLN A 9 -5.99 -4.96 19.45
CA GLN A 9 -4.60 -5.34 19.83
C GLN A 9 -4.16 -4.51 21.03
N ASP A 10 -3.59 -3.35 20.81
CA ASP A 10 -3.14 -2.52 21.97
C ASP A 10 -2.19 -1.39 21.52
N PRO A 11 -1.32 -1.65 20.58
CA PRO A 11 -0.34 -0.64 20.11
C PRO A 11 -0.79 0.24 18.93
N LEU A 12 0.17 0.76 18.20
CA LEU A 12 -0.10 1.68 17.04
C LEU A 12 -1.42 1.33 16.33
N TYR A 13 -1.79 0.09 16.29
CA TYR A 13 -3.04 -0.28 15.59
C TYR A 13 -4.15 0.70 15.97
N ILE A 14 -4.24 1.07 17.21
CA ILE A 14 -5.30 2.01 17.64
C ILE A 14 -5.15 3.36 16.91
N ALA A 15 -3.95 3.88 16.86
CA ALA A 15 -3.76 5.20 16.17
C ALA A 15 -3.92 5.03 14.66
N TYR A 16 -3.25 4.08 14.09
CA TYR A 16 -3.35 3.88 12.61
C TYR A 16 -4.80 3.51 12.24
N HIS A 17 -5.44 2.68 13.00
CA HIS A 17 -6.84 2.29 12.68
C HIS A 17 -7.75 3.53 12.74
N ASP A 18 -7.50 4.40 13.70
CA ASP A 18 -8.36 5.59 13.87
C ASP A 18 -7.86 6.81 13.06
N ASN A 19 -6.76 6.69 12.35
CA ASN A 19 -6.26 7.87 11.60
C ASN A 19 -6.62 7.77 10.11
N GLU A 20 -6.64 6.60 9.55
CA GLU A 20 -6.99 6.50 8.10
C GLU A 20 -7.60 5.13 7.80
N TRP A 21 -6.79 4.10 7.76
CA TRP A 21 -7.30 2.74 7.43
C TRP A 21 -8.33 2.86 6.31
N GLY A 22 -8.02 3.61 5.31
CA GLY A 22 -8.95 3.77 4.17
C GLY A 22 -10.15 4.67 4.53
N VAL A 23 -9.89 5.81 5.10
CA VAL A 23 -11.02 6.73 5.44
C VAL A 23 -10.99 7.94 4.49
N PRO A 24 -9.83 8.40 4.10
CA PRO A 24 -9.67 9.54 3.16
C PRO A 24 -9.55 9.08 1.71
N GLU A 25 -9.91 9.91 0.78
CA GLU A 25 -9.79 9.52 -0.65
C GLU A 25 -8.30 9.33 -0.91
N THR A 26 -7.96 8.50 -1.82
CA THR A 26 -6.51 8.25 -2.04
C THR A 26 -5.93 9.20 -3.09
N ASP A 27 -4.73 9.62 -2.87
CA ASP A 27 -4.05 10.51 -3.85
C ASP A 27 -3.06 9.65 -4.63
N SER A 28 -2.65 10.07 -5.80
CA SER A 28 -1.69 9.24 -6.57
C SER A 28 -0.45 8.98 -5.72
N LYS A 29 -0.09 9.94 -4.91
CA LYS A 29 1.11 9.80 -4.05
C LYS A 29 0.89 8.72 -2.98
N LYS A 30 -0.28 8.63 -2.42
CA LYS A 30 -0.53 7.61 -1.36
C LYS A 30 -0.34 6.21 -1.92
N LEU A 31 -0.87 5.97 -3.08
CA LEU A 31 -0.77 4.61 -3.69
C LEU A 31 0.70 4.26 -3.94
N PHE A 32 1.49 5.21 -4.34
CA PHE A 32 2.92 4.92 -4.61
C PHE A 32 3.62 4.44 -3.34
N GLU A 33 3.52 5.19 -2.28
CA GLU A 33 4.19 4.76 -1.03
C GLU A 33 3.48 3.54 -0.47
N MET A 34 2.18 3.54 -0.55
CA MET A 34 1.41 2.38 -0.01
C MET A 34 1.74 1.10 -0.76
N ILE A 35 1.71 1.12 -2.06
CA ILE A 35 2.02 -0.12 -2.82
C ILE A 35 3.45 -0.55 -2.51
N CYS A 36 4.30 0.38 -2.18
CA CYS A 36 5.71 0.01 -1.86
C CYS A 36 5.77 -0.73 -0.52
N LEU A 37 5.24 -0.14 0.52
CA LEU A 37 5.27 -0.85 1.84
C LEU A 37 4.31 -2.03 1.79
N GLU A 38 3.17 -1.83 1.18
CA GLU A 38 2.18 -2.95 1.09
C GLU A 38 2.83 -4.12 0.37
N GLY A 39 3.71 -3.86 -0.55
CA GLY A 39 4.36 -4.99 -1.28
C GLY A 39 5.16 -5.86 -0.31
N GLN A 40 5.71 -5.28 0.73
CA GLN A 40 6.50 -6.07 1.71
C GLN A 40 5.57 -7.00 2.51
N GLN A 41 4.35 -6.60 2.71
CA GLN A 41 3.40 -7.44 3.48
C GLN A 41 3.38 -8.87 2.92
N ALA A 42 4.10 -9.14 1.86
CA ALA A 42 4.10 -10.51 1.30
C ALA A 42 4.71 -11.48 2.34
N GLY A 43 3.91 -12.36 2.88
CA GLY A 43 4.43 -13.34 3.88
C GLY A 43 4.84 -12.60 5.17
N LEU A 44 4.95 -11.30 5.12
CA LEU A 44 5.35 -10.55 6.35
C LEU A 44 4.13 -9.90 7.00
N SER A 45 4.23 -9.56 8.26
CA SER A 45 3.08 -8.92 8.95
C SER A 45 3.14 -7.41 8.69
N TRP A 46 2.00 -6.78 8.61
CA TRP A 46 1.97 -5.32 8.35
C TRP A 46 2.68 -4.56 9.47
N ILE A 47 2.50 -4.97 10.69
CA ILE A 47 3.18 -4.24 11.80
C ILE A 47 4.69 -4.43 11.67
N THR A 48 5.13 -5.61 11.30
CA THR A 48 6.58 -5.81 11.11
C THR A 48 7.06 -4.87 10.01
N VAL A 49 6.27 -4.73 8.97
CA VAL A 49 6.65 -3.82 7.87
C VAL A 49 6.62 -2.37 8.38
N LEU A 50 5.71 -2.07 9.26
CA LEU A 50 5.62 -0.68 9.80
C LEU A 50 6.94 -0.28 10.48
N LYS A 51 7.43 -1.08 11.38
CA LYS A 51 8.70 -0.74 12.04
C LYS A 51 9.78 -0.60 10.96
N LYS A 52 9.77 -1.49 10.02
CA LYS A 52 10.76 -1.40 8.92
C LYS A 52 10.47 -0.13 8.11
N ARG A 53 9.24 0.34 8.13
CA ARG A 53 8.91 1.57 7.37
C ARG A 53 9.84 2.69 7.83
N GLU A 54 10.04 2.80 9.11
CA GLU A 54 10.97 3.85 9.62
C GLU A 54 12.40 3.52 9.19
N ASN A 55 12.76 2.27 9.25
CA ASN A 55 14.14 1.88 8.84
C ASN A 55 14.29 2.04 7.32
N TYR A 56 13.27 1.72 6.59
CA TYR A 56 13.34 1.83 5.10
C TYR A 56 13.59 3.27 4.68
N ARG A 57 12.86 4.21 5.21
CA ARG A 57 13.09 5.62 4.81
C ARG A 57 14.49 6.04 5.26
N ALA A 58 15.01 5.41 6.28
CA ALA A 58 16.36 5.79 6.77
C ALA A 58 17.44 5.41 5.74
N CYS A 59 17.32 4.27 5.13
CA CYS A 59 18.37 3.86 4.13
C CYS A 59 18.26 4.73 2.87
N PHE A 60 17.08 4.91 2.35
CA PHE A 60 16.93 5.75 1.13
C PHE A 60 16.83 7.23 1.50
N HIS A 61 15.98 7.54 2.44
CA HIS A 61 15.82 8.95 2.88
C HIS A 61 15.65 9.89 1.68
N GLN A 62 15.62 9.38 0.47
CA GLN A 62 15.44 10.29 -0.71
C GLN A 62 13.97 10.68 -0.85
N PHE A 63 13.07 9.81 -0.45
CA PHE A 63 11.61 10.12 -0.58
C PHE A 63 11.36 10.76 -1.95
N ASP A 64 12.27 10.61 -2.86
CA ASP A 64 12.10 11.20 -4.23
C ASP A 64 12.25 10.09 -5.27
N PRO A 65 11.16 9.59 -5.80
CA PRO A 65 11.22 8.49 -6.83
C PRO A 65 12.18 8.79 -7.97
N VAL A 66 12.34 10.03 -8.35
CA VAL A 66 13.26 10.35 -9.47
C VAL A 66 14.69 9.95 -9.10
N LYS A 67 15.14 10.29 -7.92
CA LYS A 67 16.52 9.90 -7.51
C LYS A 67 16.60 8.38 -7.34
N VAL A 68 15.52 7.77 -6.91
CA VAL A 68 15.55 6.29 -6.73
C VAL A 68 15.86 5.61 -8.05
N ALA A 69 15.31 6.11 -9.13
CA ALA A 69 15.61 5.50 -10.45
C ALA A 69 17.10 5.71 -10.70
N ALA A 70 17.68 6.64 -9.99
CA ALA A 70 19.14 6.90 -10.16
C ALA A 70 19.92 5.96 -9.26
N MET A 71 19.24 5.20 -8.45
CA MET A 71 19.95 4.24 -7.57
C MET A 71 20.20 2.95 -8.35
N GLN A 72 21.43 2.65 -8.62
CA GLN A 72 21.76 1.43 -9.40
C GLN A 72 22.10 0.29 -8.44
N GLU A 73 22.34 -0.89 -8.94
CA GLU A 73 22.67 -2.04 -8.06
C GLU A 73 23.82 -1.65 -7.14
N GLU A 74 24.70 -0.80 -7.59
CA GLU A 74 25.84 -0.39 -6.73
C GLU A 74 25.28 0.25 -5.46
N ASP A 75 24.38 1.17 -5.62
CA ASP A 75 23.76 1.81 -4.42
C ASP A 75 23.03 0.74 -3.61
N VAL A 76 22.39 -0.18 -4.28
CA VAL A 76 21.64 -1.26 -3.57
C VAL A 76 22.60 -2.07 -2.68
N GLU A 77 23.76 -2.39 -3.18
CA GLU A 77 24.73 -3.18 -2.36
C GLU A 77 25.06 -2.40 -1.10
N ARG A 78 25.11 -1.10 -1.19
CA ARG A 78 25.44 -0.28 0.02
C ARG A 78 24.34 -0.44 1.07
N LEU A 79 23.11 -0.36 0.67
CA LEU A 79 21.99 -0.46 1.65
C LEU A 79 21.92 -1.87 2.22
N VAL A 80 22.25 -2.87 1.45
CA VAL A 80 22.20 -4.24 1.99
C VAL A 80 23.01 -4.28 3.27
N GLN A 81 23.86 -3.30 3.46
CA GLN A 81 24.69 -3.26 4.70
C GLN A 81 24.24 -2.12 5.59
N ASP A 82 23.51 -1.17 5.07
CA ASP A 82 23.08 -0.05 5.96
C ASP A 82 21.93 -0.50 6.85
N ALA A 83 22.19 -0.67 8.12
CA ALA A 83 21.12 -1.10 9.06
C ALA A 83 20.76 -2.55 8.80
N GLY A 84 21.09 -3.07 7.65
CA GLY A 84 20.75 -4.48 7.35
C GLY A 84 19.22 -4.59 7.22
N ILE A 85 18.59 -3.56 6.70
CA ILE A 85 17.11 -3.58 6.55
C ILE A 85 16.66 -4.96 6.04
N ILE A 86 15.41 -5.28 6.21
CA ILE A 86 14.90 -6.61 5.76
C ILE A 86 14.99 -6.74 4.23
N ARG A 87 14.91 -5.66 3.53
CA ARG A 87 14.97 -5.74 2.04
C ARG A 87 16.34 -6.27 1.60
N HIS A 88 16.38 -7.02 0.54
CA HIS A 88 17.68 -7.58 0.06
C HIS A 88 17.91 -7.14 -1.39
N ARG A 89 19.14 -7.21 -1.86
CA ARG A 89 19.43 -6.78 -3.26
C ARG A 89 18.32 -7.25 -4.20
N GLY A 90 17.83 -8.45 -4.03
CA GLY A 90 16.75 -8.94 -4.94
C GLY A 90 15.54 -8.01 -4.83
N LYS A 91 14.89 -8.00 -3.69
CA LYS A 91 13.70 -7.13 -3.53
C LYS A 91 14.07 -5.66 -3.72
N ILE A 92 15.22 -5.24 -3.24
CA ILE A 92 15.60 -3.81 -3.39
C ILE A 92 15.63 -3.44 -4.89
N GLN A 93 16.35 -4.16 -5.69
CA GLN A 93 16.39 -3.82 -7.14
C GLN A 93 14.96 -3.72 -7.68
N ALA A 94 14.06 -4.49 -7.15
CA ALA A 94 12.65 -4.42 -7.63
C ALA A 94 12.07 -3.03 -7.37
N ILE A 95 12.37 -2.45 -6.24
CA ILE A 95 11.83 -1.10 -5.91
C ILE A 95 12.46 -0.05 -6.82
N ILE A 96 13.71 -0.18 -7.16
CA ILE A 96 14.34 0.84 -8.04
C ILE A 96 13.56 0.92 -9.35
N GLY A 97 13.25 -0.22 -9.92
CA GLY A 97 12.47 -0.22 -11.19
C GLY A 97 11.09 0.38 -10.93
N ASN A 98 10.54 0.13 -9.78
CA ASN A 98 9.20 0.68 -9.45
C ASN A 98 9.24 2.20 -9.54
N ALA A 99 10.31 2.82 -9.14
CA ALA A 99 10.39 4.30 -9.22
C ALA A 99 10.37 4.72 -10.69
N ARG A 100 11.09 4.02 -11.52
CA ARG A 100 11.10 4.37 -12.96
C ARG A 100 9.66 4.28 -13.48
N ALA A 101 8.91 3.32 -12.99
CA ALA A 101 7.49 3.18 -13.44
C ALA A 101 6.72 4.42 -12.98
N TYR A 102 7.07 4.96 -11.85
CA TYR A 102 6.38 6.19 -11.38
C TYR A 102 6.65 7.28 -12.40
N LEU A 103 7.87 7.34 -12.85
CA LEU A 103 8.23 8.34 -13.88
C LEU A 103 7.46 8.01 -15.16
N GLN A 104 7.24 6.75 -15.42
CA GLN A 104 6.49 6.37 -16.67
C GLN A 104 5.06 6.93 -16.63
N MET A 105 4.44 6.96 -15.49
CA MET A 105 3.04 7.48 -15.41
C MET A 105 3.03 8.97 -15.67
N GLU A 106 3.95 9.68 -15.09
CA GLU A 106 3.99 11.16 -15.30
C GLU A 106 4.32 11.46 -16.75
N GLN A 107 5.19 10.69 -17.35
CA GLN A 107 5.52 10.92 -18.77
C GLN A 107 4.25 10.67 -19.56
N ASN A 108 3.36 9.90 -19.00
CA ASN A 108 2.07 9.62 -19.70
C ASN A 108 1.02 10.61 -19.20
N GLY A 109 1.32 11.33 -18.16
CA GLY A 109 0.35 12.33 -17.64
C GLY A 109 -0.84 11.60 -17.00
N GLU A 110 -0.63 10.39 -16.53
CA GLU A 110 -1.76 9.63 -15.91
C GLU A 110 -1.45 9.34 -14.44
N PRO A 111 -2.00 10.10 -13.53
CA PRO A 111 -1.78 9.89 -12.06
C PRO A 111 -2.21 8.48 -11.62
N PHE A 112 -1.57 7.94 -10.62
CA PHE A 112 -1.93 6.58 -10.14
C PHE A 112 -3.38 6.54 -9.65
N ALA A 113 -3.87 7.60 -9.10
CA ALA A 113 -5.27 7.61 -8.58
C ALA A 113 -6.29 7.59 -9.72
N ASP A 114 -6.00 8.24 -10.81
CA ASP A 114 -7.01 8.28 -11.93
C ASP A 114 -7.31 6.88 -12.45
N PHE A 115 -6.32 6.09 -12.74
CA PHE A 115 -6.61 4.73 -13.26
C PHE A 115 -7.16 3.85 -12.13
N VAL A 116 -6.70 4.04 -10.93
CA VAL A 116 -7.22 3.25 -9.79
C VAL A 116 -8.70 3.56 -9.57
N TRP A 117 -9.03 4.80 -9.41
CA TRP A 117 -10.45 5.17 -9.20
C TRP A 117 -11.25 4.66 -10.40
N SER A 118 -10.61 4.43 -11.51
CA SER A 118 -11.35 3.94 -12.71
C SER A 118 -11.78 2.48 -12.49
N PHE A 119 -10.96 1.68 -11.87
CA PHE A 119 -11.35 0.26 -11.65
C PHE A 119 -12.49 0.16 -10.64
N VAL A 120 -12.53 1.03 -9.67
CA VAL A 120 -13.63 0.95 -8.66
C VAL A 120 -14.83 1.76 -9.16
N ASN A 121 -14.89 2.03 -10.43
CA ASN A 121 -16.03 2.79 -11.01
C ASN A 121 -16.05 4.21 -10.44
N HIS A 122 -14.91 4.79 -10.27
CA HIS A 122 -14.82 6.19 -9.74
C HIS A 122 -15.81 6.39 -8.59
N GLN A 123 -16.01 5.41 -7.77
CA GLN A 123 -16.95 5.59 -6.63
C GLN A 123 -16.52 4.68 -5.48
N PRO A 124 -16.75 5.07 -4.24
CA PRO A 124 -16.38 4.25 -3.06
C PRO A 124 -17.26 3.01 -2.93
N GLN A 125 -16.71 1.91 -2.49
CA GLN A 125 -17.52 0.68 -2.36
C GLN A 125 -17.76 0.38 -0.88
N MET A 126 -18.90 -0.17 -0.56
CA MET A 126 -19.20 -0.51 0.86
C MET A 126 -18.91 -1.99 1.09
N THR A 127 -18.02 -2.29 2.01
CA THR A 127 -17.69 -3.72 2.27
C THR A 127 -18.63 -4.26 3.36
N GLN A 128 -19.38 -5.29 3.04
CA GLN A 128 -20.33 -5.86 4.03
C GLN A 128 -19.67 -7.00 4.81
N ALA A 129 -18.38 -7.05 4.81
CA ALA A 129 -17.69 -8.15 5.55
C ALA A 129 -18.03 -8.05 7.04
N THR A 130 -18.19 -9.16 7.70
CA THR A 130 -18.53 -9.13 9.15
C THR A 130 -17.29 -9.51 9.97
N THR A 131 -16.40 -10.27 9.39
CA THR A 131 -15.18 -10.68 10.14
C THR A 131 -13.94 -10.42 9.28
N LEU A 132 -12.79 -10.41 9.88
CA LEU A 132 -11.54 -10.16 9.10
C LEU A 132 -11.44 -11.19 7.98
N SER A 133 -11.84 -12.41 8.25
CA SER A 133 -11.77 -13.48 7.22
C SER A 133 -12.99 -13.40 6.30
N GLU A 134 -13.82 -12.41 6.48
CA GLU A 134 -15.02 -12.27 5.62
C GLU A 134 -14.69 -11.26 4.53
N ILE A 135 -13.47 -10.82 4.50
CA ILE A 135 -13.06 -9.82 3.48
C ILE A 135 -12.33 -10.55 2.34
N PRO A 136 -12.75 -10.35 1.10
CA PRO A 136 -12.10 -11.03 -0.07
C PRO A 136 -10.70 -10.47 -0.36
N THR A 137 -9.77 -11.33 -0.69
CA THR A 137 -8.40 -10.85 -1.00
C THR A 137 -8.20 -10.86 -2.50
N SER A 138 -9.18 -11.30 -3.23
CA SER A 138 -9.08 -11.34 -4.71
C SER A 138 -10.37 -10.80 -5.32
N THR A 139 -10.40 -9.55 -5.66
CA THR A 139 -11.63 -8.95 -6.26
C THR A 139 -11.32 -8.54 -7.70
N PRO A 140 -12.33 -8.39 -8.53
CA PRO A 140 -12.12 -7.99 -9.94
C PRO A 140 -11.28 -6.72 -10.03
N ALA A 141 -11.53 -5.77 -9.18
CA ALA A 141 -10.73 -4.51 -9.22
C ALA A 141 -9.32 -4.82 -8.74
N SER A 142 -9.20 -5.57 -7.68
CA SER A 142 -7.85 -5.91 -7.18
C SER A 142 -7.08 -6.69 -8.24
N ASP A 143 -7.72 -7.60 -8.90
CA ASP A 143 -7.03 -8.38 -9.96
C ASP A 143 -6.62 -7.44 -11.09
N ALA A 144 -7.49 -6.54 -11.45
CA ALA A 144 -7.16 -5.57 -12.53
C ALA A 144 -6.14 -4.56 -12.00
N LEU A 145 -6.18 -4.29 -10.72
CA LEU A 145 -5.22 -3.32 -10.15
C LEU A 145 -3.81 -3.91 -10.19
N SER A 146 -3.65 -5.14 -9.78
CA SER A 146 -2.30 -5.76 -9.81
C SER A 146 -1.84 -5.90 -11.27
N LYS A 147 -2.71 -6.30 -12.14
CA LYS A 147 -2.32 -6.47 -13.56
C LYS A 147 -1.85 -5.14 -14.15
N ALA A 148 -2.52 -4.07 -13.84
CA ALA A 148 -2.10 -2.76 -14.39
C ALA A 148 -0.73 -2.38 -13.82
N LEU A 149 -0.55 -2.52 -12.53
CA LEU A 149 0.76 -2.16 -11.94
C LEU A 149 1.82 -3.15 -12.43
N LYS A 150 1.48 -4.40 -12.54
CA LYS A 150 2.48 -5.38 -13.01
C LYS A 150 2.93 -4.99 -14.42
N LYS A 151 2.02 -4.52 -15.23
CA LYS A 151 2.39 -4.11 -16.61
C LYS A 151 2.97 -2.70 -16.58
N ARG A 152 2.79 -1.99 -15.50
CA ARG A 152 3.36 -0.61 -15.41
C ARG A 152 4.82 -0.70 -15.00
N GLY A 153 5.32 -1.89 -14.82
CA GLY A 153 6.73 -2.04 -14.38
C GLY A 153 6.78 -2.06 -12.87
N PHE A 154 5.67 -2.35 -12.25
CA PHE A 154 5.65 -2.41 -10.76
C PHE A 154 5.71 -3.86 -10.33
N LYS A 155 6.79 -4.24 -9.72
CA LYS A 155 6.92 -5.66 -9.26
C LYS A 155 6.55 -5.75 -7.78
N PHE A 156 6.35 -6.93 -7.27
CA PHE A 156 5.95 -7.07 -5.84
C PHE A 156 4.62 -6.34 -5.65
N VAL A 157 3.59 -6.86 -6.25
CA VAL A 157 2.25 -6.23 -6.16
C VAL A 157 1.19 -7.29 -6.48
N GLY A 158 1.37 -8.47 -5.98
CA GLY A 158 0.40 -9.57 -6.25
C GLY A 158 -1.02 -9.09 -5.92
N THR A 159 -2.01 -9.90 -6.22
CA THR A 159 -3.41 -9.49 -5.91
C THR A 159 -3.57 -9.31 -4.41
N THR A 160 -2.74 -9.96 -3.63
CA THR A 160 -2.82 -9.79 -2.17
C THR A 160 -2.44 -8.36 -1.83
N ILE A 161 -1.47 -7.85 -2.53
CA ILE A 161 -1.04 -6.45 -2.28
C ILE A 161 -2.13 -5.50 -2.77
N CYS A 162 -2.67 -5.76 -3.94
CA CYS A 162 -3.75 -4.88 -4.47
C CYS A 162 -4.97 -4.91 -3.54
N TYR A 163 -5.24 -6.03 -2.93
CA TYR A 163 -6.43 -6.12 -2.04
C TYR A 163 -6.19 -5.33 -0.74
N SER A 164 -5.07 -5.51 -0.12
CA SER A 164 -4.79 -4.78 1.14
C SER A 164 -4.63 -3.28 0.83
N PHE A 165 -4.12 -2.98 -0.33
CA PHE A 165 -3.94 -1.55 -0.72
C PHE A 165 -5.31 -0.86 -0.86
N MET A 166 -6.28 -1.55 -1.36
CA MET A 166 -7.62 -0.93 -1.55
C MET A 166 -8.29 -0.66 -0.19
N GLN A 167 -8.22 -1.58 0.73
CA GLN A 167 -8.89 -1.34 2.04
C GLN A 167 -8.20 -0.23 2.84
N ALA A 168 -6.90 -0.19 2.85
CA ALA A 168 -6.18 0.85 3.64
C ALA A 168 -6.19 2.22 2.93
N CYS A 169 -6.06 2.24 1.63
CA CYS A 169 -6.02 3.56 0.92
C CYS A 169 -7.33 4.34 1.08
N GLY A 170 -8.46 3.69 0.94
CA GLY A 170 -9.75 4.43 1.09
C GLY A 170 -10.66 4.11 -0.11
N LEU A 171 -10.24 3.24 -0.98
CA LEU A 171 -11.08 2.89 -2.16
C LEU A 171 -12.41 2.31 -1.69
N VAL A 172 -12.40 1.54 -0.64
CA VAL A 172 -13.68 0.96 -0.12
C VAL A 172 -13.81 1.25 1.37
N ASN A 173 -15.01 1.46 1.85
CA ASN A 173 -15.21 1.78 3.29
C ASN A 173 -15.88 0.60 4.00
N ASP A 174 -15.82 0.60 5.31
CA ASP A 174 -16.46 -0.49 6.13
C ASP A 174 -15.45 -1.61 6.40
N HIS A 175 -14.58 -1.42 7.35
CA HIS A 175 -13.61 -2.50 7.67
C HIS A 175 -14.41 -3.76 7.95
N VAL A 176 -15.12 -3.77 9.03
CA VAL A 176 -15.98 -4.94 9.39
C VAL A 176 -17.36 -4.40 9.75
N VAL A 177 -18.38 -5.20 9.61
CA VAL A 177 -19.73 -4.69 9.96
C VAL A 177 -19.79 -4.34 11.44
N GLY A 178 -20.21 -3.15 11.77
CA GLY A 178 -20.30 -2.76 13.21
C GLY A 178 -18.92 -2.36 13.76
N CYS A 179 -18.12 -1.65 12.99
CA CYS A 179 -16.78 -1.24 13.52
C CYS A 179 -16.99 -0.21 14.64
N CYS A 180 -17.86 -0.53 15.58
CA CYS A 180 -18.15 0.40 16.71
C CYS A 180 -18.72 1.72 16.18
N CYS A 181 -18.07 2.29 15.21
CA CYS A 181 -18.57 3.58 14.64
C CYS A 181 -17.63 4.01 13.51
N TYR A 182 -17.66 3.32 12.42
CA TYR A 182 -16.76 3.68 11.28
C TYR A 182 -17.04 5.13 10.83
N PRO A 183 -16.07 6.02 10.97
CA PRO A 183 -16.24 7.44 10.55
C PRO A 183 -16.13 7.62 9.03
N GLY A 184 -16.75 8.65 8.51
CA GLY A 184 -16.67 8.90 7.03
C GLY A 184 -18.06 9.17 6.48
N ASN A 185 -19.08 8.61 7.08
CA ASN A 185 -20.46 8.84 6.56
C ASN A 185 -21.04 10.11 7.19
N LYS A 186 -20.30 10.76 8.05
CA LYS A 186 -20.81 12.00 8.70
C LYS A 186 -19.78 13.12 8.55
N PRO A 187 -19.71 13.72 7.39
CA PRO A 187 -18.76 14.82 7.10
C PRO A 187 -19.27 16.17 7.60
N MET A 1 -19.44 2.35 20.91
CA MET A 1 -19.25 1.44 19.73
C MET A 1 -17.84 0.83 19.77
N GLU A 2 -17.68 -0.31 19.18
CA GLU A 2 -16.35 -0.97 19.16
C GLU A 2 -15.63 -0.60 17.86
N ARG A 3 -14.33 -0.75 17.82
CA ARG A 3 -13.58 -0.41 16.59
C ARG A 3 -13.15 -1.68 15.86
N CYS A 4 -12.73 -1.56 14.64
CA CYS A 4 -12.32 -2.76 13.86
C CYS A 4 -11.41 -3.65 14.72
N GLY A 5 -11.74 -4.91 14.81
CA GLY A 5 -10.91 -5.85 15.60
C GLY A 5 -9.47 -5.79 15.12
N TRP A 6 -9.27 -5.55 13.85
CA TRP A 6 -7.88 -5.49 13.32
C TRP A 6 -7.13 -4.45 14.16
N VAL A 7 -7.79 -3.39 14.51
CA VAL A 7 -7.14 -2.32 15.32
C VAL A 7 -6.87 -2.81 16.74
N SER A 8 -7.75 -3.60 17.30
CA SER A 8 -7.54 -4.08 18.69
C SER A 8 -6.39 -5.09 18.74
N GLN A 9 -5.83 -5.43 17.62
CA GLN A 9 -4.71 -6.41 17.62
C GLN A 9 -3.49 -5.82 18.34
N ASP A 10 -3.24 -4.56 18.16
CA ASP A 10 -2.05 -3.95 18.84
C ASP A 10 -2.28 -2.45 19.04
N PRO A 11 -1.55 -1.86 19.94
CA PRO A 11 -1.66 -0.40 20.26
C PRO A 11 -1.13 0.49 19.12
N LEU A 12 -0.12 0.04 18.44
CA LEU A 12 0.44 0.86 17.31
C LEU A 12 -0.62 1.04 16.22
N TYR A 13 -1.45 0.06 16.01
CA TYR A 13 -2.50 0.17 14.96
C TYR A 13 -3.39 1.39 15.21
N ILE A 14 -3.74 1.65 16.44
CA ILE A 14 -4.61 2.82 16.72
C ILE A 14 -4.00 4.06 16.08
N ALA A 15 -2.71 4.21 16.14
CA ALA A 15 -2.08 5.40 15.52
C ALA A 15 -2.25 5.34 14.00
N TYR A 16 -1.94 4.21 13.41
CA TYR A 16 -2.08 4.07 11.94
C TYR A 16 -3.55 4.25 11.54
N HIS A 17 -4.45 3.75 12.33
CA HIS A 17 -5.89 3.86 12.00
C HIS A 17 -6.36 5.31 11.99
N ASP A 18 -5.96 6.08 12.95
CA ASP A 18 -6.43 7.49 13.03
C ASP A 18 -5.68 8.39 12.04
N ASN A 19 -4.63 7.90 11.43
CA ASN A 19 -3.87 8.77 10.47
C ASN A 19 -4.61 8.83 9.13
N GLU A 20 -4.61 7.75 8.38
CA GLU A 20 -5.29 7.78 7.06
C GLU A 20 -5.42 6.35 6.54
N TRP A 21 -6.01 5.46 7.30
CA TRP A 21 -6.16 4.06 6.82
C TRP A 21 -7.56 3.89 6.22
N GLY A 22 -7.83 4.60 5.16
CA GLY A 22 -9.16 4.45 4.50
C GLY A 22 -10.06 5.64 4.79
N VAL A 23 -9.67 6.81 4.38
CA VAL A 23 -10.53 7.99 4.63
C VAL A 23 -10.16 9.14 3.66
N PRO A 24 -8.90 9.34 3.34
CA PRO A 24 -8.46 10.42 2.42
C PRO A 24 -8.21 9.93 0.99
N GLU A 25 -8.40 10.79 0.03
CA GLU A 25 -8.12 10.41 -1.39
C GLU A 25 -6.61 10.35 -1.56
N THR A 26 -6.11 9.49 -2.39
CA THR A 26 -4.63 9.39 -2.54
C THR A 26 -4.16 9.93 -3.89
N ASP A 27 -2.96 10.45 -3.92
CA ASP A 27 -2.39 10.97 -5.19
C ASP A 27 -1.58 9.85 -5.84
N SER A 28 -1.25 9.96 -7.09
CA SER A 28 -0.46 8.88 -7.74
C SER A 28 0.87 8.69 -7.00
N LYS A 29 1.42 9.76 -6.50
CA LYS A 29 2.72 9.66 -5.77
C LYS A 29 2.56 8.83 -4.49
N LYS A 30 1.47 9.02 -3.80
CA LYS A 30 1.27 8.26 -2.53
C LYS A 30 1.29 6.77 -2.82
N LEU A 31 0.67 6.37 -3.90
CA LEU A 31 0.62 4.93 -4.24
C LEU A 31 2.03 4.39 -4.44
N PHE A 32 2.92 5.19 -4.96
CA PHE A 32 4.32 4.71 -5.19
C PHE A 32 4.98 4.38 -3.85
N GLU A 33 4.98 5.29 -2.92
CA GLU A 33 5.64 4.97 -1.62
C GLU A 33 4.82 3.89 -0.91
N MET A 34 3.52 3.94 -1.09
CA MET A 34 2.64 2.94 -0.44
C MET A 34 2.87 1.55 -1.04
N ILE A 35 3.07 1.47 -2.33
CA ILE A 35 3.29 0.12 -2.95
C ILE A 35 4.61 -0.46 -2.47
N CYS A 36 5.55 0.39 -2.12
CA CYS A 36 6.86 -0.12 -1.63
C CYS A 36 6.70 -0.78 -0.26
N LEU A 37 6.05 -0.11 0.65
CA LEU A 37 5.87 -0.72 2.01
C LEU A 37 4.92 -1.91 1.91
N GLU A 38 3.83 -1.74 1.20
CA GLU A 38 2.86 -2.85 1.06
C GLU A 38 3.54 -4.00 0.30
N GLY A 39 4.43 -3.69 -0.60
CA GLY A 39 5.14 -4.78 -1.34
C GLY A 39 5.74 -5.73 -0.32
N GLN A 40 6.16 -5.21 0.81
CA GLN A 40 6.77 -6.07 1.86
C GLN A 40 5.68 -6.92 2.53
N GLN A 41 4.51 -6.36 2.70
CA GLN A 41 3.40 -7.14 3.36
C GLN A 41 3.35 -8.56 2.81
N ALA A 42 3.90 -8.79 1.65
CA ALA A 42 3.86 -10.17 1.09
C ALA A 42 4.70 -11.10 1.98
N GLY A 43 4.07 -12.02 2.65
CA GLY A 43 4.83 -12.96 3.53
C GLY A 43 4.95 -12.39 4.95
N LEU A 44 5.11 -11.10 5.07
CA LEU A 44 5.26 -10.48 6.42
C LEU A 44 3.95 -9.79 6.83
N SER A 45 3.85 -9.36 8.06
CA SER A 45 2.61 -8.67 8.52
C SER A 45 2.74 -7.16 8.33
N TRP A 46 1.65 -6.47 8.17
CA TRP A 46 1.71 -4.99 7.98
C TRP A 46 2.37 -4.32 9.19
N ILE A 47 2.05 -4.74 10.38
CA ILE A 47 2.67 -4.09 11.57
C ILE A 47 4.18 -4.24 11.47
N THR A 48 4.66 -5.41 11.12
CA THR A 48 6.12 -5.59 10.99
C THR A 48 6.64 -4.58 9.96
N VAL A 49 5.89 -4.38 8.92
CA VAL A 49 6.31 -3.40 7.88
C VAL A 49 6.33 -2.01 8.51
N LEU A 50 5.47 -1.75 9.45
CA LEU A 50 5.44 -0.41 10.10
C LEU A 50 6.81 -0.13 10.72
N LYS A 51 7.37 -1.10 11.41
CA LYS A 51 8.71 -0.88 12.01
C LYS A 51 9.73 -0.74 10.89
N LYS A 52 9.58 -1.50 9.84
CA LYS A 52 10.54 -1.41 8.71
C LYS A 52 10.19 -0.20 7.85
N ARG A 53 9.04 0.39 8.05
CA ARG A 53 8.67 1.58 7.26
C ARG A 53 9.53 2.75 7.72
N GLU A 54 9.64 2.93 9.01
CA GLU A 54 10.49 4.04 9.53
C GLU A 54 11.95 3.74 9.17
N ASN A 55 12.36 2.52 9.30
CA ASN A 55 13.76 2.17 8.96
C ASN A 55 13.94 2.25 7.43
N TYR A 56 12.93 1.89 6.68
CA TYR A 56 13.05 1.95 5.20
C TYR A 56 13.41 3.36 4.75
N ARG A 57 12.73 4.35 5.26
CA ARG A 57 13.05 5.75 4.86
C ARG A 57 14.46 6.09 5.34
N ALA A 58 14.89 5.48 6.40
CA ALA A 58 16.25 5.78 6.94
C ALA A 58 17.33 5.37 5.92
N CYS A 59 17.14 4.30 5.21
CA CYS A 59 18.17 3.88 4.22
C CYS A 59 18.10 4.73 2.95
N PHE A 60 16.92 4.94 2.42
CA PHE A 60 16.82 5.76 1.18
C PHE A 60 16.72 7.25 1.54
N HIS A 61 15.86 7.58 2.45
CA HIS A 61 15.71 9.01 2.90
C HIS A 61 15.40 9.94 1.71
N GLN A 62 15.81 9.60 0.52
CA GLN A 62 15.54 10.50 -0.65
C GLN A 62 14.04 10.73 -0.81
N PHE A 63 13.24 9.74 -0.54
CA PHE A 63 11.76 9.91 -0.68
C PHE A 63 11.41 10.32 -2.12
N ASP A 64 12.39 10.54 -2.95
CA ASP A 64 12.09 10.94 -4.36
C ASP A 64 12.17 9.68 -5.24
N PRO A 65 11.13 9.37 -5.99
CA PRO A 65 11.14 8.15 -6.85
C PRO A 65 12.20 8.21 -7.96
N VAL A 66 12.41 9.36 -8.55
CA VAL A 66 13.42 9.46 -9.63
C VAL A 66 14.80 9.13 -9.04
N LYS A 67 15.09 9.63 -7.87
CA LYS A 67 16.41 9.33 -7.24
C LYS A 67 16.53 7.83 -7.01
N VAL A 68 15.44 7.18 -6.71
CA VAL A 68 15.48 5.72 -6.47
C VAL A 68 15.95 5.00 -7.73
N ALA A 69 15.53 5.44 -8.88
CA ALA A 69 15.98 4.78 -10.13
C ALA A 69 17.48 5.01 -10.25
N ALA A 70 17.98 5.97 -9.53
CA ALA A 70 19.44 6.24 -9.57
C ALA A 70 20.13 5.33 -8.58
N MET A 71 19.37 4.59 -7.82
CA MET A 71 19.98 3.65 -6.86
C MET A 71 20.41 2.39 -7.60
N GLN A 72 21.68 2.14 -7.65
CA GLN A 72 22.17 0.93 -8.38
C GLN A 72 22.37 -0.23 -7.42
N GLU A 73 22.66 -1.38 -7.95
CA GLU A 73 22.84 -2.58 -7.09
C GLU A 73 23.93 -2.31 -6.05
N GLU A 74 24.91 -1.54 -6.38
CA GLU A 74 25.99 -1.26 -5.39
C GLU A 74 25.39 -0.45 -4.24
N ASP A 75 24.42 0.37 -4.53
CA ASP A 75 23.81 1.19 -3.46
C ASP A 75 23.10 0.31 -2.43
N VAL A 76 22.31 -0.65 -2.85
CA VAL A 76 21.62 -1.51 -1.85
C VAL A 76 22.66 -2.24 -1.02
N GLU A 77 23.75 -2.67 -1.62
CA GLU A 77 24.78 -3.38 -0.81
C GLU A 77 25.20 -2.48 0.34
N ARG A 78 25.29 -1.21 0.10
CA ARG A 78 25.65 -0.28 1.21
C ARG A 78 24.52 -0.29 2.24
N LEU A 79 23.30 -0.29 1.76
CA LEU A 79 22.13 -0.29 2.67
C LEU A 79 21.99 -1.64 3.38
N VAL A 80 22.37 -2.71 2.74
CA VAL A 80 22.26 -4.02 3.42
C VAL A 80 22.87 -3.89 4.81
N GLN A 81 23.85 -3.04 4.96
CA GLN A 81 24.48 -2.86 6.29
C GLN A 81 23.87 -1.63 6.98
N ASP A 82 23.04 -0.88 6.31
CA ASP A 82 22.45 0.32 6.98
C ASP A 82 21.26 -0.11 7.84
N ALA A 83 21.44 -0.12 9.13
CA ALA A 83 20.34 -0.51 10.04
C ALA A 83 20.02 -2.00 9.83
N GLY A 84 20.47 -2.57 8.74
CA GLY A 84 20.18 -4.01 8.49
C GLY A 84 18.73 -4.15 8.06
N ILE A 85 18.26 -3.24 7.25
CA ILE A 85 16.84 -3.30 6.78
C ILE A 85 16.51 -4.72 6.31
N ILE A 86 15.27 -5.11 6.42
CA ILE A 86 14.84 -6.47 5.99
C ILE A 86 15.06 -6.63 4.49
N ARG A 87 15.02 -5.55 3.76
CA ARG A 87 15.20 -5.63 2.28
C ARG A 87 16.62 -6.07 1.95
N HIS A 88 16.78 -6.77 0.85
CA HIS A 88 18.14 -7.25 0.46
C HIS A 88 18.38 -6.94 -1.02
N ARG A 89 19.53 -7.30 -1.54
CA ARG A 89 19.82 -7.02 -2.97
C ARG A 89 18.69 -7.57 -3.85
N GLY A 90 18.14 -8.69 -3.51
CA GLY A 90 17.05 -9.26 -4.36
C GLY A 90 15.80 -8.36 -4.33
N LYS A 91 15.24 -8.14 -3.17
CA LYS A 91 14.02 -7.29 -3.09
C LYS A 91 14.29 -5.88 -3.59
N ILE A 92 15.39 -5.28 -3.23
CA ILE A 92 15.65 -3.89 -3.71
C ILE A 92 15.71 -3.86 -5.24
N GLN A 93 16.39 -4.78 -5.86
CA GLN A 93 16.42 -4.76 -7.35
C GLN A 93 14.98 -4.68 -7.85
N ALA A 94 14.08 -5.33 -7.17
CA ALA A 94 12.65 -5.27 -7.58
C ALA A 94 12.11 -3.87 -7.30
N ILE A 95 12.51 -3.29 -6.21
CA ILE A 95 12.01 -1.92 -5.86
C ILE A 95 12.64 -0.85 -6.77
N ILE A 96 13.90 -0.94 -7.08
CA ILE A 96 14.51 0.10 -7.96
C ILE A 96 13.76 0.13 -9.29
N GLY A 97 13.47 -1.01 -9.83
CA GLY A 97 12.75 -1.07 -11.13
C GLY A 97 11.39 -0.38 -10.98
N ASN A 98 10.76 -0.51 -9.84
CA ASN A 98 9.45 0.15 -9.64
C ASN A 98 9.60 1.66 -9.80
N ALA A 99 10.69 2.20 -9.35
CA ALA A 99 10.89 3.66 -9.49
C ALA A 99 10.90 4.01 -10.98
N ARG A 100 11.63 3.26 -11.76
CA ARG A 100 11.65 3.52 -13.21
C ARG A 100 10.26 3.23 -13.77
N ALA A 101 9.59 2.26 -13.21
CA ALA A 101 8.21 1.93 -13.69
C ALA A 101 7.33 3.15 -13.42
N TYR A 102 7.63 3.88 -12.38
CA TYR A 102 6.84 5.10 -12.07
C TYR A 102 7.02 6.04 -13.24
N LEU A 103 8.24 6.14 -13.70
CA LEU A 103 8.54 7.00 -14.86
C LEU A 103 7.85 6.42 -16.10
N GLN A 104 7.71 5.12 -16.16
CA GLN A 104 7.04 4.49 -17.35
C GLN A 104 5.58 4.93 -17.43
N MET A 105 4.91 5.01 -16.32
CA MET A 105 3.48 5.45 -16.36
C MET A 105 3.42 6.90 -16.81
N GLU A 106 4.34 7.69 -16.37
CA GLU A 106 4.35 9.12 -16.76
C GLU A 106 4.57 9.22 -18.26
N GLN A 107 5.35 8.34 -18.81
CA GLN A 107 5.57 8.38 -20.27
C GLN A 107 4.22 8.04 -20.89
N ASN A 108 3.38 7.38 -20.14
CA ASN A 108 2.03 7.06 -20.66
C ASN A 108 1.11 8.23 -20.35
N GLY A 109 1.56 9.11 -19.49
CA GLY A 109 0.73 10.32 -19.16
C GLY A 109 -0.52 9.92 -18.37
N GLU A 110 -0.49 8.85 -17.64
CA GLU A 110 -1.70 8.44 -16.87
C GLU A 110 -1.32 8.26 -15.39
N PRO A 111 -1.59 9.22 -14.54
CA PRO A 111 -1.26 9.12 -13.09
C PRO A 111 -1.77 7.82 -12.46
N PHE A 112 -1.02 7.27 -11.54
CA PHE A 112 -1.45 5.99 -10.90
C PHE A 112 -2.78 6.18 -10.18
N ALA A 113 -3.01 7.33 -9.62
CA ALA A 113 -4.29 7.57 -8.91
C ALA A 113 -5.44 7.70 -9.91
N ASP A 114 -5.19 8.24 -11.07
CA ASP A 114 -6.30 8.43 -12.06
C ASP A 114 -6.88 7.08 -12.51
N PHE A 115 -6.04 6.14 -12.87
CA PHE A 115 -6.58 4.83 -13.33
C PHE A 115 -7.07 4.02 -12.12
N VAL A 116 -6.45 4.15 -10.99
CA VAL A 116 -6.93 3.39 -9.80
C VAL A 116 -8.37 3.77 -9.51
N TRP A 117 -8.61 5.03 -9.33
CA TRP A 117 -9.99 5.50 -9.08
C TRP A 117 -10.84 5.14 -10.30
N SER A 118 -10.22 4.95 -11.43
CA SER A 118 -11.01 4.60 -12.65
C SER A 118 -11.44 3.14 -12.58
N PHE A 119 -10.64 2.28 -12.01
CA PHE A 119 -11.03 0.85 -11.92
C PHE A 119 -12.26 0.72 -11.03
N VAL A 120 -12.35 1.52 -10.00
CA VAL A 120 -13.53 1.42 -9.11
C VAL A 120 -14.62 2.37 -9.63
N ASN A 121 -14.52 2.77 -10.86
CA ASN A 121 -15.55 3.69 -11.44
C ASN A 121 -15.47 5.06 -10.78
N HIS A 122 -14.38 5.35 -10.11
CA HIS A 122 -14.24 6.68 -9.45
C HIS A 122 -15.33 6.86 -8.39
N GLN A 123 -15.80 5.79 -7.81
CA GLN A 123 -16.87 5.92 -6.77
C GLN A 123 -16.52 5.06 -5.55
N PRO A 124 -16.94 5.46 -4.37
CA PRO A 124 -16.68 4.72 -3.11
C PRO A 124 -17.45 3.39 -3.04
N GLN A 125 -16.88 2.38 -2.46
CA GLN A 125 -17.59 1.07 -2.37
C GLN A 125 -17.94 0.80 -0.90
N MET A 126 -19.16 0.44 -0.63
CA MET A 126 -19.56 0.16 0.78
C MET A 126 -19.69 -1.35 0.99
N THR A 127 -18.87 -1.91 1.86
CA THR A 127 -18.96 -3.37 2.11
C THR A 127 -19.80 -3.61 3.36
N GLN A 128 -19.53 -2.89 4.42
CA GLN A 128 -20.31 -3.05 5.68
C GLN A 128 -20.19 -4.49 6.18
N ALA A 129 -18.99 -5.00 6.21
CA ALA A 129 -18.79 -6.40 6.69
C ALA A 129 -18.86 -6.42 8.21
N THR A 130 -19.16 -7.55 8.80
CA THR A 130 -19.21 -7.62 10.29
C THR A 130 -17.97 -8.34 10.82
N THR A 131 -17.37 -9.19 10.03
CA THR A 131 -16.16 -9.92 10.48
C THR A 131 -15.07 -9.83 9.42
N LEU A 132 -13.84 -10.12 9.77
CA LEU A 132 -12.74 -10.07 8.77
C LEU A 132 -13.04 -11.05 7.63
N SER A 133 -13.69 -12.13 7.94
CA SER A 133 -14.04 -13.14 6.89
C SER A 133 -14.97 -12.53 5.85
N GLU A 134 -15.74 -11.55 6.23
CA GLU A 134 -16.67 -10.92 5.25
C GLU A 134 -15.95 -9.80 4.50
N ILE A 135 -14.71 -9.58 4.82
CA ILE A 135 -13.94 -8.51 4.14
C ILE A 135 -13.29 -9.12 2.88
N PRO A 136 -13.47 -8.50 1.73
CA PRO A 136 -12.89 -9.02 0.45
C PRO A 136 -11.38 -8.80 0.34
N THR A 137 -10.68 -9.77 -0.18
CA THR A 137 -9.20 -9.61 -0.35
C THR A 137 -8.87 -9.70 -1.84
N SER A 138 -9.87 -9.77 -2.67
CA SER A 138 -9.63 -9.85 -4.13
C SER A 138 -10.90 -9.40 -4.86
N THR A 139 -11.04 -8.11 -5.07
CA THR A 139 -12.24 -7.62 -5.78
C THR A 139 -11.90 -7.39 -7.26
N PRO A 140 -12.89 -7.30 -8.11
CA PRO A 140 -12.63 -7.08 -9.56
C PRO A 140 -11.74 -5.86 -9.78
N ALA A 141 -11.96 -4.81 -9.04
CA ALA A 141 -11.12 -3.60 -9.19
C ALA A 141 -9.73 -3.92 -8.64
N SER A 142 -9.67 -4.58 -7.52
CA SER A 142 -8.36 -4.93 -6.92
C SER A 142 -7.61 -5.89 -7.85
N ASP A 143 -8.29 -6.89 -8.35
CA ASP A 143 -7.62 -7.85 -9.26
C ASP A 143 -7.17 -7.13 -10.53
N ALA A 144 -7.98 -6.24 -11.04
CA ALA A 144 -7.61 -5.50 -12.27
C ALA A 144 -6.48 -4.53 -11.94
N LEU A 145 -6.45 -4.07 -10.72
CA LEU A 145 -5.41 -3.11 -10.31
C LEU A 145 -4.04 -3.77 -10.38
N SER A 146 -3.94 -4.99 -9.92
CA SER A 146 -2.61 -5.68 -9.94
C SER A 146 -2.20 -5.96 -11.39
N LYS A 147 -3.12 -6.39 -12.19
CA LYS A 147 -2.79 -6.71 -13.60
C LYS A 147 -2.20 -5.48 -14.32
N ALA A 148 -2.78 -4.33 -14.13
CA ALA A 148 -2.23 -3.13 -14.80
C ALA A 148 -0.89 -2.77 -14.17
N LEU A 149 -0.82 -2.80 -12.87
CA LEU A 149 0.46 -2.46 -12.17
C LEU A 149 1.53 -3.50 -12.53
N LYS A 150 1.16 -4.75 -12.62
CA LYS A 150 2.16 -5.80 -12.97
C LYS A 150 2.75 -5.50 -14.35
N LYS A 151 1.92 -5.12 -15.27
CA LYS A 151 2.44 -4.82 -16.63
C LYS A 151 3.12 -3.45 -16.66
N ARG A 152 2.94 -2.65 -15.64
CA ARG A 152 3.58 -1.32 -15.63
C ARG A 152 4.99 -1.47 -15.07
N GLY A 153 5.33 -2.64 -14.59
CA GLY A 153 6.70 -2.85 -14.04
C GLY A 153 6.67 -2.79 -12.52
N PHE A 154 5.53 -3.06 -11.93
CA PHE A 154 5.46 -3.02 -10.45
C PHE A 154 5.44 -4.45 -9.91
N LYS A 155 6.46 -4.85 -9.22
CA LYS A 155 6.50 -6.24 -8.66
C LYS A 155 5.91 -6.27 -7.25
N PHE A 156 5.94 -7.41 -6.62
CA PHE A 156 5.36 -7.53 -5.25
C PHE A 156 4.03 -6.79 -5.19
N VAL A 157 3.20 -7.02 -6.16
CA VAL A 157 1.87 -6.36 -6.22
C VAL A 157 0.80 -7.44 -6.42
N GLY A 158 0.88 -8.50 -5.66
CA GLY A 158 -0.10 -9.61 -5.79
C GLY A 158 -1.53 -9.08 -5.61
N THR A 159 -2.50 -9.91 -5.85
CA THR A 159 -3.92 -9.47 -5.70
C THR A 159 -4.17 -8.96 -4.27
N THR A 160 -3.51 -9.54 -3.30
CA THR A 160 -3.72 -9.08 -1.90
C THR A 160 -3.12 -7.68 -1.76
N ILE A 161 -2.09 -7.42 -2.51
CA ILE A 161 -1.45 -6.08 -2.45
C ILE A 161 -2.44 -5.03 -2.99
N CYS A 162 -3.07 -5.34 -4.09
CA CYS A 162 -4.05 -4.40 -4.71
C CYS A 162 -5.17 -4.06 -3.72
N TYR A 163 -5.72 -5.06 -3.09
CA TYR A 163 -6.83 -4.82 -2.13
C TYR A 163 -6.35 -4.01 -0.93
N SER A 164 -5.11 -4.15 -0.55
CA SER A 164 -4.60 -3.38 0.63
C SER A 164 -4.70 -1.87 0.37
N PHE A 165 -4.25 -1.40 -0.76
CA PHE A 165 -4.33 0.08 -1.02
C PHE A 165 -5.80 0.50 -1.09
N MET A 166 -6.63 -0.29 -1.69
CA MET A 166 -8.06 0.10 -1.81
C MET A 166 -8.61 0.45 -0.43
N GLN A 167 -8.20 -0.27 0.58
CA GLN A 167 -8.72 0.04 1.96
C GLN A 167 -8.19 1.39 2.44
N ALA A 168 -6.95 1.69 2.16
CA ALA A 168 -6.35 2.98 2.63
C ALA A 168 -6.62 4.12 1.63
N CYS A 169 -6.51 3.83 0.37
CA CYS A 169 -6.73 4.89 -0.66
C CYS A 169 -8.09 5.56 -0.47
N GLY A 170 -9.05 4.86 0.07
CA GLY A 170 -10.39 5.47 0.28
C GLY A 170 -11.35 4.94 -0.80
N LEU A 171 -10.85 4.14 -1.70
CA LEU A 171 -11.72 3.58 -2.77
C LEU A 171 -12.84 2.75 -2.16
N VAL A 172 -12.56 2.01 -1.11
CA VAL A 172 -13.62 1.17 -0.49
C VAL A 172 -13.55 1.23 1.03
N ASN A 173 -14.69 1.06 1.65
CA ASN A 173 -14.75 1.07 3.14
C ASN A 173 -15.17 -0.32 3.61
N ASP A 174 -14.24 -1.15 4.00
CA ASP A 174 -14.61 -2.52 4.45
C ASP A 174 -13.91 -2.88 5.78
N HIS A 175 -13.48 -1.92 6.54
CA HIS A 175 -12.82 -2.26 7.83
C HIS A 175 -13.69 -3.27 8.58
N VAL A 176 -14.97 -3.01 8.63
CA VAL A 176 -15.96 -3.88 9.33
C VAL A 176 -17.04 -2.97 9.94
N VAL A 177 -18.21 -3.47 10.16
CA VAL A 177 -19.29 -2.62 10.73
C VAL A 177 -18.85 -2.03 12.08
N GLY A 178 -18.16 -2.79 12.87
CA GLY A 178 -17.72 -2.27 14.21
C GLY A 178 -16.47 -1.40 14.07
N CYS A 179 -16.29 -0.73 12.96
CA CYS A 179 -15.08 0.13 12.80
C CYS A 179 -15.29 1.44 13.59
N CYS A 180 -16.19 1.43 14.55
CA CYS A 180 -16.43 2.66 15.35
C CYS A 180 -16.78 3.83 14.44
N CYS A 181 -16.91 3.60 13.16
CA CYS A 181 -17.25 4.72 12.23
C CYS A 181 -18.34 4.26 11.26
N TYR A 182 -18.77 3.04 11.37
CA TYR A 182 -19.82 2.53 10.44
C TYR A 182 -21.00 1.96 11.26
N PRO A 183 -21.88 2.81 11.76
CA PRO A 183 -23.05 2.36 12.56
C PRO A 183 -24.07 1.62 11.70
N GLY A 184 -24.51 0.47 12.15
CA GLY A 184 -25.50 -0.30 11.36
C GLY A 184 -26.91 0.01 11.87
N ASN A 185 -27.03 0.53 13.07
CA ASN A 185 -28.38 0.84 13.61
C ASN A 185 -28.28 1.83 14.77
N LYS A 186 -27.21 1.80 15.52
CA LYS A 186 -27.09 2.73 16.68
C LYS A 186 -26.70 4.12 16.18
N PRO A 187 -26.99 5.13 16.97
CA PRO A 187 -26.67 6.54 16.61
C PRO A 187 -25.17 6.83 16.69
N MET A 1 -18.53 0.32 21.23
CA MET A 1 -18.22 -0.12 19.84
C MET A 1 -17.11 -1.18 19.87
N GLU A 2 -17.04 -2.02 18.87
CA GLU A 2 -15.99 -3.07 18.85
C GLU A 2 -14.83 -2.62 17.95
N ARG A 3 -13.63 -3.03 18.26
CA ARG A 3 -12.46 -2.62 17.44
C ARG A 3 -12.21 -3.62 16.30
N CYS A 4 -11.27 -3.32 15.46
CA CYS A 4 -10.97 -4.22 14.30
C CYS A 4 -10.22 -5.47 14.78
N GLY A 5 -10.38 -6.56 14.05
CA GLY A 5 -9.72 -7.84 14.44
C GLY A 5 -8.22 -7.68 14.67
N TRP A 6 -7.54 -6.93 13.84
CA TRP A 6 -6.07 -6.80 14.06
C TRP A 6 -5.78 -5.63 15.00
N VAL A 7 -6.80 -4.91 15.41
CA VAL A 7 -6.55 -3.77 16.34
C VAL A 7 -6.33 -4.31 17.75
N SER A 8 -7.08 -5.30 18.13
CA SER A 8 -6.90 -5.87 19.50
C SER A 8 -5.65 -6.75 19.49
N GLN A 9 -5.01 -6.88 18.37
CA GLN A 9 -3.79 -7.74 18.28
C GLN A 9 -2.67 -7.17 19.16
N ASP A 10 -2.48 -5.88 19.15
CA ASP A 10 -1.39 -5.29 20.00
C ASP A 10 -1.25 -3.79 19.70
N PRO A 11 -0.55 -3.06 20.53
CA PRO A 11 -0.35 -1.59 20.34
C PRO A 11 0.06 -1.20 18.92
N LEU A 12 0.49 0.01 18.73
CA LEU A 12 0.91 0.49 17.38
C LEU A 12 -0.29 0.46 16.42
N TYR A 13 -1.03 -0.61 16.40
CA TYR A 13 -2.20 -0.68 15.49
C TYR A 13 -3.20 0.40 15.89
N ILE A 14 -3.39 0.60 17.16
CA ILE A 14 -4.38 1.64 17.62
C ILE A 14 -4.02 3.00 17.02
N ALA A 15 -2.77 3.39 17.04
CA ALA A 15 -2.42 4.71 16.46
C ALA A 15 -2.68 4.71 14.96
N TYR A 16 -2.18 3.71 14.27
CA TYR A 16 -2.41 3.63 12.79
C TYR A 16 -3.90 3.50 12.50
N HIS A 17 -4.57 2.70 13.26
CA HIS A 17 -6.03 2.50 13.05
C HIS A 17 -6.80 3.77 13.44
N ASP A 18 -6.44 4.39 14.52
CA ASP A 18 -7.15 5.62 14.96
C ASP A 18 -6.75 6.81 14.09
N ASN A 19 -5.80 6.63 13.22
CA ASN A 19 -5.40 7.77 12.34
C ASN A 19 -6.50 8.01 11.31
N GLU A 20 -6.57 7.19 10.31
CA GLU A 20 -7.63 7.37 9.28
C GLU A 20 -7.97 6.01 8.69
N TRP A 21 -6.96 5.29 8.24
CA TRP A 21 -7.18 3.93 7.64
C TRP A 21 -8.60 3.82 7.09
N GLY A 22 -8.87 4.48 6.00
CA GLY A 22 -10.24 4.37 5.39
C GLY A 22 -10.95 5.72 5.39
N VAL A 23 -10.29 6.76 4.94
CA VAL A 23 -10.94 8.09 4.92
C VAL A 23 -10.20 9.11 4.02
N PRO A 24 -8.90 8.98 3.81
CA PRO A 24 -8.14 9.96 2.98
C PRO A 24 -8.15 9.62 1.48
N GLU A 25 -8.06 10.63 0.66
CA GLU A 25 -8.02 10.44 -0.81
C GLU A 25 -6.59 10.04 -1.18
N THR A 26 -6.41 9.30 -2.22
CA THR A 26 -5.03 8.86 -2.57
C THR A 26 -4.39 9.81 -3.58
N ASP A 27 -3.14 10.13 -3.37
CA ASP A 27 -2.41 11.00 -4.34
C ASP A 27 -1.61 10.07 -5.25
N SER A 28 -1.25 10.48 -6.42
CA SER A 28 -0.49 9.56 -7.30
C SER A 28 0.74 9.06 -6.56
N LYS A 29 1.32 9.92 -5.77
CA LYS A 29 2.56 9.55 -5.02
C LYS A 29 2.26 8.51 -3.92
N LYS A 30 1.13 8.59 -3.27
CA LYS A 30 0.83 7.62 -2.17
C LYS A 30 0.73 6.20 -2.73
N LEU A 31 0.11 6.04 -3.86
CA LEU A 31 -0.04 4.68 -4.43
C LEU A 31 1.33 4.04 -4.62
N PHE A 32 2.31 4.80 -5.03
CA PHE A 32 3.66 4.21 -5.22
C PHE A 32 4.25 3.78 -3.89
N GLU A 33 4.29 4.65 -2.92
CA GLU A 33 4.87 4.25 -1.62
C GLU A 33 3.97 3.21 -0.97
N MET A 34 2.69 3.38 -1.09
CA MET A 34 1.75 2.40 -0.47
C MET A 34 1.81 1.06 -1.20
N ILE A 35 1.75 1.06 -2.50
CA ILE A 35 1.81 -0.23 -3.24
C ILE A 35 3.19 -0.86 -3.06
N CYS A 36 4.22 -0.06 -2.94
CA CYS A 36 5.59 -0.63 -2.75
C CYS A 36 5.67 -1.27 -1.37
N LEU A 37 5.20 -0.58 -0.36
CA LEU A 37 5.24 -1.15 1.01
C LEU A 37 4.29 -2.35 1.10
N GLU A 38 3.16 -2.28 0.46
CA GLU A 38 2.20 -3.42 0.49
C GLU A 38 2.82 -4.64 -0.19
N GLY A 39 3.58 -4.43 -1.22
CA GLY A 39 4.19 -5.60 -1.93
C GLY A 39 4.96 -6.47 -0.93
N GLN A 40 5.58 -5.87 0.05
CA GLN A 40 6.36 -6.67 1.04
C GLN A 40 5.43 -7.61 1.82
N GLN A 41 4.21 -7.21 2.08
CA GLN A 41 3.29 -8.11 2.86
C GLN A 41 3.40 -9.54 2.35
N ALA A 42 3.86 -9.75 1.14
CA ALA A 42 3.96 -11.14 0.62
C ALA A 42 4.80 -11.98 1.58
N GLY A 43 4.20 -12.93 2.24
CA GLY A 43 4.95 -13.77 3.20
C GLY A 43 5.19 -13.01 4.49
N LEU A 44 5.22 -11.70 4.43
CA LEU A 44 5.46 -10.89 5.66
C LEU A 44 4.13 -10.30 6.16
N SER A 45 4.10 -9.82 7.37
CA SER A 45 2.84 -9.24 7.92
C SER A 45 2.91 -7.72 7.81
N TRP A 46 1.78 -7.07 7.63
CA TRP A 46 1.77 -5.59 7.51
C TRP A 46 2.44 -4.96 8.74
N ILE A 47 2.18 -5.49 9.91
CA ILE A 47 2.79 -4.88 11.12
C ILE A 47 4.32 -4.88 10.98
N THR A 48 4.87 -5.92 10.41
CA THR A 48 6.34 -5.95 10.22
C THR A 48 6.71 -4.83 9.24
N VAL A 49 5.90 -4.64 8.23
CA VAL A 49 6.19 -3.57 7.25
C VAL A 49 6.07 -2.21 7.95
N LEU A 50 5.14 -2.09 8.86
CA LEU A 50 4.97 -0.81 9.60
C LEU A 50 6.29 -0.39 10.26
N LYS A 51 6.92 -1.28 10.99
CA LYS A 51 8.22 -0.92 11.63
C LYS A 51 9.24 -0.64 10.54
N LYS A 52 9.35 -1.51 9.59
CA LYS A 52 10.31 -1.30 8.48
C LYS A 52 9.90 -0.04 7.72
N ARG A 53 8.64 0.30 7.75
CA ARG A 53 8.16 1.51 7.04
C ARG A 53 9.00 2.69 7.51
N GLU A 54 9.20 2.80 8.80
CA GLU A 54 10.03 3.91 9.34
C GLU A 54 11.48 3.74 8.89
N ASN A 55 11.97 2.53 8.91
CA ASN A 55 13.38 2.30 8.47
C ASN A 55 13.52 2.52 6.97
N TYR A 56 12.52 2.17 6.21
CA TYR A 56 12.60 2.33 4.74
C TYR A 56 12.83 3.80 4.38
N ARG A 57 12.08 4.71 4.94
CA ARG A 57 12.30 6.14 4.60
C ARG A 57 13.63 6.60 5.18
N ALA A 58 14.07 5.98 6.25
CA ALA A 58 15.36 6.38 6.87
C ALA A 58 16.52 5.98 5.96
N CYS A 59 16.43 4.85 5.31
CA CYS A 59 17.56 4.42 4.43
C CYS A 59 17.53 5.21 3.12
N PHE A 60 16.38 5.35 2.51
CA PHE A 60 16.30 6.11 1.23
C PHE A 60 16.18 7.60 1.51
N HIS A 61 15.31 7.98 2.39
CA HIS A 61 15.15 9.43 2.70
C HIS A 61 14.98 10.23 1.40
N GLN A 62 14.86 9.56 0.28
CA GLN A 62 14.69 10.28 -1.01
C GLN A 62 13.21 10.69 -1.20
N PHE A 63 12.31 9.94 -0.63
CA PHE A 63 10.84 10.24 -0.75
C PHE A 63 10.46 10.61 -2.20
N ASP A 64 11.37 10.49 -3.13
CA ASP A 64 11.04 10.83 -4.55
C ASP A 64 11.36 9.60 -5.43
N PRO A 65 10.48 9.26 -6.35
CA PRO A 65 10.69 8.08 -7.25
C PRO A 65 11.68 8.36 -8.38
N VAL A 66 12.00 9.60 -8.64
CA VAL A 66 12.95 9.90 -9.73
C VAL A 66 14.37 9.51 -9.31
N LYS A 67 14.74 9.86 -8.12
CA LYS A 67 16.10 9.53 -7.63
C LYS A 67 16.19 8.02 -7.40
N VAL A 68 15.10 7.44 -6.96
CA VAL A 68 15.11 5.97 -6.71
C VAL A 68 15.41 5.21 -8.00
N ALA A 69 14.85 5.63 -9.10
CA ALA A 69 15.12 4.94 -10.38
C ALA A 69 16.61 5.13 -10.68
N ALA A 70 17.21 6.08 -10.03
CA ALA A 70 18.66 6.34 -10.23
C ALA A 70 19.46 5.54 -9.22
N MET A 71 18.80 4.85 -8.34
CA MET A 71 19.54 4.05 -7.34
C MET A 71 19.86 2.68 -7.95
N GLN A 72 21.12 2.41 -8.14
CA GLN A 72 21.51 1.10 -8.73
C GLN A 72 21.86 0.10 -7.63
N GLU A 73 22.26 -1.07 -8.00
CA GLU A 73 22.59 -2.11 -6.98
C GLU A 73 23.70 -1.60 -6.03
N GLU A 74 24.57 -0.78 -6.50
CA GLU A 74 25.64 -0.27 -5.60
C GLU A 74 25.00 0.40 -4.38
N ASP A 75 24.06 1.27 -4.62
CA ASP A 75 23.37 1.94 -3.48
C ASP A 75 22.66 0.88 -2.64
N VAL A 76 22.07 -0.10 -3.28
CA VAL A 76 21.37 -1.17 -2.52
C VAL A 76 22.36 -1.85 -1.57
N GLU A 77 23.56 -2.10 -2.02
CA GLU A 77 24.55 -2.76 -1.14
C GLU A 77 24.81 -1.88 0.09
N ARG A 78 24.75 -0.59 -0.06
CA ARG A 78 24.98 0.32 1.09
C ARG A 78 23.81 0.21 2.09
N LEU A 79 22.62 0.27 1.59
CA LEU A 79 21.41 0.22 2.46
C LEU A 79 21.20 -1.16 3.09
N VAL A 80 21.55 -2.21 2.41
CA VAL A 80 21.34 -3.55 2.99
C VAL A 80 21.89 -3.60 4.42
N GLN A 81 22.86 -2.78 4.72
CA GLN A 81 23.43 -2.78 6.10
C GLN A 81 23.03 -1.50 6.85
N ASP A 82 22.47 -0.53 6.17
CA ASP A 82 22.09 0.71 6.91
C ASP A 82 20.87 0.43 7.77
N ALA A 83 21.05 0.43 9.06
CA ALA A 83 19.91 0.16 9.99
C ALA A 83 19.56 -1.32 9.93
N GLY A 84 20.03 -2.01 8.93
CA GLY A 84 19.73 -3.47 8.84
C GLY A 84 18.30 -3.66 8.34
N ILE A 85 17.87 -2.85 7.40
CA ILE A 85 16.48 -2.99 6.86
C ILE A 85 16.26 -4.43 6.42
N ILE A 86 15.18 -4.70 5.73
CA ILE A 86 14.95 -6.09 5.27
C ILE A 86 16.03 -6.48 4.28
N ARG A 87 17.02 -7.17 4.76
CA ARG A 87 18.15 -7.61 3.91
C ARG A 87 17.63 -8.39 2.69
N HIS A 88 18.09 -8.08 1.52
CA HIS A 88 17.66 -8.80 0.28
C HIS A 88 17.88 -7.91 -0.93
N ARG A 89 19.07 -7.86 -1.44
CA ARG A 89 19.35 -6.99 -2.62
C ARG A 89 18.37 -7.36 -3.73
N GLY A 90 18.03 -8.61 -3.85
CA GLY A 90 17.08 -9.01 -4.92
C GLY A 90 15.74 -8.30 -4.72
N LYS A 91 15.16 -8.40 -3.56
CA LYS A 91 13.87 -7.72 -3.30
C LYS A 91 14.06 -6.20 -3.39
N ILE A 92 15.12 -5.70 -2.80
CA ILE A 92 15.33 -4.22 -2.87
C ILE A 92 15.41 -3.79 -4.33
N GLN A 93 16.14 -4.50 -5.16
CA GLN A 93 16.22 -4.11 -6.59
C GLN A 93 14.81 -4.09 -7.19
N ALA A 94 13.95 -4.96 -6.74
CA ALA A 94 12.55 -4.96 -7.28
C ALA A 94 11.92 -3.58 -7.00
N ILE A 95 12.21 -3.04 -5.85
CA ILE A 95 11.65 -1.70 -5.50
C ILE A 95 12.24 -0.63 -6.43
N ILE A 96 13.51 -0.69 -6.67
CA ILE A 96 14.14 0.34 -7.56
C ILE A 96 13.45 0.27 -8.92
N GLY A 97 13.28 -0.90 -9.44
CA GLY A 97 12.60 -1.05 -10.75
C GLY A 97 11.18 -0.49 -10.65
N ASN A 98 10.53 -0.72 -9.54
CA ASN A 98 9.14 -0.20 -9.38
C ASN A 98 9.15 1.32 -9.54
N ALA A 99 10.17 1.98 -9.04
CA ALA A 99 10.22 3.46 -9.15
C ALA A 99 10.31 3.87 -10.63
N ARG A 100 11.15 3.21 -11.38
CA ARG A 100 11.28 3.55 -12.83
C ARG A 100 9.92 3.37 -13.51
N ALA A 101 9.18 2.37 -13.12
CA ALA A 101 7.85 2.15 -13.73
C ALA A 101 6.94 3.34 -13.44
N TYR A 102 7.08 3.91 -12.27
CA TYR A 102 6.25 5.07 -11.90
C TYR A 102 6.54 6.20 -12.89
N LEU A 103 7.79 6.40 -13.17
CA LEU A 103 8.19 7.43 -14.15
C LEU A 103 7.61 7.07 -15.52
N GLN A 104 7.38 5.81 -15.77
CA GLN A 104 6.83 5.40 -17.09
C GLN A 104 5.44 6.01 -17.28
N MET A 105 4.64 5.98 -16.26
CA MET A 105 3.28 6.56 -16.38
C MET A 105 3.38 8.07 -16.52
N GLU A 106 4.27 8.68 -15.79
CA GLU A 106 4.43 10.16 -15.87
C GLU A 106 4.95 10.53 -17.26
N GLN A 107 5.88 9.78 -17.76
CA GLN A 107 6.41 10.08 -19.11
C GLN A 107 5.25 9.87 -20.07
N ASN A 108 4.27 9.12 -19.64
CA ASN A 108 3.07 8.87 -20.48
C ASN A 108 2.03 9.94 -20.16
N GLY A 109 2.27 10.71 -19.13
CA GLY A 109 1.30 11.78 -18.74
C GLY A 109 0.02 11.15 -18.16
N GLU A 110 0.12 9.96 -17.62
CA GLU A 110 -1.08 9.29 -17.05
C GLU A 110 -0.89 9.14 -15.53
N PRO A 111 -1.51 9.97 -14.73
CA PRO A 111 -1.39 9.89 -13.24
C PRO A 111 -1.70 8.49 -12.71
N PHE A 112 -1.08 8.10 -11.62
CA PHE A 112 -1.33 6.76 -11.03
C PHE A 112 -2.74 6.67 -10.45
N ALA A 113 -3.16 7.69 -9.77
CA ALA A 113 -4.52 7.67 -9.15
C ALA A 113 -5.61 7.74 -10.23
N ASP A 114 -5.30 8.32 -11.36
CA ASP A 114 -6.35 8.43 -12.42
C ASP A 114 -6.88 7.06 -12.81
N PHE A 115 -6.02 6.12 -13.07
CA PHE A 115 -6.52 4.78 -13.48
C PHE A 115 -7.05 4.02 -12.25
N VAL A 116 -6.43 4.17 -11.11
CA VAL A 116 -6.94 3.44 -9.92
C VAL A 116 -8.34 3.95 -9.55
N TRP A 117 -8.47 5.22 -9.36
CA TRP A 117 -9.80 5.79 -9.03
C TRP A 117 -10.77 5.43 -10.15
N SER A 118 -10.27 5.13 -11.33
CA SER A 118 -11.20 4.78 -12.45
C SER A 118 -11.78 3.37 -12.22
N PHE A 119 -11.02 2.49 -11.62
CA PHE A 119 -11.53 1.11 -11.39
C PHE A 119 -12.63 1.15 -10.33
N VAL A 120 -12.57 2.07 -9.40
CA VAL A 120 -13.64 2.13 -8.37
C VAL A 120 -14.69 3.17 -8.78
N ASN A 121 -14.72 3.50 -10.05
CA ASN A 121 -15.71 4.49 -10.56
C ASN A 121 -15.52 5.86 -9.90
N HIS A 122 -14.30 6.28 -9.74
CA HIS A 122 -14.04 7.62 -9.12
C HIS A 122 -14.96 7.85 -7.93
N GLN A 123 -15.37 6.81 -7.25
CA GLN A 123 -16.27 7.01 -6.07
C GLN A 123 -15.94 5.97 -4.99
N PRO A 124 -16.10 6.33 -3.74
CA PRO A 124 -15.83 5.39 -2.61
C PRO A 124 -16.71 4.14 -2.69
N GLN A 125 -16.14 2.99 -2.39
CA GLN A 125 -16.94 1.72 -2.44
C GLN A 125 -17.11 1.16 -1.03
N MET A 126 -18.21 0.52 -0.77
CA MET A 126 -18.43 -0.06 0.58
C MET A 126 -18.01 -1.53 0.57
N THR A 127 -17.15 -1.93 1.46
CA THR A 127 -16.71 -3.35 1.49
C THR A 127 -17.89 -4.23 1.92
N GLN A 128 -18.66 -3.78 2.89
CA GLN A 128 -19.86 -4.54 3.34
C GLN A 128 -19.45 -5.89 3.92
N ALA A 129 -18.42 -5.91 4.73
CA ALA A 129 -17.98 -7.20 5.33
C ALA A 129 -18.37 -7.23 6.81
N THR A 130 -18.83 -8.35 7.30
CA THR A 130 -19.21 -8.42 8.74
C THR A 130 -18.11 -9.10 9.55
N THR A 131 -17.18 -9.76 8.91
CA THR A 131 -16.08 -10.44 9.66
C THR A 131 -14.82 -10.50 8.80
N LEU A 132 -13.72 -10.86 9.40
CA LEU A 132 -12.44 -10.95 8.63
C LEU A 132 -12.60 -11.95 7.48
N SER A 133 -13.35 -13.00 7.72
CA SER A 133 -13.56 -14.03 6.65
C SER A 133 -14.50 -13.50 5.56
N GLU A 134 -15.15 -12.38 5.81
CA GLU A 134 -16.07 -11.82 4.79
C GLU A 134 -15.33 -10.72 4.05
N ILE A 135 -14.04 -10.70 4.20
CA ILE A 135 -13.21 -9.68 3.53
C ILE A 135 -12.45 -10.33 2.36
N PRO A 136 -12.94 -10.20 1.15
CA PRO A 136 -12.28 -10.83 -0.02
C PRO A 136 -10.93 -10.19 -0.34
N THR A 137 -9.94 -10.98 -0.65
CA THR A 137 -8.59 -10.44 -0.96
C THR A 137 -8.43 -10.32 -2.47
N SER A 138 -9.44 -10.67 -3.21
CA SER A 138 -9.34 -10.56 -4.69
C SER A 138 -10.65 -10.00 -5.26
N THR A 139 -10.74 -8.71 -5.40
CA THR A 139 -11.98 -8.10 -5.94
C THR A 139 -11.72 -7.64 -7.37
N PRO A 140 -12.75 -7.53 -8.17
CA PRO A 140 -12.60 -7.12 -9.59
C PRO A 140 -11.82 -5.81 -9.70
N ALA A 141 -12.02 -4.88 -8.81
CA ALA A 141 -11.25 -3.62 -8.87
C ALA A 141 -9.83 -3.90 -8.40
N SER A 142 -9.69 -4.63 -7.31
CA SER A 142 -8.32 -4.93 -6.81
C SER A 142 -7.60 -5.85 -7.78
N ASP A 143 -8.30 -6.78 -8.38
CA ASP A 143 -7.65 -7.70 -9.34
C ASP A 143 -7.20 -6.89 -10.56
N ALA A 144 -7.96 -5.90 -10.93
CA ALA A 144 -7.59 -5.06 -12.10
C ALA A 144 -6.30 -4.31 -11.79
N LEU A 145 -6.15 -3.84 -10.58
CA LEU A 145 -4.90 -3.10 -10.25
C LEU A 145 -3.71 -4.03 -10.48
N SER A 146 -3.78 -5.24 -10.00
CA SER A 146 -2.64 -6.18 -10.23
C SER A 146 -2.38 -6.28 -11.74
N LYS A 147 -3.41 -6.34 -12.52
CA LYS A 147 -3.22 -6.44 -14.00
C LYS A 147 -2.59 -5.14 -14.50
N ALA A 148 -3.16 -4.04 -14.15
CA ALA A 148 -2.60 -2.75 -14.62
C ALA A 148 -1.22 -2.53 -14.02
N LEU A 149 -1.05 -2.80 -12.76
CA LEU A 149 0.28 -2.61 -12.13
C LEU A 149 1.28 -3.60 -12.72
N LYS A 150 0.87 -4.81 -12.96
CA LYS A 150 1.83 -5.80 -13.52
C LYS A 150 2.33 -5.31 -14.88
N LYS A 151 1.45 -4.73 -15.68
CA LYS A 151 1.87 -4.23 -17.01
C LYS A 151 2.84 -3.06 -16.85
N ARG A 152 2.68 -2.27 -15.84
CA ARG A 152 3.59 -1.11 -15.65
C ARG A 152 4.96 -1.63 -15.19
N GLY A 153 5.11 -2.93 -15.11
CA GLY A 153 6.42 -3.48 -14.66
C GLY A 153 6.47 -3.41 -13.14
N PHE A 154 5.34 -3.44 -12.51
CA PHE A 154 5.32 -3.38 -11.04
C PHE A 154 5.29 -4.80 -10.49
N LYS A 155 6.32 -5.19 -9.79
CA LYS A 155 6.37 -6.57 -9.23
C LYS A 155 5.74 -6.59 -7.83
N PHE A 156 5.50 -7.77 -7.31
CA PHE A 156 4.90 -7.89 -5.95
C PHE A 156 3.56 -7.14 -5.89
N VAL A 157 2.62 -7.53 -6.72
CA VAL A 157 1.29 -6.87 -6.74
C VAL A 157 0.19 -7.93 -6.71
N GLY A 158 0.42 -9.01 -6.03
CA GLY A 158 -0.62 -10.09 -5.97
C GLY A 158 -1.99 -9.47 -5.73
N THR A 159 -3.04 -10.22 -5.96
CA THR A 159 -4.40 -9.67 -5.74
C THR A 159 -4.53 -9.24 -4.27
N THR A 160 -3.72 -9.80 -3.42
CA THR A 160 -3.79 -9.42 -1.99
C THR A 160 -3.14 -8.05 -1.81
N ILE A 161 -2.13 -7.77 -2.60
CA ILE A 161 -1.46 -6.45 -2.50
C ILE A 161 -2.43 -5.38 -2.96
N CYS A 162 -3.09 -5.62 -4.05
CA CYS A 162 -4.07 -4.65 -4.58
C CYS A 162 -5.22 -4.44 -3.58
N TYR A 163 -5.66 -5.51 -2.97
CA TYR A 163 -6.76 -5.38 -1.99
C TYR A 163 -6.25 -4.67 -0.74
N SER A 164 -5.08 -5.00 -0.29
CA SER A 164 -4.52 -4.33 0.93
C SER A 164 -4.42 -2.83 0.65
N PHE A 165 -3.92 -2.47 -0.50
CA PHE A 165 -3.78 -1.03 -0.84
C PHE A 165 -5.17 -0.39 -0.91
N MET A 166 -6.13 -1.08 -1.43
CA MET A 166 -7.49 -0.55 -1.58
C MET A 166 -8.13 -0.15 -0.23
N GLN A 167 -7.95 -0.93 0.81
CA GLN A 167 -8.61 -0.56 2.11
C GLN A 167 -7.84 0.54 2.85
N ALA A 168 -6.55 0.42 2.96
CA ALA A 168 -5.77 1.44 3.71
C ALA A 168 -5.65 2.74 2.91
N CYS A 169 -5.68 2.67 1.61
CA CYS A 169 -5.54 3.90 0.79
C CYS A 169 -6.74 4.84 0.97
N GLY A 170 -7.91 4.30 1.24
CA GLY A 170 -9.11 5.18 1.42
C GLY A 170 -10.05 4.99 0.23
N LEU A 171 -9.67 4.17 -0.72
CA LEU A 171 -10.55 3.95 -1.90
C LEU A 171 -11.90 3.36 -1.47
N VAL A 172 -11.91 2.51 -0.47
CA VAL A 172 -13.20 1.91 -0.02
C VAL A 172 -13.34 2.06 1.50
N ASN A 173 -14.55 2.14 1.98
CA ASN A 173 -14.77 2.30 3.45
C ASN A 173 -15.48 1.06 4.01
N ASP A 174 -15.43 0.89 5.31
CA ASP A 174 -16.09 -0.27 6.01
C ASP A 174 -15.05 -1.38 6.25
N HIS A 175 -14.19 -1.20 7.22
CA HIS A 175 -13.17 -2.27 7.50
C HIS A 175 -13.90 -3.60 7.66
N VAL A 176 -15.01 -3.61 8.34
CA VAL A 176 -15.76 -4.87 8.54
C VAL A 176 -17.16 -4.58 9.09
N VAL A 177 -17.71 -3.44 8.78
CA VAL A 177 -19.07 -3.10 9.29
C VAL A 177 -19.09 -3.19 10.82
N GLY A 178 -19.37 -2.10 11.49
CA GLY A 178 -19.41 -2.14 12.98
C GLY A 178 -18.04 -1.80 13.56
N CYS A 179 -17.13 -1.35 12.75
CA CYS A 179 -15.77 -1.01 13.28
C CYS A 179 -15.88 0.25 14.14
N CYS A 180 -15.06 0.38 15.14
CA CYS A 180 -15.13 1.58 16.02
C CYS A 180 -15.14 2.86 15.18
N CYS A 181 -14.58 2.82 14.00
CA CYS A 181 -14.57 4.03 13.13
C CYS A 181 -15.49 3.80 11.94
N TYR A 182 -16.67 3.29 12.20
CA TYR A 182 -17.63 3.02 11.09
C TYR A 182 -18.73 4.10 11.07
N PRO A 183 -18.69 5.02 10.15
CA PRO A 183 -19.73 6.09 10.04
C PRO A 183 -21.16 5.52 10.05
N GLY A 184 -22.10 6.27 10.55
CA GLY A 184 -23.51 5.77 10.58
C GLY A 184 -24.20 6.32 11.83
N ASN A 185 -23.44 6.65 12.84
CA ASN A 185 -24.04 7.19 14.09
C ASN A 185 -24.10 8.72 14.03
N LYS A 186 -23.80 9.29 12.91
CA LYS A 186 -23.83 10.79 12.79
C LYS A 186 -22.91 11.40 13.84
N PRO A 187 -22.38 12.57 13.58
CA PRO A 187 -21.48 13.28 14.52
C PRO A 187 -21.82 13.01 15.99
N MET A 1 -18.55 -2.36 21.47
CA MET A 1 -17.97 -2.83 20.18
C MET A 1 -16.45 -2.70 20.25
N GLU A 2 -15.75 -3.39 19.39
CA GLU A 2 -14.26 -3.28 19.39
C GLU A 2 -13.84 -2.33 18.28
N ARG A 3 -12.80 -1.57 18.50
CA ARG A 3 -12.35 -0.61 17.46
C ARG A 3 -12.13 -1.36 16.15
N CYS A 4 -11.54 -2.50 16.22
CA CYS A 4 -11.27 -3.31 15.00
C CYS A 4 -10.61 -4.63 15.42
N GLY A 5 -10.76 -5.65 14.61
CA GLY A 5 -10.18 -6.99 14.98
C GLY A 5 -8.66 -6.93 15.18
N TRP A 6 -7.92 -6.30 14.30
CA TRP A 6 -6.44 -6.28 14.50
C TRP A 6 -6.04 -5.09 15.37
N VAL A 7 -6.98 -4.26 15.73
CA VAL A 7 -6.63 -3.11 16.60
C VAL A 7 -6.43 -3.60 18.02
N SER A 8 -7.26 -4.50 18.48
CA SER A 8 -7.10 -5.03 19.86
C SER A 8 -6.05 -6.15 19.85
N GLN A 9 -5.65 -6.58 18.68
CA GLN A 9 -4.64 -7.66 18.58
C GLN A 9 -3.25 -7.18 19.04
N ASP A 10 -2.86 -5.98 18.72
CA ASP A 10 -1.51 -5.51 19.14
C ASP A 10 -1.43 -3.98 19.18
N PRO A 11 -0.49 -3.46 19.95
CA PRO A 11 -0.27 -1.98 20.08
C PRO A 11 0.16 -1.34 18.76
N LEU A 12 0.38 -0.05 18.75
CA LEU A 12 0.79 0.67 17.50
C LEU A 12 -0.36 0.63 16.50
N TYR A 13 -0.99 -0.50 16.36
CA TYR A 13 -2.12 -0.59 15.40
C TYR A 13 -3.17 0.47 15.76
N ILE A 14 -3.36 0.74 17.02
CA ILE A 14 -4.35 1.78 17.41
C ILE A 14 -4.04 3.08 16.67
N ALA A 15 -2.79 3.43 16.61
CA ALA A 15 -2.39 4.69 15.92
C ALA A 15 -2.70 4.57 14.43
N TYR A 16 -2.30 3.50 13.81
CA TYR A 16 -2.57 3.33 12.36
C TYR A 16 -4.08 3.39 12.12
N HIS A 17 -4.85 2.84 13.01
CA HIS A 17 -6.33 2.87 12.82
C HIS A 17 -6.84 4.31 12.81
N ASP A 18 -6.40 5.13 13.72
CA ASP A 18 -6.90 6.53 13.75
C ASP A 18 -6.11 7.39 12.76
N ASN A 19 -5.13 6.83 12.09
CA ASN A 19 -4.34 7.65 11.11
C ASN A 19 -5.18 7.83 9.83
N GLU A 20 -5.28 6.81 9.01
CA GLU A 20 -6.08 6.92 7.76
C GLU A 20 -6.27 5.54 7.13
N TRP A 21 -7.04 4.68 7.76
CA TRP A 21 -7.25 3.33 7.20
C TRP A 21 -8.29 3.39 6.08
N GLY A 22 -8.02 4.14 5.06
CA GLY A 22 -8.99 4.22 3.93
C GLY A 22 -10.05 5.28 4.18
N VAL A 23 -9.66 6.52 4.26
CA VAL A 23 -10.67 7.61 4.46
C VAL A 23 -10.36 8.83 3.57
N PRO A 24 -9.10 9.15 3.29
CA PRO A 24 -8.73 10.31 2.43
C PRO A 24 -8.45 9.91 0.97
N GLU A 25 -8.71 10.81 0.05
CA GLU A 25 -8.41 10.51 -1.39
C GLU A 25 -6.89 10.47 -1.54
N THR A 26 -6.39 9.66 -2.42
CA THR A 26 -4.91 9.57 -2.54
C THR A 26 -4.40 10.37 -3.74
N ASP A 27 -3.19 10.84 -3.65
CA ASP A 27 -2.60 11.60 -4.79
C ASP A 27 -1.80 10.59 -5.61
N SER A 28 -1.57 10.86 -6.86
CA SER A 28 -0.81 9.90 -7.71
C SER A 28 0.49 9.47 -7.01
N LYS A 29 1.06 10.38 -6.27
CA LYS A 29 2.35 10.10 -5.57
C LYS A 29 2.16 9.11 -4.40
N LYS A 30 1.10 9.22 -3.67
CA LYS A 30 0.89 8.31 -2.50
C LYS A 30 0.79 6.86 -2.97
N LEU A 31 0.13 6.63 -4.06
CA LEU A 31 -0.01 5.24 -4.56
C LEU A 31 1.37 4.64 -4.73
N PHE A 32 2.29 5.40 -5.22
CA PHE A 32 3.67 4.88 -5.41
C PHE A 32 4.26 4.49 -4.06
N GLU A 33 4.15 5.35 -3.08
CA GLU A 33 4.72 5.01 -1.76
C GLU A 33 3.89 3.91 -1.12
N MET A 34 2.60 3.96 -1.32
CA MET A 34 1.72 2.94 -0.70
C MET A 34 1.94 1.57 -1.34
N ILE A 35 1.96 1.48 -2.64
CA ILE A 35 2.15 0.14 -3.27
C ILE A 35 3.50 -0.44 -2.85
N CYS A 36 4.47 0.40 -2.58
CA CYS A 36 5.79 -0.15 -2.16
C CYS A 36 5.66 -0.80 -0.79
N LEU A 37 5.14 -0.08 0.18
CA LEU A 37 5.00 -0.67 1.54
C LEU A 37 4.01 -1.83 1.51
N GLU A 38 2.95 -1.70 0.77
CA GLU A 38 1.97 -2.82 0.71
C GLU A 38 2.65 -4.04 0.08
N GLY A 39 3.58 -3.82 -0.79
CA GLY A 39 4.28 -4.96 -1.43
C GLY A 39 5.14 -5.68 -0.40
N GLN A 40 5.74 -4.92 0.49
CA GLN A 40 6.64 -5.50 1.53
C GLN A 40 5.89 -6.53 2.40
N GLN A 41 4.63 -6.32 2.68
CA GLN A 41 3.91 -7.31 3.53
C GLN A 41 3.68 -8.61 2.77
N ALA A 42 4.28 -8.75 1.61
CA ALA A 42 4.09 -10.01 0.86
C ALA A 42 4.46 -11.19 1.76
N GLY A 43 3.50 -12.00 2.12
CA GLY A 43 3.79 -13.15 3.01
C GLY A 43 4.21 -12.64 4.39
N LEU A 44 4.52 -11.38 4.50
CA LEU A 44 4.94 -10.82 5.82
C LEU A 44 3.82 -9.95 6.42
N SER A 45 3.71 -9.96 7.72
CA SER A 45 2.64 -9.17 8.41
C SER A 45 2.74 -7.68 8.03
N TRP A 46 1.65 -6.98 8.16
CA TRP A 46 1.62 -5.52 7.84
C TRP A 46 2.33 -4.73 8.94
N ILE A 47 2.19 -5.13 10.17
CA ILE A 47 2.85 -4.37 11.29
C ILE A 47 4.35 -4.28 11.03
N THR A 48 4.95 -5.33 10.57
CA THR A 48 6.41 -5.29 10.32
C THR A 48 6.69 -4.15 9.34
N VAL A 49 5.83 -3.97 8.38
CA VAL A 49 6.01 -2.87 7.39
C VAL A 49 5.89 -1.52 8.11
N LEU A 50 5.06 -1.45 9.11
CA LEU A 50 4.90 -0.14 9.84
C LEU A 50 6.24 0.24 10.49
N LYS A 51 6.87 -0.67 11.19
CA LYS A 51 8.17 -0.33 11.84
C LYS A 51 9.20 0.00 10.77
N LYS A 52 9.26 -0.81 9.75
CA LYS A 52 10.24 -0.56 8.67
C LYS A 52 9.73 0.54 7.74
N ARG A 53 8.50 0.95 7.91
CA ARG A 53 7.97 2.04 7.04
C ARG A 53 8.66 3.33 7.43
N GLU A 54 8.60 3.69 8.68
CA GLU A 54 9.27 4.94 9.13
C GLU A 54 10.78 4.83 8.95
N ASN A 55 11.33 3.69 9.24
CA ASN A 55 12.81 3.50 9.09
C ASN A 55 13.20 3.37 7.62
N TYR A 56 12.49 2.56 6.89
CA TYR A 56 12.85 2.37 5.46
C TYR A 56 12.69 3.67 4.70
N ARG A 57 11.58 4.33 4.84
CA ARG A 57 11.39 5.61 4.10
C ARG A 57 12.51 6.57 4.48
N ALA A 58 12.96 6.53 5.70
CA ALA A 58 14.05 7.45 6.13
C ALA A 58 15.29 7.25 5.25
N CYS A 59 15.63 6.04 4.91
CA CYS A 59 16.83 5.84 4.05
C CYS A 59 16.55 6.28 2.62
N PHE A 60 15.41 5.94 2.09
CA PHE A 60 15.09 6.32 0.69
C PHE A 60 14.31 7.64 0.68
N HIS A 61 14.19 8.30 1.79
CA HIS A 61 13.42 9.59 1.81
C HIS A 61 13.98 10.54 0.76
N GLN A 62 15.25 10.76 0.81
CA GLN A 62 15.90 11.65 -0.19
C GLN A 62 15.85 10.94 -1.54
N PHE A 63 15.88 9.65 -1.51
CA PHE A 63 15.84 8.85 -2.75
C PHE A 63 14.49 8.16 -2.85
N ASP A 64 13.45 8.89 -3.14
CA ASP A 64 12.09 8.26 -3.20
C ASP A 64 11.54 8.10 -4.64
N PRO A 65 11.61 9.09 -5.49
CA PRO A 65 11.05 9.00 -6.87
C PRO A 65 12.07 8.63 -7.98
N VAL A 66 12.33 9.55 -8.88
CA VAL A 66 13.27 9.26 -10.01
C VAL A 66 14.61 8.89 -9.44
N LYS A 67 14.96 9.49 -8.35
CA LYS A 67 16.25 9.18 -7.72
C LYS A 67 16.29 7.68 -7.46
N VAL A 68 15.17 7.11 -7.08
CA VAL A 68 15.14 5.65 -6.84
C VAL A 68 15.42 4.94 -8.16
N ALA A 69 14.94 5.49 -9.24
CA ALA A 69 15.24 4.85 -10.56
C ALA A 69 16.75 4.99 -10.76
N ALA A 70 17.35 5.88 -10.02
CA ALA A 70 18.81 6.10 -10.11
C ALA A 70 19.50 5.26 -9.05
N MET A 71 18.75 4.76 -8.10
CA MET A 71 19.35 3.92 -7.04
C MET A 71 19.66 2.55 -7.65
N GLN A 72 20.91 2.22 -7.79
CA GLN A 72 21.28 0.90 -8.38
C GLN A 72 21.58 -0.10 -7.27
N GLU A 73 21.76 -1.33 -7.64
CA GLU A 73 22.07 -2.38 -6.62
C GLU A 73 23.26 -1.93 -5.78
N GLU A 74 24.14 -1.16 -6.34
CA GLU A 74 25.32 -0.70 -5.53
C GLU A 74 24.81 0.02 -4.27
N ASP A 75 23.85 0.90 -4.42
CA ASP A 75 23.33 1.60 -3.21
C ASP A 75 22.64 0.59 -2.31
N VAL A 76 21.98 -0.38 -2.90
CA VAL A 76 21.27 -1.42 -2.08
C VAL A 76 22.28 -2.19 -1.22
N GLU A 77 23.39 -2.58 -1.79
CA GLU A 77 24.39 -3.34 -0.99
C GLU A 77 24.78 -2.48 0.22
N ARG A 78 24.92 -1.21 -0.01
CA ARG A 78 25.26 -0.27 1.10
C ARG A 78 24.10 -0.22 2.09
N LEU A 79 22.90 -0.22 1.60
CA LEU A 79 21.70 -0.14 2.49
C LEU A 79 21.59 -1.37 3.38
N VAL A 80 22.01 -2.50 2.90
CA VAL A 80 21.93 -3.72 3.73
C VAL A 80 22.50 -3.46 5.12
N GLN A 81 23.52 -2.64 5.21
CA GLN A 81 24.11 -2.35 6.55
C GLN A 81 23.89 -0.89 6.94
N ASP A 82 23.18 -0.12 6.16
CA ASP A 82 22.98 1.30 6.54
C ASP A 82 21.72 1.45 7.40
N ALA A 83 21.89 1.77 8.65
CA ALA A 83 20.72 1.96 9.55
C ALA A 83 20.15 0.61 9.93
N GLY A 84 20.50 -0.43 9.22
CA GLY A 84 19.97 -1.79 9.56
C GLY A 84 18.52 -1.93 9.11
N ILE A 85 18.12 -1.21 8.08
CA ILE A 85 16.70 -1.32 7.59
C ILE A 85 16.39 -2.77 7.25
N ILE A 86 15.29 -3.00 6.57
CA ILE A 86 14.93 -4.39 6.18
C ILE A 86 16.06 -4.98 5.35
N ARG A 87 17.12 -5.38 5.98
CA ARG A 87 18.26 -5.96 5.22
C ARG A 87 17.78 -7.18 4.43
N HIS A 88 17.86 -7.12 3.13
CA HIS A 88 17.43 -8.26 2.27
C HIS A 88 18.11 -8.12 0.92
N ARG A 89 18.28 -6.90 0.49
CA ARG A 89 18.97 -6.63 -0.81
C ARG A 89 18.13 -7.17 -1.97
N GLY A 90 17.49 -8.29 -1.79
CA GLY A 90 16.67 -8.84 -2.91
C GLY A 90 15.39 -8.01 -3.07
N LYS A 91 14.59 -7.93 -2.04
CA LYS A 91 13.33 -7.16 -2.12
C LYS A 91 13.64 -5.68 -2.42
N ILE A 92 14.75 -5.18 -1.93
CA ILE A 92 15.09 -3.75 -2.19
C ILE A 92 15.36 -3.56 -3.69
N GLN A 93 16.00 -4.50 -4.33
CA GLN A 93 16.29 -4.35 -5.79
C GLN A 93 14.97 -4.34 -6.56
N ALA A 94 13.98 -5.05 -6.09
CA ALA A 94 12.66 -5.06 -6.80
C ALA A 94 12.05 -3.66 -6.75
N ILE A 95 12.18 -3.01 -5.62
CA ILE A 95 11.62 -1.63 -5.46
C ILE A 95 12.26 -0.69 -6.48
N ILE A 96 13.51 -0.88 -6.76
CA ILE A 96 14.18 0.04 -7.72
C ILE A 96 13.51 -0.09 -9.09
N GLY A 97 13.31 -1.29 -9.52
CA GLY A 97 12.67 -1.53 -10.83
C GLY A 97 11.29 -0.88 -10.88
N ASN A 98 10.60 -0.84 -9.77
CA ASN A 98 9.24 -0.21 -9.78
C ASN A 98 9.34 1.30 -9.98
N ALA A 99 10.35 1.91 -9.44
CA ALA A 99 10.50 3.38 -9.62
C ALA A 99 10.62 3.69 -11.12
N ARG A 100 11.44 2.95 -11.81
CA ARG A 100 11.58 3.18 -13.27
C ARG A 100 10.24 2.94 -13.96
N ALA A 101 9.50 1.97 -13.49
CA ALA A 101 8.17 1.71 -14.10
C ALA A 101 7.29 2.94 -13.88
N TYR A 102 7.52 3.65 -12.81
CA TYR A 102 6.73 4.88 -12.55
C TYR A 102 7.03 5.85 -13.68
N LEU A 103 8.26 5.91 -14.08
CA LEU A 103 8.66 6.80 -15.18
C LEU A 103 7.97 6.33 -16.45
N GLN A 104 7.79 5.05 -16.60
CA GLN A 104 7.12 4.50 -17.82
C GLN A 104 5.66 5.01 -17.87
N MET A 105 5.01 5.10 -16.75
CA MET A 105 3.60 5.57 -16.74
C MET A 105 3.56 7.04 -17.19
N GLU A 106 4.48 7.82 -16.69
CA GLU A 106 4.50 9.26 -17.08
C GLU A 106 4.76 9.38 -18.57
N GLN A 107 5.59 8.52 -19.12
CA GLN A 107 5.83 8.59 -20.58
C GLN A 107 4.50 8.29 -21.24
N ASN A 108 3.62 7.69 -20.48
CA ASN A 108 2.27 7.37 -21.02
C ASN A 108 1.35 8.55 -20.67
N GLY A 109 1.77 9.37 -19.74
CA GLY A 109 0.94 10.55 -19.36
C GLY A 109 -0.31 10.09 -18.62
N GLU A 110 -0.25 8.95 -17.97
CA GLU A 110 -1.46 8.46 -17.24
C GLU A 110 -1.18 8.44 -15.73
N PRO A 111 -1.68 9.41 -14.99
CA PRO A 111 -1.48 9.47 -13.52
C PRO A 111 -1.88 8.16 -12.82
N PHE A 112 -1.13 7.78 -11.82
CA PHE A 112 -1.42 6.51 -11.09
C PHE A 112 -2.86 6.51 -10.55
N ALA A 113 -3.28 7.59 -9.98
CA ALA A 113 -4.65 7.65 -9.40
C ALA A 113 -5.72 7.64 -10.50
N ASP A 114 -5.39 8.13 -11.66
CA ASP A 114 -6.41 8.17 -12.75
C ASP A 114 -6.88 6.77 -13.13
N PHE A 115 -5.99 5.85 -13.33
CA PHE A 115 -6.42 4.49 -13.70
C PHE A 115 -6.95 3.75 -12.46
N VAL A 116 -6.41 4.02 -11.31
CA VAL A 116 -6.89 3.32 -10.09
C VAL A 116 -8.30 3.81 -9.72
N TRP A 117 -8.48 5.08 -9.56
CA TRP A 117 -9.84 5.58 -9.23
C TRP A 117 -10.81 5.19 -10.33
N SER A 118 -10.31 4.95 -11.51
CA SER A 118 -11.21 4.57 -12.62
C SER A 118 -11.78 3.16 -12.41
N PHE A 119 -10.99 2.26 -11.87
CA PHE A 119 -11.53 0.89 -11.63
C PHE A 119 -12.61 0.98 -10.57
N VAL A 120 -12.44 1.85 -9.61
CA VAL A 120 -13.47 1.98 -8.53
C VAL A 120 -14.52 3.02 -8.96
N ASN A 121 -14.53 3.37 -10.22
CA ASN A 121 -15.52 4.36 -10.72
C ASN A 121 -15.37 5.68 -9.97
N HIS A 122 -14.16 6.07 -9.65
CA HIS A 122 -13.95 7.35 -8.93
C HIS A 122 -14.95 7.47 -7.77
N GLN A 123 -15.42 6.36 -7.29
CA GLN A 123 -16.41 6.41 -6.16
C GLN A 123 -15.97 5.46 -5.03
N PRO A 124 -16.29 5.80 -3.81
CA PRO A 124 -15.95 4.96 -2.62
C PRO A 124 -16.72 3.64 -2.61
N GLN A 125 -16.10 2.58 -2.14
CA GLN A 125 -16.81 1.27 -2.11
C GLN A 125 -17.08 0.86 -0.66
N MET A 126 -18.25 0.36 -0.40
CA MET A 126 -18.58 -0.06 0.98
C MET A 126 -18.25 -1.55 1.14
N THR A 127 -17.55 -1.92 2.18
CA THR A 127 -17.18 -3.36 2.35
C THR A 127 -18.38 -4.15 2.91
N GLN A 128 -19.09 -3.60 3.85
CA GLN A 128 -20.27 -4.32 4.43
C GLN A 128 -19.84 -5.67 4.97
N ALA A 129 -18.74 -5.71 5.68
CA ALA A 129 -18.28 -7.01 6.22
C ALA A 129 -18.64 -7.12 7.70
N THR A 130 -19.06 -8.27 8.16
CA THR A 130 -19.41 -8.41 9.59
C THR A 130 -18.22 -9.00 10.35
N THR A 131 -17.36 -9.69 9.65
CA THR A 131 -16.16 -10.29 10.32
C THR A 131 -14.96 -10.17 9.38
N LEU A 132 -13.78 -10.37 9.87
CA LEU A 132 -12.58 -10.28 9.00
C LEU A 132 -12.68 -11.33 7.88
N SER A 133 -13.23 -12.48 8.18
CA SER A 133 -13.34 -13.53 7.12
C SER A 133 -14.29 -13.04 6.01
N GLU A 134 -15.21 -12.18 6.33
CA GLU A 134 -16.16 -11.69 5.29
C GLU A 134 -15.48 -10.60 4.45
N ILE A 135 -14.22 -10.35 4.70
CA ILE A 135 -13.50 -9.32 3.91
C ILE A 135 -12.85 -10.00 2.69
N PRO A 136 -13.13 -9.57 1.48
CA PRO A 136 -12.54 -10.17 0.26
C PRO A 136 -11.11 -9.69 0.00
N THR A 137 -10.26 -10.59 -0.38
CA THR A 137 -8.85 -10.20 -0.68
C THR A 137 -8.66 -10.29 -2.19
N SER A 138 -9.73 -10.37 -2.91
CA SER A 138 -9.65 -10.45 -4.40
C SER A 138 -10.93 -9.90 -5.03
N THR A 139 -11.01 -8.60 -5.21
CA THR A 139 -12.22 -8.01 -5.84
C THR A 139 -11.88 -7.62 -7.27
N PRO A 140 -12.87 -7.52 -8.13
CA PRO A 140 -12.62 -7.15 -9.55
C PRO A 140 -11.76 -5.89 -9.67
N ALA A 141 -11.99 -4.90 -8.85
CA ALA A 141 -11.14 -3.68 -8.92
C ALA A 141 -9.76 -4.02 -8.39
N SER A 142 -9.69 -4.79 -7.33
CA SER A 142 -8.37 -5.17 -6.76
C SER A 142 -7.62 -6.03 -7.77
N ASP A 143 -8.30 -6.97 -8.37
CA ASP A 143 -7.62 -7.84 -9.37
C ASP A 143 -7.15 -6.98 -10.54
N ALA A 144 -7.90 -5.99 -10.90
CA ALA A 144 -7.50 -5.13 -12.03
C ALA A 144 -6.19 -4.40 -11.70
N LEU A 145 -5.97 -4.10 -10.44
CA LEU A 145 -4.69 -3.40 -10.08
C LEU A 145 -3.51 -4.35 -10.24
N SER A 146 -3.63 -5.54 -9.73
CA SER A 146 -2.49 -6.49 -9.84
C SER A 146 -2.12 -6.71 -11.31
N LYS A 147 -3.09 -6.95 -12.16
CA LYS A 147 -2.75 -7.17 -13.59
C LYS A 147 -2.27 -5.86 -14.23
N ALA A 148 -2.89 -4.77 -13.88
CA ALA A 148 -2.46 -3.47 -14.46
C ALA A 148 -1.11 -3.06 -13.88
N LEU A 149 -0.94 -3.19 -12.59
CA LEU A 149 0.37 -2.82 -11.97
C LEU A 149 1.45 -3.78 -12.46
N LYS A 150 1.12 -5.02 -12.64
CA LYS A 150 2.13 -6.00 -13.11
C LYS A 150 2.65 -5.57 -14.49
N LYS A 151 1.78 -5.14 -15.35
CA LYS A 151 2.21 -4.72 -16.71
C LYS A 151 3.06 -3.44 -16.67
N ARG A 152 2.80 -2.56 -15.74
CA ARG A 152 3.61 -1.32 -15.68
C ARG A 152 5.04 -1.67 -15.27
N GLY A 153 5.27 -2.89 -14.90
CA GLY A 153 6.63 -3.27 -14.45
C GLY A 153 6.70 -3.14 -12.94
N PHE A 154 5.57 -3.14 -12.30
CA PHE A 154 5.56 -3.04 -10.81
C PHE A 154 5.45 -4.45 -10.22
N LYS A 155 6.47 -4.83 -9.48
CA LYS A 155 6.49 -6.20 -8.87
C LYS A 155 5.85 -6.18 -7.47
N PHE A 156 5.90 -7.30 -6.80
CA PHE A 156 5.28 -7.41 -5.44
C PHE A 156 3.88 -6.82 -5.44
N VAL A 157 3.09 -7.21 -6.40
CA VAL A 157 1.70 -6.73 -6.48
C VAL A 157 0.76 -7.94 -6.39
N GLY A 158 1.08 -8.88 -5.53
CA GLY A 158 0.23 -10.09 -5.40
C GLY A 158 -1.22 -9.65 -5.24
N THR A 159 -2.14 -10.55 -5.42
CA THR A 159 -3.57 -10.18 -5.29
C THR A 159 -3.83 -9.59 -3.90
N THR A 160 -3.13 -10.07 -2.89
CA THR A 160 -3.36 -9.52 -1.51
C THR A 160 -2.79 -8.10 -1.46
N ILE A 161 -1.72 -7.86 -2.15
CA ILE A 161 -1.12 -6.51 -2.14
C ILE A 161 -2.16 -5.52 -2.67
N CYS A 162 -2.82 -5.87 -3.74
CA CYS A 162 -3.86 -4.97 -4.31
C CYS A 162 -5.02 -4.81 -3.33
N TYR A 163 -5.32 -5.83 -2.57
CA TYR A 163 -6.44 -5.72 -1.58
C TYR A 163 -6.05 -4.74 -0.47
N SER A 164 -4.85 -4.86 0.03
CA SER A 164 -4.40 -3.93 1.12
C SER A 164 -4.37 -2.50 0.56
N PHE A 165 -3.96 -2.39 -0.67
CA PHE A 165 -3.91 -1.06 -1.33
C PHE A 165 -5.32 -0.46 -1.36
N MET A 166 -6.29 -1.28 -1.66
CA MET A 166 -7.70 -0.82 -1.76
C MET A 166 -8.18 -0.22 -0.44
N GLN A 167 -7.83 -0.79 0.67
CA GLN A 167 -8.31 -0.21 1.96
C GLN A 167 -7.46 1.00 2.37
N ALA A 168 -6.18 0.88 2.32
CA ALA A 168 -5.31 2.02 2.73
C ALA A 168 -5.43 3.18 1.72
N CYS A 169 -5.91 2.91 0.54
CA CYS A 169 -6.02 4.01 -0.47
C CYS A 169 -7.31 4.84 -0.29
N GLY A 170 -8.30 4.33 0.40
CA GLY A 170 -9.56 5.13 0.58
C GLY A 170 -10.54 4.71 -0.52
N LEU A 171 -10.13 3.78 -1.34
CA LEU A 171 -11.03 3.30 -2.43
C LEU A 171 -12.25 2.60 -1.81
N VAL A 172 -12.06 1.91 -0.72
CA VAL A 172 -13.22 1.22 -0.07
C VAL A 172 -13.21 1.55 1.43
N ASN A 173 -14.36 1.87 1.98
CA ASN A 173 -14.42 2.22 3.43
C ASN A 173 -15.23 1.17 4.18
N ASP A 174 -15.08 1.13 5.49
CA ASP A 174 -15.84 0.17 6.35
C ASP A 174 -15.03 -1.11 6.56
N HIS A 175 -14.07 -1.08 7.44
CA HIS A 175 -13.26 -2.31 7.71
C HIS A 175 -14.22 -3.45 8.06
N VAL A 176 -14.82 -3.38 9.22
CA VAL A 176 -15.78 -4.44 9.64
C VAL A 176 -17.01 -3.78 10.25
N VAL A 177 -18.16 -4.36 10.11
CA VAL A 177 -19.37 -3.72 10.71
C VAL A 177 -19.22 -3.69 12.23
N GLY A 178 -19.46 -2.56 12.84
CA GLY A 178 -19.33 -2.46 14.32
C GLY A 178 -17.88 -2.17 14.71
N CYS A 179 -17.12 -1.58 13.83
CA CYS A 179 -15.70 -1.26 14.18
C CYS A 179 -15.62 0.17 14.68
N CYS A 180 -15.11 0.35 15.86
CA CYS A 180 -14.99 1.72 16.41
C CYS A 180 -16.24 2.51 16.03
N CYS A 181 -17.33 1.83 15.84
CA CYS A 181 -18.58 2.54 15.46
C CYS A 181 -18.29 3.42 14.24
N TYR A 182 -17.60 2.89 13.27
CA TYR A 182 -17.26 3.70 12.07
C TYR A 182 -18.57 4.14 11.39
N PRO A 183 -18.74 5.41 11.08
CA PRO A 183 -19.99 5.89 10.43
C PRO A 183 -20.33 5.09 9.18
N GLY A 184 -21.48 4.49 9.17
CA GLY A 184 -21.87 3.68 7.97
C GLY A 184 -23.40 3.68 7.84
N ASN A 185 -24.09 3.90 8.92
CA ASN A 185 -25.58 3.90 8.86
C ASN A 185 -26.07 5.31 8.55
N LYS A 186 -25.99 6.20 9.51
CA LYS A 186 -26.46 7.59 9.26
C LYS A 186 -25.53 8.25 8.24
N PRO A 187 -26.04 9.16 7.45
CA PRO A 187 -25.22 9.87 6.43
C PRO A 187 -23.80 10.17 6.91
N MET A 1 -20.21 -0.22 19.81
CA MET A 1 -19.61 -0.72 18.54
C MET A 1 -18.27 -1.37 18.82
N GLU A 2 -17.76 -2.13 17.88
CA GLU A 2 -16.44 -2.78 18.09
C GLU A 2 -15.37 -1.96 17.40
N ARG A 3 -14.20 -1.85 17.97
CA ARG A 3 -13.13 -1.03 17.31
C ARG A 3 -12.86 -1.62 15.92
N CYS A 4 -12.47 -2.86 15.88
CA CYS A 4 -12.21 -3.55 14.58
C CYS A 4 -11.58 -4.92 14.86
N GLY A 5 -12.06 -5.93 14.20
CA GLY A 5 -11.49 -7.30 14.40
C GLY A 5 -9.99 -7.29 14.09
N TRP A 6 -9.55 -6.38 13.26
CA TRP A 6 -8.11 -6.33 12.90
C TRP A 6 -7.39 -5.27 13.74
N VAL A 7 -7.87 -4.97 14.92
CA VAL A 7 -7.20 -3.92 15.75
C VAL A 7 -7.13 -4.34 17.23
N SER A 8 -8.05 -5.14 17.69
CA SER A 8 -7.98 -5.55 19.13
C SER A 8 -6.96 -6.67 19.28
N GLN A 9 -6.37 -7.10 18.21
CA GLN A 9 -5.35 -8.19 18.29
C GLN A 9 -4.12 -7.67 19.04
N ASP A 10 -3.77 -6.42 18.81
CA ASP A 10 -2.58 -5.86 19.50
C ASP A 10 -2.55 -4.34 19.30
N PRO A 11 -1.84 -3.65 20.16
CA PRO A 11 -1.70 -2.16 20.09
C PRO A 11 -1.05 -1.72 18.77
N LEU A 12 -0.57 -0.50 18.73
CA LEU A 12 0.08 0.05 17.48
C LEU A 12 -0.93 0.06 16.34
N TYR A 13 -1.64 -1.01 16.14
CA TYR A 13 -2.64 -1.04 15.03
C TYR A 13 -3.66 0.08 15.23
N ILE A 14 -4.04 0.33 16.45
CA ILE A 14 -5.03 1.41 16.72
C ILE A 14 -4.54 2.72 16.12
N ALA A 15 -3.29 3.06 16.29
CA ALA A 15 -2.78 4.32 15.72
C ALA A 15 -2.91 4.26 14.19
N TYR A 16 -2.49 3.18 13.60
CA TYR A 16 -2.60 3.06 12.12
C TYR A 16 -4.07 3.01 11.69
N HIS A 17 -4.89 2.39 12.49
CA HIS A 17 -6.34 2.27 12.16
C HIS A 17 -7.02 3.62 11.99
N ASP A 18 -6.76 4.57 12.86
CA ASP A 18 -7.44 5.88 12.75
C ASP A 18 -6.57 6.93 12.04
N ASN A 19 -5.37 6.59 11.64
CA ASN A 19 -4.51 7.63 10.98
C ASN A 19 -4.53 7.51 9.45
N GLU A 20 -4.69 6.33 8.90
CA GLU A 20 -4.68 6.20 7.42
C GLU A 20 -5.36 4.89 7.01
N TRP A 21 -6.21 4.35 7.84
CA TRP A 21 -6.86 3.06 7.47
C TRP A 21 -8.33 3.30 7.10
N GLY A 22 -8.55 3.88 5.95
CA GLY A 22 -9.96 4.11 5.47
C GLY A 22 -10.34 5.58 5.56
N VAL A 23 -9.42 6.43 5.94
CA VAL A 23 -9.74 7.88 6.07
C VAL A 23 -8.96 8.75 5.05
N PRO A 24 -7.85 8.29 4.52
CA PRO A 24 -7.05 9.10 3.56
C PRO A 24 -7.49 8.97 2.10
N GLU A 25 -7.29 10.00 1.33
CA GLU A 25 -7.61 9.97 -0.11
C GLU A 25 -6.36 9.43 -0.79
N THR A 26 -6.46 8.92 -1.97
CA THR A 26 -5.25 8.37 -2.61
C THR A 26 -4.45 9.48 -3.30
N ASP A 27 -3.22 9.64 -2.91
CA ASP A 27 -2.34 10.67 -3.53
C ASP A 27 -1.34 9.96 -4.44
N SER A 28 -0.65 10.65 -5.28
CA SER A 28 0.31 9.95 -6.18
C SER A 28 1.56 9.50 -5.39
N LYS A 29 2.01 10.32 -4.48
CA LYS A 29 3.25 9.97 -3.70
C LYS A 29 3.01 8.87 -2.67
N LYS A 30 2.00 9.02 -1.85
CA LYS A 30 1.74 7.98 -0.79
C LYS A 30 1.55 6.62 -1.42
N LEU A 31 0.93 6.60 -2.55
CA LEU A 31 0.67 5.31 -3.23
C LEU A 31 1.98 4.69 -3.68
N PHE A 32 2.92 5.50 -4.09
CA PHE A 32 4.23 4.95 -4.53
C PHE A 32 4.89 4.20 -3.37
N GLU A 33 4.94 4.79 -2.21
CA GLU A 33 5.57 4.08 -1.06
C GLU A 33 4.62 2.99 -0.55
N MET A 34 3.34 3.16 -0.73
CA MET A 34 2.38 2.11 -0.26
C MET A 34 2.57 0.84 -1.08
N ILE A 35 2.57 0.94 -2.38
CA ILE A 35 2.75 -0.30 -3.20
C ILE A 35 4.10 -0.93 -2.86
N CYS A 36 5.08 -0.12 -2.57
CA CYS A 36 6.42 -0.70 -2.23
C CYS A 36 6.35 -1.35 -0.85
N LEU A 37 5.88 -0.63 0.13
CA LEU A 37 5.80 -1.21 1.50
C LEU A 37 4.76 -2.33 1.52
N GLU A 38 3.68 -2.16 0.82
CA GLU A 38 2.62 -3.20 0.80
C GLU A 38 3.19 -4.48 0.18
N GLY A 39 4.08 -4.35 -0.77
CA GLY A 39 4.69 -5.56 -1.41
C GLY A 39 5.46 -6.39 -0.38
N GLN A 40 6.12 -5.75 0.56
CA GLN A 40 6.88 -6.51 1.59
C GLN A 40 5.96 -7.38 2.44
N GLN A 41 4.71 -7.01 2.56
CA GLN A 41 3.79 -7.83 3.41
C GLN A 41 3.56 -9.21 2.79
N ALA A 42 4.11 -9.48 1.64
CA ALA A 42 3.88 -10.82 1.04
C ALA A 42 4.44 -11.88 2.00
N GLY A 43 3.58 -12.68 2.58
CA GLY A 43 4.05 -13.73 3.53
C GLY A 43 4.60 -13.07 4.80
N LEU A 44 4.74 -11.78 4.81
CA LEU A 44 5.29 -11.08 6.02
C LEU A 44 4.18 -10.28 6.71
N SER A 45 4.21 -10.21 8.01
CA SER A 45 3.16 -9.45 8.74
C SER A 45 3.26 -7.96 8.37
N TRP A 46 2.15 -7.27 8.39
CA TRP A 46 2.16 -5.82 8.05
C TRP A 46 2.76 -5.03 9.21
N ILE A 47 2.46 -5.40 10.41
CA ILE A 47 3.03 -4.66 11.58
C ILE A 47 4.55 -4.76 11.49
N THR A 48 5.07 -5.88 11.06
CA THR A 48 6.53 -6.02 10.93
C THR A 48 7.03 -4.97 9.93
N VAL A 49 6.34 -4.82 8.84
CA VAL A 49 6.74 -3.81 7.83
C VAL A 49 6.51 -2.41 8.42
N LEU A 50 5.59 -2.28 9.35
CA LEU A 50 5.32 -0.94 9.94
C LEU A 50 6.56 -0.43 10.69
N LYS A 51 7.11 -1.22 11.56
CA LYS A 51 8.31 -0.76 12.32
C LYS A 51 9.41 -0.46 11.31
N LYS A 52 9.58 -1.34 10.37
CA LYS A 52 10.61 -1.13 9.34
C LYS A 52 10.14 -0.05 8.37
N ARG A 53 8.90 0.34 8.46
CA ARG A 53 8.41 1.42 7.56
C ARG A 53 9.15 2.69 7.93
N GLU A 54 9.28 2.96 9.21
CA GLU A 54 10.02 4.17 9.63
C GLU A 54 11.52 3.98 9.36
N ASN A 55 12.05 2.83 9.69
CA ASN A 55 13.51 2.60 9.46
C ASN A 55 13.81 2.50 7.96
N TYR A 56 12.95 1.85 7.23
CA TYR A 56 13.19 1.69 5.77
C TYR A 56 13.31 3.04 5.07
N ARG A 57 12.40 3.94 5.32
CA ARG A 57 12.48 5.27 4.66
C ARG A 57 13.72 6.00 5.16
N ALA A 58 14.17 5.71 6.34
CA ALA A 58 15.38 6.40 6.87
C ALA A 58 16.59 6.06 6.00
N CYS A 59 16.74 4.82 5.62
CA CYS A 59 17.92 4.46 4.77
C CYS A 59 17.72 4.98 3.34
N PHE A 60 16.55 4.78 2.77
CA PHE A 60 16.29 5.27 1.39
C PHE A 60 15.98 6.77 1.39
N HIS A 61 15.13 7.20 2.30
CA HIS A 61 14.75 8.65 2.35
C HIS A 61 14.51 9.14 0.92
N GLN A 62 14.08 8.26 0.07
CA GLN A 62 13.83 8.63 -1.35
C GLN A 62 12.88 9.84 -1.45
N PHE A 63 11.83 9.83 -0.70
CA PHE A 63 10.86 10.96 -0.75
C PHE A 63 10.62 11.38 -2.20
N ASP A 64 10.92 10.54 -3.15
CA ASP A 64 10.69 10.90 -4.57
C ASP A 64 10.94 9.69 -5.48
N PRO A 65 10.09 9.45 -6.44
CA PRO A 65 10.23 8.28 -7.36
C PRO A 65 11.39 8.43 -8.35
N VAL A 66 11.66 9.63 -8.80
CA VAL A 66 12.79 9.81 -9.76
C VAL A 66 14.11 9.50 -9.05
N LYS A 67 14.25 9.93 -7.82
CA LYS A 67 15.50 9.65 -7.07
C LYS A 67 15.65 8.14 -6.90
N VAL A 68 14.54 7.46 -6.74
CA VAL A 68 14.58 5.99 -6.56
C VAL A 68 15.04 5.32 -7.86
N ALA A 69 14.56 5.79 -8.98
CA ALA A 69 14.97 5.18 -10.27
C ALA A 69 16.45 5.51 -10.50
N ALA A 70 16.96 6.44 -9.74
CA ALA A 70 18.39 6.80 -9.89
C ALA A 70 19.24 5.93 -8.98
N MET A 71 18.61 5.18 -8.12
CA MET A 71 19.39 4.29 -7.23
C MET A 71 19.80 3.06 -8.04
N GLN A 72 21.06 2.90 -8.28
CA GLN A 72 21.52 1.74 -9.09
C GLN A 72 21.94 0.59 -8.17
N GLU A 73 22.32 -0.52 -8.74
CA GLU A 73 22.72 -1.69 -7.90
C GLU A 73 23.83 -1.29 -6.92
N GLU A 74 24.64 -0.34 -7.25
CA GLU A 74 25.71 0.04 -6.28
C GLU A 74 25.05 0.58 -5.00
N ASP A 75 24.01 1.36 -5.14
CA ASP A 75 23.33 1.93 -3.95
C ASP A 75 22.68 0.83 -3.11
N VAL A 76 22.11 -0.16 -3.73
CA VAL A 76 21.46 -1.24 -2.95
C VAL A 76 22.54 -2.05 -2.21
N GLU A 77 23.72 -2.16 -2.79
CA GLU A 77 24.80 -2.94 -2.12
C GLU A 77 25.23 -2.24 -0.83
N ARG A 78 25.32 -0.94 -0.82
CA ARG A 78 25.75 -0.25 0.43
C ARG A 78 24.59 -0.27 1.45
N LEU A 79 23.39 -0.07 0.99
CA LEU A 79 22.23 -0.07 1.92
C LEU A 79 22.03 -1.47 2.51
N VAL A 80 22.32 -2.49 1.76
CA VAL A 80 22.11 -3.86 2.29
C VAL A 80 22.75 -3.96 3.68
N GLN A 81 23.79 -3.21 3.93
CA GLN A 81 24.43 -3.27 5.27
C GLN A 81 24.11 -2.01 6.07
N ASP A 82 23.36 -1.09 5.54
CA ASP A 82 23.05 0.14 6.33
C ASP A 82 21.91 -0.17 7.31
N ALA A 83 22.22 -0.25 8.57
CA ALA A 83 21.18 -0.53 9.59
C ALA A 83 20.67 -1.97 9.42
N GLY A 84 20.97 -2.58 8.31
CA GLY A 84 20.49 -3.98 8.09
C GLY A 84 18.97 -3.98 7.94
N ILE A 85 18.43 -2.97 7.32
CA ILE A 85 16.95 -2.86 7.12
C ILE A 85 16.32 -4.25 7.07
N ILE A 86 16.20 -4.83 5.91
CA ILE A 86 15.60 -6.19 5.79
C ILE A 86 15.66 -6.66 4.35
N ARG A 87 15.34 -5.81 3.42
CA ARG A 87 15.35 -6.25 2.00
C ARG A 87 16.79 -6.60 1.58
N HIS A 88 16.91 -7.43 0.58
CA HIS A 88 18.26 -7.85 0.12
C HIS A 88 18.59 -7.16 -1.20
N ARG A 89 19.81 -7.27 -1.63
CA ARG A 89 20.21 -6.63 -2.91
C ARG A 89 19.30 -7.11 -4.03
N GLY A 90 18.85 -8.35 -3.97
CA GLY A 90 17.96 -8.86 -5.04
C GLY A 90 16.59 -8.19 -4.98
N LYS A 91 15.90 -8.30 -3.88
CA LYS A 91 14.56 -7.66 -3.79
C LYS A 91 14.69 -6.15 -3.97
N ILE A 92 15.67 -5.53 -3.38
CA ILE A 92 15.80 -4.05 -3.53
C ILE A 92 15.92 -3.70 -5.01
N GLN A 93 16.75 -4.37 -5.75
CA GLN A 93 16.86 -4.05 -7.19
C GLN A 93 15.46 -4.09 -7.80
N ALA A 94 14.59 -4.94 -7.29
CA ALA A 94 13.21 -4.99 -7.83
C ALA A 94 12.47 -3.71 -7.44
N ILE A 95 12.70 -3.23 -6.25
CA ILE A 95 12.03 -1.97 -5.80
C ILE A 95 12.43 -0.82 -6.72
N ILE A 96 13.69 -0.70 -7.02
CA ILE A 96 14.12 0.39 -7.92
C ILE A 96 13.45 0.22 -9.27
N GLY A 97 13.29 -0.99 -9.71
CA GLY A 97 12.61 -1.23 -11.02
C GLY A 97 11.22 -0.61 -10.95
N ASN A 98 10.59 -0.69 -9.81
CA ASN A 98 9.24 -0.08 -9.68
C ASN A 98 9.33 1.42 -9.95
N ALA A 99 10.42 2.03 -9.55
CA ALA A 99 10.58 3.48 -9.79
C ALA A 99 10.59 3.76 -11.29
N ARG A 100 11.33 2.99 -12.05
CA ARG A 100 11.37 3.20 -13.51
C ARG A 100 9.93 3.20 -14.05
N ALA A 101 9.11 2.31 -13.56
CA ALA A 101 7.70 2.27 -14.04
C ALA A 101 6.96 3.55 -13.64
N TYR A 102 7.32 4.15 -12.54
CA TYR A 102 6.64 5.41 -12.14
C TYR A 102 6.93 6.41 -13.24
N LEU A 103 8.15 6.45 -13.68
CA LEU A 103 8.53 7.35 -14.78
C LEU A 103 7.73 6.96 -16.02
N GLN A 104 7.49 5.69 -16.20
CA GLN A 104 6.69 5.25 -17.38
C GLN A 104 5.27 5.80 -17.28
N MET A 105 4.76 5.91 -16.09
CA MET A 105 3.38 6.47 -15.93
C MET A 105 3.41 7.92 -16.39
N GLU A 106 4.45 8.61 -16.05
CA GLU A 106 4.57 10.03 -16.47
C GLU A 106 4.63 10.06 -17.99
N GLN A 107 5.32 9.13 -18.58
CA GLN A 107 5.39 9.08 -20.05
C GLN A 107 3.98 8.83 -20.54
N ASN A 108 3.16 8.27 -19.69
CA ASN A 108 1.75 8.01 -20.08
C ASN A 108 0.92 9.24 -19.70
N GLY A 109 1.47 10.10 -18.88
CA GLY A 109 0.74 11.34 -18.49
C GLY A 109 -0.47 11.01 -17.61
N GLU A 110 -0.43 9.93 -16.87
CA GLU A 110 -1.60 9.58 -16.00
C GLU A 110 -1.14 9.41 -14.55
N PRO A 111 -1.38 10.38 -13.70
CA PRO A 111 -0.98 10.29 -12.27
C PRO A 111 -1.36 8.94 -11.64
N PHE A 112 -0.60 8.49 -10.68
CA PHE A 112 -0.88 7.17 -10.03
C PHE A 112 -2.27 7.20 -9.38
N ALA A 113 -2.56 8.25 -8.68
CA ALA A 113 -3.87 8.34 -8.00
C ALA A 113 -5.02 8.48 -9.01
N ASP A 114 -4.75 9.01 -10.17
CA ASP A 114 -5.86 9.18 -11.16
C ASP A 114 -6.34 7.83 -11.72
N PHE A 115 -5.47 6.94 -12.08
CA PHE A 115 -5.94 5.64 -12.66
C PHE A 115 -6.58 4.79 -11.57
N VAL A 116 -6.09 4.80 -10.36
CA VAL A 116 -6.74 3.95 -9.31
C VAL A 116 -8.16 4.47 -9.06
N TRP A 117 -8.31 5.73 -8.77
CA TRP A 117 -9.67 6.28 -8.54
C TRP A 117 -10.53 5.99 -9.77
N SER A 118 -9.92 5.78 -10.91
CA SER A 118 -10.72 5.49 -12.14
C SER A 118 -11.28 4.07 -12.08
N PHE A 119 -10.53 3.14 -11.54
CA PHE A 119 -11.04 1.73 -11.46
C PHE A 119 -12.20 1.64 -10.49
N VAL A 120 -12.24 2.49 -9.49
CA VAL A 120 -13.37 2.42 -8.53
C VAL A 120 -14.46 3.41 -8.94
N ASN A 121 -14.44 3.83 -10.17
CA ASN A 121 -15.48 4.80 -10.67
C ASN A 121 -15.44 6.07 -9.83
N HIS A 122 -14.26 6.54 -9.49
CA HIS A 122 -14.15 7.80 -8.70
C HIS A 122 -15.24 7.83 -7.62
N GLN A 123 -15.67 6.69 -7.15
CA GLN A 123 -16.74 6.67 -6.11
C GLN A 123 -16.29 5.82 -4.91
N PRO A 124 -16.69 6.18 -3.72
CA PRO A 124 -16.33 5.44 -2.49
C PRO A 124 -16.95 4.05 -2.44
N GLN A 125 -16.22 3.07 -1.97
CA GLN A 125 -16.77 1.69 -1.89
C GLN A 125 -17.05 1.36 -0.43
N MET A 126 -18.24 0.93 -0.12
CA MET A 126 -18.57 0.60 1.29
C MET A 126 -18.53 -0.92 1.50
N THR A 127 -17.72 -1.38 2.42
CA THR A 127 -17.65 -2.84 2.69
C THR A 127 -18.67 -3.19 3.78
N GLN A 128 -19.65 -3.99 3.47
CA GLN A 128 -20.70 -4.35 4.47
C GLN A 128 -20.31 -5.66 5.18
N ALA A 129 -19.04 -5.99 5.14
CA ALA A 129 -18.59 -7.24 5.80
C ALA A 129 -18.67 -7.12 7.32
N THR A 130 -19.02 -8.18 7.98
CA THR A 130 -19.09 -8.12 9.47
C THR A 130 -17.75 -8.59 10.06
N THR A 131 -17.08 -9.49 9.39
CA THR A 131 -15.77 -9.99 9.90
C THR A 131 -14.76 -10.00 8.75
N LEU A 132 -13.49 -10.06 9.06
CA LEU A 132 -12.47 -10.08 7.98
C LEU A 132 -12.74 -11.27 7.05
N SER A 133 -13.20 -12.36 7.61
CA SER A 133 -13.49 -13.56 6.77
C SER A 133 -14.56 -13.22 5.74
N GLU A 134 -15.38 -12.24 6.02
CA GLU A 134 -16.45 -11.88 5.05
C GLU A 134 -15.92 -10.85 4.06
N ILE A 135 -14.71 -10.39 4.26
CA ILE A 135 -14.15 -9.38 3.32
C ILE A 135 -13.38 -10.12 2.22
N PRO A 136 -13.63 -9.80 0.96
CA PRO A 136 -12.94 -10.47 -0.18
C PRO A 136 -11.51 -9.96 -0.38
N THR A 137 -10.63 -10.81 -0.83
CA THR A 137 -9.22 -10.39 -1.06
C THR A 137 -9.02 -10.21 -2.56
N SER A 138 -10.09 -10.25 -3.30
CA SER A 138 -9.99 -10.07 -4.77
C SER A 138 -11.23 -9.32 -5.28
N THR A 139 -11.10 -8.03 -5.48
CA THR A 139 -12.27 -7.24 -5.98
C THR A 139 -11.98 -6.83 -7.42
N PRO A 140 -13.00 -6.58 -8.20
CA PRO A 140 -12.83 -6.17 -9.62
C PRO A 140 -11.89 -4.98 -9.75
N ALA A 141 -11.97 -4.05 -8.85
CA ALA A 141 -11.05 -2.89 -8.92
C ALA A 141 -9.66 -3.33 -8.48
N SER A 142 -9.59 -4.13 -7.45
CA SER A 142 -8.26 -4.60 -6.97
C SER A 142 -7.60 -5.48 -8.03
N ASP A 143 -8.36 -6.31 -8.69
CA ASP A 143 -7.76 -7.18 -9.73
C ASP A 143 -7.15 -6.32 -10.84
N ALA A 144 -7.82 -5.27 -11.24
CA ALA A 144 -7.26 -4.42 -12.32
C ALA A 144 -5.95 -3.79 -11.86
N LEU A 145 -5.83 -3.48 -10.59
CA LEU A 145 -4.56 -2.87 -10.12
C LEU A 145 -3.40 -3.84 -10.31
N SER A 146 -3.55 -5.08 -9.92
CA SER A 146 -2.43 -6.05 -10.11
C SER A 146 -2.11 -6.18 -11.59
N LYS A 147 -3.11 -6.30 -12.40
CA LYS A 147 -2.88 -6.41 -13.86
C LYS A 147 -2.34 -5.10 -14.40
N ALA A 148 -2.90 -4.01 -14.00
CA ALA A 148 -2.42 -2.68 -14.48
C ALA A 148 -1.02 -2.42 -13.92
N LEU A 149 -0.81 -2.73 -12.67
CA LEU A 149 0.53 -2.50 -12.08
C LEU A 149 1.54 -3.45 -12.72
N LYS A 150 1.19 -4.69 -12.86
CA LYS A 150 2.15 -5.64 -13.47
C LYS A 150 2.48 -5.22 -14.89
N LYS A 151 1.50 -4.81 -15.63
CA LYS A 151 1.74 -4.39 -17.03
C LYS A 151 2.55 -3.10 -17.10
N ARG A 152 2.40 -2.23 -16.14
CA ARG A 152 3.15 -0.95 -16.19
C ARG A 152 4.59 -1.17 -15.69
N GLY A 153 4.95 -2.39 -15.41
CA GLY A 153 6.34 -2.66 -14.94
C GLY A 153 6.43 -2.62 -13.43
N PHE A 154 5.33 -2.78 -12.74
CA PHE A 154 5.41 -2.79 -11.25
C PHE A 154 5.31 -4.23 -10.75
N LYS A 155 6.39 -4.74 -10.22
CA LYS A 155 6.39 -6.14 -9.71
C LYS A 155 6.02 -6.15 -8.23
N PHE A 156 5.81 -7.31 -7.67
CA PHE A 156 5.43 -7.38 -6.23
C PHE A 156 4.13 -6.61 -6.03
N VAL A 157 3.07 -7.14 -6.57
CA VAL A 157 1.74 -6.49 -6.45
C VAL A 157 0.68 -7.61 -6.49
N GLY A 158 0.97 -8.71 -5.86
CA GLY A 158 0.01 -9.85 -5.87
C GLY A 158 -1.41 -9.35 -5.64
N THR A 159 -2.38 -10.19 -5.87
CA THR A 159 -3.78 -9.77 -5.66
C THR A 159 -3.97 -9.35 -4.21
N THR A 160 -3.20 -9.89 -3.31
CA THR A 160 -3.34 -9.50 -1.88
C THR A 160 -2.75 -8.11 -1.71
N ILE A 161 -1.75 -7.79 -2.49
CA ILE A 161 -1.13 -6.44 -2.39
C ILE A 161 -2.12 -5.39 -2.91
N CYS A 162 -2.74 -5.67 -4.02
CA CYS A 162 -3.72 -4.71 -4.60
C CYS A 162 -4.94 -4.59 -3.68
N TYR A 163 -5.31 -5.66 -3.05
CA TYR A 163 -6.48 -5.62 -2.14
C TYR A 163 -6.15 -4.81 -0.89
N SER A 164 -5.00 -5.04 -0.31
CA SER A 164 -4.62 -4.24 0.90
C SER A 164 -4.39 -2.78 0.47
N PHE A 165 -3.92 -2.61 -0.74
CA PHE A 165 -3.67 -1.24 -1.27
C PHE A 165 -4.98 -0.44 -1.25
N MET A 166 -6.05 -1.02 -1.69
CA MET A 166 -7.35 -0.28 -1.69
C MET A 166 -7.80 -0.01 -0.26
N GLN A 167 -7.59 -0.94 0.63
CA GLN A 167 -8.03 -0.74 2.03
C GLN A 167 -7.25 0.42 2.67
N ALA A 168 -5.96 0.45 2.50
CA ALA A 168 -5.15 1.55 3.09
C ALA A 168 -5.30 2.81 2.25
N CYS A 169 -5.37 2.67 0.97
CA CYS A 169 -5.51 3.85 0.08
C CYS A 169 -6.76 4.65 0.47
N GLY A 170 -7.76 4.00 1.01
CA GLY A 170 -9.00 4.74 1.39
C GLY A 170 -10.05 4.55 0.31
N LEU A 171 -9.75 3.77 -0.69
CA LEU A 171 -10.74 3.54 -1.77
C LEU A 171 -11.98 2.85 -1.22
N VAL A 172 -11.83 1.99 -0.23
CA VAL A 172 -13.03 1.32 0.36
C VAL A 172 -13.08 1.59 1.86
N ASN A 173 -14.20 2.03 2.36
CA ASN A 173 -14.32 2.32 3.82
C ASN A 173 -15.19 1.26 4.50
N ASP A 174 -15.13 1.18 5.80
CA ASP A 174 -15.97 0.20 6.56
C ASP A 174 -15.24 -1.14 6.63
N HIS A 175 -14.23 -1.23 7.45
CA HIS A 175 -13.49 -2.52 7.57
C HIS A 175 -14.47 -3.63 7.92
N VAL A 176 -15.12 -3.51 9.05
CA VAL A 176 -16.11 -4.54 9.47
C VAL A 176 -17.33 -3.85 10.07
N VAL A 177 -18.48 -4.46 9.99
CA VAL A 177 -19.70 -3.82 10.56
C VAL A 177 -19.49 -3.60 12.07
N GLY A 178 -19.76 -2.41 12.54
CA GLY A 178 -19.56 -2.13 13.98
C GLY A 178 -18.15 -1.62 14.22
N CYS A 179 -17.43 -1.32 13.17
CA CYS A 179 -16.04 -0.82 13.34
C CYS A 179 -16.07 0.62 13.86
N CYS A 180 -15.13 0.98 14.70
CA CYS A 180 -15.12 2.36 15.27
C CYS A 180 -15.41 3.37 14.16
N CYS A 181 -14.98 3.09 12.96
CA CYS A 181 -15.24 4.02 11.83
C CYS A 181 -16.50 3.56 11.07
N TYR A 182 -17.46 3.01 11.77
CA TYR A 182 -18.71 2.54 11.11
C TYR A 182 -19.92 3.23 11.74
N PRO A 183 -20.26 4.40 11.26
CA PRO A 183 -21.41 5.17 11.80
C PRO A 183 -22.74 4.73 11.16
N GLY A 184 -22.95 5.05 9.91
CA GLY A 184 -24.22 4.66 9.25
C GLY A 184 -25.37 5.46 9.84
N ASN A 185 -25.49 5.48 11.14
CA ASN A 185 -26.60 6.25 11.78
C ASN A 185 -26.04 7.15 12.88
N LYS A 186 -24.88 6.83 13.39
CA LYS A 186 -24.28 7.68 14.46
C LYS A 186 -24.01 9.08 13.90
N PRO A 187 -24.08 10.10 14.72
CA PRO A 187 -23.83 11.50 14.27
C PRO A 187 -22.45 11.66 13.65
N MET A 1 -19.73 -0.40 18.16
CA MET A 1 -20.17 -1.74 18.68
C MET A 1 -18.93 -2.58 18.99
N GLU A 2 -18.45 -3.32 18.03
CA GLU A 2 -17.24 -4.16 18.27
C GLU A 2 -16.01 -3.50 17.66
N ARG A 3 -14.87 -3.66 18.30
CA ARG A 3 -13.62 -3.07 17.77
C ARG A 3 -13.23 -3.75 16.46
N CYS A 4 -12.41 -3.11 15.68
CA CYS A 4 -11.99 -3.73 14.39
C CYS A 4 -11.22 -5.02 14.69
N GLY A 5 -11.65 -6.10 14.10
CA GLY A 5 -10.98 -7.41 14.34
C GLY A 5 -9.48 -7.29 14.04
N TRP A 6 -9.10 -6.30 13.28
CA TRP A 6 -7.67 -6.14 12.94
C TRP A 6 -7.01 -5.13 13.90
N VAL A 7 -7.77 -4.52 14.77
CA VAL A 7 -7.16 -3.54 15.70
C VAL A 7 -6.84 -4.20 17.04
N SER A 8 -7.54 -5.23 17.40
CA SER A 8 -7.26 -5.89 18.70
C SER A 8 -5.96 -6.70 18.60
N GLN A 9 -5.35 -6.75 17.45
CA GLN A 9 -4.10 -7.55 17.32
C GLN A 9 -2.97 -6.93 18.16
N ASP A 10 -2.76 -5.64 18.04
CA ASP A 10 -1.68 -5.00 18.85
C ASP A 10 -1.95 -3.51 19.01
N PRO A 11 -1.46 -2.88 20.06
CA PRO A 11 -1.67 -1.42 20.29
C PRO A 11 -1.23 -0.54 19.11
N LEU A 12 -0.21 -0.93 18.39
CA LEU A 12 0.26 -0.08 17.25
C LEU A 12 -0.86 0.10 16.23
N TYR A 13 -1.68 -0.90 16.03
CA TYR A 13 -2.79 -0.76 15.04
C TYR A 13 -3.73 0.36 15.48
N ILE A 14 -3.94 0.52 16.76
CA ILE A 14 -4.85 1.61 17.20
C ILE A 14 -4.41 2.93 16.56
N ALA A 15 -3.13 3.19 16.53
CA ALA A 15 -2.64 4.46 15.92
C ALA A 15 -2.86 4.44 14.40
N TYR A 16 -2.45 3.38 13.75
CA TYR A 16 -2.62 3.31 12.27
C TYR A 16 -4.10 3.25 11.91
N HIS A 17 -4.87 2.49 12.62
CA HIS A 17 -6.32 2.38 12.32
C HIS A 17 -7.03 3.73 12.55
N ASP A 18 -6.61 4.45 13.54
CA ASP A 18 -7.27 5.75 13.86
C ASP A 18 -6.90 6.86 12.86
N ASN A 19 -5.84 6.72 12.12
CA ASN A 19 -5.47 7.83 11.19
C ASN A 19 -6.14 7.69 9.81
N GLU A 20 -6.00 6.59 9.12
CA GLU A 20 -6.63 6.50 7.79
C GLU A 20 -6.71 5.05 7.29
N TRP A 21 -7.52 4.22 7.90
CA TRP A 21 -7.65 2.84 7.40
C TRP A 21 -8.55 2.90 6.16
N GLY A 22 -8.12 3.55 5.14
CA GLY A 22 -8.96 3.65 3.92
C GLY A 22 -10.11 4.64 4.15
N VAL A 23 -9.84 5.77 4.73
CA VAL A 23 -10.91 6.76 4.98
C VAL A 23 -10.77 7.97 4.02
N PRO A 24 -9.56 8.34 3.65
CA PRO A 24 -9.30 9.48 2.73
C PRO A 24 -9.33 9.06 1.26
N GLU A 25 -9.62 9.98 0.37
CA GLU A 25 -9.64 9.64 -1.06
C GLU A 25 -8.21 9.28 -1.42
N THR A 26 -7.99 8.63 -2.50
CA THR A 26 -6.61 8.22 -2.83
C THR A 26 -5.88 9.31 -3.63
N ASP A 27 -4.85 9.87 -3.05
CA ASP A 27 -4.05 10.91 -3.76
C ASP A 27 -2.94 10.20 -4.52
N SER A 28 -2.38 10.79 -5.54
CA SER A 28 -1.32 10.09 -6.29
C SER A 28 -0.08 9.86 -5.43
N LYS A 29 0.36 10.87 -4.73
CA LYS A 29 1.61 10.74 -3.91
C LYS A 29 1.48 9.70 -2.78
N LYS A 30 0.44 9.79 -2.01
CA LYS A 30 0.28 8.82 -0.88
C LYS A 30 0.27 7.43 -1.46
N LEU A 31 -0.31 7.30 -2.61
CA LEU A 31 -0.40 5.98 -3.27
C LEU A 31 1.00 5.49 -3.66
N PHE A 32 1.91 6.38 -3.96
CA PHE A 32 3.27 5.89 -4.33
C PHE A 32 3.81 5.08 -3.15
N GLU A 33 3.76 5.65 -1.98
CA GLU A 33 4.31 4.93 -0.80
C GLU A 33 3.45 3.72 -0.47
N MET A 34 2.16 3.89 -0.49
CA MET A 34 1.26 2.75 -0.13
C MET A 34 1.62 1.50 -0.93
N ILE A 35 1.75 1.60 -2.22
CA ILE A 35 2.08 0.37 -2.99
C ILE A 35 3.48 -0.11 -2.61
N CYS A 36 4.35 0.79 -2.22
CA CYS A 36 5.71 0.36 -1.83
C CYS A 36 5.66 -0.39 -0.50
N LEU A 37 4.99 0.14 0.49
CA LEU A 37 4.93 -0.56 1.80
C LEU A 37 4.13 -1.86 1.65
N GLU A 38 3.05 -1.82 0.91
CA GLU A 38 2.25 -3.05 0.73
C GLU A 38 3.12 -4.14 0.11
N GLY A 39 4.01 -3.77 -0.78
CA GLY A 39 4.89 -4.79 -1.41
C GLY A 39 5.72 -5.48 -0.32
N GLN A 40 6.07 -4.77 0.71
CA GLN A 40 6.88 -5.36 1.80
C GLN A 40 5.99 -6.17 2.74
N GLN A 41 4.71 -6.19 2.49
CA GLN A 41 3.79 -6.97 3.39
C GLN A 41 3.67 -8.40 2.89
N ALA A 42 4.20 -8.70 1.74
CA ALA A 42 4.10 -10.09 1.23
C ALA A 42 4.92 -11.02 2.12
N GLY A 43 4.31 -12.00 2.72
CA GLY A 43 5.05 -12.92 3.61
C GLY A 43 5.21 -12.30 4.99
N LEU A 44 5.43 -11.02 5.05
CA LEU A 44 5.59 -10.35 6.39
C LEU A 44 4.28 -9.69 6.80
N SER A 45 4.01 -9.62 8.07
CA SER A 45 2.77 -8.98 8.54
C SER A 45 2.84 -7.48 8.21
N TRP A 46 1.72 -6.85 8.05
CA TRP A 46 1.73 -5.39 7.73
C TRP A 46 2.46 -4.61 8.82
N ILE A 47 2.35 -5.02 10.05
CA ILE A 47 3.04 -4.29 11.14
C ILE A 47 4.55 -4.39 10.93
N THR A 48 5.03 -5.44 10.34
CA THR A 48 6.49 -5.58 10.14
C THR A 48 6.99 -4.43 9.25
N VAL A 49 6.23 -4.10 8.23
CA VAL A 49 6.65 -2.99 7.33
C VAL A 49 6.53 -1.65 8.07
N LEU A 50 5.61 -1.55 9.00
CA LEU A 50 5.45 -0.28 9.75
C LEU A 50 6.74 0.01 10.53
N LYS A 51 7.27 -0.97 11.21
CA LYS A 51 8.54 -0.74 11.97
C LYS A 51 9.65 -0.39 10.98
N LYS A 52 9.73 -1.12 9.91
CA LYS A 52 10.78 -0.84 8.90
C LYS A 52 10.35 0.38 8.09
N ARG A 53 9.13 0.82 8.25
CA ARG A 53 8.69 2.03 7.51
C ARG A 53 9.48 3.21 8.05
N GLU A 54 9.56 3.32 9.34
CA GLU A 54 10.34 4.44 9.93
C GLU A 54 11.81 4.28 9.55
N ASN A 55 12.33 3.08 9.63
CA ASN A 55 13.77 2.89 9.26
C ASN A 55 13.91 3.08 7.75
N TYR A 56 12.98 2.54 7.00
CA TYR A 56 13.03 2.69 5.51
C TYR A 56 12.96 4.16 5.14
N ARG A 57 12.08 4.89 5.76
CA ARG A 57 11.95 6.35 5.45
C ARG A 57 13.29 7.05 5.67
N ALA A 58 14.00 6.67 6.70
CA ALA A 58 15.31 7.33 6.97
C ALA A 58 16.34 6.94 5.90
N CYS A 59 16.26 5.74 5.39
CA CYS A 59 17.24 5.31 4.35
C CYS A 59 16.97 5.99 3.00
N PHE A 60 15.73 6.06 2.61
CA PHE A 60 15.41 6.69 1.28
C PHE A 60 14.93 8.13 1.48
N HIS A 61 15.08 8.67 2.66
CA HIS A 61 14.63 10.08 2.88
C HIS A 61 15.42 11.04 2.00
N GLN A 62 16.18 10.54 1.06
CA GLN A 62 16.95 11.45 0.18
C GLN A 62 15.98 12.12 -0.75
N PHE A 63 14.99 11.39 -1.16
CA PHE A 63 13.96 11.94 -2.08
C PHE A 63 12.71 11.06 -1.99
N ASP A 64 12.57 10.12 -2.88
CA ASP A 64 11.39 9.18 -2.85
C ASP A 64 10.99 8.70 -4.26
N PRO A 65 11.00 9.56 -5.26
CA PRO A 65 10.56 9.18 -6.64
C PRO A 65 11.69 8.93 -7.65
N VAL A 66 11.94 9.87 -8.53
CA VAL A 66 12.97 9.67 -9.59
C VAL A 66 14.36 9.42 -9.01
N LYS A 67 14.77 10.17 -8.04
CA LYS A 67 16.12 9.95 -7.47
C LYS A 67 16.22 8.48 -7.02
N VAL A 68 15.14 7.92 -6.54
CA VAL A 68 15.19 6.49 -6.12
C VAL A 68 15.46 5.63 -7.35
N ALA A 69 14.90 6.00 -8.47
CA ALA A 69 15.14 5.23 -9.71
C ALA A 69 16.61 5.36 -10.06
N ALA A 70 17.28 6.34 -9.51
CA ALA A 70 18.73 6.52 -9.79
C ALA A 70 19.54 5.77 -8.74
N MET A 71 18.88 5.24 -7.75
CA MET A 71 19.62 4.48 -6.71
C MET A 71 19.98 3.12 -7.31
N GLN A 72 21.25 2.88 -7.48
CA GLN A 72 21.70 1.60 -8.11
C GLN A 72 22.04 0.57 -7.02
N GLU A 73 22.29 -0.65 -7.41
CA GLU A 73 22.61 -1.70 -6.41
C GLU A 73 23.75 -1.25 -5.51
N GLU A 74 24.63 -0.41 -6.00
CA GLU A 74 25.76 0.06 -5.16
C GLU A 74 25.20 0.69 -3.89
N ASP A 75 24.27 1.59 -4.04
CA ASP A 75 23.67 2.25 -2.84
C ASP A 75 22.94 1.19 -2.01
N VAL A 76 22.31 0.25 -2.67
CA VAL A 76 21.59 -0.81 -1.91
C VAL A 76 22.58 -1.51 -0.97
N GLU A 77 23.77 -1.78 -1.43
CA GLU A 77 24.75 -2.44 -0.54
C GLU A 77 24.94 -1.56 0.70
N ARG A 78 25.00 -0.27 0.50
CA ARG A 78 25.15 0.65 1.66
C ARG A 78 23.92 0.50 2.56
N LEU A 79 22.76 0.45 1.97
CA LEU A 79 21.51 0.33 2.76
C LEU A 79 21.42 -1.02 3.45
N VAL A 80 21.95 -2.05 2.83
CA VAL A 80 21.90 -3.39 3.48
C VAL A 80 22.39 -3.26 4.92
N GLN A 81 23.06 -2.17 5.25
CA GLN A 81 23.57 -2.00 6.64
C GLN A 81 23.03 -0.71 7.26
N ASP A 82 22.40 0.16 6.52
CA ASP A 82 21.90 1.42 7.15
C ASP A 82 20.67 1.11 8.01
N ALA A 83 20.82 1.19 9.30
CA ALA A 83 19.67 0.92 10.22
C ALA A 83 19.30 -0.57 10.15
N GLY A 84 19.80 -1.27 9.17
CA GLY A 84 19.47 -2.72 9.06
C GLY A 84 18.05 -2.90 8.52
N ILE A 85 17.64 -2.06 7.60
CA ILE A 85 16.25 -2.19 7.04
C ILE A 85 16.03 -3.61 6.53
N ILE A 86 14.98 -3.81 5.76
CA ILE A 86 14.72 -5.17 5.22
C ILE A 86 15.98 -5.65 4.51
N ARG A 87 16.85 -6.31 5.22
CA ARG A 87 18.11 -6.79 4.60
C ARG A 87 17.79 -7.79 3.47
N HIS A 88 18.07 -7.42 2.26
CA HIS A 88 17.82 -8.33 1.11
C HIS A 88 17.99 -7.54 -0.18
N ARG A 89 19.21 -7.38 -0.60
CA ARG A 89 19.48 -6.60 -1.84
C ARG A 89 18.47 -6.97 -2.93
N GLY A 90 18.10 -8.22 -3.03
CA GLY A 90 17.12 -8.61 -4.07
C GLY A 90 15.82 -7.81 -3.89
N LYS A 91 15.24 -7.86 -2.73
CA LYS A 91 13.98 -7.11 -2.50
C LYS A 91 14.20 -5.61 -2.68
N ILE A 92 15.31 -5.10 -2.20
CA ILE A 92 15.56 -3.64 -2.37
C ILE A 92 15.59 -3.31 -3.86
N GLN A 93 16.19 -4.16 -4.67
CA GLN A 93 16.20 -3.88 -6.13
C GLN A 93 14.76 -3.69 -6.61
N ALA A 94 13.84 -4.44 -6.06
CA ALA A 94 12.42 -4.28 -6.48
C ALA A 94 11.96 -2.86 -6.16
N ILE A 95 12.38 -2.32 -5.05
CA ILE A 95 11.98 -0.93 -4.69
C ILE A 95 12.51 0.04 -5.75
N ILE A 96 13.73 -0.13 -6.15
CA ILE A 96 14.30 0.78 -7.17
C ILE A 96 13.44 0.68 -8.44
N GLY A 97 13.07 -0.51 -8.79
CA GLY A 97 12.22 -0.70 -10.00
C GLY A 97 10.88 -0.01 -9.80
N ASN A 98 10.38 -0.01 -8.60
CA ASN A 98 9.06 0.65 -8.35
C ASN A 98 9.14 2.11 -8.78
N ALA A 99 10.25 2.75 -8.53
CA ALA A 99 10.39 4.18 -8.93
C ALA A 99 10.40 4.27 -10.47
N ARG A 100 11.18 3.45 -11.10
CA ARG A 100 11.25 3.46 -12.59
C ARG A 100 9.88 3.09 -13.14
N ALA A 101 9.21 2.16 -12.52
CA ALA A 101 7.85 1.78 -13.00
C ALA A 101 6.91 2.96 -12.81
N TYR A 102 7.15 3.78 -11.83
CA TYR A 102 6.26 4.94 -11.64
C TYR A 102 6.43 5.84 -12.86
N LEU A 103 7.65 6.02 -13.29
CA LEU A 103 7.90 6.84 -14.48
C LEU A 103 7.17 6.19 -15.65
N GLN A 104 7.06 4.89 -15.65
CA GLN A 104 6.34 4.21 -16.77
C GLN A 104 4.89 4.71 -16.76
N MET A 105 4.37 5.03 -15.61
CA MET A 105 2.98 5.54 -15.53
C MET A 105 2.93 6.90 -16.23
N GLU A 106 3.93 7.70 -15.98
CA GLU A 106 4.00 9.04 -16.61
C GLU A 106 4.32 8.87 -18.08
N GLN A 107 5.22 7.99 -18.40
CA GLN A 107 5.55 7.77 -19.82
C GLN A 107 4.24 7.45 -20.54
N ASN A 108 3.30 6.91 -19.81
CA ASN A 108 1.98 6.59 -20.42
C ASN A 108 1.03 7.75 -20.12
N GLY A 109 1.44 8.64 -19.26
CA GLY A 109 0.58 9.80 -18.92
C GLY A 109 -0.63 9.32 -18.11
N GLU A 110 -0.50 8.23 -17.42
CA GLU A 110 -1.65 7.71 -16.61
C GLU A 110 -1.27 7.71 -15.12
N PRO A 111 -1.71 8.68 -14.35
CA PRO A 111 -1.42 8.77 -12.90
C PRO A 111 -1.83 7.51 -12.14
N PHE A 112 -1.19 7.23 -11.03
CA PHE A 112 -1.55 6.03 -10.23
C PHE A 112 -3.00 6.14 -9.75
N ALA A 113 -3.35 7.29 -9.26
CA ALA A 113 -4.73 7.50 -8.75
C ALA A 113 -5.75 7.50 -9.89
N ASP A 114 -5.35 7.89 -11.08
CA ASP A 114 -6.34 7.94 -12.21
C ASP A 114 -6.77 6.54 -12.65
N PHE A 115 -5.83 5.68 -12.95
CA PHE A 115 -6.21 4.31 -13.42
C PHE A 115 -6.89 3.50 -12.30
N VAL A 116 -6.42 3.61 -11.09
CA VAL A 116 -7.05 2.82 -9.99
C VAL A 116 -8.48 3.31 -9.75
N TRP A 117 -8.67 4.59 -9.63
CA TRP A 117 -10.04 5.11 -9.43
C TRP A 117 -10.91 4.61 -10.58
N SER A 118 -10.31 4.34 -11.71
CA SER A 118 -11.10 3.87 -12.89
C SER A 118 -11.69 2.47 -12.61
N PHE A 119 -10.91 1.57 -12.09
CA PHE A 119 -11.45 0.21 -11.82
C PHE A 119 -12.57 0.28 -10.79
N VAL A 120 -12.50 1.20 -9.87
CA VAL A 120 -13.58 1.30 -8.84
C VAL A 120 -14.68 2.23 -9.34
N ASN A 121 -14.73 2.47 -10.61
CA ASN A 121 -15.77 3.36 -11.20
C ASN A 121 -15.67 4.75 -10.58
N HIS A 122 -14.47 5.24 -10.39
CA HIS A 122 -14.30 6.59 -9.81
C HIS A 122 -15.26 6.78 -8.63
N GLN A 123 -15.66 5.70 -7.99
CA GLN A 123 -16.59 5.83 -6.85
C GLN A 123 -16.18 4.85 -5.73
N PRO A 124 -16.54 5.16 -4.51
CA PRO A 124 -16.19 4.30 -3.33
C PRO A 124 -16.98 2.99 -3.29
N GLN A 125 -16.42 1.97 -2.70
CA GLN A 125 -17.13 0.66 -2.61
C GLN A 125 -17.54 0.43 -1.15
N MET A 126 -18.80 0.14 -0.90
CA MET A 126 -19.24 -0.09 0.51
C MET A 126 -19.11 -1.58 0.86
N THR A 127 -18.29 -1.89 1.83
CA THR A 127 -18.12 -3.32 2.22
C THR A 127 -19.18 -3.69 3.27
N GLN A 128 -20.04 -4.60 2.95
CA GLN A 128 -21.08 -5.01 3.92
C GLN A 128 -20.59 -6.23 4.69
N ALA A 129 -19.33 -6.51 4.60
CA ALA A 129 -18.77 -7.68 5.32
C ALA A 129 -18.81 -7.39 6.83
N THR A 130 -19.20 -8.35 7.62
CA THR A 130 -19.26 -8.11 9.09
C THR A 130 -17.94 -8.58 9.72
N THR A 131 -17.24 -9.47 9.08
CA THR A 131 -15.94 -9.96 9.64
C THR A 131 -14.88 -9.95 8.53
N LEU A 132 -13.63 -10.01 8.89
CA LEU A 132 -12.55 -10.00 7.85
C LEU A 132 -12.74 -11.20 6.91
N SER A 133 -13.11 -12.33 7.44
CA SER A 133 -13.30 -13.53 6.56
C SER A 133 -14.41 -13.23 5.54
N GLU A 134 -15.38 -12.46 5.92
CA GLU A 134 -16.48 -12.11 4.98
C GLU A 134 -16.04 -10.98 4.05
N ILE A 135 -14.83 -10.54 4.18
CA ILE A 135 -14.35 -9.44 3.30
C ILE A 135 -13.63 -10.05 2.10
N PRO A 136 -13.77 -9.46 0.93
CA PRO A 136 -13.13 -9.98 -0.31
C PRO A 136 -11.62 -9.72 -0.33
N THR A 137 -10.87 -10.65 -0.87
CA THR A 137 -9.39 -10.47 -0.96
C THR A 137 -8.98 -10.60 -2.42
N SER A 138 -9.93 -10.80 -3.28
CA SER A 138 -9.64 -10.94 -4.73
C SER A 138 -10.86 -10.52 -5.53
N THR A 139 -11.00 -9.25 -5.78
CA THR A 139 -12.19 -8.77 -6.56
C THR A 139 -11.73 -8.29 -7.93
N PRO A 140 -12.65 -8.08 -8.85
CA PRO A 140 -12.29 -7.62 -10.22
C PRO A 140 -11.39 -6.39 -10.21
N ALA A 141 -11.66 -5.43 -9.35
CA ALA A 141 -10.80 -4.24 -9.30
C ALA A 141 -9.43 -4.63 -8.76
N SER A 142 -9.40 -5.47 -7.75
CA SER A 142 -8.11 -5.91 -7.18
C SER A 142 -7.36 -6.76 -8.22
N ASP A 143 -8.05 -7.66 -8.86
CA ASP A 143 -7.39 -8.53 -9.87
C ASP A 143 -6.91 -7.68 -11.05
N ALA A 144 -7.70 -6.73 -11.47
CA ALA A 144 -7.29 -5.88 -12.62
C ALA A 144 -6.10 -5.00 -12.21
N LEU A 145 -6.04 -4.65 -10.96
CA LEU A 145 -4.93 -3.78 -10.48
C LEU A 145 -3.61 -4.55 -10.51
N SER A 146 -3.62 -5.79 -10.09
CA SER A 146 -2.36 -6.58 -10.08
C SER A 146 -1.82 -6.76 -11.49
N LYS A 147 -2.63 -7.19 -12.41
CA LYS A 147 -2.14 -7.39 -13.79
C LYS A 147 -1.75 -6.03 -14.39
N ALA A 148 -2.49 -5.01 -14.07
CA ALA A 148 -2.18 -3.68 -14.63
C ALA A 148 -0.88 -3.15 -13.99
N LEU A 149 -0.79 -3.17 -12.69
CA LEU A 149 0.45 -2.67 -12.03
C LEU A 149 1.63 -3.55 -12.43
N LYS A 150 1.42 -4.83 -12.58
CA LYS A 150 2.55 -5.71 -12.97
C LYS A 150 3.08 -5.25 -14.33
N LYS A 151 2.21 -4.86 -15.22
CA LYS A 151 2.65 -4.39 -16.55
C LYS A 151 3.54 -3.15 -16.41
N ARG A 152 3.26 -2.32 -15.45
CA ARG A 152 4.10 -1.09 -15.29
C ARG A 152 5.48 -1.50 -14.78
N GLY A 153 5.73 -2.78 -14.66
CA GLY A 153 7.06 -3.24 -14.16
C GLY A 153 7.08 -3.17 -12.65
N PHE A 154 5.94 -3.27 -12.03
CA PHE A 154 5.91 -3.21 -10.55
C PHE A 154 5.96 -4.63 -9.98
N LYS A 155 7.01 -4.94 -9.28
CA LYS A 155 7.13 -6.30 -8.68
C LYS A 155 6.59 -6.26 -7.24
N PHE A 156 6.41 -7.41 -6.62
CA PHE A 156 5.85 -7.41 -5.23
C PHE A 156 4.52 -6.68 -5.24
N VAL A 157 3.63 -7.13 -6.08
CA VAL A 157 2.29 -6.52 -6.19
C VAL A 157 1.29 -7.64 -6.42
N GLY A 158 1.39 -8.68 -5.65
CA GLY A 158 0.48 -9.86 -5.82
C GLY A 158 -0.98 -9.44 -5.60
N THR A 159 -1.87 -10.39 -5.70
CA THR A 159 -3.32 -10.08 -5.51
C THR A 159 -3.57 -9.54 -4.10
N THR A 160 -2.84 -10.00 -3.12
CA THR A 160 -3.07 -9.49 -1.74
C THR A 160 -2.65 -8.03 -1.70
N ILE A 161 -1.63 -7.69 -2.44
CA ILE A 161 -1.17 -6.29 -2.47
C ILE A 161 -2.25 -5.44 -3.12
N CYS A 162 -2.84 -5.94 -4.17
CA CYS A 162 -3.92 -5.18 -4.86
C CYS A 162 -5.12 -5.00 -3.93
N TYR A 163 -5.46 -6.03 -3.20
CA TYR A 163 -6.63 -5.92 -2.28
C TYR A 163 -6.27 -5.03 -1.10
N SER A 164 -5.11 -5.19 -0.54
CA SER A 164 -4.72 -4.32 0.61
C SER A 164 -4.60 -2.88 0.12
N PHE A 165 -4.07 -2.70 -1.05
CA PHE A 165 -3.89 -1.33 -1.62
C PHE A 165 -5.23 -0.61 -1.76
N MET A 166 -6.22 -1.25 -2.34
CA MET A 166 -7.53 -0.57 -2.51
C MET A 166 -8.23 -0.46 -1.15
N GLN A 167 -8.12 -1.46 -0.34
CA GLN A 167 -8.77 -1.42 0.99
C GLN A 167 -8.20 -0.27 1.84
N ALA A 168 -6.91 -0.09 1.83
CA ALA A 168 -6.31 1.00 2.66
C ALA A 168 -6.25 2.31 1.86
N CYS A 169 -6.17 2.26 0.56
CA CYS A 169 -6.10 3.53 -0.23
C CYS A 169 -7.36 4.36 0.00
N GLY A 170 -8.42 3.74 0.43
CA GLY A 170 -9.70 4.51 0.68
C GLY A 170 -10.72 4.14 -0.40
N LEU A 171 -10.36 3.28 -1.31
CA LEU A 171 -11.31 2.89 -2.38
C LEU A 171 -12.53 2.18 -1.78
N VAL A 172 -12.34 1.44 -0.72
CA VAL A 172 -13.51 0.73 -0.08
C VAL A 172 -13.68 1.22 1.36
N ASN A 173 -14.89 1.44 1.78
CA ASN A 173 -15.13 1.92 3.17
C ASN A 173 -15.91 0.85 3.95
N ASP A 174 -15.92 0.95 5.26
CA ASP A 174 -16.65 -0.05 6.09
C ASP A 174 -15.76 -1.26 6.37
N HIS A 175 -14.83 -1.13 7.28
CA HIS A 175 -13.92 -2.28 7.58
C HIS A 175 -14.77 -3.50 7.96
N VAL A 176 -15.64 -3.34 8.90
CA VAL A 176 -16.52 -4.48 9.32
C VAL A 176 -17.89 -3.92 9.75
N VAL A 177 -18.36 -2.92 9.06
CA VAL A 177 -19.67 -2.32 9.40
C VAL A 177 -19.64 -1.75 10.83
N GLY A 178 -19.71 -0.45 10.95
CA GLY A 178 -19.70 0.18 12.30
C GLY A 178 -18.63 -0.46 13.18
N CYS A 179 -17.38 -0.22 12.91
CA CYS A 179 -16.31 -0.81 13.76
C CYS A 179 -15.94 0.16 14.88
N CYS A 180 -16.35 -0.14 16.08
CA CYS A 180 -16.04 0.77 17.23
C CYS A 180 -16.72 2.12 17.02
N CYS A 181 -16.33 2.82 16.00
CA CYS A 181 -16.93 4.15 15.72
C CYS A 181 -16.35 4.71 14.42
N TYR A 182 -16.32 3.90 13.38
CA TYR A 182 -15.78 4.37 12.08
C TYR A 182 -16.72 5.43 11.49
N PRO A 183 -16.21 6.33 10.70
CA PRO A 183 -17.02 7.42 10.07
C PRO A 183 -18.13 6.87 9.19
N GLY A 184 -19.25 7.54 9.16
CA GLY A 184 -20.39 7.06 8.34
C GLY A 184 -21.59 7.99 8.55
N ASN A 185 -21.68 8.59 9.70
CA ASN A 185 -22.82 9.51 9.97
C ASN A 185 -22.33 10.96 9.85
N LYS A 186 -21.12 11.22 10.26
CA LYS A 186 -20.55 12.59 10.18
C LYS A 186 -21.64 13.65 10.30
N PRO A 187 -22.31 13.69 11.43
CA PRO A 187 -23.40 14.67 11.68
C PRO A 187 -22.86 16.08 11.90
N MET A 1 -19.25 1.20 20.21
CA MET A 1 -18.83 0.39 19.04
C MET A 1 -17.55 -0.38 19.38
N GLU A 2 -17.30 -1.48 18.72
CA GLU A 2 -16.08 -2.26 19.03
C GLU A 2 -14.93 -1.78 18.13
N ARG A 3 -13.72 -1.83 18.61
CA ARG A 3 -12.57 -1.37 17.80
C ARG A 3 -12.18 -2.43 16.78
N CYS A 4 -11.36 -2.06 15.83
CA CYS A 4 -10.96 -3.02 14.77
C CYS A 4 -10.18 -4.20 15.37
N GLY A 5 -10.29 -5.35 14.75
CA GLY A 5 -9.60 -6.57 15.26
C GLY A 5 -8.09 -6.36 15.38
N TRP A 6 -7.47 -5.72 14.42
CA TRP A 6 -5.98 -5.53 14.53
C TRP A 6 -5.69 -4.28 15.34
N VAL A 7 -6.70 -3.57 15.76
CA VAL A 7 -6.45 -2.36 16.58
C VAL A 7 -6.15 -2.79 18.01
N SER A 8 -6.81 -3.81 18.47
CA SER A 8 -6.54 -4.30 19.85
C SER A 8 -5.30 -5.20 19.83
N GLN A 9 -4.71 -5.36 18.67
CA GLN A 9 -3.51 -6.23 18.55
C GLN A 9 -2.26 -5.51 19.09
N ASP A 10 -1.96 -4.35 18.59
CA ASP A 10 -0.75 -3.62 19.07
C ASP A 10 -1.06 -2.12 19.23
N PRO A 11 -0.25 -1.44 20.00
CA PRO A 11 -0.41 0.02 20.26
C PRO A 11 -0.13 0.89 19.02
N LEU A 12 0.82 0.50 18.21
CA LEU A 12 1.13 1.32 17.00
C LEU A 12 -0.08 1.36 16.08
N TYR A 13 -0.84 0.30 16.02
CA TYR A 13 -2.04 0.30 15.15
C TYR A 13 -2.99 1.42 15.56
N ILE A 14 -3.09 1.68 16.84
CA ILE A 14 -4.02 2.76 17.31
C ILE A 14 -3.74 4.07 16.57
N ALA A 15 -2.50 4.45 16.44
CA ALA A 15 -2.20 5.72 15.73
C ALA A 15 -2.54 5.57 14.25
N TYR A 16 -2.09 4.52 13.63
CA TYR A 16 -2.37 4.32 12.19
C TYR A 16 -3.88 4.16 11.97
N HIS A 17 -4.53 3.46 12.85
CA HIS A 17 -6.00 3.24 12.71
C HIS A 17 -6.79 4.49 13.10
N ASP A 18 -6.40 5.15 14.14
CA ASP A 18 -7.16 6.35 14.59
C ASP A 18 -7.09 7.50 13.58
N ASN A 19 -6.19 7.47 12.64
CA ASN A 19 -6.15 8.60 11.68
C ASN A 19 -7.36 8.51 10.77
N GLU A 20 -7.35 7.64 9.80
CA GLU A 20 -8.53 7.56 8.90
C GLU A 20 -8.72 6.14 8.39
N TRP A 21 -7.67 5.54 7.91
CA TRP A 21 -7.78 4.15 7.36
C TRP A 21 -8.80 4.15 6.22
N GLY A 22 -8.34 4.43 5.03
CA GLY A 22 -9.24 4.38 3.84
C GLY A 22 -10.30 5.49 3.81
N VAL A 23 -9.98 6.68 4.23
CA VAL A 23 -11.00 7.79 4.15
C VAL A 23 -10.60 8.82 3.08
N PRO A 24 -9.32 9.05 2.86
CA PRO A 24 -8.86 10.04 1.88
C PRO A 24 -8.75 9.47 0.46
N GLU A 25 -8.91 10.30 -0.53
CA GLU A 25 -8.80 9.82 -1.92
C GLU A 25 -7.35 9.44 -2.13
N THR A 26 -7.04 8.79 -3.20
CA THR A 26 -5.64 8.38 -3.38
C THR A 26 -4.86 9.40 -4.20
N ASP A 27 -3.63 9.64 -3.83
CA ASP A 27 -2.78 10.60 -4.59
C ASP A 27 -1.82 9.79 -5.45
N SER A 28 -1.42 10.30 -6.57
CA SER A 28 -0.50 9.52 -7.44
C SER A 28 0.82 9.24 -6.70
N LYS A 29 1.27 10.17 -5.92
CA LYS A 29 2.55 9.99 -5.20
C LYS A 29 2.41 9.02 -4.01
N LYS A 30 1.43 9.23 -3.17
CA LYS A 30 1.28 8.32 -2.00
C LYS A 30 0.99 6.90 -2.49
N LEU A 31 0.32 6.76 -3.60
CA LEU A 31 0.04 5.39 -4.11
C LEU A 31 1.38 4.66 -4.30
N PHE A 32 2.38 5.37 -4.74
CA PHE A 32 3.71 4.73 -4.94
C PHE A 32 4.29 4.30 -3.59
N GLU A 33 4.22 5.15 -2.60
CA GLU A 33 4.78 4.77 -1.28
C GLU A 33 3.99 3.59 -0.72
N MET A 34 2.71 3.61 -0.88
CA MET A 34 1.86 2.50 -0.34
C MET A 34 2.23 1.16 -0.98
N ILE A 35 2.35 1.10 -2.28
CA ILE A 35 2.68 -0.20 -2.92
C ILE A 35 4.04 -0.70 -2.43
N CYS A 36 4.91 0.20 -2.04
CA CYS A 36 6.25 -0.25 -1.56
C CYS A 36 6.11 -0.93 -0.19
N LEU A 37 5.43 -0.31 0.73
CA LEU A 37 5.28 -0.94 2.08
C LEU A 37 4.36 -2.16 1.96
N GLU A 38 3.30 -2.04 1.22
CA GLU A 38 2.37 -3.19 1.06
C GLU A 38 3.07 -4.32 0.31
N GLY A 39 3.97 -4.01 -0.59
CA GLY A 39 4.66 -5.09 -1.34
C GLY A 39 5.28 -6.09 -0.36
N GLN A 40 5.67 -5.64 0.80
CA GLN A 40 6.28 -6.58 1.79
C GLN A 40 5.19 -7.22 2.66
N GLN A 41 3.96 -6.87 2.44
CA GLN A 41 2.86 -7.46 3.26
C GLN A 41 2.51 -8.85 2.74
N ALA A 42 3.22 -9.32 1.75
CA ALA A 42 2.93 -10.68 1.21
C ALA A 42 3.46 -11.75 2.18
N GLY A 43 2.59 -12.55 2.73
CA GLY A 43 3.04 -13.61 3.67
C GLY A 43 3.62 -12.97 4.93
N LEU A 44 3.77 -11.68 4.93
CA LEU A 44 4.34 -10.98 6.11
C LEU A 44 3.20 -10.31 6.89
N SER A 45 3.47 -9.82 8.08
CA SER A 45 2.40 -9.15 8.86
C SER A 45 2.47 -7.65 8.61
N TRP A 46 1.36 -6.99 8.51
CA TRP A 46 1.39 -5.52 8.28
C TRP A 46 2.21 -4.84 9.37
N ILE A 47 2.18 -5.34 10.58
CA ILE A 47 2.98 -4.70 11.66
C ILE A 47 4.45 -5.08 11.51
N THR A 48 4.74 -6.28 11.11
CA THR A 48 6.16 -6.67 10.95
C THR A 48 6.82 -5.72 9.95
N VAL A 49 6.16 -5.46 8.85
CA VAL A 49 6.73 -4.52 7.85
C VAL A 49 6.70 -3.11 8.43
N LEU A 50 5.76 -2.82 9.29
CA LEU A 50 5.69 -1.46 9.89
C LEU A 50 7.03 -1.16 10.57
N LYS A 51 7.58 -2.12 11.26
CA LYS A 51 8.89 -1.89 11.91
C LYS A 51 9.89 -1.49 10.83
N LYS A 52 9.82 -2.13 9.70
CA LYS A 52 10.73 -1.79 8.59
C LYS A 52 10.30 -0.47 7.98
N ARG A 53 9.09 -0.05 8.20
CA ARG A 53 8.63 1.24 7.63
C ARG A 53 9.54 2.34 8.20
N GLU A 54 9.84 2.28 9.47
CA GLU A 54 10.73 3.29 10.07
C GLU A 54 12.14 3.09 9.52
N ASN A 55 12.60 1.86 9.51
CA ASN A 55 13.97 1.59 8.97
C ASN A 55 13.98 1.94 7.48
N TYR A 56 12.87 1.75 6.83
CA TYR A 56 12.80 2.06 5.38
C TYR A 56 13.22 3.52 5.17
N ARG A 57 12.71 4.41 5.97
CA ARG A 57 13.11 5.83 5.81
C ARG A 57 14.62 5.93 6.01
N ALA A 58 15.15 5.17 6.94
CA ALA A 58 16.61 5.21 7.19
C ALA A 58 17.37 4.67 5.97
N CYS A 59 16.82 3.68 5.32
CA CYS A 59 17.52 3.11 4.13
C CYS A 59 17.45 4.09 2.95
N PHE A 60 16.31 4.67 2.70
CA PHE A 60 16.19 5.63 1.57
C PHE A 60 15.95 7.04 2.12
N HIS A 61 15.05 7.18 3.05
CA HIS A 61 14.75 8.52 3.64
C HIS A 61 14.23 9.47 2.56
N GLN A 62 14.79 9.43 1.38
CA GLN A 62 14.32 10.34 0.30
C GLN A 62 12.98 9.83 -0.25
N PHE A 63 12.79 8.54 -0.29
CA PHE A 63 11.52 7.97 -0.80
C PHE A 63 11.05 8.74 -2.04
N ASP A 64 11.92 9.50 -2.66
CA ASP A 64 11.49 10.26 -3.87
C ASP A 64 11.47 9.30 -5.07
N PRO A 65 10.51 9.45 -5.96
CA PRO A 65 10.39 8.55 -7.15
C PRO A 65 11.56 8.69 -8.12
N VAL A 66 11.86 9.89 -8.53
CA VAL A 66 12.99 10.10 -9.49
C VAL A 66 14.32 9.71 -8.83
N LYS A 67 14.54 10.12 -7.62
CA LYS A 67 15.82 9.77 -6.94
C LYS A 67 15.92 8.25 -6.77
N VAL A 68 14.83 7.60 -6.49
CA VAL A 68 14.88 6.12 -6.31
C VAL A 68 15.31 5.45 -7.61
N ALA A 69 14.84 5.94 -8.73
CA ALA A 69 15.25 5.33 -10.02
C ALA A 69 16.74 5.59 -10.19
N ALA A 70 17.27 6.51 -9.43
CA ALA A 70 18.72 6.82 -9.53
C ALA A 70 19.48 5.93 -8.55
N MET A 71 18.77 5.14 -7.78
CA MET A 71 19.46 4.24 -6.83
C MET A 71 20.01 3.05 -7.61
N GLN A 72 21.30 2.93 -7.70
CA GLN A 72 21.88 1.79 -8.47
C GLN A 72 22.21 0.66 -7.50
N GLU A 73 22.50 -0.50 -8.00
CA GLU A 73 22.80 -1.65 -7.11
C GLU A 73 23.89 -1.29 -6.10
N GLU A 74 24.80 -0.42 -6.44
CA GLU A 74 25.85 -0.06 -5.46
C GLU A 74 25.16 0.46 -4.21
N ASP A 75 24.19 1.30 -4.38
CA ASP A 75 23.43 1.85 -3.23
C ASP A 75 22.73 0.70 -2.51
N VAL A 76 22.19 -0.22 -3.28
CA VAL A 76 21.48 -1.38 -2.68
C VAL A 76 22.44 -2.17 -1.78
N GLU A 77 23.65 -2.38 -2.20
CA GLU A 77 24.61 -3.14 -1.35
C GLU A 77 24.73 -2.42 -0.02
N ARG A 78 24.71 -1.13 -0.05
CA ARG A 78 24.81 -0.35 1.22
C ARG A 78 23.55 -0.60 2.07
N LEU A 79 22.43 -0.72 1.43
CA LEU A 79 21.15 -0.93 2.18
C LEU A 79 21.11 -2.25 2.93
N VAL A 80 21.60 -3.31 2.35
CA VAL A 80 21.55 -4.60 3.09
C VAL A 80 22.33 -4.43 4.40
N GLN A 81 23.13 -3.39 4.48
CA GLN A 81 23.90 -3.15 5.72
C GLN A 81 23.25 -1.98 6.49
N ASP A 82 22.39 -1.23 5.85
CA ASP A 82 21.76 -0.09 6.57
C ASP A 82 20.59 -0.58 7.43
N ALA A 83 20.79 -0.65 8.72
CA ALA A 83 19.71 -1.10 9.62
C ALA A 83 19.37 -2.56 9.35
N GLY A 84 19.80 -3.09 8.24
CA GLY A 84 19.50 -4.51 7.93
C GLY A 84 17.99 -4.66 7.73
N ILE A 85 17.38 -3.66 7.14
CA ILE A 85 15.90 -3.69 6.90
C ILE A 85 15.37 -5.13 6.73
N ILE A 86 15.15 -5.54 5.51
CA ILE A 86 14.62 -6.92 5.28
C ILE A 86 14.70 -7.24 3.79
N ARG A 87 14.51 -6.25 2.96
CA ARG A 87 14.55 -6.47 1.50
C ARG A 87 15.94 -7.00 1.11
N HIS A 88 16.01 -7.80 0.08
CA HIS A 88 17.34 -8.35 -0.36
C HIS A 88 17.79 -7.64 -1.63
N ARG A 89 19.05 -7.70 -1.94
CA ARG A 89 19.55 -7.01 -3.16
C ARG A 89 18.63 -7.31 -4.34
N GLY A 90 18.27 -8.54 -4.53
CA GLY A 90 17.37 -8.87 -5.67
C GLY A 90 16.00 -8.21 -5.46
N LYS A 91 15.40 -8.42 -4.33
CA LYS A 91 14.07 -7.81 -4.06
C LYS A 91 14.20 -6.28 -4.09
N ILE A 92 15.26 -5.76 -3.55
CA ILE A 92 15.44 -4.28 -3.55
C ILE A 92 15.45 -3.77 -4.99
N GLN A 93 16.20 -4.37 -5.87
CA GLN A 93 16.21 -3.90 -7.28
C GLN A 93 14.78 -3.83 -7.79
N ALA A 94 13.94 -4.74 -7.36
CA ALA A 94 12.52 -4.69 -7.82
C ALA A 94 11.93 -3.35 -7.40
N ILE A 95 12.29 -2.90 -6.23
CA ILE A 95 11.77 -1.58 -5.73
C ILE A 95 12.27 -0.46 -6.65
N ILE A 96 13.53 -0.45 -6.96
CA ILE A 96 14.07 0.61 -7.86
C ILE A 96 13.35 0.54 -9.20
N GLY A 97 13.09 -0.64 -9.67
CA GLY A 97 12.37 -0.80 -10.96
C GLY A 97 11.00 -0.14 -10.84
N ASN A 98 10.39 -0.23 -9.69
CA ASN A 98 9.05 0.39 -9.50
C ASN A 98 9.16 1.90 -9.69
N ALA A 99 10.22 2.51 -9.23
CA ALA A 99 10.35 3.98 -9.38
C ALA A 99 10.44 4.34 -10.87
N ARG A 100 11.18 3.59 -11.63
CA ARG A 100 11.30 3.89 -13.09
C ARG A 100 9.95 3.68 -13.76
N ALA A 101 9.22 2.66 -13.38
CA ALA A 101 7.88 2.44 -13.98
C ALA A 101 6.96 3.59 -13.54
N TYR A 102 7.21 4.12 -12.39
CA TYR A 102 6.38 5.26 -11.89
C TYR A 102 6.57 6.43 -12.85
N LEU A 103 7.79 6.66 -13.23
CA LEU A 103 8.10 7.74 -14.18
C LEU A 103 7.42 7.42 -15.51
N GLN A 104 7.29 6.16 -15.83
CA GLN A 104 6.63 5.80 -17.12
C GLN A 104 5.16 6.22 -17.12
N MET A 105 4.51 6.12 -15.99
CA MET A 105 3.07 6.52 -15.91
C MET A 105 2.95 8.03 -16.10
N GLU A 106 3.84 8.77 -15.52
CA GLU A 106 3.76 10.25 -15.66
C GLU A 106 4.08 10.65 -17.10
N GLN A 107 5.03 10.01 -17.69
CA GLN A 107 5.36 10.32 -19.10
C GLN A 107 4.12 9.99 -19.93
N ASN A 108 3.30 9.11 -19.41
CA ASN A 108 2.07 8.76 -20.14
C ASN A 108 0.99 9.77 -19.77
N GLY A 109 1.30 10.63 -18.82
CA GLY A 109 0.31 11.68 -18.41
C GLY A 109 -0.87 11.01 -17.69
N GLU A 110 -0.67 9.87 -17.10
CA GLU A 110 -1.77 9.17 -16.39
C GLU A 110 -1.37 8.90 -14.93
N PRO A 111 -1.86 9.69 -13.99
CA PRO A 111 -1.53 9.49 -12.55
C PRO A 111 -1.99 8.11 -12.04
N PHE A 112 -1.27 7.55 -11.12
CA PHE A 112 -1.67 6.21 -10.57
C PHE A 112 -3.09 6.30 -10.00
N ALA A 113 -3.40 7.41 -9.40
CA ALA A 113 -4.74 7.58 -8.79
C ALA A 113 -5.83 7.59 -9.88
N ASP A 114 -5.50 8.03 -11.06
CA ASP A 114 -6.51 8.10 -12.15
C ASP A 114 -6.98 6.71 -12.58
N PHE A 115 -6.07 5.82 -12.89
CA PHE A 115 -6.50 4.47 -13.36
C PHE A 115 -7.10 3.64 -12.22
N VAL A 116 -6.57 3.71 -11.04
CA VAL A 116 -7.17 2.89 -9.94
C VAL A 116 -8.63 3.31 -9.74
N TRP A 117 -8.89 4.56 -9.64
CA TRP A 117 -10.28 5.02 -9.46
C TRP A 117 -11.10 4.57 -10.67
N SER A 118 -10.45 4.35 -11.79
CA SER A 118 -11.19 3.93 -13.01
C SER A 118 -11.83 2.55 -12.77
N PHE A 119 -11.09 1.65 -12.17
CA PHE A 119 -11.65 0.29 -11.92
C PHE A 119 -12.78 0.38 -10.88
N VAL A 120 -12.67 1.29 -9.96
CA VAL A 120 -13.74 1.40 -8.92
C VAL A 120 -14.82 2.36 -9.41
N ASN A 121 -14.86 2.62 -10.69
CA ASN A 121 -15.89 3.54 -11.25
C ASN A 121 -15.81 4.90 -10.54
N HIS A 122 -14.62 5.34 -10.23
CA HIS A 122 -14.48 6.66 -9.56
C HIS A 122 -15.51 6.81 -8.45
N GLN A 123 -15.87 5.73 -7.79
CA GLN A 123 -16.88 5.83 -6.70
C GLN A 123 -16.46 4.94 -5.52
N PRO A 124 -16.86 5.31 -4.32
CA PRO A 124 -16.54 4.53 -3.08
C PRO A 124 -17.35 3.24 -2.98
N GLN A 125 -16.76 2.18 -2.47
CA GLN A 125 -17.50 0.90 -2.33
C GLN A 125 -17.73 0.60 -0.85
N MET A 126 -18.87 0.06 -0.51
CA MET A 126 -19.14 -0.26 0.92
C MET A 126 -18.82 -1.72 1.19
N THR A 127 -17.88 -1.99 2.06
CA THR A 127 -17.53 -3.40 2.37
C THR A 127 -18.42 -3.90 3.51
N GLN A 128 -19.23 -4.89 3.27
CA GLN A 128 -20.14 -5.41 4.33
C GLN A 128 -19.45 -6.51 5.14
N ALA A 129 -18.15 -6.54 5.09
CA ALA A 129 -17.41 -7.60 5.84
C ALA A 129 -17.59 -7.37 7.34
N THR A 130 -17.85 -8.41 8.08
CA THR A 130 -18.02 -8.25 9.56
C THR A 130 -16.74 -8.68 10.27
N THR A 131 -15.92 -9.45 9.61
CA THR A 131 -14.64 -9.90 10.23
C THR A 131 -13.48 -9.60 9.28
N LEU A 132 -12.29 -9.53 9.79
CA LEU A 132 -11.12 -9.24 8.91
C LEU A 132 -11.05 -10.31 7.81
N SER A 133 -11.29 -11.54 8.17
CA SER A 133 -11.24 -12.63 7.16
C SER A 133 -12.47 -12.56 6.27
N GLU A 134 -13.50 -11.88 6.71
CA GLU A 134 -14.74 -11.77 5.88
C GLU A 134 -14.47 -10.80 4.74
N ILE A 135 -13.36 -10.12 4.80
CA ILE A 135 -13.03 -9.15 3.72
C ILE A 135 -12.36 -9.92 2.57
N PRO A 136 -12.78 -9.69 1.34
CA PRO A 136 -12.19 -10.40 0.17
C PRO A 136 -10.79 -9.89 -0.18
N THR A 137 -9.87 -10.78 -0.44
CA THR A 137 -8.49 -10.35 -0.81
C THR A 137 -8.33 -10.44 -2.32
N SER A 138 -9.37 -10.78 -3.01
CA SER A 138 -9.29 -10.89 -4.49
C SER A 138 -10.57 -10.35 -5.11
N THR A 139 -10.61 -9.08 -5.42
CA THR A 139 -11.84 -8.49 -6.03
C THR A 139 -11.55 -8.14 -7.50
N PRO A 140 -12.56 -8.04 -8.34
CA PRO A 140 -12.34 -7.70 -9.76
C PRO A 140 -11.50 -6.43 -9.90
N ALA A 141 -11.73 -5.46 -9.07
CA ALA A 141 -10.91 -4.22 -9.14
C ALA A 141 -9.50 -4.54 -8.67
N SER A 142 -9.39 -5.29 -7.61
CA SER A 142 -8.04 -5.66 -7.09
C SER A 142 -7.28 -6.49 -8.13
N ASP A 143 -7.95 -7.41 -8.75
CA ASP A 143 -7.28 -8.26 -9.78
C ASP A 143 -6.81 -7.39 -10.96
N ALA A 144 -7.61 -6.45 -11.36
CA ALA A 144 -7.20 -5.58 -12.50
C ALA A 144 -5.99 -4.74 -12.12
N LEU A 145 -5.91 -4.34 -10.87
CA LEU A 145 -4.76 -3.51 -10.43
C LEU A 145 -3.45 -4.32 -10.48
N SER A 146 -3.47 -5.53 -9.99
CA SER A 146 -2.22 -6.36 -9.98
C SER A 146 -1.73 -6.59 -11.41
N LYS A 147 -2.59 -7.00 -12.29
CA LYS A 147 -2.14 -7.25 -13.69
C LYS A 147 -1.77 -5.93 -14.34
N ALA A 148 -2.50 -4.89 -14.06
CA ALA A 148 -2.18 -3.58 -14.67
C ALA A 148 -0.83 -3.09 -14.15
N LEU A 149 -0.61 -3.14 -12.87
CA LEU A 149 0.70 -2.68 -12.34
C LEU A 149 1.78 -3.65 -12.79
N LYS A 150 1.49 -4.92 -12.75
CA LYS A 150 2.51 -5.92 -13.15
C LYS A 150 2.93 -5.70 -14.60
N LYS A 151 2.03 -5.33 -15.46
CA LYS A 151 2.43 -5.12 -16.88
C LYS A 151 3.21 -3.81 -17.03
N ARG A 152 3.04 -2.88 -16.13
CA ARG A 152 3.78 -1.59 -16.24
C ARG A 152 5.18 -1.75 -15.64
N GLY A 153 5.54 -2.95 -15.27
CA GLY A 153 6.90 -3.17 -14.69
C GLY A 153 6.86 -2.99 -13.18
N PHE A 154 5.72 -3.12 -12.57
CA PHE A 154 5.65 -2.99 -11.10
C PHE A 154 5.62 -4.37 -10.47
N LYS A 155 6.67 -4.73 -9.79
CA LYS A 155 6.71 -6.08 -9.14
C LYS A 155 6.12 -5.96 -7.72
N PHE A 156 6.06 -7.04 -7.01
CA PHE A 156 5.48 -6.98 -5.63
C PHE A 156 4.08 -6.39 -5.70
N VAL A 157 3.24 -7.00 -6.49
CA VAL A 157 1.84 -6.53 -6.65
C VAL A 157 0.90 -7.73 -6.54
N GLY A 158 1.18 -8.62 -5.64
CA GLY A 158 0.33 -9.84 -5.49
C GLY A 158 -1.13 -9.43 -5.42
N THR A 159 -2.03 -10.32 -5.73
CA THR A 159 -3.47 -9.98 -5.66
C THR A 159 -3.78 -9.42 -4.28
N THR A 160 -3.09 -9.88 -3.28
CA THR A 160 -3.32 -9.37 -1.90
C THR A 160 -2.84 -7.92 -1.83
N ILE A 161 -1.76 -7.63 -2.52
CA ILE A 161 -1.22 -6.25 -2.48
C ILE A 161 -2.26 -5.28 -3.06
N CYS A 162 -2.87 -5.64 -4.16
CA CYS A 162 -3.88 -4.76 -4.78
C CYS A 162 -5.08 -4.60 -3.85
N TYR A 163 -5.48 -5.65 -3.19
CA TYR A 163 -6.66 -5.55 -2.28
C TYR A 163 -6.30 -4.69 -1.06
N SER A 164 -5.14 -4.89 -0.51
CA SER A 164 -4.74 -4.09 0.68
C SER A 164 -4.69 -2.61 0.29
N PHE A 165 -4.25 -2.31 -0.90
CA PHE A 165 -4.17 -0.89 -1.33
C PHE A 165 -5.55 -0.24 -1.32
N MET A 166 -6.52 -0.86 -1.93
CA MET A 166 -7.88 -0.26 -1.96
C MET A 166 -8.44 -0.12 -0.54
N GLN A 167 -8.17 -1.07 0.31
CA GLN A 167 -8.71 -1.02 1.70
C GLN A 167 -8.08 0.13 2.50
N ALA A 168 -6.80 0.35 2.36
CA ALA A 168 -6.13 1.43 3.16
C ALA A 168 -6.23 2.81 2.50
N CYS A 169 -6.06 2.91 1.21
CA CYS A 169 -6.10 4.26 0.57
C CYS A 169 -7.48 4.92 0.72
N GLY A 170 -8.54 4.25 0.39
CA GLY A 170 -9.88 4.90 0.52
C GLY A 170 -10.83 4.47 -0.60
N LEU A 171 -10.39 3.60 -1.48
CA LEU A 171 -11.31 3.17 -2.58
C LEU A 171 -12.56 2.53 -1.96
N VAL A 172 -12.42 1.85 -0.85
CA VAL A 172 -13.61 1.20 -0.20
C VAL A 172 -13.66 1.60 1.28
N ASN A 173 -14.85 1.64 1.83
CA ASN A 173 -14.98 2.02 3.27
C ASN A 173 -15.60 0.84 4.06
N ASP A 174 -15.48 0.90 5.37
CA ASP A 174 -16.04 -0.18 6.26
C ASP A 174 -14.96 -1.18 6.61
N HIS A 175 -14.19 -0.89 7.63
CA HIS A 175 -13.11 -1.81 8.05
C HIS A 175 -13.68 -3.20 8.32
N VAL A 176 -14.73 -3.28 9.10
CA VAL A 176 -15.33 -4.60 9.42
C VAL A 176 -16.78 -4.42 9.85
N VAL A 177 -17.41 -3.35 9.42
CA VAL A 177 -18.83 -3.12 9.81
C VAL A 177 -18.94 -3.12 11.34
N GLY A 178 -19.22 -2.00 11.93
CA GLY A 178 -19.36 -1.94 13.41
C GLY A 178 -18.06 -1.43 14.05
N CYS A 179 -17.13 -0.94 13.26
CA CYS A 179 -15.86 -0.43 13.84
C CYS A 179 -16.08 0.99 14.36
N CYS A 180 -15.37 1.37 15.41
CA CYS A 180 -15.55 2.73 15.97
C CYS A 180 -15.25 3.78 14.89
N CYS A 181 -14.13 3.67 14.24
CA CYS A 181 -13.80 4.66 13.17
C CYS A 181 -14.85 4.58 12.07
N TYR A 182 -15.67 3.56 12.11
CA TYR A 182 -16.72 3.41 11.05
C TYR A 182 -18.11 3.50 11.69
N PRO A 183 -18.61 4.69 11.89
CA PRO A 183 -19.96 4.91 12.48
C PRO A 183 -21.08 4.68 11.46
N GLY A 184 -21.52 5.72 10.81
CA GLY A 184 -22.60 5.57 9.80
C GLY A 184 -23.96 5.80 10.46
N ASN A 185 -24.00 5.78 11.76
CA ASN A 185 -25.30 5.99 12.46
C ASN A 185 -25.55 7.50 12.62
N LYS A 186 -24.59 8.21 13.12
CA LYS A 186 -24.75 9.69 13.29
C LYS A 186 -24.44 10.37 11.96
N PRO A 187 -25.05 11.49 11.70
CA PRO A 187 -24.83 12.25 10.44
C PRO A 187 -23.36 12.21 9.98
N MET A 1 -17.65 2.23 16.13
CA MET A 1 -18.06 2.48 17.54
C MET A 1 -17.02 1.86 18.47
N GLU A 2 -16.85 0.57 18.39
CA GLU A 2 -15.83 -0.11 19.26
C GLU A 2 -14.55 -0.32 18.46
N ARG A 3 -13.43 -0.38 19.11
CA ARG A 3 -12.14 -0.58 18.38
C ARG A 3 -12.27 -1.76 17.43
N CYS A 4 -11.49 -1.78 16.39
CA CYS A 4 -11.57 -2.91 15.42
C CYS A 4 -11.02 -4.19 16.07
N GLY A 5 -11.44 -5.33 15.58
CA GLY A 5 -11.01 -6.63 16.19
C GLY A 5 -9.49 -6.83 16.16
N TRP A 6 -8.81 -6.44 15.11
CA TRP A 6 -7.34 -6.69 15.08
C TRP A 6 -6.55 -5.53 15.72
N VAL A 7 -7.20 -4.47 16.12
CA VAL A 7 -6.42 -3.36 16.75
C VAL A 7 -6.31 -3.64 18.24
N SER A 8 -7.29 -4.29 18.81
CA SER A 8 -7.19 -4.60 20.26
C SER A 8 -5.99 -5.55 20.42
N GLN A 9 -5.59 -6.15 19.34
CA GLN A 9 -4.43 -7.09 19.36
C GLN A 9 -3.18 -6.36 19.86
N ASP A 10 -2.97 -5.14 19.42
CA ASP A 10 -1.77 -4.37 19.87
C ASP A 10 -2.13 -2.90 20.04
N PRO A 11 -1.34 -2.17 20.78
CA PRO A 11 -1.57 -0.72 21.06
C PRO A 11 -1.27 0.19 19.86
N LEU A 12 -0.07 0.11 19.33
CA LEU A 12 0.29 0.99 18.19
C LEU A 12 -0.74 0.84 17.06
N TYR A 13 -1.31 -0.32 16.90
CA TYR A 13 -2.30 -0.49 15.82
C TYR A 13 -3.42 0.53 15.97
N ILE A 14 -3.83 0.80 17.18
CA ILE A 14 -4.93 1.80 17.37
C ILE A 14 -4.56 3.11 16.67
N ALA A 15 -3.32 3.52 16.76
CA ALA A 15 -2.91 4.79 16.10
C ALA A 15 -3.07 4.65 14.58
N TYR A 16 -2.56 3.60 14.00
CA TYR A 16 -2.71 3.45 12.53
C TYR A 16 -4.19 3.36 12.17
N HIS A 17 -4.94 2.63 12.93
CA HIS A 17 -6.40 2.50 12.64
C HIS A 17 -7.10 3.83 12.86
N ASP A 18 -6.70 4.57 13.86
CA ASP A 18 -7.38 5.85 14.17
C ASP A 18 -7.06 6.97 13.17
N ASN A 19 -6.08 6.83 12.31
CA ASN A 19 -5.81 7.96 11.38
C ASN A 19 -6.68 7.83 10.12
N GLU A 20 -6.40 6.87 9.28
CA GLU A 20 -7.20 6.72 8.03
C GLU A 20 -7.51 5.25 7.79
N TRP A 21 -6.53 4.51 7.39
CA TRP A 21 -6.70 3.06 7.09
C TRP A 21 -7.93 2.83 6.21
N GLY A 22 -8.06 3.57 5.13
CA GLY A 22 -9.20 3.33 4.22
C GLY A 22 -10.32 4.35 4.44
N VAL A 23 -10.12 5.58 4.04
CA VAL A 23 -11.19 6.59 4.23
C VAL A 23 -10.95 7.90 3.41
N PRO A 24 -9.72 8.30 3.16
CA PRO A 24 -9.42 9.53 2.39
C PRO A 24 -9.26 9.27 0.89
N GLU A 25 -9.50 10.24 0.07
CA GLU A 25 -9.34 10.05 -1.38
C GLU A 25 -7.86 9.84 -1.64
N THR A 26 -7.50 9.21 -2.71
CA THR A 26 -6.06 8.96 -2.93
C THR A 26 -5.42 10.07 -3.74
N ASP A 27 -4.28 10.52 -3.30
CA ASP A 27 -3.54 11.57 -4.05
C ASP A 27 -2.46 10.84 -4.84
N SER A 28 -1.96 11.43 -5.88
CA SER A 28 -0.92 10.72 -6.67
C SER A 28 0.27 10.37 -5.78
N LYS A 29 0.62 11.22 -4.88
CA LYS A 29 1.79 10.98 -3.99
C LYS A 29 1.57 9.71 -3.13
N LYS A 30 0.41 9.57 -2.55
CA LYS A 30 0.17 8.36 -1.69
C LYS A 30 0.29 7.10 -2.54
N LEU A 31 -0.15 7.16 -3.75
CA LEU A 31 -0.09 5.98 -4.64
C LEU A 31 1.34 5.47 -4.76
N PHE A 32 2.29 6.37 -4.85
CA PHE A 32 3.69 5.89 -5.02
C PHE A 32 4.19 5.24 -3.73
N GLU A 33 4.11 5.93 -2.62
CA GLU A 33 4.61 5.32 -1.36
C GLU A 33 3.68 4.19 -0.92
N MET A 34 2.42 4.28 -1.23
CA MET A 34 1.49 3.20 -0.81
C MET A 34 1.79 1.89 -1.55
N ILE A 35 1.87 1.91 -2.85
CA ILE A 35 2.15 0.63 -3.57
C ILE A 35 3.53 0.08 -3.22
N CYS A 36 4.48 0.92 -2.92
CA CYS A 36 5.83 0.37 -2.58
C CYS A 36 5.78 -0.32 -1.23
N LEU A 37 5.03 0.21 -0.30
CA LEU A 37 4.96 -0.42 1.05
C LEU A 37 4.14 -1.71 0.98
N GLU A 38 3.06 -1.73 0.25
CA GLU A 38 2.25 -2.97 0.17
C GLU A 38 3.09 -4.07 -0.48
N GLY A 39 3.90 -3.71 -1.44
CA GLY A 39 4.75 -4.74 -2.11
C GLY A 39 5.62 -5.43 -1.05
N GLN A 40 6.07 -4.70 -0.07
CA GLN A 40 6.91 -5.31 1.00
C GLN A 40 6.06 -6.25 1.85
N GLN A 41 4.78 -5.99 1.97
CA GLN A 41 3.91 -6.87 2.80
C GLN A 41 3.65 -8.21 2.09
N ALA A 42 4.13 -8.36 0.89
CA ALA A 42 3.89 -9.65 0.19
C ALA A 42 4.43 -10.79 1.05
N GLY A 43 3.56 -11.67 1.48
CA GLY A 43 4.02 -12.81 2.33
C GLY A 43 4.21 -12.35 3.78
N LEU A 44 4.68 -11.14 3.98
CA LEU A 44 4.89 -10.64 5.37
C LEU A 44 3.62 -9.92 5.86
N SER A 45 3.38 -9.95 7.14
CA SER A 45 2.17 -9.27 7.69
C SER A 45 2.28 -7.76 7.44
N TRP A 46 1.17 -7.07 7.38
CA TRP A 46 1.22 -5.60 7.15
C TRP A 46 1.98 -4.93 8.30
N ILE A 47 1.74 -5.36 9.51
CA ILE A 47 2.43 -4.74 10.68
C ILE A 47 3.95 -4.87 10.50
N THR A 48 4.40 -5.96 9.95
CA THR A 48 5.86 -6.12 9.74
C THR A 48 6.35 -4.97 8.87
N VAL A 49 5.57 -4.60 7.89
CA VAL A 49 5.96 -3.48 6.99
C VAL A 49 5.95 -2.16 7.78
N LEU A 50 5.02 -2.01 8.69
CA LEU A 50 4.96 -0.73 9.47
C LEU A 50 6.29 -0.52 10.18
N LYS A 51 6.78 -1.51 10.88
CA LYS A 51 8.08 -1.32 11.57
C LYS A 51 9.11 -0.94 10.51
N LYS A 52 9.07 -1.61 9.40
CA LYS A 52 10.03 -1.31 8.31
C LYS A 52 9.68 0.04 7.70
N ARG A 53 8.47 0.52 7.89
CA ARG A 53 8.12 1.83 7.33
C ARG A 53 9.06 2.88 7.95
N GLU A 54 9.30 2.77 9.23
CA GLU A 54 10.21 3.74 9.91
C GLU A 54 11.66 3.46 9.49
N ASN A 55 12.05 2.22 9.43
CA ASN A 55 13.46 1.89 9.05
C ASN A 55 13.64 2.07 7.54
N TYR A 56 12.69 1.62 6.77
CA TYR A 56 12.78 1.73 5.28
C TYR A 56 12.94 3.19 4.86
N ARG A 57 12.12 4.06 5.36
CA ARG A 57 12.24 5.49 4.97
C ARG A 57 13.59 6.02 5.42
N ALA A 58 14.09 5.55 6.53
CA ALA A 58 15.40 6.04 7.02
C ALA A 58 16.50 5.63 6.03
N CYS A 59 16.35 4.50 5.41
CA CYS A 59 17.40 4.03 4.46
C CYS A 59 17.33 4.85 3.16
N PHE A 60 16.16 5.06 2.62
CA PHE A 60 16.05 5.83 1.35
C PHE A 60 15.95 7.34 1.64
N HIS A 61 15.08 7.72 2.52
CA HIS A 61 14.92 9.17 2.86
C HIS A 61 14.70 10.01 1.58
N GLN A 62 14.80 9.42 0.42
CA GLN A 62 14.59 10.23 -0.83
C GLN A 62 13.12 10.62 -0.99
N PHE A 63 12.22 9.78 -0.58
CA PHE A 63 10.76 10.12 -0.70
C PHE A 63 10.43 10.52 -2.15
N ASP A 64 11.29 10.20 -3.09
CA ASP A 64 11.03 10.58 -4.51
C ASP A 64 11.39 9.40 -5.43
N PRO A 65 10.43 8.60 -5.84
CA PRO A 65 10.70 7.41 -6.72
C PRO A 65 11.69 7.69 -7.85
N VAL A 66 11.68 8.87 -8.40
CA VAL A 66 12.63 9.17 -9.52
C VAL A 66 14.08 8.96 -9.05
N LYS A 67 14.41 9.47 -7.89
CA LYS A 67 15.80 9.29 -7.39
C LYS A 67 16.05 7.82 -7.07
N VAL A 68 15.04 7.11 -6.64
CA VAL A 68 15.23 5.66 -6.32
C VAL A 68 15.67 4.93 -7.58
N ALA A 69 15.13 5.28 -8.70
CA ALA A 69 15.55 4.63 -9.97
C ALA A 69 17.02 4.96 -10.18
N ALA A 70 17.48 6.01 -9.55
CA ALA A 70 18.91 6.39 -9.68
C ALA A 70 19.73 5.60 -8.67
N MET A 71 19.06 4.88 -7.82
CA MET A 71 19.78 4.07 -6.83
C MET A 71 20.09 2.71 -7.44
N GLN A 72 21.33 2.44 -7.69
CA GLN A 72 21.69 1.13 -8.29
C GLN A 72 22.08 0.17 -7.16
N GLU A 73 22.56 -0.98 -7.50
CA GLU A 73 22.94 -1.97 -6.45
C GLU A 73 23.96 -1.36 -5.49
N GLU A 74 24.73 -0.40 -5.93
CA GLU A 74 25.75 0.20 -5.02
C GLU A 74 25.06 0.69 -3.75
N ASP A 75 23.96 1.35 -3.89
CA ASP A 75 23.22 1.84 -2.68
C ASP A 75 22.64 0.63 -1.94
N VAL A 76 22.19 -0.35 -2.66
CA VAL A 76 21.60 -1.54 -2.00
C VAL A 76 22.68 -2.26 -1.17
N GLU A 77 23.88 -2.34 -1.66
CA GLU A 77 24.95 -3.05 -0.89
C GLU A 77 25.24 -2.33 0.42
N ARG A 78 25.35 -1.03 0.40
CA ARG A 78 25.64 -0.32 1.68
C ARG A 78 24.37 -0.28 2.54
N LEU A 79 23.23 -0.21 1.91
CA LEU A 79 21.95 -0.15 2.68
C LEU A 79 21.63 -1.49 3.36
N VAL A 80 21.94 -2.59 2.74
CA VAL A 80 21.62 -3.90 3.38
C VAL A 80 22.13 -3.90 4.82
N GLN A 81 23.03 -3.00 5.13
CA GLN A 81 23.57 -2.95 6.53
C GLN A 81 23.24 -1.62 7.18
N ASP A 82 22.70 -0.67 6.46
CA ASP A 82 22.38 0.64 7.10
C ASP A 82 21.07 0.49 7.90
N ALA A 83 21.19 0.49 9.21
CA ALA A 83 19.99 0.37 10.08
C ALA A 83 19.59 -1.11 10.21
N GLY A 84 20.13 -1.95 9.38
CA GLY A 84 19.80 -3.41 9.46
C GLY A 84 18.42 -3.65 8.83
N ILE A 85 18.11 -2.98 7.76
CA ILE A 85 16.79 -3.20 7.11
C ILE A 85 16.65 -4.67 6.70
N ILE A 86 15.65 -4.99 5.92
CA ILE A 86 15.48 -6.40 5.49
C ILE A 86 16.65 -6.81 4.62
N ARG A 87 17.65 -7.38 5.21
CA ARG A 87 18.85 -7.82 4.44
C ARG A 87 18.40 -8.74 3.31
N HIS A 88 18.43 -8.24 2.09
CA HIS A 88 18.00 -9.07 0.94
C HIS A 88 18.14 -8.21 -0.32
N ARG A 89 19.35 -7.98 -0.75
CA ARG A 89 19.59 -7.13 -1.95
C ARG A 89 18.63 -7.53 -3.06
N GLY A 90 18.43 -8.80 -3.26
CA GLY A 90 17.52 -9.25 -4.35
C GLY A 90 16.18 -8.53 -4.24
N LYS A 91 15.54 -8.60 -3.11
CA LYS A 91 14.23 -7.93 -2.97
C LYS A 91 14.40 -6.41 -3.11
N ILE A 92 15.42 -5.86 -2.51
CA ILE A 92 15.64 -4.39 -2.61
C ILE A 92 15.86 -4.01 -4.09
N GLN A 93 16.66 -4.74 -4.82
CA GLN A 93 16.89 -4.39 -6.25
C GLN A 93 15.54 -4.36 -6.98
N ALA A 94 14.63 -5.23 -6.64
CA ALA A 94 13.31 -5.23 -7.32
C ALA A 94 12.62 -3.89 -7.06
N ILE A 95 12.77 -3.36 -5.88
CA ILE A 95 12.12 -2.05 -5.58
C ILE A 95 12.66 -1.00 -6.55
N ILE A 96 13.94 -1.04 -6.85
CA ILE A 96 14.52 -0.04 -7.79
C ILE A 96 13.81 -0.14 -9.13
N GLY A 97 13.59 -1.33 -9.59
CA GLY A 97 12.90 -1.50 -10.90
C GLY A 97 11.53 -0.83 -10.84
N ASN A 98 10.89 -0.89 -9.70
CA ASN A 98 9.56 -0.24 -9.58
C ASN A 98 9.70 1.26 -9.83
N ALA A 99 10.79 1.83 -9.41
CA ALA A 99 10.99 3.30 -9.62
C ALA A 99 10.99 3.57 -11.13
N ARG A 100 11.61 2.72 -11.90
CA ARG A 100 11.62 2.93 -13.37
C ARG A 100 10.19 2.92 -13.90
N ALA A 101 9.34 2.09 -13.35
CA ALA A 101 7.93 2.06 -13.83
C ALA A 101 7.26 3.39 -13.51
N TYR A 102 7.65 4.01 -12.43
CA TYR A 102 7.06 5.33 -12.08
C TYR A 102 7.39 6.29 -13.19
N LEU A 103 8.62 6.24 -13.63
CA LEU A 103 9.04 7.11 -14.75
C LEU A 103 8.20 6.76 -15.96
N GLN A 104 7.89 5.51 -16.13
CA GLN A 104 7.07 5.10 -17.32
C GLN A 104 5.66 5.70 -17.24
N MET A 105 5.09 5.80 -16.06
CA MET A 105 3.72 6.40 -15.95
C MET A 105 3.78 7.86 -16.36
N GLU A 106 4.82 8.53 -15.97
CA GLU A 106 4.97 9.96 -16.32
C GLU A 106 5.18 10.08 -17.82
N GLN A 107 5.92 9.19 -18.40
CA GLN A 107 6.12 9.23 -19.86
C GLN A 107 4.74 9.16 -20.48
N ASN A 108 3.82 8.58 -19.78
CA ASN A 108 2.44 8.49 -20.30
C ASN A 108 1.65 9.70 -19.77
N GLY A 109 2.19 10.39 -18.80
CA GLY A 109 1.50 11.58 -18.24
C GLY A 109 0.23 11.15 -17.52
N GLU A 110 0.16 9.91 -17.10
CA GLU A 110 -1.06 9.42 -16.40
C GLU A 110 -0.72 9.07 -14.94
N PRO A 111 -1.07 9.92 -14.00
CA PRO A 111 -0.78 9.66 -12.56
C PRO A 111 -1.39 8.34 -12.08
N PHE A 112 -0.78 7.74 -11.08
CA PHE A 112 -1.31 6.45 -10.56
C PHE A 112 -2.76 6.60 -10.09
N ALA A 113 -3.06 7.69 -9.46
CA ALA A 113 -4.45 7.90 -8.93
C ALA A 113 -5.48 7.88 -10.07
N ASP A 114 -5.09 8.28 -11.24
CA ASP A 114 -6.07 8.30 -12.36
C ASP A 114 -6.55 6.90 -12.77
N PHE A 115 -5.64 6.00 -13.03
CA PHE A 115 -6.06 4.64 -13.48
C PHE A 115 -6.66 3.83 -12.32
N VAL A 116 -6.11 3.87 -11.15
CA VAL A 116 -6.73 3.07 -10.05
C VAL A 116 -8.17 3.52 -9.82
N TRP A 117 -8.39 4.79 -9.68
CA TRP A 117 -9.78 5.27 -9.47
C TRP A 117 -10.64 4.80 -10.65
N SER A 118 -10.03 4.55 -11.79
CA SER A 118 -10.84 4.10 -12.96
C SER A 118 -11.45 2.72 -12.70
N PHE A 119 -10.69 1.83 -12.13
CA PHE A 119 -11.24 0.46 -11.87
C PHE A 119 -12.33 0.52 -10.79
N VAL A 120 -12.20 1.41 -9.84
CA VAL A 120 -13.23 1.50 -8.78
C VAL A 120 -14.34 2.45 -9.23
N ASN A 121 -14.37 2.74 -10.51
CA ASN A 121 -15.43 3.64 -11.04
C ASN A 121 -15.37 5.00 -10.35
N HIS A 122 -14.20 5.48 -10.06
CA HIS A 122 -14.09 6.82 -9.40
C HIS A 122 -15.04 6.91 -8.20
N GLN A 123 -15.34 5.81 -7.56
CA GLN A 123 -16.26 5.88 -6.38
C GLN A 123 -15.83 4.87 -5.32
N PRO A 124 -16.06 5.16 -4.06
CA PRO A 124 -15.68 4.25 -2.92
C PRO A 124 -16.43 2.92 -2.94
N GLN A 125 -15.81 1.86 -2.49
CA GLN A 125 -16.49 0.54 -2.47
C GLN A 125 -16.89 0.19 -1.03
N MET A 126 -18.09 -0.29 -0.84
CA MET A 126 -18.53 -0.64 0.54
C MET A 126 -18.25 -2.12 0.80
N THR A 127 -17.70 -2.44 1.94
CA THR A 127 -17.40 -3.86 2.26
C THR A 127 -18.55 -4.45 3.08
N GLN A 128 -18.87 -3.84 4.19
CA GLN A 128 -19.99 -4.35 5.04
C GLN A 128 -19.68 -5.78 5.47
N ALA A 129 -18.51 -6.00 5.98
CA ALA A 129 -18.13 -7.37 6.42
C ALA A 129 -18.54 -7.55 7.88
N THR A 130 -19.00 -8.72 8.24
CA THR A 130 -19.39 -8.94 9.65
C THR A 130 -18.14 -9.24 10.47
N THR A 131 -17.11 -9.73 9.83
CA THR A 131 -15.85 -10.05 10.55
C THR A 131 -14.67 -9.72 9.65
N LEU A 132 -13.49 -9.64 10.19
CA LEU A 132 -12.32 -9.33 9.33
C LEU A 132 -12.14 -10.46 8.31
N SER A 133 -12.51 -11.66 8.68
CA SER A 133 -12.38 -12.81 7.73
C SER A 133 -13.30 -12.60 6.53
N GLU A 134 -14.39 -11.91 6.71
CA GLU A 134 -15.35 -11.68 5.59
C GLU A 134 -14.83 -10.58 4.65
N ILE A 135 -13.71 -9.98 4.97
CA ILE A 135 -13.19 -8.91 4.07
C ILE A 135 -12.57 -9.59 2.83
N PRO A 136 -12.96 -9.20 1.63
CA PRO A 136 -12.43 -9.82 0.37
C PRO A 136 -10.99 -9.42 0.06
N THR A 137 -10.18 -10.37 -0.36
CA THR A 137 -8.77 -10.06 -0.72
C THR A 137 -8.59 -10.19 -2.23
N SER A 138 -9.66 -10.40 -2.93
CA SER A 138 -9.56 -10.53 -4.40
C SER A 138 -10.84 -9.99 -5.05
N THR A 139 -10.85 -8.73 -5.37
CA THR A 139 -12.06 -8.13 -6.01
C THR A 139 -11.73 -7.86 -7.48
N PRO A 140 -12.70 -7.80 -8.35
CA PRO A 140 -12.43 -7.54 -9.79
C PRO A 140 -11.58 -6.29 -9.98
N ALA A 141 -11.76 -5.31 -9.14
CA ALA A 141 -10.95 -4.06 -9.28
C ALA A 141 -9.51 -4.36 -8.83
N SER A 142 -9.36 -5.02 -7.72
CA SER A 142 -7.98 -5.32 -7.23
C SER A 142 -7.30 -6.25 -8.23
N ASP A 143 -8.01 -7.21 -8.75
CA ASP A 143 -7.40 -8.14 -9.73
C ASP A 143 -6.96 -7.36 -10.97
N ALA A 144 -7.79 -6.47 -11.44
CA ALA A 144 -7.41 -5.68 -12.64
C ALA A 144 -6.29 -4.72 -12.24
N LEU A 145 -6.28 -4.31 -11.01
CA LEU A 145 -5.23 -3.37 -10.53
C LEU A 145 -3.84 -4.00 -10.64
N SER A 146 -3.69 -5.21 -10.19
CA SER A 146 -2.35 -5.87 -10.28
C SER A 146 -1.97 -6.09 -11.74
N LYS A 147 -2.91 -6.50 -12.54
CA LYS A 147 -2.62 -6.75 -13.96
C LYS A 147 -2.15 -5.45 -14.62
N ALA A 148 -2.74 -4.35 -14.25
CA ALA A 148 -2.29 -3.05 -14.86
C ALA A 148 -0.90 -2.72 -14.37
N LEU A 149 -0.69 -2.70 -13.09
CA LEU A 149 0.67 -2.39 -12.55
C LEU A 149 1.67 -3.41 -13.08
N LYS A 150 1.25 -4.62 -13.30
CA LYS A 150 2.21 -5.62 -13.81
C LYS A 150 2.75 -5.15 -15.16
N LYS A 151 1.87 -4.65 -15.99
CA LYS A 151 2.32 -4.15 -17.32
C LYS A 151 3.10 -2.84 -17.17
N ARG A 152 2.83 -2.08 -16.15
CA ARG A 152 3.55 -0.80 -15.98
C ARG A 152 4.98 -1.09 -15.50
N GLY A 153 5.35 -2.35 -15.44
CA GLY A 153 6.72 -2.72 -14.99
C GLY A 153 6.79 -2.71 -13.48
N PHE A 154 5.67 -2.92 -12.83
CA PHE A 154 5.69 -2.94 -11.34
C PHE A 154 5.67 -4.38 -10.86
N LYS A 155 6.69 -4.78 -10.20
CA LYS A 155 6.75 -6.18 -9.66
C LYS A 155 6.26 -6.18 -8.22
N PHE A 156 6.17 -7.33 -7.60
CA PHE A 156 5.69 -7.39 -6.19
C PHE A 156 4.30 -6.75 -6.09
N VAL A 157 3.39 -7.21 -6.91
CA VAL A 157 2.00 -6.68 -6.91
C VAL A 157 1.03 -7.86 -6.85
N GLY A 158 1.31 -8.82 -6.02
CA GLY A 158 0.43 -10.02 -5.94
C GLY A 158 -1.03 -9.61 -5.82
N THR A 159 -1.92 -10.54 -6.01
CA THR A 159 -3.37 -10.22 -5.91
C THR A 159 -3.65 -9.58 -4.56
N THR A 160 -2.94 -9.99 -3.55
CA THR A 160 -3.14 -9.41 -2.20
C THR A 160 -2.59 -7.99 -2.17
N ILE A 161 -1.53 -7.76 -2.90
CA ILE A 161 -0.91 -6.41 -2.91
C ILE A 161 -1.90 -5.38 -3.47
N CYS A 162 -2.57 -5.70 -4.54
CA CYS A 162 -3.54 -4.73 -5.12
C CYS A 162 -4.68 -4.50 -4.14
N TYR A 163 -5.23 -5.55 -3.60
CA TYR A 163 -6.36 -5.39 -2.65
C TYR A 163 -5.87 -4.63 -1.41
N SER A 164 -4.68 -4.91 -0.96
CA SER A 164 -4.15 -4.21 0.24
C SER A 164 -4.03 -2.71 -0.04
N PHE A 165 -3.64 -2.37 -1.23
CA PHE A 165 -3.49 -0.94 -1.60
C PHE A 165 -4.85 -0.23 -1.54
N MET A 166 -5.88 -0.87 -1.99
CA MET A 166 -7.24 -0.24 -1.98
C MET A 166 -7.73 -0.05 -0.54
N GLN A 167 -7.48 -0.99 0.33
CA GLN A 167 -7.96 -0.86 1.74
C GLN A 167 -7.27 0.32 2.45
N ALA A 168 -6.03 0.55 2.15
CA ALA A 168 -5.29 1.66 2.85
C ALA A 168 -5.52 3.02 2.18
N CYS A 169 -5.58 3.07 0.88
CA CYS A 169 -5.75 4.39 0.20
C CYS A 169 -7.14 4.98 0.46
N GLY A 170 -8.18 4.23 0.30
CA GLY A 170 -9.55 4.81 0.53
C GLY A 170 -10.53 4.26 -0.50
N LEU A 171 -10.03 3.62 -1.52
CA LEU A 171 -10.95 3.07 -2.57
C LEU A 171 -12.07 2.25 -1.91
N VAL A 172 -11.78 1.63 -0.79
CA VAL A 172 -12.83 0.81 -0.10
C VAL A 172 -13.09 1.36 1.30
N ASN A 173 -14.29 1.20 1.78
CA ASN A 173 -14.64 1.69 3.14
C ASN A 173 -15.48 0.65 3.87
N ASP A 174 -15.59 0.77 5.18
CA ASP A 174 -16.39 -0.18 6.01
C ASP A 174 -15.54 -1.35 6.49
N HIS A 175 -14.69 -1.12 7.46
CA HIS A 175 -13.85 -2.25 7.97
C HIS A 175 -14.78 -3.41 8.32
N VAL A 176 -15.77 -3.12 9.12
CA VAL A 176 -16.76 -4.16 9.52
C VAL A 176 -18.07 -3.45 9.80
N VAL A 177 -18.99 -4.06 10.50
CA VAL A 177 -20.27 -3.37 10.79
C VAL A 177 -20.13 -2.54 12.07
N GLY A 178 -20.38 -1.26 11.98
CA GLY A 178 -20.27 -0.39 13.19
C GLY A 178 -18.88 -0.46 13.82
N CYS A 179 -17.88 0.05 13.15
CA CYS A 179 -16.50 0.01 13.74
C CYS A 179 -16.11 1.42 14.22
N CYS A 180 -15.23 1.51 15.17
CA CYS A 180 -14.80 2.86 15.68
C CYS A 180 -14.73 3.86 14.54
N CYS A 181 -13.84 3.65 13.61
CA CYS A 181 -13.72 4.59 12.46
C CYS A 181 -15.07 4.71 11.75
N TYR A 182 -15.91 3.72 11.87
CA TYR A 182 -17.23 3.78 11.20
C TYR A 182 -18.32 4.24 12.18
N PRO A 183 -18.85 5.43 12.02
CA PRO A 183 -19.92 5.95 12.93
C PRO A 183 -21.29 5.37 12.59
N GLY A 184 -21.95 4.79 13.55
CA GLY A 184 -23.30 4.20 13.30
C GLY A 184 -24.29 4.77 14.32
N ASN A 185 -23.82 5.57 15.24
CA ASN A 185 -24.72 6.14 16.26
C ASN A 185 -25.46 7.35 15.67
N LYS A 186 -25.20 7.69 14.44
CA LYS A 186 -25.90 8.84 13.83
C LYS A 186 -27.18 8.35 13.13
N PRO A 187 -28.22 9.16 13.11
CA PRO A 187 -29.50 8.78 12.45
C PRO A 187 -29.40 8.79 10.93
#